data_8ZOI
#
_entry.id   8ZOI
#
_cell.length_a   1.00
_cell.length_b   1.00
_cell.length_c   1.00
_cell.angle_alpha   90.00
_cell.angle_beta   90.00
_cell.angle_gamma   90.00
#
_symmetry.space_group_name_H-M   'P 1'
#
loop_
_entity.id
_entity.type
_entity.pdbx_description
1 polymer VCPI-5
2 polymer VCPI-4
3 polymer VCPI-3
4 polymer VCPI-2
5 polymer VCPI-1
6 polymer 'Photosystem I P700 chlorophyll a apoprotein A1'
7 polymer 'Photosystem I P700 chlorophyll a apoprotein A2'
8 polymer 'Photosystem I reaction center subunit II'
9 polymer 'Photosystem I reaction center subunit IV'
10 polymer 'Photosystem I reaction center subunit III'
11 polymer 'Photosystem I reaction center subunit VIII'
12 polymer 'Photosystem I reaction center subunit IX'
13 polymer 'PSI subunit V'
14 polymer PsaM
15 polymer PsaS
16 polymer 'Photosystem I iron-sulfur center'
17 non-polymer "(3S,5R,6S,3'S,5'R,6'S)-5,6,5',6'-DIEPOXY-5,6,5',6'- TETRAHYDRO-BETA,BETA-CAROTENE-3,3'-DIOL"
18 non-polymer (1~{R},3~{S})-6-[(3~{E},5~{E},7~{E},9~{E},11~{E},13~{E},15~{Z},17~{E})-16-(hydroxymethyl)-3,7,12-trimethyl-18-[(1~{S},4~{S},6~{R})-2,2,6-trimethyl-4-oxidanyl-7-oxabicyclo[4.1.0]heptan-1-yl]octadeca-1,3,5,7,9,11,13,15,17-nonaenylidene]-1,5,5-trimethyl-cyclohexane-1,3-diol
19 non-polymer 'CHLOROPHYLL A'
20 non-polymer 1,2-DI-O-ACYL-3-O-[6-DEOXY-6-SULFO-ALPHA-D-GLUCOPYRANOSYL]-SN-GLYCEROL
21 non-polymer 'DIGALACTOSYL DIACYL GLYCEROL (DGDG)'
22 non-polymer 1,2-DISTEAROYL-MONOGALACTOSYL-DIGLYCERIDE
23 non-polymer '[(2~{Z},4~{E},6~{E},8~{E},10~{E},12~{E},14~{E})-17-[(4~{S},6~{R})-4-acetyloxy-2,2,6-trimethyl-6-oxidanyl-cyclohexylidene]-6,11,15-trimethyl-2-[(~{E})-2-[(1~{S},4~{S},6~{R})-2,2,6-trimethyl-4-oxidanyl-7-oxabicyclo[4.1.0]heptan-1-yl]ethenyl]heptadeca-2,4,6,8,10,12,14,16-octaenyl] octanoate'
24 non-polymer PHYLLOQUINONE
25 non-polymer 1,2-DIPALMITOYL-PHOSPHATIDYL-GLYCEROLE
26 non-polymer BETA-CAROTENE
27 non-polymer 'IRON/SULFUR CLUSTER'
#
loop_
_entity_poly.entity_id
_entity_poly.type
_entity_poly.pdbx_seq_one_letter_code
_entity_poly.pdbx_strand_id
1 'polypeptide(L)'
;MFRKLALALLCSSAVAFQVPAPLTRGSVRLHAEGKPAAPPAAAPPAAAPAAAAPAAAAPAAAAVKPPPPPPPPKVFSKSV
PFLLKPAGLDGMVGDVGFDPLGFATFIDIRWLREAELKNGRVAMLAFLGFIVQEFIRLPGDLYSEPNGVKAFFQVGPQPL
LQIFLFCGFLEFNMHKGKLTQVDMFEDGKREPGNFGFDPLGFGKDPAKRERYALAELKNGRLAMIAIGGLVHHALVTGHA
TFSS
;
5
2 'polypeptide(L)'
;MKLLSFACLLGAATAFVPSMPTTTRTRGAVRMMAEKSKAVPFLPRPAALDGSVVGDVGFDPVGFTSWLPLSYLQEAEIKH
CRIAMLATLGWIVADFVHLPGAVHEVSSLAAHDVAVKSGALAQILIWTSIAEAISVIAISQMLEGSGRQPGDFKFDPLNF
AKDEKSLKKMQLSELKNGRLAMLAFSGIVTQAALTGHAFPYM
;
4
3 'polypeptide(L)'
;MKISFALAALLPCAAAFVAPAIPSVTSSTGTAAARGRTVMMAERSKSLPFLMKPKNLDGSMAGDVGFDPLGLSEINDVGV
DLYWLREAELKHCRLGMMAAAGILFVEILGPAPGFPAGKSQMDVFWKVYAEKPSLIGASLAAIAILEVISGVATTQGRQN
GDRAPGDYNFDPLGFGKDPAKFKDLQLKEVKNGRLAMIAAAGMILQGVSTHQGALENLSG
;
3
4 'polypeptide(L)'
;MRSITIVLAATAALSSAFVMPSTPKAPATQLSVKSKAVPFLEAPKALDGSLPADVGFDPLGLSDIGFDFTYLMVPTKWDE
SRTGLSALKWFREAEIKHGRFAMLAVLGWVAVDMGLRLPVAKYAGYNAVQAHDVFVKSGDMTVGLLAIGFLEVVMGAAIY
EMSKGSDRAAGEFSFDPLGLGKDPSKYARYQVSEIKNGRLAMLAFGGIATQAVLTNSGFPYYQ
;
2
5 'polypeptide(L)'
;MVGIHKTLLVAAVTMASVSAFVPPAPAAPRTRGVMKMGLDGMIGSSAPFKNFDPLGFAAKADQKTLNKYRESELKHGRVA
MLAVLGWIVQEFWHPLYDGKLSSNPLKALTEVPLIGWAQIFVAINVIEYLQNKIKELPGYRPGDYLGTWEWVEQSDEGWD
SYQTKELNNGRLAMVAIAGLIVQDLITGQAALEQITAGNTGVFSGLGK
;
1
6 'polypeptide(L)'
;MSTTRKSTIVDFNPVETSFEKWAKPGQFSRTLAKGPKTTTWIWNLHADAHDFDIQTNSLQEVSRKIFSAHFGQLAVIFLW
LSGMHFHGAYFSNYSAWLTNPTSTKPSAQIVWPIVGQEVLNADVGGNFQGIQITSGFFQLWRAEGITSEVELYWTAVGGL
VASFLMLFAGWFHYHKAAPKLEWFQNVESMLNHHLAGLLGLGSLSWAGHQIHIALPINKLLDLGVSPEEIPLPYEFILNR
DLIAQLYPSFNKGLTPFFTLNWGEYSDFLTFKGGLNPVTGGLWLTDTAHHHLAIAVLFIVAGHMYKTNWFLGHSIKTILE
AHKGPFTGEGHKGLYEVLTTSWHAQLAINLALFGSLSIIVAHHMYAMPPYPYIAIDYPTQLSLFTHHVWIGGFCIVGGAA
HGAIFFVRDYNAANNYNNLIDRVIRHRDAIISHLNWVCIFLGCHSFGLYVHNDTMRALGRSQDLFSDNAIALKPIFAQFI
QNLHTLAPGSTAPNALTTVSYAFGGDVISVGSKIAMMPISLGTADFLVHHIHAFTIHVTVLILLKGVLYSRNSRLIPDKA
NLGFRFPCDGPGRGGTCQVSAWDHVFLGLFWMYNSISIVIFHFSWKMQSDVWGTVSPTGAVSHITGGNFAQSSITINGWL
RDFLWSQAAQVVQSYGSSLSAYGLIFLGAHFIWAFSLMFLFSGRGYWQELIESIVWAHNKLKVAPSIQPRALSITQGRAV
GVAHYLLGGIGTTWAFFLARIISVG
;
a
7 'polypeptide(L)'
;MVYKFPKFSKALAEDPSTRRIWYGIATAHDFESHDAMTESKLYQKIFASHFGHIAIIFLWTAGNLFHVAWQGNFEAWILN
PLKVRPIAHAIWDPHFGQAAYKAFLKTSSPANLALSGVYEWWYTIGMRTNNDLYQGSFFLILLSSLLLFAGWLHLQPSFR
PSLDWFKANEYRLNHHLSGLFGVSSLAWTGHLVHVAIPESRGIHVGWDNFLTVLPHPEGLTPFFSGNWKAYAQNPDTASH
IFGSGEGSGTAILTFLGGFHPQTKSLWLTDMAHHHLAIAVLFIVAGHMYRTNWLIGHQMKLILEAHRPPGGRLGIGHIGL
YETITNSLHFQLGLALAALGVATSLTAQHMYALPPYAFLASNFPTQAALYTHHQYIAGFLMVGAFAHGAIFFVRDYDPAV
NTRNGEKNVLARMLEHKEAIISHLSWVSLFLGFHTLGIYVHNDVVVAFGQPEKQILVEPLFAEWIQAASGKTLYNFDLLL
ASSNSPASVASSQLWLPGWLSAINDGKNSLFLPIGPGDFLVHHAIALGLHTTTLILVKGALDARGSKLMPDKKDFGYSFP
CDGPGRGGTCDISAWDAFYLAMFWMLNTIGWVTFYWHWKHLTLWQGNQVQFNESSNYIMGWLRDYLWLNSSPLINGYNPF
GMNSLSVWAWMFLFGHLVWATGFMFLISWRGYWQELIETIVWAHERTPLANLVRWKDKPVALSIVQARLVGLAHFTIGYV
LTYAAFVIASTIGKLGY
;
b
8 'polypeptide(L)'
;MNLKLKQSDFPKFEGSTGGWLSAAKNEEKYVIIWTSKDASLFEMPTGGTAKMNAGNNVAYFARKEQCLALGSQLRGFKIT
NYKIFRIYPPLDITLLHPFDGVFPEKVNQGRSPVGKRDASIGGNPNPASLKFQSNT
;
d
9 'polypeptide(L)' MIQKGSTVRILRKESYWYNESGTVVVVDQSKVRYPVLVRFTKVNYAGTNTNNFGLNEVEEVVTKKSS e
10 'polypeptide(L)'
;MTKIVKFAFLPLLTFLGLPMISNADIGGLNPCKDSEVFQKRLAKTVKKLENRLKKYEEGTPPQIAIQQQITQTKQRFTRY
ADSNLLCGNDGLPHLITDGRWSHGSEFLLPSILFLYISGWIGWVGRKYIRTVGQTSNPTEKEIIIDVPLAISIMTSGFLW
PFAAWQEFLSGDLIASDETITTSPK
;
f
11 'polypeptide(L)' MSLDLLPSFFVPLVGLVLPLFSIIGLFLYIEKENREVFDPTTYKF i
12 'polypeptide(L)' MKDFLKYLSTAPVLLTAWLTFTAGFVIEINRFYPDALTFPF j
13 'polypeptide(L)'
;MVSFIKPYRQDPFVGHLATPITTSAFTRAYLKVLPAYRPGLTPLSRGAEIGFTHGYFLIGPFYTYGPLRSVEFSLTSLAA
GLLAAITLLLILTVGLSIYGQVTYDVYDNALIVKLVRQMVGSERTQDLPQIKGTSELDTVLGWQKFSEGFFSGGLIGSIV
AAVGIALYSTYL
;
l
14 'polypeptide(L)' MIYDSQVYIALVIAVVASVLAIRLGATLYN m
15 'polypeptide(L)'
;(UNK)(UNK)(UNK)(UNK)(UNK)(UNK)(UNK)(UNK)(UNK)(UNK)(UNK)(UNK)(UNK)(UNK)(UNK)(UNK)
(UNK)(UNK)(UNK)(UNK)(UNK)(UNK)(UNK)(UNK)(UNK)(UNK)(UNK)(UNK)(UNK)(UNK)(UNK)(UNK)
(UNK)(UNK)(UNK)(UNK)(UNK)(UNK)(UNK)(UNK)(UNK)(UNK)(UNK)(UNK)(UNK)(UNK)(UNK)(UNK)
(UNK)(UNK)(UNK)(UNK)(UNK)(UNK)(UNK)
;
g
16 'polypeptide(L)'
;MSHTVKIYDTCIGCTQCVRACPTDVLEMVPWDGCKAGQIASAPRTEDCVGCKRCETACPTDFLSVRVYLGGETTRSLGLA
Y
;
c
#
# COMPACT_ATOMS: atom_id res chain seq x y z
N LYS A 74 39.38 -29.29 -37.74
CA LYS A 74 38.10 -28.79 -38.21
C LYS A 74 38.02 -28.84 -39.73
N VAL A 75 36.80 -29.06 -40.24
CA VAL A 75 36.61 -29.29 -41.67
C VAL A 75 36.38 -27.99 -42.42
N PHE A 76 35.47 -27.15 -41.91
CA PHE A 76 35.06 -25.89 -42.54
C PHE A 76 34.24 -26.15 -43.80
N SER A 77 33.21 -25.33 -44.02
CA SER A 77 32.29 -25.55 -45.12
C SER A 77 32.97 -25.27 -46.47
N LYS A 78 32.44 -25.92 -47.51
CA LYS A 78 32.94 -25.69 -48.86
C LYS A 78 32.34 -24.44 -49.48
N SER A 79 31.06 -24.17 -49.20
CA SER A 79 30.43 -22.96 -49.72
C SER A 79 30.92 -21.73 -48.95
N VAL A 80 30.66 -21.69 -47.65
CA VAL A 80 31.12 -20.61 -46.79
C VAL A 80 32.43 -21.05 -46.16
N PRO A 81 33.58 -20.68 -46.74
CA PRO A 81 34.85 -21.29 -46.31
C PRO A 81 35.32 -20.87 -44.93
N PHE A 82 34.79 -19.78 -44.37
CA PHE A 82 35.20 -19.32 -43.05
C PHE A 82 34.28 -19.84 -41.95
N LEU A 83 33.36 -20.75 -42.28
CA LEU A 83 32.43 -21.31 -41.31
C LEU A 83 32.62 -22.82 -41.22
N LEU A 84 32.38 -23.36 -40.02
CA LEU A 84 32.47 -24.80 -39.82
C LEU A 84 31.41 -25.52 -40.64
N LYS A 85 31.73 -26.75 -41.01
CA LYS A 85 30.82 -27.54 -41.85
C LYS A 85 29.52 -27.81 -41.09
N PRO A 86 28.37 -27.46 -41.66
CA PRO A 86 27.10 -27.74 -40.97
C PRO A 86 26.82 -29.24 -40.91
N ALA A 87 26.05 -29.63 -39.91
CA ALA A 87 25.71 -31.02 -39.68
C ALA A 87 24.33 -31.36 -40.23
N GLY A 88 24.12 -32.63 -40.52
CA GLY A 88 22.84 -33.14 -40.96
C GLY A 88 22.58 -33.04 -42.46
N LEU A 89 23.54 -32.56 -43.25
CA LEU A 89 23.36 -32.43 -44.69
C LEU A 89 24.08 -33.52 -45.48
N ASP A 90 24.70 -34.49 -44.81
CA ASP A 90 25.69 -35.34 -45.45
C ASP A 90 25.14 -36.05 -46.68
N GLY A 91 24.15 -36.92 -46.49
CA GLY A 91 23.64 -37.72 -47.59
C GLY A 91 22.54 -37.05 -48.39
N MET A 92 22.86 -35.93 -49.04
CA MET A 92 21.87 -35.18 -49.79
C MET A 92 22.39 -34.93 -51.20
N VAL A 93 21.48 -34.48 -52.08
CA VAL A 93 21.79 -34.33 -53.50
C VAL A 93 22.03 -32.87 -53.86
N GLY A 94 22.22 -32.00 -52.89
CA GLY A 94 22.55 -30.62 -53.16
C GLY A 94 23.54 -30.06 -52.15
N ASP A 95 24.20 -30.96 -51.43
CA ASP A 95 25.10 -30.56 -50.34
C ASP A 95 26.28 -29.79 -50.89
N VAL A 96 26.32 -28.48 -50.60
CA VAL A 96 27.53 -27.69 -50.74
C VAL A 96 27.96 -27.13 -49.40
N GLY A 97 27.39 -27.62 -48.31
CA GLY A 97 27.74 -27.14 -46.98
C GLY A 97 27.18 -25.78 -46.65
N PHE A 98 26.08 -25.39 -47.29
CA PHE A 98 25.49 -24.06 -47.09
C PHE A 98 24.39 -24.15 -46.04
N ASP A 99 24.74 -23.81 -44.80
CA ASP A 99 23.77 -23.65 -43.72
C ASP A 99 24.38 -22.82 -42.61
N PRO A 100 24.68 -21.54 -42.84
CA PRO A 100 25.28 -20.73 -41.77
C PRO A 100 24.42 -20.59 -40.55
N LEU A 101 23.10 -20.52 -40.72
CA LEU A 101 22.19 -20.37 -39.59
C LEU A 101 21.82 -21.70 -38.94
N GLY A 102 22.28 -22.81 -39.49
CA GLY A 102 22.04 -24.11 -38.89
C GLY A 102 20.57 -24.49 -38.83
N PHE A 103 19.81 -24.16 -39.87
CA PHE A 103 18.39 -24.51 -39.90
C PHE A 103 18.17 -26.02 -39.88
N ALA A 104 19.13 -26.80 -40.36
CA ALA A 104 19.01 -28.25 -40.35
C ALA A 104 19.21 -28.86 -38.97
N THR A 105 19.66 -28.07 -37.99
CA THR A 105 19.89 -28.61 -36.67
C THR A 105 18.62 -28.66 -35.83
N PHE A 106 17.78 -27.61 -35.93
CA PHE A 106 16.54 -27.56 -35.16
C PHE A 106 15.30 -27.80 -36.02
N ILE A 107 15.47 -28.15 -37.29
CA ILE A 107 14.37 -28.55 -38.16
C ILE A 107 14.80 -29.82 -38.88
N ASP A 108 13.85 -30.75 -39.05
CA ASP A 108 14.16 -32.01 -39.71
C ASP A 108 14.66 -31.76 -41.14
N ILE A 109 15.77 -32.40 -41.48
CA ILE A 109 16.36 -32.18 -42.80
C ILE A 109 15.47 -32.74 -43.90
N ARG A 110 14.79 -33.86 -43.64
CA ARG A 110 13.87 -34.41 -44.63
C ARG A 110 12.72 -33.44 -44.90
N TRP A 111 12.14 -32.87 -43.85
CA TRP A 111 11.09 -31.87 -44.04
C TRP A 111 11.63 -30.65 -44.77
N LEU A 112 12.85 -30.24 -44.44
CA LEU A 112 13.43 -29.07 -45.10
C LEU A 112 13.62 -29.32 -46.59
N ARG A 113 14.08 -30.52 -46.96
CA ARG A 113 14.23 -30.82 -48.38
C ARG A 113 12.88 -30.92 -49.08
N GLU A 114 11.90 -31.52 -48.41
CA GLU A 114 10.55 -31.58 -48.99
C GLU A 114 10.02 -30.18 -49.25
N ALA A 115 10.18 -29.29 -48.27
CA ALA A 115 9.72 -27.92 -48.41
C ALA A 115 10.48 -27.18 -49.50
N GLU A 116 11.80 -27.37 -49.56
CA GLU A 116 12.59 -26.71 -50.60
C GLU A 116 12.16 -27.17 -51.98
N LEU A 117 11.97 -28.47 -52.16
CA LEU A 117 11.56 -29.00 -53.46
C LEU A 117 10.18 -28.50 -53.84
N LYS A 118 9.23 -28.50 -52.89
CA LYS A 118 7.89 -28.04 -53.23
C LYS A 118 7.87 -26.55 -53.55
N ASN A 119 8.58 -25.74 -52.75
CA ASN A 119 8.67 -24.31 -53.03
C ASN A 119 9.31 -24.07 -54.39
N GLY A 120 10.36 -24.82 -54.71
CA GLY A 120 11.01 -24.66 -55.99
C GLY A 120 10.10 -25.01 -57.15
N ARG A 121 9.41 -26.14 -57.06
CA ARG A 121 8.51 -26.56 -58.13
C ARG A 121 7.38 -25.56 -58.31
N VAL A 122 6.80 -25.09 -57.21
CA VAL A 122 5.73 -24.09 -57.31
C VAL A 122 6.26 -22.81 -57.93
N ALA A 123 7.47 -22.40 -57.56
CA ALA A 123 8.04 -21.18 -58.12
C ALA A 123 8.33 -21.32 -59.61
N MET A 124 8.83 -22.49 -60.04
CA MET A 124 9.04 -22.73 -61.46
C MET A 124 7.73 -22.67 -62.24
N LEU A 125 6.71 -23.35 -61.74
CA LEU A 125 5.41 -23.31 -62.42
C LEU A 125 4.86 -21.89 -62.45
N ALA A 126 5.08 -21.13 -61.39
CA ALA A 126 4.53 -19.77 -61.32
C ALA A 126 5.30 -18.82 -62.25
N PHE A 127 6.61 -19.00 -62.39
CA PHE A 127 7.38 -18.21 -63.33
C PHE A 127 6.95 -18.49 -64.76
N LEU A 128 6.81 -19.77 -65.10
CA LEU A 128 6.30 -20.12 -66.42
C LEU A 128 4.89 -19.56 -66.61
N GLY A 129 4.09 -19.55 -65.54
CA GLY A 129 2.76 -18.96 -65.63
C GLY A 129 2.80 -17.48 -65.93
N PHE A 130 3.70 -16.74 -65.28
CA PHE A 130 3.88 -15.34 -65.64
C PHE A 130 4.18 -15.17 -67.12
N ILE A 131 5.20 -15.88 -67.60
CA ILE A 131 5.68 -15.64 -68.95
C ILE A 131 4.59 -16.00 -69.97
N VAL A 132 3.86 -17.08 -69.71
CA VAL A 132 2.78 -17.48 -70.62
C VAL A 132 1.60 -16.51 -70.52
N GLN A 133 1.24 -16.11 -69.29
CA GLN A 133 0.09 -15.24 -69.09
C GLN A 133 0.25 -13.92 -69.81
N GLU A 134 1.43 -13.30 -69.68
CA GLU A 134 1.62 -12.02 -70.35
C GLU A 134 1.63 -12.18 -71.87
N PHE A 135 2.01 -13.36 -72.36
CA PHE A 135 2.05 -13.63 -73.79
C PHE A 135 0.73 -14.15 -74.34
N ILE A 136 0.24 -15.27 -73.82
CA ILE A 136 -0.84 -16.01 -74.47
C ILE A 136 -2.21 -15.57 -73.96
N ARG A 137 -2.47 -15.78 -72.67
CA ARG A 137 -3.76 -15.50 -72.05
C ARG A 137 -4.88 -16.37 -72.63
N LEU A 138 -6.03 -16.41 -71.94
CA LEU A 138 -7.21 -17.15 -72.36
C LEU A 138 -8.27 -16.21 -72.94
N PRO A 139 -9.14 -16.71 -73.82
CA PRO A 139 -10.26 -15.90 -74.27
C PRO A 139 -11.21 -15.57 -73.13
N GLY A 140 -11.81 -14.38 -73.20
CA GLY A 140 -12.73 -13.95 -72.17
C GLY A 140 -12.35 -12.62 -71.56
N ASP A 141 -13.34 -11.91 -71.01
CA ASP A 141 -13.08 -10.60 -70.41
C ASP A 141 -12.27 -10.74 -69.12
N LEU A 142 -12.54 -11.78 -68.33
CA LEU A 142 -11.82 -11.97 -67.08
C LEU A 142 -10.33 -12.19 -67.32
N TYR A 143 -10.01 -13.01 -68.31
CA TYR A 143 -8.61 -13.40 -68.56
C TYR A 143 -8.02 -12.50 -69.64
N SER A 144 -7.84 -11.23 -69.28
CA SER A 144 -7.37 -10.23 -70.23
C SER A 144 -6.35 -9.27 -69.61
N GLU A 145 -5.65 -9.71 -68.56
CA GLU A 145 -4.67 -8.84 -67.92
C GLU A 145 -3.27 -9.38 -68.15
N PRO A 146 -2.42 -8.68 -68.92
CA PRO A 146 -1.03 -9.15 -69.09
C PRO A 146 -0.23 -9.13 -67.79
N ASN A 147 -0.64 -8.35 -66.80
CA ASN A 147 0.08 -8.27 -65.53
C ASN A 147 -0.46 -9.34 -64.58
N GLY A 148 0.46 -10.17 -64.07
CA GLY A 148 0.03 -11.25 -63.18
C GLY A 148 -0.59 -10.74 -61.89
N VAL A 149 0.01 -9.70 -61.30
CA VAL A 149 -0.50 -9.18 -60.04
C VAL A 149 -1.91 -8.63 -60.22
N LYS A 150 -2.14 -7.86 -61.29
CA LYS A 150 -3.48 -7.35 -61.55
C LYS A 150 -4.41 -8.46 -62.02
N ALA A 151 -3.89 -9.48 -62.68
CA ALA A 151 -4.70 -10.62 -63.06
C ALA A 151 -5.20 -11.38 -61.84
N PHE A 152 -4.43 -11.38 -60.76
CA PHE A 152 -4.87 -12.01 -59.53
C PHE A 152 -6.14 -11.39 -59.00
N PHE A 153 -6.33 -10.08 -59.23
CA PHE A 153 -7.52 -9.38 -58.76
C PHE A 153 -8.65 -9.39 -59.78
N GLN A 154 -8.31 -9.23 -61.06
CA GLN A 154 -9.36 -9.19 -62.08
C GLN A 154 -10.06 -10.54 -62.22
N VAL A 155 -9.32 -11.64 -62.05
CA VAL A 155 -9.89 -12.96 -62.25
C VAL A 155 -11.00 -13.25 -61.25
N GLY A 156 -11.00 -12.57 -60.10
CA GLY A 156 -12.02 -12.78 -59.10
C GLY A 156 -11.67 -13.91 -58.16
N PRO A 157 -12.48 -14.07 -57.11
CA PRO A 157 -12.18 -15.09 -56.11
C PRO A 157 -12.59 -16.50 -56.54
N GLN A 158 -13.61 -16.60 -57.39
CA GLN A 158 -14.11 -17.91 -57.78
C GLN A 158 -13.07 -18.76 -58.50
N PRO A 159 -12.38 -18.28 -59.54
CA PRO A 159 -11.33 -19.11 -60.15
C PRO A 159 -10.18 -19.41 -59.21
N LEU A 160 -9.82 -18.47 -58.34
CA LEU A 160 -8.69 -18.69 -57.44
C LEU A 160 -9.02 -19.72 -56.37
N LEU A 161 -10.24 -19.67 -55.82
CA LEU A 161 -10.62 -20.62 -54.79
C LEU A 161 -10.68 -22.04 -55.33
N GLN A 162 -11.06 -22.20 -56.60
CA GLN A 162 -11.03 -23.53 -57.21
C GLN A 162 -9.60 -24.05 -57.31
N ILE A 163 -8.65 -23.17 -57.67
CA ILE A 163 -7.25 -23.57 -57.68
C ILE A 163 -6.79 -23.95 -56.28
N PHE A 164 -7.22 -23.18 -55.27
CA PHE A 164 -6.86 -23.48 -53.89
C PHE A 164 -7.37 -24.86 -53.47
N LEU A 165 -8.64 -25.16 -53.81
CA LEU A 165 -9.22 -26.44 -53.43
C LEU A 165 -8.58 -27.59 -54.20
N PHE A 166 -8.27 -27.38 -55.47
CA PHE A 166 -7.60 -28.42 -56.25
C PHE A 166 -6.20 -28.70 -55.72
N CYS A 167 -5.47 -27.64 -55.36
CA CYS A 167 -4.15 -27.82 -54.76
C CYS A 167 -4.26 -28.55 -53.43
N GLY A 168 -5.31 -28.26 -52.65
CA GLY A 168 -5.53 -29.00 -51.42
C GLY A 168 -5.80 -30.47 -51.64
N PHE A 169 -6.65 -30.78 -52.62
CA PHE A 169 -6.92 -32.17 -52.98
C PHE A 169 -5.63 -32.87 -53.40
N LEU A 170 -4.83 -32.20 -54.22
CA LEU A 170 -3.54 -32.76 -54.60
C LEU A 170 -2.66 -33.01 -53.38
N GLU A 171 -2.56 -32.03 -52.49
CA GLU A 171 -1.73 -32.19 -51.30
C GLU A 171 -2.17 -33.40 -50.49
N PHE A 172 -3.49 -33.54 -50.28
CA PHE A 172 -4.00 -34.68 -49.50
C PHE A 172 -3.65 -36.01 -50.16
N ASN A 173 -3.92 -36.13 -51.47
CA ASN A 173 -3.76 -37.44 -52.11
C ASN A 173 -2.30 -37.80 -52.37
N MET A 174 -1.44 -36.81 -52.60
CA MET A 174 -0.03 -37.08 -52.88
C MET A 174 0.73 -37.50 -51.63
N HIS A 175 0.43 -36.90 -50.48
CA HIS A 175 1.09 -37.30 -49.24
C HIS A 175 0.32 -38.37 -48.49
N LYS A 176 -0.85 -38.77 -48.97
CA LYS A 176 -1.65 -39.85 -48.40
C LYS A 176 -1.94 -39.61 -46.92
N GLY A 177 -2.57 -38.48 -46.66
CA GLY A 177 -3.01 -38.13 -45.31
C GLY A 177 -2.00 -37.44 -44.43
N LYS A 178 -0.80 -37.99 -44.31
CA LYS A 178 0.23 -37.42 -43.45
C LYS A 178 0.76 -36.15 -44.12
N LEU A 179 0.27 -34.99 -43.67
CA LEU A 179 0.58 -33.72 -44.30
C LEU A 179 1.39 -32.77 -43.44
N THR A 180 1.55 -33.04 -42.16
CA THR A 180 2.15 -32.08 -41.24
C THR A 180 3.60 -32.41 -40.96
N GLN A 181 4.29 -31.48 -40.29
CA GLN A 181 5.69 -31.66 -39.99
C GLN A 181 5.92 -32.83 -39.03
N VAL A 182 4.98 -33.04 -38.09
CA VAL A 182 5.14 -34.12 -37.14
C VAL A 182 4.64 -35.44 -37.70
N ASP A 183 3.67 -35.40 -38.62
CA ASP A 183 3.12 -36.64 -39.16
C ASP A 183 3.96 -37.18 -40.31
N MET A 184 4.38 -36.32 -41.23
CA MET A 184 5.24 -36.76 -42.32
C MET A 184 6.59 -37.18 -41.77
N PHE A 185 7.18 -38.21 -42.38
CA PHE A 185 8.47 -38.77 -41.99
C PHE A 185 8.45 -39.36 -40.59
N GLU A 186 7.28 -39.54 -39.99
CA GLU A 186 7.19 -40.20 -38.69
C GLU A 186 7.57 -41.67 -38.80
N ASP A 187 7.13 -42.34 -39.87
CA ASP A 187 7.47 -43.72 -40.12
C ASP A 187 8.66 -43.89 -41.04
N GLY A 188 9.28 -42.79 -41.48
CA GLY A 188 10.36 -42.90 -42.44
C GLY A 188 9.82 -43.35 -43.79
N LYS A 189 10.60 -44.22 -44.45
CA LYS A 189 10.27 -44.81 -45.75
C LYS A 189 9.67 -43.81 -46.73
N ARG A 190 10.23 -42.60 -46.75
CA ARG A 190 9.70 -41.53 -47.60
C ARG A 190 10.86 -40.64 -48.00
N GLU A 191 11.36 -40.83 -49.22
CA GLU A 191 12.42 -39.98 -49.72
C GLU A 191 11.89 -38.57 -49.92
N PRO A 192 12.57 -37.54 -49.39
CA PRO A 192 12.05 -36.17 -49.49
C PRO A 192 11.86 -35.74 -50.93
N GLY A 193 10.63 -35.32 -51.24
CA GLY A 193 10.29 -34.88 -52.58
C GLY A 193 9.95 -35.99 -53.56
N ASN A 194 9.92 -37.24 -53.12
CA ASN A 194 9.70 -38.38 -53.99
C ASN A 194 8.22 -38.75 -53.99
N PHE A 195 7.47 -38.20 -54.93
CA PHE A 195 6.08 -38.55 -55.11
C PHE A 195 5.88 -39.71 -56.08
N GLY A 196 6.95 -40.23 -56.68
CA GLY A 196 6.82 -41.26 -57.67
C GLY A 196 6.29 -40.79 -59.01
N PHE A 197 6.18 -39.48 -59.21
CA PHE A 197 5.63 -38.92 -60.43
C PHE A 197 6.69 -38.96 -61.52
N ASP A 198 6.49 -39.85 -62.49
CA ASP A 198 7.42 -40.00 -63.61
C ASP A 198 6.73 -40.72 -64.77
N PRO A 199 5.70 -40.13 -65.37
CA PRO A 199 5.01 -40.84 -66.46
C PRO A 199 5.83 -40.93 -67.73
N LEU A 200 6.59 -39.88 -68.08
CA LEU A 200 7.36 -39.90 -69.31
C LEU A 200 8.60 -40.79 -69.22
N GLY A 201 8.93 -41.28 -68.03
CA GLY A 201 10.00 -42.24 -67.89
C GLY A 201 11.40 -41.67 -67.76
N PHE A 202 11.54 -40.34 -67.74
CA PHE A 202 12.86 -39.75 -67.55
C PHE A 202 13.34 -40.03 -66.14
N GLY A 203 14.43 -40.77 -66.01
CA GLY A 203 14.96 -41.10 -64.70
C GLY A 203 15.11 -42.59 -64.46
N LYS A 204 14.87 -43.40 -65.50
CA LYS A 204 15.11 -44.84 -65.38
C LYS A 204 16.59 -45.13 -65.15
N ASP A 205 17.46 -44.43 -65.87
CA ASP A 205 18.90 -44.60 -65.69
C ASP A 205 19.34 -43.93 -64.41
N PRO A 206 19.94 -44.65 -63.46
CA PRO A 206 20.36 -44.02 -62.21
C PRO A 206 21.57 -43.11 -62.36
N ALA A 207 22.33 -43.24 -63.46
CA ALA A 207 23.52 -42.42 -63.63
C ALA A 207 23.14 -40.94 -63.77
N LYS A 208 22.13 -40.64 -64.59
CA LYS A 208 21.68 -39.28 -64.78
C LYS A 208 20.67 -38.83 -63.74
N ARG A 209 20.24 -39.73 -62.85
CA ARG A 209 19.24 -39.38 -61.84
C ARG A 209 19.77 -38.33 -60.87
N GLU A 210 21.01 -38.50 -60.41
CA GLU A 210 21.60 -37.53 -59.48
C GLU A 210 21.75 -36.16 -60.15
N ARG A 211 22.19 -36.14 -61.40
CA ARG A 211 22.31 -34.88 -62.13
C ARG A 211 20.95 -34.22 -62.30
N TYR A 212 19.92 -35.02 -62.60
CA TYR A 212 18.58 -34.46 -62.73
C TYR A 212 18.08 -33.89 -61.41
N ALA A 213 18.37 -34.57 -60.30
CA ALA A 213 17.96 -34.06 -59.00
C ALA A 213 18.64 -32.75 -58.67
N LEU A 214 19.96 -32.67 -58.93
CA LEU A 214 20.68 -31.43 -58.68
C LEU A 214 20.17 -30.31 -59.57
N ALA A 215 19.90 -30.61 -60.84
CA ALA A 215 19.38 -29.61 -61.75
C ALA A 215 18.01 -29.11 -61.30
N GLU A 216 17.15 -30.03 -60.84
CA GLU A 216 15.85 -29.62 -60.32
C GLU A 216 15.99 -28.71 -59.11
N LEU A 217 16.90 -29.05 -58.19
CA LEU A 217 17.10 -28.22 -57.00
C LEU A 217 17.58 -26.83 -57.39
N LYS A 218 18.59 -26.76 -58.26
CA LYS A 218 19.14 -25.46 -58.64
C LYS A 218 18.11 -24.63 -59.39
N ASN A 219 17.35 -25.25 -60.30
CA ASN A 219 16.30 -24.54 -61.02
C ASN A 219 15.22 -24.07 -60.08
N GLY A 220 14.87 -24.87 -59.08
CA GLY A 220 13.88 -24.45 -58.11
C GLY A 220 14.32 -23.24 -57.32
N ARG A 221 15.57 -23.24 -56.86
CA ARG A 221 16.08 -22.08 -56.12
C ARG A 221 16.11 -20.83 -57.00
N LEU A 222 16.62 -20.98 -58.23
CA LEU A 222 16.64 -19.86 -59.16
C LEU A 222 15.23 -19.35 -59.43
N ALA A 223 14.26 -20.27 -59.50
CA ALA A 223 12.89 -19.87 -59.77
C ALA A 223 12.24 -19.21 -58.57
N MET A 224 12.63 -19.59 -57.35
CA MET A 224 12.16 -18.84 -56.18
C MET A 224 12.66 -17.40 -56.23
N ILE A 225 13.94 -17.21 -56.52
CA ILE A 225 14.47 -15.86 -56.62
C ILE A 225 13.77 -15.09 -57.74
N ALA A 226 13.57 -15.75 -58.88
CA ALA A 226 12.96 -15.08 -60.03
C ALA A 226 11.47 -14.82 -59.82
N ILE A 227 10.78 -15.69 -59.08
CA ILE A 227 9.36 -15.47 -58.83
C ILE A 227 9.19 -14.25 -57.93
N GLY A 228 10.05 -14.13 -56.91
CA GLY A 228 10.04 -12.90 -56.12
C GLY A 228 10.35 -11.68 -56.97
N GLY A 229 11.35 -11.80 -57.85
CA GLY A 229 11.71 -10.67 -58.68
C GLY A 229 10.59 -10.22 -59.58
N LEU A 230 9.92 -11.16 -60.25
CA LEU A 230 8.84 -10.80 -61.16
C LEU A 230 7.67 -10.20 -60.40
N VAL A 231 7.29 -10.80 -59.27
CA VAL A 231 6.17 -10.27 -58.51
C VAL A 231 6.46 -8.84 -58.06
N HIS A 232 7.68 -8.59 -57.60
CA HIS A 232 7.99 -7.25 -57.11
C HIS A 232 8.22 -6.25 -58.24
N HIS A 233 8.64 -6.70 -59.42
CA HIS A 233 8.67 -5.82 -60.58
C HIS A 233 7.26 -5.36 -60.94
N ALA A 234 6.31 -6.30 -60.94
CA ALA A 234 4.93 -5.92 -61.24
C ALA A 234 4.36 -4.96 -60.22
N LEU A 235 4.83 -5.03 -58.97
CA LEU A 235 4.31 -4.14 -57.93
C LEU A 235 4.88 -2.73 -58.04
N VAL A 236 6.16 -2.60 -58.39
CA VAL A 236 6.80 -1.29 -58.42
C VAL A 236 6.60 -0.56 -59.75
N THR A 237 6.26 -1.28 -60.82
CA THR A 237 6.02 -0.67 -62.12
C THR A 237 4.56 -0.73 -62.52
N GLY A 238 3.97 -1.93 -62.53
CA GLY A 238 2.56 -2.11 -62.76
C GLY A 238 2.18 -2.57 -64.15
N HIS A 239 3.08 -2.47 -65.13
CA HIS A 239 2.68 -2.80 -66.51
C HIS A 239 2.75 -4.30 -66.78
N ALA A 240 3.96 -4.88 -66.76
CA ALA A 240 4.18 -6.27 -67.13
C ALA A 240 5.64 -6.60 -66.84
N THR A 241 6.07 -7.80 -67.25
CA THR A 241 7.46 -8.21 -67.18
C THR A 241 8.20 -7.96 -68.48
N PHE A 242 7.58 -8.31 -69.62
CA PHE A 242 8.20 -8.20 -70.94
C PHE A 242 9.50 -8.97 -71.02
N GLU B 35 57.62 -6.24 -19.39
CA GLU B 35 57.92 -4.99 -18.70
C GLU B 35 58.44 -3.94 -19.67
N LYS B 36 58.08 -2.68 -19.43
CA LYS B 36 58.55 -1.54 -20.22
C LYS B 36 58.20 -1.71 -21.70
N SER B 37 56.88 -1.64 -21.96
CA SER B 37 56.33 -1.79 -23.30
C SER B 37 57.09 -0.94 -24.32
N LYS B 38 57.12 -1.43 -25.56
CA LYS B 38 57.92 -0.79 -26.60
C LYS B 38 57.43 0.61 -26.90
N ALA B 39 56.12 0.76 -27.11
CA ALA B 39 55.57 2.07 -27.49
C ALA B 39 55.82 3.09 -26.39
N VAL B 40 55.21 2.90 -25.23
CA VAL B 40 55.44 3.82 -24.12
C VAL B 40 56.54 3.22 -23.26
N PRO B 41 57.78 3.70 -23.37
CA PRO B 41 58.90 3.03 -22.68
C PRO B 41 58.85 3.13 -21.17
N PHE B 42 58.12 4.10 -20.61
CA PHE B 42 58.01 4.25 -19.16
C PHE B 42 56.78 3.56 -18.59
N LEU B 43 55.94 2.96 -19.43
CA LEU B 43 54.79 2.21 -18.95
C LEU B 43 55.08 0.72 -18.98
N PRO B 44 54.50 -0.05 -18.06
CA PRO B 44 54.69 -1.50 -18.10
C PRO B 44 54.01 -2.11 -19.32
N ARG B 45 54.50 -3.28 -19.69
CA ARG B 45 53.88 -4.01 -20.79
C ARG B 45 52.43 -4.35 -20.43
N PRO B 46 51.50 -4.22 -21.37
CA PRO B 46 50.07 -4.40 -21.03
C PRO B 46 49.72 -5.79 -20.51
N ALA B 47 50.68 -6.69 -20.45
CA ALA B 47 50.58 -8.04 -19.87
C ALA B 47 49.66 -8.96 -20.66
N ALA B 48 49.01 -8.47 -21.72
CA ALA B 48 48.22 -9.30 -22.61
C ALA B 48 48.72 -9.30 -24.04
N LEU B 49 49.71 -8.47 -24.35
CA LEU B 49 50.27 -8.33 -25.69
C LEU B 49 51.77 -8.57 -25.58
N ASP B 50 52.19 -9.84 -25.67
CA ASP B 50 53.62 -10.12 -25.48
C ASP B 50 54.41 -9.86 -26.76
N GLY B 51 54.26 -10.72 -27.76
CA GLY B 51 54.75 -10.41 -29.08
C GLY B 51 53.95 -11.01 -30.23
N SER B 52 53.01 -11.90 -29.91
CA SER B 52 52.44 -12.80 -30.91
C SER B 52 51.16 -12.25 -31.53
N VAL B 53 51.20 -10.98 -31.95
CA VAL B 53 50.12 -10.36 -32.69
C VAL B 53 50.74 -9.39 -33.68
N VAL B 54 50.19 -9.33 -34.89
CA VAL B 54 50.65 -8.37 -35.88
C VAL B 54 50.28 -6.96 -35.44
N GLY B 55 51.22 -6.04 -35.60
CA GLY B 55 51.02 -4.67 -35.14
C GLY B 55 50.93 -4.53 -33.63
N ASP B 56 51.81 -5.21 -32.91
CA ASP B 56 51.80 -5.24 -31.44
C ASP B 56 53.06 -4.51 -30.95
N VAL B 57 52.93 -3.22 -30.72
CA VAL B 57 54.00 -2.42 -30.13
C VAL B 57 53.76 -2.21 -28.62
N GLY B 58 52.87 -3.00 -28.03
CA GLY B 58 52.58 -2.88 -26.61
C GLY B 58 51.90 -1.58 -26.23
N PHE B 59 50.96 -1.12 -27.04
CA PHE B 59 50.26 0.14 -26.79
C PHE B 59 48.87 -0.16 -26.23
N ASP B 60 48.76 -0.12 -24.91
CA ASP B 60 47.49 -0.22 -24.21
C ASP B 60 47.62 0.42 -22.84
N PRO B 61 47.81 1.75 -22.77
CA PRO B 61 48.01 2.39 -21.47
C PRO B 61 46.84 2.22 -20.51
N VAL B 62 45.61 2.24 -21.01
CA VAL B 62 44.44 2.21 -20.15
C VAL B 62 43.95 0.78 -19.98
N GLY B 63 44.74 -0.17 -20.48
CA GLY B 63 44.50 -1.58 -20.23
C GLY B 63 43.16 -2.12 -20.72
N PHE B 64 42.80 -1.79 -21.97
CA PHE B 64 41.57 -2.34 -22.52
C PHE B 64 41.64 -3.85 -22.66
N THR B 65 42.83 -4.39 -22.91
CA THR B 65 43.02 -5.83 -23.06
C THR B 65 42.97 -6.58 -21.73
N SER B 66 42.96 -5.87 -20.60
CA SER B 66 42.95 -6.53 -19.30
C SER B 66 41.58 -7.05 -18.91
N TRP B 67 40.51 -6.58 -19.57
CA TRP B 67 39.16 -7.03 -19.25
C TRP B 67 38.33 -7.35 -20.49
N LEU B 68 38.93 -7.33 -21.68
CA LEU B 68 38.25 -7.71 -22.90
C LEU B 68 39.09 -8.73 -23.66
N PRO B 69 38.44 -9.64 -24.39
CA PRO B 69 39.20 -10.62 -25.17
C PRO B 69 40.07 -9.94 -26.21
N LEU B 70 41.27 -10.47 -26.40
CA LEU B 70 42.19 -9.90 -27.37
C LEU B 70 41.67 -10.10 -28.80
N SER B 71 41.13 -11.28 -29.08
CA SER B 71 40.60 -11.54 -30.42
C SER B 71 39.45 -10.60 -30.75
N TYR B 72 38.58 -10.33 -29.77
CA TYR B 72 37.45 -9.42 -30.00
C TYR B 72 37.95 -8.02 -30.35
N LEU B 73 38.92 -7.52 -29.59
CA LEU B 73 39.46 -6.19 -29.87
C LEU B 73 40.18 -6.15 -31.22
N GLN B 74 40.91 -7.21 -31.55
CA GLN B 74 41.58 -7.26 -32.85
C GLN B 74 40.58 -7.24 -33.99
N GLU B 75 39.50 -8.01 -33.86
CA GLU B 75 38.47 -8.01 -34.90
C GLU B 75 37.83 -6.63 -35.02
N ALA B 76 37.54 -5.99 -33.89
CA ALA B 76 36.96 -4.65 -33.94
C ALA B 76 37.90 -3.66 -34.62
N GLU B 77 39.19 -3.72 -34.28
CA GLU B 77 40.16 -2.81 -34.88
C GLU B 77 40.28 -3.02 -36.38
N ILE B 78 40.33 -4.28 -36.82
CA ILE B 78 40.47 -4.55 -38.24
C ILE B 78 39.21 -4.14 -38.99
N LYS B 79 38.03 -4.37 -38.41
CA LYS B 79 36.79 -3.94 -39.03
C LYS B 79 36.77 -2.42 -39.18
N HIS B 80 37.18 -1.70 -38.12
CA HIS B 80 37.25 -0.24 -38.21
C HIS B 80 38.23 0.19 -39.28
N CYS B 81 39.39 -0.48 -39.36
CA CYS B 81 40.39 -0.14 -40.35
C CYS B 81 39.83 -0.24 -41.75
N ARG B 82 39.20 -1.38 -42.07
CA ARG B 82 38.67 -1.57 -43.42
C ARG B 82 37.54 -0.59 -43.72
N ILE B 83 36.61 -0.41 -42.76
CA ILE B 83 35.48 0.49 -42.98
C ILE B 83 35.98 1.90 -43.23
N ALA B 84 36.93 2.37 -42.43
CA ALA B 84 37.40 3.74 -42.57
C ALA B 84 38.27 3.93 -43.81
N MET B 85 38.99 2.89 -44.23
CA MET B 85 39.71 3.00 -45.49
C MET B 85 38.75 3.19 -46.65
N LEU B 86 37.72 2.34 -46.71
CA LEU B 86 36.70 2.50 -47.75
C LEU B 86 36.04 3.87 -47.65
N ALA B 87 35.77 4.32 -46.42
CA ALA B 87 35.07 5.58 -46.23
C ALA B 87 35.91 6.77 -46.66
N THR B 88 37.20 6.79 -46.31
CA THR B 88 38.08 7.88 -46.73
C THR B 88 38.20 7.92 -48.24
N LEU B 89 38.43 6.75 -48.87
CA LEU B 89 38.53 6.73 -50.32
C LEU B 89 37.24 7.20 -50.96
N GLY B 90 36.10 6.76 -50.43
CA GLY B 90 34.82 7.16 -51.00
C GLY B 90 34.53 8.63 -50.83
N TRP B 91 34.81 9.18 -49.66
CA TRP B 91 34.61 10.61 -49.42
C TRP B 91 35.45 11.42 -50.40
N ILE B 92 36.74 11.11 -50.50
CA ILE B 92 37.61 11.88 -51.38
C ILE B 92 37.19 11.74 -52.84
N VAL B 93 36.86 10.52 -53.26
CA VAL B 93 36.51 10.29 -54.67
C VAL B 93 35.18 10.96 -55.02
N ALA B 94 34.16 10.77 -54.17
CA ALA B 94 32.86 11.35 -54.42
C ALA B 94 32.88 12.87 -54.37
N ASP B 95 33.88 13.49 -53.82
CA ASP B 95 33.91 14.93 -53.89
C ASP B 95 34.52 15.32 -55.21
N PHE B 96 35.04 14.36 -55.94
CA PHE B 96 35.56 14.64 -57.27
C PHE B 96 34.64 14.10 -58.36
N VAL B 97 34.34 12.80 -58.33
CA VAL B 97 33.56 12.14 -59.37
C VAL B 97 32.18 11.83 -58.82
N HIS B 98 31.15 12.12 -59.62
CA HIS B 98 29.77 11.88 -59.25
C HIS B 98 29.14 10.87 -60.19
N LEU B 99 28.31 9.99 -59.64
CA LEU B 99 27.53 9.10 -60.48
C LEU B 99 26.52 9.91 -61.28
N PRO B 100 26.14 9.44 -62.46
CA PRO B 100 25.12 10.15 -63.25
C PRO B 100 23.82 10.27 -62.48
N GLY B 101 23.18 11.43 -62.61
CA GLY B 101 21.95 11.69 -61.90
C GLY B 101 22.00 12.94 -61.05
N ALA B 102 20.83 13.55 -60.82
CA ALA B 102 20.78 14.78 -60.03
C ALA B 102 20.97 14.51 -58.55
N VAL B 103 20.61 13.32 -58.08
CA VAL B 103 20.73 13.01 -56.65
C VAL B 103 22.19 12.92 -56.24
N HIS B 104 23.07 12.53 -57.15
CA HIS B 104 24.49 12.37 -56.86
C HIS B 104 25.29 13.65 -57.07
N GLU B 105 24.64 14.81 -57.03
CA GLU B 105 25.28 16.09 -57.29
C GLU B 105 25.42 16.92 -56.02
N VAL B 106 25.76 16.27 -54.91
CA VAL B 106 25.94 16.94 -53.63
C VAL B 106 27.33 16.57 -53.10
N SER B 107 27.82 17.41 -52.19
CA SER B 107 29.09 17.14 -51.54
C SER B 107 28.95 15.96 -50.58
N SER B 108 30.08 15.32 -50.28
CA SER B 108 30.06 14.17 -49.38
C SER B 108 29.56 14.55 -47.99
N LEU B 109 29.77 15.81 -47.58
CA LEU B 109 29.27 16.26 -46.29
C LEU B 109 27.74 16.24 -46.25
N ALA B 110 27.10 16.68 -47.34
CA ALA B 110 25.65 16.70 -47.43
C ALA B 110 25.08 15.47 -48.11
N ALA B 111 25.93 14.50 -48.48
CA ALA B 111 25.45 13.33 -49.21
C ALA B 111 24.67 12.36 -48.32
N HIS B 112 24.88 12.41 -47.01
CA HIS B 112 24.19 11.46 -46.14
C HIS B 112 22.69 11.69 -46.14
N ASP B 113 22.25 12.94 -46.01
CA ASP B 113 20.82 13.21 -45.97
C ASP B 113 20.16 12.99 -47.32
N VAL B 114 20.90 13.16 -48.41
CA VAL B 114 20.34 12.90 -49.74
C VAL B 114 20.28 11.40 -50.02
N ALA B 115 21.35 10.68 -49.71
CA ALA B 115 21.38 9.25 -49.98
C ALA B 115 20.37 8.47 -49.13
N VAL B 116 20.17 8.90 -47.87
CA VAL B 116 19.20 8.23 -47.03
C VAL B 116 17.78 8.46 -47.54
N LYS B 117 17.50 9.63 -48.10
CA LYS B 117 16.17 9.90 -48.63
C LYS B 117 15.91 9.12 -49.91
N SER B 118 16.92 9.03 -50.79
CA SER B 118 16.77 8.30 -52.04
C SER B 118 16.77 6.80 -51.85
N GLY B 119 17.11 6.31 -50.66
CA GLY B 119 17.20 4.89 -50.43
C GLY B 119 18.52 4.28 -50.83
N ALA B 120 19.50 5.08 -51.23
CA ALA B 120 20.81 4.55 -51.60
C ALA B 120 21.51 3.91 -50.40
N LEU B 121 21.44 4.55 -49.23
CA LEU B 121 22.05 3.98 -48.05
C LEU B 121 21.27 2.81 -47.49
N ALA B 122 20.01 2.64 -47.89
CA ALA B 122 19.23 1.49 -47.44
C ALA B 122 19.80 0.19 -48.00
N GLN B 123 20.21 0.19 -49.26
CA GLN B 123 20.79 -1.01 -49.85
C GLN B 123 22.10 -1.38 -49.16
N ILE B 124 22.95 -0.38 -48.92
CA ILE B 124 24.20 -0.61 -48.20
C ILE B 124 23.91 -1.13 -46.81
N LEU B 125 22.89 -0.59 -46.14
CA LEU B 125 22.52 -1.06 -44.82
C LEU B 125 22.08 -2.52 -44.86
N ILE B 126 21.28 -2.89 -45.86
CA ILE B 126 20.78 -4.27 -45.95
C ILE B 126 21.94 -5.23 -46.13
N TRP B 127 22.81 -4.96 -47.11
CA TRP B 127 23.89 -5.90 -47.38
C TRP B 127 24.93 -5.91 -46.28
N THR B 128 25.19 -4.75 -45.67
CA THR B 128 26.09 -4.69 -44.53
C THR B 128 25.52 -5.45 -43.34
N SER B 129 24.20 -5.42 -43.15
CA SER B 129 23.57 -6.18 -42.08
C SER B 129 23.68 -7.67 -42.33
N ILE B 130 23.52 -8.10 -43.58
CA ILE B 130 23.72 -9.51 -43.90
C ILE B 130 25.16 -9.93 -43.58
N ALA B 131 26.12 -9.14 -44.04
CA ALA B 131 27.53 -9.43 -43.78
C ALA B 131 27.81 -9.44 -42.29
N GLU B 132 27.18 -8.54 -41.53
CA GLU B 132 27.42 -8.44 -40.11
C GLU B 132 26.76 -9.55 -39.31
N ALA B 133 25.65 -10.11 -39.81
CA ALA B 133 25.10 -11.30 -39.17
C ALA B 133 26.01 -12.50 -39.39
N ILE B 134 26.50 -12.67 -40.62
CA ILE B 134 27.50 -13.71 -40.86
C ILE B 134 28.73 -13.45 -39.98
N SER B 135 29.05 -12.18 -39.75
CA SER B 135 30.15 -11.83 -38.86
C SER B 135 29.84 -12.20 -37.42
N VAL B 136 28.59 -12.03 -36.99
CA VAL B 136 28.20 -12.45 -35.64
C VAL B 136 28.52 -13.93 -35.48
N ILE B 137 28.11 -14.73 -36.46
CA ILE B 137 28.41 -16.16 -36.41
C ILE B 137 29.93 -16.40 -36.38
N ALA B 138 30.67 -15.69 -37.23
CA ALA B 138 32.10 -15.93 -37.35
C ALA B 138 32.85 -15.56 -36.07
N ILE B 139 32.54 -14.40 -35.50
CA ILE B 139 33.22 -13.97 -34.27
C ILE B 139 32.83 -14.87 -33.10
N SER B 140 31.57 -15.32 -33.05
CA SER B 140 31.19 -16.27 -32.01
C SER B 140 32.00 -17.55 -32.12
N GLN B 141 32.13 -18.09 -33.34
CA GLN B 141 32.90 -19.32 -33.52
C GLN B 141 34.36 -19.10 -33.17
N MET B 142 34.93 -17.95 -33.56
CA MET B 142 36.32 -17.66 -33.24
C MET B 142 36.54 -17.58 -31.74
N LEU B 143 35.62 -16.93 -31.02
CA LEU B 143 35.75 -16.81 -29.58
C LEU B 143 35.57 -18.15 -28.88
N GLU B 144 34.75 -19.04 -29.43
CA GLU B 144 34.49 -20.34 -28.81
C GLU B 144 35.34 -21.45 -29.44
N GLY B 145 36.56 -21.15 -29.83
CA GLY B 145 37.43 -22.15 -30.40
C GLY B 145 37.75 -21.92 -31.87
N SER B 146 37.28 -22.82 -32.73
CA SER B 146 37.46 -22.71 -34.17
C SER B 146 38.93 -22.63 -34.53
N GLY B 147 39.44 -21.40 -34.70
CA GLY B 147 40.80 -21.20 -35.11
C GLY B 147 40.92 -20.06 -36.10
N ARG B 148 39.79 -19.43 -36.42
CA ARG B 148 39.79 -18.31 -37.34
C ARG B 148 40.50 -17.12 -36.69
N GLN B 149 41.52 -16.61 -37.37
CA GLN B 149 42.23 -15.45 -36.88
C GLN B 149 41.31 -14.23 -36.93
N PRO B 150 41.48 -13.28 -36.01
CA PRO B 150 40.63 -12.08 -36.01
C PRO B 150 40.76 -11.31 -37.32
N GLY B 151 39.62 -11.05 -37.95
CA GLY B 151 39.60 -10.37 -39.23
C GLY B 151 39.87 -11.24 -40.43
N ASP B 152 40.11 -12.54 -40.22
CA ASP B 152 40.45 -13.46 -41.32
C ASP B 152 39.14 -14.04 -41.85
N PHE B 153 38.66 -13.48 -42.97
CA PHE B 153 37.51 -14.02 -43.67
C PHE B 153 37.92 -14.91 -44.84
N LYS B 154 39.21 -15.20 -44.97
CA LYS B 154 39.79 -16.00 -46.06
C LYS B 154 39.51 -15.41 -47.44
N PHE B 155 39.08 -14.16 -47.51
CA PHE B 155 38.82 -13.52 -48.79
C PHE B 155 40.14 -13.18 -49.46
N ASP B 156 40.47 -13.90 -50.52
CA ASP B 156 41.74 -13.74 -51.19
C ASP B 156 41.64 -14.28 -52.62
N PRO B 157 40.95 -13.58 -53.52
CA PRO B 157 40.86 -14.06 -54.91
C PRO B 157 42.22 -14.14 -55.56
N LEU B 158 42.93 -13.01 -55.60
CA LEU B 158 44.35 -13.04 -55.87
C LEU B 158 45.07 -13.56 -54.62
N ASN B 159 46.38 -13.77 -54.74
CA ASN B 159 47.11 -14.34 -53.61
C ASN B 159 47.66 -13.24 -52.70
N PHE B 160 48.61 -12.45 -53.20
CA PHE B 160 49.15 -11.30 -52.49
C PHE B 160 49.79 -11.70 -51.17
N ALA B 161 49.70 -12.99 -50.82
CA ALA B 161 50.24 -13.50 -49.55
C ALA B 161 50.40 -15.01 -49.75
N LYS B 162 51.64 -15.44 -49.99
CA LYS B 162 51.91 -16.84 -50.31
C LYS B 162 52.38 -17.65 -49.12
N ASP B 163 53.22 -17.08 -48.26
CA ASP B 163 53.72 -17.77 -47.08
C ASP B 163 53.37 -16.98 -45.83
N GLU B 164 53.89 -17.45 -44.69
CA GLU B 164 53.62 -16.79 -43.42
C GLU B 164 54.23 -15.39 -43.38
N LYS B 165 55.45 -15.23 -43.90
CA LYS B 165 56.13 -13.95 -43.83
C LYS B 165 55.39 -12.88 -44.62
N SER B 166 54.96 -13.23 -45.85
CA SER B 166 54.20 -12.28 -46.66
C SER B 166 52.88 -11.92 -46.00
N LEU B 167 52.20 -12.92 -45.42
CA LEU B 167 50.95 -12.66 -44.73
C LEU B 167 51.14 -11.72 -43.55
N LYS B 168 52.20 -11.93 -42.76
CA LYS B 168 52.47 -11.05 -41.62
C LYS B 168 52.77 -9.64 -42.08
N LYS B 169 53.62 -9.49 -43.12
CA LYS B 169 53.95 -8.17 -43.61
C LYS B 169 52.71 -7.45 -44.13
N MET B 170 51.85 -8.17 -44.85
CA MET B 170 50.67 -7.54 -45.41
C MET B 170 49.64 -7.23 -44.33
N GLN B 171 49.57 -8.06 -43.28
CA GLN B 171 48.73 -7.75 -42.14
C GLN B 171 49.19 -6.47 -41.45
N LEU B 172 50.50 -6.32 -41.27
CA LEU B 172 51.02 -5.09 -40.68
C LEU B 172 50.72 -3.89 -41.55
N SER B 173 50.88 -4.04 -42.88
CA SER B 173 50.55 -2.96 -43.79
C SER B 173 49.07 -2.60 -43.70
N GLU B 174 48.20 -3.61 -43.66
CA GLU B 174 46.77 -3.36 -43.55
C GLU B 174 46.43 -2.64 -42.26
N LEU B 175 47.03 -3.06 -41.15
CA LEU B 175 46.73 -2.42 -39.86
C LEU B 175 47.20 -0.97 -39.85
N LYS B 176 48.42 -0.72 -40.34
CA LYS B 176 48.94 0.64 -40.32
C LYS B 176 48.13 1.55 -41.26
N ASN B 177 47.84 1.07 -42.46
CA ASN B 177 47.04 1.85 -43.40
C ASN B 177 45.63 2.09 -42.85
N GLY B 178 45.06 1.10 -42.17
CA GLY B 178 43.74 1.28 -41.60
C GLY B 178 43.71 2.29 -40.48
N ARG B 179 44.70 2.25 -39.58
CA ARG B 179 44.78 3.26 -38.53
C ARG B 179 44.97 4.65 -39.12
N LEU B 180 45.85 4.77 -40.12
CA LEU B 180 46.05 6.05 -40.77
C LEU B 180 44.77 6.55 -41.42
N ALA B 181 44.02 5.64 -42.05
CA ALA B 181 42.78 6.04 -42.72
C ALA B 181 41.69 6.39 -41.72
N MET B 182 41.66 5.72 -40.56
CA MET B 182 40.70 6.10 -39.52
C MET B 182 40.96 7.52 -39.05
N LEU B 183 42.22 7.82 -38.73
CA LEU B 183 42.55 9.18 -38.32
C LEU B 183 42.31 10.18 -39.44
N ALA B 184 42.59 9.77 -40.68
CA ALA B 184 42.40 10.67 -41.82
C ALA B 184 40.93 10.98 -42.06
N PHE B 185 40.06 9.97 -41.97
CA PHE B 185 38.64 10.20 -42.11
C PHE B 185 38.12 11.07 -40.98
N SER B 186 38.61 10.84 -39.76
CA SER B 186 38.25 11.70 -38.65
C SER B 186 38.57 13.16 -38.95
N GLY B 187 39.81 13.42 -39.38
CA GLY B 187 40.20 14.77 -39.72
C GLY B 187 39.40 15.34 -40.87
N ILE B 188 39.15 14.54 -41.90
CA ILE B 188 38.41 15.01 -43.06
C ILE B 188 37.01 15.44 -42.67
N VAL B 189 36.31 14.59 -41.90
CA VAL B 189 34.95 14.91 -41.50
C VAL B 189 34.93 16.14 -40.59
N THR B 190 35.84 16.20 -39.62
CA THR B 190 35.84 17.33 -38.71
C THR B 190 36.11 18.64 -39.44
N GLN B 191 37.09 18.64 -40.35
CA GLN B 191 37.41 19.85 -41.10
C GLN B 191 36.29 20.24 -42.04
N ALA B 192 35.70 19.27 -42.73
CA ALA B 192 34.61 19.58 -43.66
C ALA B 192 33.40 20.13 -42.93
N ALA B 193 33.09 19.57 -41.76
CA ALA B 193 31.99 20.10 -40.96
C ALA B 193 32.30 21.49 -40.43
N LEU B 194 33.54 21.71 -39.97
CA LEU B 194 33.93 23.03 -39.50
C LEU B 194 33.88 24.05 -40.62
N THR B 195 34.53 23.75 -41.74
CA THR B 195 34.56 24.62 -42.91
C THR B 195 34.05 23.83 -44.10
N GLY B 196 32.94 24.28 -44.69
CA GLY B 196 32.33 23.57 -45.79
C GLY B 196 33.10 23.69 -47.09
N HIS B 197 34.35 23.25 -47.08
CA HIS B 197 35.21 23.37 -48.24
C HIS B 197 35.18 22.10 -49.09
N ALA B 198 35.76 22.20 -50.28
CA ALA B 198 35.88 21.06 -51.19
C ALA B 198 37.05 20.20 -50.73
N PHE B 199 37.50 19.26 -51.59
CA PHE B 199 38.50 18.26 -51.22
C PHE B 199 39.64 18.78 -50.36
N PRO B 200 40.27 19.93 -50.64
CA PRO B 200 41.19 20.48 -49.63
C PRO B 200 40.39 21.03 -48.47
N TYR B 201 40.36 20.29 -47.36
CA TYR B 201 39.51 20.65 -46.22
C TYR B 201 40.22 21.58 -45.25
N MET B 202 41.35 22.16 -45.65
CA MET B 202 42.02 23.17 -44.86
C MET B 202 41.12 24.38 -44.66
N GLU C 43 70.73 15.33 13.21
CA GLU C 43 69.39 15.24 13.78
C GLU C 43 68.57 16.48 13.47
N ARG C 44 69.25 17.62 13.34
CA ARG C 44 68.60 18.87 12.99
C ARG C 44 68.64 19.07 11.48
N SER C 45 67.57 19.64 10.94
CA SER C 45 67.51 19.92 9.51
C SER C 45 68.57 20.94 9.13
N LYS C 46 69.23 20.71 7.99
CA LYS C 46 70.29 21.60 7.55
C LYS C 46 69.77 23.00 7.28
N SER C 47 68.63 23.10 6.60
CA SER C 47 68.07 24.42 6.30
C SER C 47 67.60 25.12 7.57
N LEU C 48 66.82 24.43 8.39
CA LEU C 48 66.28 25.04 9.60
C LEU C 48 66.93 24.41 10.83
N PRO C 49 67.97 25.04 11.40
CA PRO C 49 68.68 24.41 12.52
C PRO C 49 67.82 24.26 13.77
N PHE C 50 66.74 25.01 13.89
CA PHE C 50 65.84 24.91 15.04
C PHE C 50 64.80 23.81 14.87
N LEU C 51 64.90 23.02 13.81
CA LEU C 51 63.94 21.96 13.52
C LEU C 51 64.66 20.64 13.37
N MET C 52 64.04 19.57 13.87
CA MET C 52 64.62 18.25 13.71
C MET C 52 64.52 17.79 12.26
N LYS C 53 65.40 16.87 11.89
CA LYS C 53 65.49 16.42 10.52
C LYS C 53 64.19 15.72 10.11
N PRO C 54 63.55 16.12 9.03
CA PRO C 54 62.33 15.43 8.58
C PRO C 54 62.63 13.98 8.24
N LYS C 55 61.83 13.07 8.81
CA LYS C 55 62.19 11.65 8.81
C LYS C 55 62.29 11.10 7.39
N ASN C 56 61.38 11.49 6.50
CA ASN C 56 61.33 10.91 5.17
C ASN C 56 62.35 11.52 4.20
N LEU C 57 62.95 12.64 4.53
CA LEU C 57 63.92 13.32 3.67
C LEU C 57 65.32 13.11 4.25
N ASP C 58 66.00 12.06 3.81
CA ASP C 58 67.34 11.80 4.36
C ASP C 58 68.40 12.62 3.64
N GLY C 59 68.74 12.23 2.42
CA GLY C 59 69.56 13.06 1.56
C GLY C 59 69.34 12.85 0.07
N SER C 60 68.45 11.92 -0.28
CA SER C 60 68.49 11.32 -1.60
C SER C 60 68.10 12.30 -2.69
N MET C 61 66.98 13.00 -2.52
CA MET C 61 66.44 13.80 -3.60
C MET C 61 67.25 15.08 -3.79
N ALA C 62 67.41 15.47 -5.05
CA ALA C 62 68.17 16.68 -5.35
C ALA C 62 67.47 17.91 -4.78
N GLY C 63 68.26 18.82 -4.22
CA GLY C 63 67.71 19.98 -3.57
C GLY C 63 67.28 19.76 -2.13
N ASP C 64 67.57 18.61 -1.55
CA ASP C 64 67.16 18.29 -0.18
C ASP C 64 68.05 19.05 0.79
N VAL C 65 67.44 19.97 1.54
CA VAL C 65 68.12 20.67 2.62
C VAL C 65 67.35 20.53 3.93
N GLY C 66 66.35 19.66 3.97
CA GLY C 66 65.56 19.47 5.17
C GLY C 66 64.48 20.50 5.40
N PHE C 67 64.14 21.31 4.40
CA PHE C 67 63.13 22.35 4.54
C PHE C 67 61.75 21.74 4.41
N ASP C 68 61.29 21.12 5.50
CA ASP C 68 59.92 20.63 5.61
C ASP C 68 59.40 20.98 7.00
N PRO C 69 59.18 22.28 7.27
CA PRO C 69 58.73 22.66 8.61
C PRO C 69 57.39 22.06 9.01
N LEU C 70 56.47 21.90 8.06
CA LEU C 70 55.15 21.37 8.34
C LEU C 70 55.10 19.85 8.29
N GLY C 71 56.22 19.20 8.00
CA GLY C 71 56.23 17.74 7.96
C GLY C 71 55.33 17.14 6.89
N LEU C 72 55.20 17.82 5.75
CA LEU C 72 54.34 17.32 4.69
C LEU C 72 54.89 16.06 4.04
N SER C 73 56.20 15.81 4.17
CA SER C 73 56.79 14.61 3.58
C SER C 73 56.31 13.33 4.26
N GLU C 74 55.71 13.44 5.45
CA GLU C 74 55.24 12.28 6.19
C GLU C 74 53.79 11.94 5.89
N ILE C 75 53.15 12.65 4.96
CA ILE C 75 51.78 12.33 4.59
C ILE C 75 51.76 11.01 3.82
N ASN C 76 50.87 10.11 4.23
CA ASN C 76 50.74 8.80 3.59
C ASN C 76 49.26 8.46 3.40
N ASP C 77 48.49 9.42 2.89
CA ASP C 77 47.06 9.23 2.75
C ASP C 77 46.56 9.98 1.53
N VAL C 78 45.38 9.56 1.06
CA VAL C 78 44.71 10.12 -0.11
C VAL C 78 45.67 9.97 -1.29
N GLY C 79 46.32 8.80 -1.36
CA GLY C 79 47.24 8.55 -2.46
C GLY C 79 48.39 9.52 -2.54
N VAL C 80 48.68 10.24 -1.47
CA VAL C 80 49.72 11.25 -1.44
C VAL C 80 50.82 10.76 -0.50
N ASP C 81 52.04 10.69 -1.00
CA ASP C 81 53.21 10.34 -0.20
C ASP C 81 54.38 11.15 -0.72
N LEU C 82 55.59 10.78 -0.28
CA LEU C 82 56.79 11.48 -0.73
C LEU C 82 56.98 11.33 -2.24
N TYR C 83 56.67 10.15 -2.78
CA TYR C 83 56.78 9.95 -4.22
C TYR C 83 55.85 10.89 -4.98
N TRP C 84 54.58 10.95 -4.57
CA TRP C 84 53.62 11.82 -5.24
C TRP C 84 53.99 13.29 -5.07
N LEU C 85 54.42 13.68 -3.88
CA LEU C 85 54.82 15.06 -3.65
C LEU C 85 56.02 15.44 -4.51
N ARG C 86 57.00 14.54 -4.63
CA ARG C 86 58.16 14.82 -5.46
C ARG C 86 57.78 14.90 -6.93
N GLU C 87 56.91 14.01 -7.39
CA GLU C 87 56.46 14.09 -8.78
C GLU C 87 55.72 15.39 -9.04
N ALA C 88 54.87 15.80 -8.12
CA ALA C 88 54.17 17.08 -8.25
C ALA C 88 55.15 18.25 -8.26
N GLU C 89 56.16 18.20 -7.40
CA GLU C 89 57.16 19.27 -7.36
C GLU C 89 57.93 19.34 -8.66
N LEU C 90 58.31 18.19 -9.22
CA LEU C 90 59.06 18.19 -10.48
C LEU C 90 58.20 18.67 -11.64
N LYS C 91 56.93 18.25 -11.69
CA LYS C 91 56.03 18.73 -12.72
C LYS C 91 55.83 20.23 -12.61
N HIS C 92 55.67 20.73 -11.37
CA HIS C 92 55.56 22.16 -11.16
C HIS C 92 56.83 22.89 -11.59
N CYS C 93 57.99 22.32 -11.28
CA CYS C 93 59.25 22.93 -11.67
C CYS C 93 59.34 23.06 -13.18
N ARG C 94 59.05 21.97 -13.90
CA ARG C 94 59.13 21.99 -15.35
C ARG C 94 58.10 22.95 -15.96
N LEU C 95 56.87 22.93 -15.45
CA LEU C 95 55.84 23.82 -15.96
C LEU C 95 56.19 25.28 -15.72
N GLY C 96 56.70 25.59 -14.53
CA GLY C 96 57.10 26.96 -14.25
C GLY C 96 58.27 27.41 -15.08
N MET C 97 59.24 26.52 -15.32
CA MET C 97 60.36 26.87 -16.19
C MET C 97 59.87 27.18 -17.59
N MET C 98 59.00 26.31 -18.14
CA MET C 98 58.48 26.56 -19.48
C MET C 98 57.68 27.85 -19.54
N ALA C 99 56.84 28.10 -18.53
CA ALA C 99 56.00 29.31 -18.55
C ALA C 99 56.82 30.58 -18.42
N ALA C 100 57.79 30.58 -17.51
CA ALA C 100 58.64 31.76 -17.35
C ALA C 100 59.46 32.02 -18.61
N ALA C 101 60.02 30.96 -19.20
CA ALA C 101 60.76 31.13 -20.44
C ALA C 101 59.86 31.66 -21.55
N GLY C 102 58.63 31.17 -21.63
CA GLY C 102 57.73 31.65 -22.66
C GLY C 102 57.36 33.11 -22.48
N ILE C 103 57.04 33.51 -21.24
CA ILE C 103 56.70 34.91 -20.99
C ILE C 103 57.87 35.81 -21.34
N LEU C 104 59.07 35.46 -20.85
CA LEU C 104 60.23 36.30 -21.11
C LEU C 104 60.55 36.36 -22.59
N PHE C 105 60.47 35.22 -23.28
CA PHE C 105 60.76 35.18 -24.71
C PHE C 105 59.78 36.06 -25.49
N VAL C 106 58.49 35.90 -25.23
CA VAL C 106 57.49 36.66 -25.97
C VAL C 106 57.61 38.14 -25.66
N GLU C 107 57.92 38.49 -24.42
CA GLU C 107 57.97 39.90 -24.06
C GLU C 107 59.22 40.58 -24.61
N ILE C 108 60.35 39.85 -24.64
CA ILE C 108 61.61 40.44 -25.09
C ILE C 108 61.71 40.42 -26.61
N LEU C 109 61.68 39.23 -27.19
CA LEU C 109 61.89 39.07 -28.63
C LEU C 109 60.62 39.26 -29.44
N GLY C 110 59.48 39.50 -28.81
CA GLY C 110 58.24 39.70 -29.51
C GLY C 110 57.58 38.39 -29.89
N PRO C 111 56.33 38.46 -30.34
CA PRO C 111 55.62 37.25 -30.73
C PRO C 111 56.09 36.73 -32.08
N ALA C 112 55.73 35.47 -32.35
CA ALA C 112 56.00 34.87 -33.65
C ALA C 112 55.14 35.54 -34.71
N PRO C 113 55.55 35.47 -35.98
CA PRO C 113 54.75 36.08 -37.05
C PRO C 113 53.35 35.49 -37.10
N GLY C 114 52.37 36.36 -37.36
CA GLY C 114 50.98 35.95 -37.40
C GLY C 114 50.30 35.83 -36.05
N PHE C 115 51.00 36.16 -34.95
CA PHE C 115 50.44 36.05 -33.62
C PHE C 115 50.22 37.43 -33.01
N PRO C 116 49.25 37.57 -32.11
CA PRO C 116 48.95 38.90 -31.55
C PRO C 116 50.06 39.40 -30.64
N ALA C 117 50.09 40.71 -30.46
CA ALA C 117 51.02 41.40 -29.57
C ALA C 117 50.25 42.05 -28.44
N GLY C 118 50.96 42.80 -27.60
CA GLY C 118 50.33 43.50 -26.50
C GLY C 118 51.17 43.55 -25.24
N LYS C 119 52.15 42.66 -25.15
CA LYS C 119 53.13 42.56 -24.07
C LYS C 119 52.52 42.10 -22.75
N SER C 120 51.21 41.93 -22.67
CA SER C 120 50.55 41.41 -21.46
C SER C 120 50.20 39.96 -21.73
N GLN C 121 51.01 39.05 -21.17
CA GLN C 121 50.87 37.64 -21.51
C GLN C 121 49.59 37.05 -20.92
N MET C 122 49.10 37.59 -19.81
CA MET C 122 47.85 37.11 -19.24
C MET C 122 46.63 37.59 -20.01
N ASP C 123 46.77 38.62 -20.83
CA ASP C 123 45.67 39.13 -21.64
C ASP C 123 45.80 38.81 -23.12
N VAL C 124 47.01 38.50 -23.60
CA VAL C 124 47.17 38.12 -24.99
C VAL C 124 46.63 36.73 -25.26
N PHE C 125 46.44 35.92 -24.21
CA PHE C 125 45.87 34.59 -24.39
C PHE C 125 44.47 34.67 -24.98
N TRP C 126 43.67 35.63 -24.50
CA TRP C 126 42.31 35.76 -25.02
C TRP C 126 42.31 36.29 -26.44
N LYS C 127 43.35 37.01 -26.84
CA LYS C 127 43.46 37.45 -28.23
C LYS C 127 43.83 36.30 -29.15
N VAL C 128 44.67 35.38 -28.66
CA VAL C 128 44.99 34.18 -29.43
C VAL C 128 43.76 33.28 -29.54
N TYR C 129 43.05 33.08 -28.43
CA TYR C 129 41.85 32.26 -28.46
C TYR C 129 40.75 32.88 -29.31
N ALA C 130 40.69 34.21 -29.38
CA ALA C 130 39.68 34.87 -30.19
C ALA C 130 39.88 34.65 -31.69
N GLU C 131 41.10 34.33 -32.10
CA GLU C 131 41.40 34.15 -33.53
C GLU C 131 41.89 32.75 -33.88
N LYS C 132 42.49 32.02 -32.94
CA LYS C 132 42.95 30.65 -33.18
C LYS C 132 42.48 29.76 -32.04
N PRO C 133 41.17 29.56 -31.89
CA PRO C 133 40.70 28.69 -30.82
C PRO C 133 41.12 27.24 -31.00
N SER C 134 41.26 26.79 -32.25
CA SER C 134 41.62 25.40 -32.50
C SER C 134 43.00 25.07 -31.95
N LEU C 135 43.94 26.01 -32.04
CA LEU C 135 45.26 25.79 -31.48
C LEU C 135 45.19 25.57 -29.96
N ILE C 136 44.43 26.42 -29.27
CA ILE C 136 44.28 26.28 -27.83
C ILE C 136 43.60 24.96 -27.48
N GLY C 137 42.56 24.59 -28.22
CA GLY C 137 41.87 23.35 -27.93
C GLY C 137 42.72 22.12 -28.16
N ALA C 138 43.49 22.12 -29.27
CA ALA C 138 44.38 21.00 -29.55
C ALA C 138 45.48 20.90 -28.50
N SER C 139 46.04 22.04 -28.09
CA SER C 139 47.05 22.02 -27.03
C SER C 139 46.46 21.50 -25.73
N LEU C 140 45.24 21.91 -25.39
CA LEU C 140 44.60 21.42 -24.18
C LEU C 140 44.37 19.91 -24.24
N ALA C 141 43.89 19.42 -25.38
CA ALA C 141 43.65 17.99 -25.51
C ALA C 141 44.95 17.19 -25.41
N ALA C 142 46.00 17.68 -26.06
CA ALA C 142 47.30 17.01 -25.98
C ALA C 142 47.81 16.99 -24.55
N ILE C 143 47.71 18.12 -23.85
CA ILE C 143 48.17 18.19 -22.46
C ILE C 143 47.33 17.26 -21.59
N ALA C 144 46.03 17.16 -21.87
CA ALA C 144 45.16 16.27 -21.10
C ALA C 144 45.58 14.81 -21.27
N ILE C 145 45.84 14.41 -22.51
CA ILE C 145 46.26 13.02 -22.76
C ILE C 145 47.61 12.75 -22.10
N LEU C 146 48.56 13.66 -22.27
CA LEU C 146 49.87 13.50 -21.66
C LEU C 146 49.79 13.48 -20.14
N GLU C 147 48.85 14.22 -19.55
CA GLU C 147 48.71 14.23 -18.11
C GLU C 147 48.04 12.95 -17.60
N VAL C 148 47.11 12.40 -18.35
CA VAL C 148 46.56 11.09 -18.00
C VAL C 148 47.67 10.04 -18.01
N ILE C 149 48.51 10.07 -19.05
CA ILE C 149 49.63 9.16 -19.11
C ILE C 149 50.59 9.38 -17.94
N SER C 150 50.82 10.65 -17.60
CA SER C 150 51.73 10.97 -16.49
C SER C 150 51.20 10.46 -15.17
N GLY C 151 49.89 10.61 -14.92
CA GLY C 151 49.31 10.09 -13.70
C GLY C 151 49.36 8.57 -13.63
N VAL C 152 49.05 7.91 -14.74
CA VAL C 152 49.15 6.45 -14.76
C VAL C 152 50.58 6.01 -14.49
N ALA C 153 51.56 6.68 -15.11
CA ALA C 153 52.96 6.33 -14.89
C ALA C 153 53.37 6.57 -13.45
N THR C 154 52.92 7.68 -12.86
CA THR C 154 53.26 7.99 -11.47
C THR C 154 52.73 6.91 -10.54
N THR C 155 51.45 6.54 -10.70
CA THR C 155 50.87 5.53 -9.83
C THR C 155 51.54 4.18 -10.03
N GLN C 156 51.81 3.80 -11.28
CA GLN C 156 52.46 2.51 -11.54
C GLN C 156 53.87 2.47 -10.92
N GLY C 157 54.66 3.51 -11.17
CA GLY C 157 56.01 3.55 -10.62
C GLY C 157 56.01 3.60 -9.10
N ARG C 158 55.00 4.22 -8.50
CA ARG C 158 54.86 4.17 -7.06
C ARG C 158 54.53 2.76 -6.59
N GLN C 159 53.74 2.01 -7.37
CA GLN C 159 53.31 0.69 -6.94
C GLN C 159 54.44 -0.33 -7.04
N ASN C 160 54.93 -0.59 -8.25
CA ASN C 160 56.06 -1.50 -8.46
C ASN C 160 57.34 -0.70 -8.66
N GLY C 161 57.98 -0.34 -7.54
CA GLY C 161 59.04 0.64 -7.59
C GLY C 161 60.16 0.29 -8.53
N ASP C 162 60.13 0.94 -9.70
CA ASP C 162 61.20 0.85 -10.69
C ASP C 162 61.49 2.19 -11.34
N ARG C 163 60.65 3.21 -11.15
CA ARG C 163 60.79 4.51 -11.80
C ARG C 163 60.89 5.58 -10.74
N ALA C 164 61.95 6.38 -10.80
CA ALA C 164 62.11 7.49 -9.88
C ALA C 164 61.05 8.56 -10.15
N PRO C 165 60.65 9.30 -9.13
CA PRO C 165 59.64 10.34 -9.34
C PRO C 165 60.11 11.39 -10.34
N GLY C 166 59.20 11.74 -11.26
CA GLY C 166 59.52 12.70 -12.30
C GLY C 166 60.28 12.14 -13.48
N ASP C 167 60.56 10.84 -13.50
CA ASP C 167 61.31 10.22 -14.57
C ASP C 167 60.38 9.81 -15.70
N TYR C 168 60.67 10.26 -16.91
CA TYR C 168 59.92 9.89 -18.09
C TYR C 168 60.81 9.37 -19.22
N ASN C 169 62.07 9.03 -18.92
CA ASN C 169 63.01 8.51 -19.91
C ASN C 169 63.19 9.45 -21.09
N PHE C 170 63.09 10.76 -20.83
CA PHE C 170 63.19 11.76 -21.89
C PHE C 170 64.59 12.37 -21.88
N ASP C 171 65.52 11.67 -22.54
CA ASP C 171 66.87 12.18 -22.76
C ASP C 171 67.26 11.91 -24.21
N PRO C 172 66.59 12.56 -25.16
CA PRO C 172 66.92 12.30 -26.58
C PRO C 172 68.32 12.69 -26.97
N LEU C 173 68.88 13.75 -26.36
CA LEU C 173 70.22 14.21 -26.70
C LEU C 173 71.30 13.61 -25.81
N GLY C 174 70.93 12.75 -24.86
CA GLY C 174 71.92 12.08 -24.03
C GLY C 174 72.74 13.02 -23.17
N PHE C 175 72.11 14.04 -22.58
CA PHE C 175 72.82 15.00 -21.73
C PHE C 175 73.04 14.47 -20.32
N GLY C 176 72.39 13.38 -19.94
CA GLY C 176 72.51 12.88 -18.58
C GLY C 176 72.72 11.38 -18.51
N LYS C 177 73.44 10.82 -19.48
CA LYS C 177 73.67 9.38 -19.52
C LYS C 177 74.50 8.93 -18.32
N ASP C 178 75.71 9.45 -18.19
CA ASP C 178 76.62 9.00 -17.14
C ASP C 178 76.23 9.55 -15.78
N PRO C 179 76.52 8.83 -14.70
CA PRO C 179 76.32 9.39 -13.36
C PRO C 179 77.39 10.41 -13.01
N ALA C 180 77.28 11.01 -11.83
CA ALA C 180 78.20 12.03 -11.31
C ALA C 180 78.02 13.33 -12.08
N LYS C 181 77.24 13.29 -13.15
CA LYS C 181 76.68 14.46 -13.81
C LYS C 181 75.17 14.50 -13.72
N PHE C 182 74.54 13.33 -13.58
CA PHE C 182 73.10 13.26 -13.42
C PHE C 182 72.65 13.92 -12.13
N LYS C 183 73.40 13.71 -11.04
CA LYS C 183 73.05 14.35 -9.78
C LYS C 183 73.16 15.87 -9.88
N ASP C 184 74.23 16.37 -10.51
CA ASP C 184 74.38 17.79 -10.70
C ASP C 184 73.26 18.36 -11.57
N LEU C 185 72.90 17.65 -12.63
CA LEU C 185 71.82 18.11 -13.49
C LEU C 185 70.49 18.10 -12.75
N GLN C 186 70.26 17.09 -11.90
CA GLN C 186 69.05 17.05 -11.10
C GLN C 186 68.98 18.25 -10.14
N LEU C 187 70.11 18.56 -9.50
CA LEU C 187 70.15 19.71 -8.60
C LEU C 187 69.89 21.00 -9.34
N LYS C 188 70.52 21.16 -10.51
CA LYS C 188 70.30 22.36 -11.32
C LYS C 188 68.85 22.48 -11.74
N GLU C 189 68.26 21.37 -12.20
CA GLU C 189 66.86 21.39 -12.62
C GLU C 189 65.94 21.74 -11.46
N VAL C 190 66.18 21.17 -10.29
CA VAL C 190 65.31 21.42 -9.14
C VAL C 190 65.40 22.88 -8.72
N LYS C 191 66.62 23.42 -8.62
CA LYS C 191 66.77 24.81 -8.19
C LYS C 191 66.16 25.76 -9.21
N ASN C 192 66.46 25.56 -10.49
CA ASN C 192 65.89 26.41 -11.54
C ASN C 192 64.37 26.29 -11.57
N GLY C 193 63.85 25.09 -11.35
CA GLY C 193 62.41 24.90 -11.38
C GLY C 193 61.70 25.56 -10.23
N ARG C 194 62.30 25.52 -9.03
CA ARG C 194 61.70 26.24 -7.91
C ARG C 194 61.74 27.74 -8.14
N LEU C 195 62.87 28.26 -8.63
CA LEU C 195 62.95 29.69 -8.92
C LEU C 195 61.93 30.09 -9.98
N ALA C 196 61.78 29.26 -11.02
CA ALA C 196 60.85 29.56 -12.09
C ALA C 196 59.40 29.38 -11.66
N MET C 197 59.14 28.47 -10.72
CA MET C 197 57.82 28.37 -10.10
C MET C 197 57.44 29.68 -9.43
N ILE C 198 58.33 30.18 -8.57
CA ILE C 198 58.06 31.45 -7.90
C ILE C 198 57.90 32.56 -8.93
N ALA C 199 58.77 32.59 -9.93
CA ALA C 199 58.71 33.63 -10.95
C ALA C 199 57.40 33.57 -11.73
N ALA C 200 56.99 32.38 -12.14
CA ALA C 200 55.78 32.24 -12.95
C ALA C 200 54.53 32.59 -12.16
N ALA C 201 54.49 32.21 -10.88
CA ALA C 201 53.38 32.64 -10.04
C ALA C 201 53.34 34.15 -9.94
N GLY C 202 54.51 34.78 -9.76
CA GLY C 202 54.56 36.22 -9.72
C GLY C 202 54.09 36.87 -11.00
N MET C 203 54.51 36.33 -12.15
CA MET C 203 54.09 36.87 -13.43
C MET C 203 52.58 36.72 -13.63
N ILE C 204 52.02 35.58 -13.23
CA ILE C 204 50.58 35.37 -13.35
C ILE C 204 49.83 36.40 -12.52
N LEU C 205 50.24 36.59 -11.26
CA LEU C 205 49.55 37.55 -10.41
C LEU C 205 49.71 38.97 -10.92
N GLN C 206 50.92 39.33 -11.38
CA GLN C 206 51.15 40.67 -11.91
C GLN C 206 50.30 40.93 -13.14
N GLY C 207 50.23 39.96 -14.05
CA GLY C 207 49.42 40.14 -15.25
C GLY C 207 47.94 40.23 -14.94
N VAL C 208 47.47 39.44 -13.97
CA VAL C 208 46.06 39.49 -13.61
C VAL C 208 45.72 40.82 -12.95
N SER C 209 46.59 41.32 -12.08
CA SER C 209 46.27 42.53 -11.32
C SER C 209 46.56 43.79 -12.12
N THR C 210 47.83 44.01 -12.48
CA THR C 210 48.24 45.24 -13.14
C THR C 210 47.86 45.29 -14.62
N HIS C 211 47.58 44.14 -15.24
CA HIS C 211 47.21 44.07 -16.66
C HIS C 211 48.32 44.65 -17.54
N GLN C 212 49.57 44.44 -17.15
CA GLN C 212 50.72 44.95 -17.89
C GLN C 212 51.77 43.87 -18.00
N GLY C 213 52.80 44.16 -18.79
CA GLY C 213 53.86 43.19 -19.00
C GLY C 213 54.74 43.01 -17.78
N ALA C 214 55.48 41.91 -17.78
CA ALA C 214 56.36 41.60 -16.65
C ALA C 214 57.48 42.62 -16.52
N LEU C 215 58.27 42.79 -17.58
CA LEU C 215 59.30 43.82 -17.57
C LEU C 215 58.70 45.23 -17.57
N GLU C 216 57.44 45.37 -18.01
CA GLU C 216 56.75 46.64 -17.83
C GLU C 216 56.55 46.94 -16.36
N ASN C 217 56.17 45.94 -15.58
CA ASN C 217 56.11 46.11 -14.13
C ASN C 217 57.50 46.31 -13.55
N LEU C 218 58.53 45.72 -14.17
CA LEU C 218 59.88 45.85 -13.65
C LEU C 218 60.34 47.30 -13.67
N SER C 219 60.04 48.03 -14.74
CA SER C 219 60.45 49.43 -14.86
C SER C 219 59.26 50.37 -14.63
N SER D 35 60.76 35.12 47.68
CA SER D 35 61.11 35.69 46.39
C SER D 35 62.16 36.79 46.53
N LYS D 36 62.58 37.35 45.40
CA LYS D 36 63.49 38.48 45.38
C LYS D 36 62.78 39.79 45.05
N ALA D 37 61.51 39.73 44.63
CA ALA D 37 60.66 40.89 44.47
C ALA D 37 59.29 40.56 45.05
N VAL D 38 58.62 41.58 45.56
CA VAL D 38 57.38 41.42 46.32
C VAL D 38 57.65 40.42 47.45
N PRO D 39 58.43 40.80 48.47
CA PRO D 39 58.89 39.81 49.46
C PRO D 39 57.79 39.21 50.31
N PHE D 40 56.61 39.83 50.39
CA PHE D 40 55.56 39.27 51.23
C PHE D 40 54.80 38.14 50.53
N LEU D 41 55.14 37.82 49.29
CA LEU D 41 54.67 36.62 48.61
C LEU D 41 55.87 35.72 48.35
N GLU D 42 55.78 34.46 48.78
CA GLU D 42 56.92 33.56 48.72
C GLU D 42 57.39 33.34 47.29
N ALA D 43 56.54 32.73 46.46
CA ALA D 43 56.85 32.40 45.08
C ALA D 43 55.59 31.88 44.43
N PRO D 44 55.49 31.98 43.09
CA PRO D 44 54.31 31.44 42.41
C PRO D 44 54.14 29.94 42.66
N LYS D 45 55.14 29.16 42.23
CA LYS D 45 55.22 27.72 42.40
C LYS D 45 56.28 27.14 41.45
N ALA D 46 56.37 27.72 40.25
CA ALA D 46 57.25 27.21 39.21
C ALA D 46 58.43 28.12 38.90
N LEU D 47 58.49 29.30 39.51
CA LEU D 47 59.60 30.22 39.28
C LEU D 47 60.79 29.85 40.18
N ASP D 48 61.32 28.65 39.94
CA ASP D 48 62.46 28.17 40.71
C ASP D 48 63.72 28.97 40.42
N GLY D 49 63.93 29.32 39.15
CA GLY D 49 65.13 30.03 38.75
C GLY D 49 65.80 29.41 37.55
N SER D 50 65.18 28.36 37.00
CA SER D 50 65.73 27.69 35.83
C SER D 50 65.61 28.53 34.57
N LEU D 51 64.82 29.61 34.59
CA LEU D 51 64.70 30.48 33.44
C LEU D 51 65.50 31.76 33.67
N PRO D 52 66.15 32.29 32.64
CA PRO D 52 66.92 33.52 32.79
C PRO D 52 66.03 34.71 33.11
N ALA D 53 66.66 35.76 33.64
CA ALA D 53 65.98 37.00 34.04
C ALA D 53 64.89 36.75 35.08
N ASP D 54 65.08 35.73 35.92
CA ASP D 54 64.09 35.36 36.92
C ASP D 54 64.39 36.11 38.22
N VAL D 55 63.41 36.88 38.69
CA VAL D 55 63.47 37.50 40.01
C VAL D 55 62.35 37.03 40.93
N GLY D 56 61.33 36.36 40.39
CA GLY D 56 60.23 35.87 41.17
C GLY D 56 58.99 36.72 41.16
N PHE D 57 58.94 37.75 40.32
CA PHE D 57 57.80 38.67 40.29
C PHE D 57 56.67 38.04 39.49
N ASP D 58 55.65 37.57 40.19
CA ASP D 58 54.42 37.06 39.58
C ASP D 58 53.32 37.07 40.63
N PRO D 59 52.79 38.24 40.98
CA PRO D 59 51.80 38.31 42.08
C PRO D 59 50.55 37.49 41.82
N LEU D 60 50.09 37.43 40.57
CA LEU D 60 48.84 36.75 40.25
C LEU D 60 49.00 35.25 40.09
N GLY D 61 50.22 34.73 40.17
CA GLY D 61 50.43 33.30 39.99
C GLY D 61 50.02 32.81 38.62
N LEU D 62 50.33 33.57 37.57
CA LEU D 62 49.92 33.20 36.23
C LEU D 62 50.77 32.07 35.67
N SER D 63 51.92 31.78 36.27
CA SER D 63 52.83 30.76 35.78
C SER D 63 52.46 29.36 36.28
N ASP D 64 51.20 29.15 36.70
CA ASP D 64 50.77 27.87 37.22
C ASP D 64 49.51 27.35 36.53
N ILE D 65 49.08 27.98 35.44
CA ILE D 65 47.92 27.49 34.71
C ILE D 65 48.26 26.14 34.09
N GLY D 66 47.38 25.16 34.30
CA GLY D 66 47.63 23.84 33.76
C GLY D 66 47.38 23.68 32.28
N PHE D 67 46.83 24.70 31.63
CA PHE D 67 46.54 24.61 30.20
C PHE D 67 47.83 24.68 29.40
N ASP D 68 48.03 23.67 28.54
CA ASP D 68 49.16 23.66 27.63
C ASP D 68 48.80 24.50 26.42
N PHE D 69 49.38 25.69 26.31
CA PHE D 69 48.99 26.63 25.27
C PHE D 69 49.43 26.21 23.88
N THR D 70 50.26 25.18 23.76
CA THR D 70 50.54 24.63 22.43
C THR D 70 49.27 24.10 21.78
N TYR D 71 48.27 23.72 22.59
CA TYR D 71 46.99 23.29 22.06
C TYR D 71 46.21 24.43 21.42
N LEU D 72 46.60 25.68 21.67
CA LEU D 72 46.06 26.78 20.88
C LEU D 72 46.56 26.74 19.44
N MET D 73 47.69 26.09 19.20
CA MET D 73 48.22 25.92 17.86
C MET D 73 47.76 24.59 17.26
N VAL D 74 48.14 23.49 17.90
CA VAL D 74 47.68 22.16 17.50
C VAL D 74 46.56 21.77 18.45
N PRO D 75 45.29 21.92 18.05
CA PRO D 75 44.19 21.75 19.02
C PRO D 75 44.13 20.37 19.64
N THR D 76 44.56 19.34 18.94
CA THR D 76 44.55 17.98 19.46
C THR D 76 45.95 17.56 19.85
N LYS D 77 46.02 16.48 20.65
CA LYS D 77 47.31 15.91 21.02
C LYS D 77 48.11 15.50 19.80
N TRP D 78 47.41 15.05 18.74
CA TRP D 78 48.01 14.73 17.44
C TRP D 78 49.06 13.63 17.55
N ASP D 79 50.16 13.90 18.24
CA ASP D 79 51.25 12.95 18.39
C ASP D 79 51.14 12.23 19.73
N GLU D 80 51.42 10.93 19.72
CA GLU D 80 51.41 10.17 20.97
C GLU D 80 52.60 10.50 21.85
N SER D 81 53.64 11.10 21.29
CA SER D 81 54.81 11.53 22.05
C SER D 81 54.68 12.95 22.60
N ARG D 82 53.53 13.59 22.38
CA ARG D 82 53.32 14.95 22.87
C ARG D 82 53.09 14.94 24.38
N THR D 83 54.18 14.96 25.15
CA THR D 83 54.06 14.95 26.60
C THR D 83 53.38 16.22 27.09
N GLY D 84 53.69 17.36 26.48
CA GLY D 84 53.07 18.61 26.86
C GLY D 84 54.10 19.69 27.16
N LEU D 85 53.67 20.95 27.08
CA LEU D 85 54.54 22.08 27.36
C LEU D 85 53.99 22.87 28.53
N SER D 86 54.84 23.17 29.50
CA SER D 86 54.42 23.94 30.66
C SER D 86 54.01 25.35 30.24
N ALA D 87 53.02 25.90 30.94
CA ALA D 87 52.58 27.25 30.65
C ALA D 87 53.69 28.26 30.89
N LEU D 88 54.62 27.96 31.81
CA LEU D 88 55.73 28.87 32.07
C LEU D 88 56.65 29.00 30.86
N LYS D 89 56.96 27.88 30.19
CA LYS D 89 57.82 27.95 29.03
C LYS D 89 57.14 28.68 27.87
N TRP D 90 55.85 28.43 27.67
CA TRP D 90 55.10 29.16 26.66
C TRP D 90 55.09 30.65 26.97
N PHE D 91 54.91 31.01 28.23
CA PHE D 91 54.93 32.41 28.62
C PHE D 91 56.30 33.04 28.41
N ARG D 92 57.37 32.28 28.67
CA ARG D 92 58.71 32.79 28.41
C ARG D 92 58.93 33.04 26.93
N GLU D 93 58.51 32.10 26.08
CA GLU D 93 58.61 32.31 24.64
C GLU D 93 57.81 33.52 24.20
N ALA D 94 56.59 33.66 24.73
CA ALA D 94 55.75 34.81 24.39
C ALA D 94 56.37 36.11 24.86
N GLU D 95 56.99 36.12 26.05
CA GLU D 95 57.62 37.32 26.56
C GLU D 95 58.82 37.71 25.72
N ILE D 96 59.65 36.75 25.33
CA ILE D 96 60.80 37.05 24.48
C ILE D 96 60.33 37.59 23.13
N LYS D 97 59.33 36.95 22.54
CA LYS D 97 58.80 37.41 21.25
C LYS D 97 58.22 38.81 21.36
N HIS D 98 57.46 39.06 22.44
CA HIS D 98 56.90 40.39 22.68
C HIS D 98 58.00 41.43 22.82
N GLY D 99 59.06 41.08 23.55
CA GLY D 99 60.16 42.02 23.73
C GLY D 99 60.85 42.36 22.42
N ARG D 100 61.13 41.35 21.60
CA ARG D 100 61.75 41.62 20.30
C ARG D 100 60.84 42.47 19.42
N PHE D 101 59.54 42.13 19.38
CA PHE D 101 58.60 42.91 18.60
C PHE D 101 58.56 44.36 19.08
N ALA D 102 58.54 44.57 20.40
CA ALA D 102 58.44 45.92 20.94
C ALA D 102 59.71 46.72 20.69
N MET D 103 60.87 46.06 20.78
CA MET D 103 62.13 46.76 20.50
C MET D 103 62.17 47.23 19.04
N LEU D 104 61.86 46.33 18.12
CA LEU D 104 61.81 46.74 16.70
C LEU D 104 60.75 47.79 16.48
N ALA D 105 59.61 47.69 17.17
CA ALA D 105 58.52 48.62 16.99
C ALA D 105 58.90 50.02 17.46
N VAL D 106 59.52 50.13 18.63
CA VAL D 106 59.92 51.45 19.11
C VAL D 106 61.00 52.04 18.21
N LEU D 107 61.91 51.19 17.71
CA LEU D 107 62.90 51.69 16.75
C LEU D 107 62.22 52.27 15.52
N GLY D 108 61.24 51.55 14.97
CA GLY D 108 60.55 52.04 13.78
C GLY D 108 59.74 53.29 14.05
N TRP D 109 59.00 53.33 15.16
CA TRP D 109 58.18 54.48 15.48
C TRP D 109 59.03 55.71 15.72
N VAL D 110 60.16 55.56 16.41
CA VAL D 110 61.07 56.68 16.61
C VAL D 110 61.68 57.11 15.28
N ALA D 111 61.98 56.16 14.40
CA ALA D 111 62.57 56.50 13.10
C ALA D 111 61.62 57.37 12.28
N VAL D 112 60.34 57.01 12.22
CA VAL D 112 59.38 57.77 11.41
C VAL D 112 58.98 59.09 12.05
N ASP D 113 59.34 59.32 13.31
CA ASP D 113 59.12 60.62 13.92
C ASP D 113 60.18 61.62 13.49
N MET D 114 61.42 61.16 13.29
CA MET D 114 62.53 62.02 12.89
C MET D 114 62.82 61.95 11.39
N GLY D 115 61.83 61.55 10.60
CA GLY D 115 62.01 61.44 9.15
C GLY D 115 62.32 60.01 8.75
N LEU D 116 63.42 59.82 8.02
CA LEU D 116 63.95 58.50 7.68
C LEU D 116 62.88 57.66 6.96
N ARG D 117 62.56 58.10 5.75
CA ARG D 117 61.63 57.40 4.89
C ARG D 117 62.37 56.50 3.92
N LEU D 118 61.71 55.42 3.50
CA LEU D 118 62.35 54.46 2.61
C LEU D 118 62.65 55.11 1.25
N PRO D 119 63.80 54.79 0.65
CA PRO D 119 64.16 55.42 -0.63
C PRO D 119 63.29 54.93 -1.78
N VAL D 120 62.00 55.30 -1.72
CA VAL D 120 61.03 54.92 -2.73
C VAL D 120 59.85 55.86 -2.60
N ALA D 121 59.02 55.93 -3.65
CA ALA D 121 57.84 56.78 -3.63
C ALA D 121 56.84 56.28 -2.60
N LYS D 122 55.69 56.95 -2.54
CA LYS D 122 54.49 56.57 -1.78
C LYS D 122 54.73 56.47 -0.28
N TYR D 123 55.93 56.82 0.18
CA TYR D 123 56.24 56.95 1.60
C TYR D 123 56.71 58.38 1.81
N ALA D 124 55.76 59.32 1.95
CA ALA D 124 56.15 60.73 2.01
C ALA D 124 56.48 61.19 3.42
N GLY D 125 55.46 61.37 4.26
CA GLY D 125 55.69 61.86 5.61
C GLY D 125 54.67 61.48 6.67
N TYR D 126 53.72 60.61 6.34
CA TYR D 126 52.47 60.59 7.09
C TYR D 126 52.62 59.95 8.47
N ASN D 127 53.50 60.53 9.30
CA ASN D 127 53.72 60.19 10.70
C ASN D 127 53.69 58.69 10.97
N ALA D 128 53.33 58.32 12.21
CA ALA D 128 53.12 56.93 12.57
C ALA D 128 51.70 56.64 13.02
N VAL D 129 50.97 57.65 13.49
CA VAL D 129 49.58 57.46 13.90
C VAL D 129 48.66 57.33 12.69
N GLN D 130 49.13 57.70 11.50
CA GLN D 130 48.33 57.61 10.29
C GLN D 130 48.98 56.81 9.17
N ALA D 131 50.29 56.53 9.25
CA ALA D 131 50.93 55.75 8.21
C ALA D 131 50.41 54.31 8.18
N HIS D 132 50.06 53.76 9.34
CA HIS D 132 49.57 52.40 9.40
C HIS D 132 48.33 52.21 8.53
N ASP D 133 47.35 53.10 8.68
CA ASP D 133 46.11 52.96 7.91
C ASP D 133 46.33 53.21 6.43
N VAL D 134 47.11 54.24 6.08
CA VAL D 134 47.30 54.57 4.67
C VAL D 134 48.08 53.47 3.97
N PHE D 135 48.96 52.76 4.69
CA PHE D 135 49.68 51.66 4.06
C PHE D 135 48.88 50.38 4.06
N VAL D 136 47.99 50.19 5.05
CA VAL D 136 47.02 49.09 4.97
C VAL D 136 46.15 49.27 3.73
N LYS D 137 45.81 50.51 3.42
CA LYS D 137 45.08 50.80 2.18
C LYS D 137 45.93 50.44 0.95
N SER D 138 47.21 50.77 0.98
CA SER D 138 48.06 50.59 -0.20
C SER D 138 48.74 49.22 -0.23
N GLY D 139 47.95 48.17 0.02
CA GLY D 139 48.29 46.81 -0.33
C GLY D 139 49.64 46.22 0.07
N ASP D 140 50.43 46.93 0.89
CA ASP D 140 51.73 46.41 1.30
C ASP D 140 51.76 45.96 2.74
N MET D 141 50.90 46.49 3.60
CA MET D 141 50.75 45.93 4.93
C MET D 141 50.21 44.51 4.86
N THR D 142 49.42 44.19 3.85
CA THR D 142 49.00 42.80 3.64
C THR D 142 50.19 41.91 3.29
N VAL D 143 51.11 42.41 2.46
CA VAL D 143 52.31 41.66 2.15
C VAL D 143 53.16 41.45 3.40
N GLY D 144 53.29 42.50 4.22
CA GLY D 144 54.00 42.36 5.48
C GLY D 144 53.34 41.36 6.40
N LEU D 145 52.01 41.36 6.43
CA LEU D 145 51.27 40.37 7.22
C LEU D 145 51.57 38.96 6.74
N LEU D 146 51.59 38.75 5.42
CA LEU D 146 51.86 37.43 4.88
C LEU D 146 53.27 36.97 5.23
N ALA D 147 54.26 37.85 5.08
CA ALA D 147 55.64 37.47 5.35
C ALA D 147 55.85 37.19 6.84
N ILE D 148 55.34 38.07 7.69
CA ILE D 148 55.47 37.88 9.14
C ILE D 148 54.75 36.61 9.55
N GLY D 149 53.60 36.33 8.95
CA GLY D 149 52.88 35.10 9.26
C GLY D 149 53.63 33.86 8.83
N PHE D 150 54.32 33.92 7.69
CA PHE D 150 55.15 32.80 7.26
C PHE D 150 56.26 32.52 8.28
N LEU D 151 56.97 33.57 8.68
CA LEU D 151 58.02 33.39 9.69
C LEU D 151 57.45 32.90 11.02
N GLU D 152 56.31 33.45 11.41
CA GLU D 152 55.66 33.04 12.66
C GLU D 152 55.24 31.59 12.61
N VAL D 153 54.76 31.13 11.47
CA VAL D 153 54.34 29.73 11.34
C VAL D 153 55.54 28.80 11.45
N VAL D 154 56.66 29.17 10.82
CA VAL D 154 57.86 28.32 10.93
C VAL D 154 58.32 28.25 12.38
N MET D 155 58.43 29.40 13.04
CA MET D 155 58.93 29.39 14.41
C MET D 155 57.90 28.84 15.40
N GLY D 156 56.61 28.88 15.06
CA GLY D 156 55.62 28.20 15.87
C GLY D 156 55.67 26.69 15.70
N ALA D 157 56.07 26.23 14.52
CA ALA D 157 56.39 24.82 14.38
C ALA D 157 57.56 24.45 15.27
N ALA D 158 58.52 25.37 15.41
CA ALA D 158 59.59 25.16 16.39
C ALA D 158 59.03 25.05 17.81
N ILE D 159 58.09 25.93 18.16
CA ILE D 159 57.48 25.88 19.49
C ILE D 159 56.75 24.54 19.69
N TYR D 160 56.04 24.08 18.66
CA TYR D 160 55.33 22.82 18.76
C TYR D 160 56.28 21.65 18.92
N GLU D 161 57.42 21.67 18.23
CA GLU D 161 58.41 20.62 18.44
C GLU D 161 58.96 20.66 19.86
N MET D 162 59.16 21.87 20.41
CA MET D 162 59.55 22.00 21.80
C MET D 162 58.53 21.36 22.72
N SER D 163 57.24 21.56 22.44
CA SER D 163 56.20 20.89 23.22
C SER D 163 56.28 19.39 23.05
N LYS D 164 56.59 18.91 21.84
CA LYS D 164 56.76 17.49 21.60
C LYS D 164 57.92 16.93 22.41
N GLY D 165 58.89 17.77 22.75
CA GLY D 165 59.97 17.33 23.62
C GLY D 165 61.36 17.54 23.06
N SER D 166 61.51 18.48 22.13
CA SER D 166 62.83 18.84 21.64
C SER D 166 63.58 19.63 22.71
N ASP D 167 64.91 19.55 22.68
CA ASP D 167 65.74 20.22 23.68
C ASP D 167 65.76 21.74 23.50
N ARG D 168 65.20 22.26 22.41
CA ARG D 168 65.22 23.69 22.17
C ARG D 168 64.52 24.44 23.30
N ALA D 169 65.16 25.49 23.78
CA ALA D 169 64.60 26.32 24.84
C ALA D 169 63.75 27.44 24.24
N ALA D 170 62.95 28.06 25.10
CA ALA D 170 62.04 29.12 24.65
C ALA D 170 62.83 30.31 24.10
N GLY D 171 62.43 30.78 22.93
CA GLY D 171 63.07 31.90 22.29
C GLY D 171 64.39 31.61 21.63
N GLU D 172 64.83 30.35 21.61
CA GLU D 172 66.12 29.96 21.05
C GLU D 172 65.90 29.48 19.62
N PHE D 173 66.16 30.36 18.66
CA PHE D 173 66.11 30.02 17.24
C PHE D 173 67.49 29.81 16.65
N SER D 174 68.53 29.75 17.49
CA SER D 174 69.91 29.49 17.06
C SER D 174 70.35 30.53 16.02
N PHE D 175 69.93 31.78 16.21
CA PHE D 175 70.24 32.86 15.28
C PHE D 175 71.40 33.67 15.86
N ASP D 176 72.62 33.26 15.53
CA ASP D 176 73.83 33.98 15.91
C ASP D 176 74.75 34.08 14.69
N PRO D 177 74.37 34.89 13.69
CA PRO D 177 75.18 34.99 12.48
C PRO D 177 76.51 35.70 12.72
N LEU D 178 76.46 36.84 13.41
CA LEU D 178 77.69 37.59 13.67
C LEU D 178 78.56 36.92 14.73
N GLY D 179 77.99 36.04 15.54
CA GLY D 179 78.79 35.24 16.44
C GLY D 179 79.06 35.83 17.80
N LEU D 180 78.33 36.87 18.21
CA LEU D 180 78.52 37.41 19.57
C LEU D 180 77.64 36.67 20.58
N GLY D 181 77.66 35.34 20.52
CA GLY D 181 76.80 34.53 21.35
C GLY D 181 77.53 33.40 22.03
N LYS D 182 78.82 33.29 21.77
CA LYS D 182 79.66 32.29 22.43
C LYS D 182 80.01 32.80 23.82
N ASP D 183 80.96 32.13 24.48
CA ASP D 183 81.33 32.46 25.86
C ASP D 183 80.09 32.43 26.75
N PRO D 184 79.60 31.22 27.12
CA PRO D 184 78.31 31.06 27.81
C PRO D 184 77.95 32.15 28.81
N SER D 185 78.93 32.69 29.54
CA SER D 185 78.66 33.82 30.42
C SER D 185 78.12 35.00 29.65
N LYS D 186 78.72 35.31 28.49
CA LYS D 186 78.21 36.37 27.63
C LYS D 186 76.81 36.04 27.14
N TYR D 187 76.55 34.77 26.82
CA TYR D 187 75.22 34.40 26.36
C TYR D 187 74.17 34.61 27.45
N ALA D 188 74.48 34.24 28.69
CA ALA D 188 73.54 34.44 29.78
C ALA D 188 73.30 35.93 30.05
N ARG D 189 74.39 36.71 30.05
CA ARG D 189 74.24 38.15 30.25
C ARG D 189 73.40 38.77 29.15
N TYR D 190 73.64 38.38 27.89
CA TYR D 190 72.86 38.89 26.77
C TYR D 190 71.42 38.42 26.84
N GLN D 191 71.18 37.20 27.35
CA GLN D 191 69.81 36.76 27.58
C GLN D 191 69.10 37.71 28.52
N VAL D 192 69.57 37.80 29.76
CA VAL D 192 68.92 38.67 30.75
C VAL D 192 68.79 40.08 30.20
N SER D 193 69.79 40.54 29.45
CA SER D 193 69.72 41.85 28.81
C SER D 193 68.56 41.94 27.84
N GLU D 194 68.38 40.91 27.02
CA GLU D 194 67.32 40.93 26.01
C GLU D 194 65.94 40.93 26.67
N ILE D 195 65.75 40.11 27.69
CA ILE D 195 64.43 40.07 28.34
C ILE D 195 64.15 41.38 29.07
N LYS D 196 65.14 41.94 29.78
CA LYS D 196 64.90 43.21 30.46
C LYS D 196 64.64 44.34 29.47
N ASN D 197 65.42 44.39 28.38
CA ASN D 197 65.20 45.39 27.34
C ASN D 197 63.84 45.21 26.69
N GLY D 198 63.40 43.96 26.54
CA GLY D 198 62.08 43.72 25.97
C GLY D 198 60.96 44.22 26.87
N ARG D 199 61.09 44.00 28.18
CA ARG D 199 60.10 44.55 29.10
C ARG D 199 60.06 46.08 29.02
N LEU D 200 61.26 46.69 29.05
CA LEU D 200 61.34 48.14 28.94
C LEU D 200 60.73 48.63 27.63
N ALA D 201 60.99 47.92 26.54
CA ALA D 201 60.47 48.34 25.24
C ALA D 201 58.97 48.14 25.12
N MET D 202 58.44 47.08 25.73
CA MET D 202 56.99 46.91 25.78
C MET D 202 56.34 48.10 26.45
N LEU D 203 56.83 48.46 27.65
CA LEU D 203 56.24 49.58 28.38
C LEU D 203 56.45 50.89 27.63
N ALA D 204 57.62 51.07 27.02
CA ALA D 204 57.90 52.29 26.29
C ALA D 204 57.01 52.43 25.06
N PHE D 205 56.77 51.32 24.34
CA PHE D 205 55.87 51.38 23.20
C PHE D 205 54.44 51.65 23.64
N GLY D 206 54.02 51.06 24.76
CA GLY D 206 52.71 51.39 25.30
C GLY D 206 52.56 52.87 25.56
N GLY D 207 53.58 53.46 26.19
CA GLY D 207 53.55 54.90 26.43
C GLY D 207 53.55 55.70 25.15
N ILE D 208 54.41 55.34 24.20
CA ILE D 208 54.55 56.10 22.96
C ILE D 208 53.25 56.08 22.18
N ALA D 209 52.63 54.90 22.05
CA ALA D 209 51.36 54.82 21.34
C ALA D 209 50.25 55.49 22.11
N THR D 210 50.27 55.43 23.44
CA THR D 210 49.25 56.12 24.22
C THR D 210 49.44 57.63 24.19
N GLN D 211 50.69 58.10 24.33
CA GLN D 211 50.98 59.52 24.31
C GLN D 211 50.94 60.13 22.91
N ALA D 212 50.93 59.29 21.87
CA ALA D 212 51.13 59.74 20.49
C ALA D 212 52.45 60.52 20.36
N VAL D 213 53.45 60.10 21.14
CA VAL D 213 54.79 60.67 21.16
C VAL D 213 54.78 62.09 21.74
N LEU D 214 55.63 62.32 22.75
CA LEU D 214 55.86 63.65 23.28
C LEU D 214 57.31 64.09 23.16
N THR D 215 58.27 63.17 23.20
CA THR D 215 59.68 63.54 23.15
C THR D 215 60.13 63.99 21.77
N ASN D 216 59.45 63.54 20.70
CA ASN D 216 59.87 63.88 19.34
C ASN D 216 58.74 64.45 18.49
N SER D 217 57.52 64.53 19.01
CA SER D 217 56.39 65.06 18.25
C SER D 217 55.31 65.47 19.24
N GLY D 218 54.14 65.82 18.72
CA GLY D 218 53.06 66.29 19.56
C GLY D 218 51.83 65.39 19.56
N PHE D 219 50.98 65.55 20.57
CA PHE D 219 49.74 64.78 20.68
C PHE D 219 48.80 65.09 19.53
N LEU E 39 24.59 23.40 56.77
CA LEU E 39 25.85 23.33 57.51
C LEU E 39 26.08 21.93 58.06
N ASP E 40 25.80 20.93 57.22
CA ASP E 40 25.88 19.51 57.57
C ASP E 40 26.35 18.76 56.33
N GLY E 41 26.13 17.45 56.32
CA GLY E 41 26.29 16.67 55.11
C GLY E 41 25.10 16.81 54.19
N MET E 42 24.29 17.85 54.43
CA MET E 42 23.11 18.11 53.64
C MET E 42 23.49 18.51 52.22
N ILE E 43 22.57 18.30 51.30
CA ILE E 43 22.75 18.69 49.91
C ILE E 43 22.55 20.19 49.78
N GLY E 44 23.37 20.82 48.94
CA GLY E 44 23.24 22.24 48.71
C GLY E 44 24.52 23.02 48.92
N SER E 45 25.61 22.31 49.20
CA SER E 45 26.91 22.93 49.42
C SER E 45 27.66 23.03 48.10
N SER E 46 27.91 24.24 47.64
CA SER E 46 28.56 24.49 46.36
C SER E 46 29.94 25.09 46.57
N ALA E 47 30.66 25.26 45.45
CA ALA E 47 32.05 25.69 45.51
C ALA E 47 32.25 27.08 46.11
N PRO E 48 31.51 28.13 45.71
CA PRO E 48 31.88 29.48 46.20
C PRO E 48 31.89 29.60 47.71
N PHE E 49 30.93 28.98 48.39
CA PHE E 49 30.87 29.05 49.85
C PHE E 49 30.30 27.70 50.32
N LYS E 50 31.19 26.78 50.66
CA LYS E 50 30.77 25.46 51.12
C LYS E 50 30.21 25.58 52.54
N ASN E 51 29.05 24.97 52.77
CA ASN E 51 28.38 25.00 54.05
C ASN E 51 28.22 26.43 54.55
N PHE E 52 27.51 27.22 53.75
CA PHE E 52 27.38 28.66 53.96
C PHE E 52 26.43 28.93 55.11
N ASP E 53 26.98 29.02 56.32
CA ASP E 53 26.25 29.44 57.50
C ASP E 53 27.10 30.44 58.28
N PRO E 54 27.32 31.64 57.72
CA PRO E 54 28.16 32.62 58.42
C PRO E 54 27.61 33.05 59.76
N LEU E 55 26.29 33.10 59.92
CA LEU E 55 25.67 33.51 61.17
C LEU E 55 25.37 32.35 62.11
N GLY E 56 25.74 31.13 61.72
CA GLY E 56 25.59 29.98 62.61
C GLY E 56 24.17 29.64 62.96
N PHE E 57 23.25 29.75 62.00
CA PHE E 57 21.86 29.36 62.27
C PHE E 57 21.72 27.86 62.45
N ALA E 58 22.56 27.08 61.78
CA ALA E 58 22.46 25.63 61.80
C ALA E 58 23.39 24.96 62.80
N ALA E 59 24.39 25.68 63.31
CA ALA E 59 25.34 25.08 64.24
C ALA E 59 24.68 24.66 65.55
N LYS E 60 23.57 25.30 65.92
CA LYS E 60 22.88 24.99 67.16
C LYS E 60 21.54 24.27 66.97
N ALA E 61 20.98 24.31 65.76
CA ALA E 61 19.68 23.71 65.53
C ALA E 61 19.78 22.19 65.47
N ASP E 62 18.72 21.52 65.87
CA ASP E 62 18.63 20.07 65.80
C ASP E 62 18.23 19.64 64.40
N GLN E 63 17.98 18.35 64.20
CA GLN E 63 17.64 17.85 62.88
C GLN E 63 16.27 18.34 62.43
N LYS E 64 15.32 18.44 63.35
CA LYS E 64 13.97 18.89 62.97
C LYS E 64 13.97 20.32 62.50
N THR E 65 14.68 21.20 63.21
CA THR E 65 14.77 22.60 62.79
C THR E 65 15.47 22.73 61.45
N LEU E 66 16.49 21.91 61.21
CA LEU E 66 17.19 21.95 59.93
C LEU E 66 16.30 21.44 58.80
N ASN E 67 15.49 20.42 59.07
CA ASN E 67 14.53 19.98 58.07
C ASN E 67 13.52 21.09 57.76
N LYS E 68 13.08 21.79 58.79
CA LYS E 68 12.18 22.93 58.57
C LYS E 68 12.85 24.01 57.73
N TYR E 69 14.13 24.29 58.02
CA TYR E 69 14.87 25.30 57.25
C TYR E 69 15.00 24.88 55.79
N ARG E 70 15.30 23.60 55.54
CA ARG E 70 15.40 23.13 54.17
C ARG E 70 14.07 23.20 53.45
N GLU E 71 12.98 22.84 54.14
CA GLU E 71 11.66 22.96 53.54
C GLU E 71 11.36 24.40 53.15
N SER E 72 11.64 25.34 54.06
CA SER E 72 11.40 26.75 53.78
C SER E 72 12.24 27.23 52.62
N GLU E 73 13.52 26.85 52.59
CA GLU E 73 14.40 27.29 51.51
C GLU E 73 13.93 26.75 50.17
N LEU E 74 13.56 25.47 50.10
CA LEU E 74 13.12 24.90 48.84
C LEU E 74 11.80 25.50 48.37
N LYS E 75 10.86 25.70 49.29
CA LYS E 75 9.60 26.32 48.91
C LYS E 75 9.82 27.75 48.42
N HIS E 76 10.65 28.51 49.12
CA HIS E 76 10.95 29.88 48.69
C HIS E 76 11.62 29.88 47.32
N GLY E 77 12.56 28.96 47.11
CA GLY E 77 13.25 28.91 45.82
C GLY E 77 12.32 28.59 44.68
N ARG E 78 11.45 27.59 44.87
CA ARG E 78 10.52 27.22 43.81
C ARG E 78 9.53 28.35 43.51
N VAL E 79 8.98 28.95 44.57
CA VAL E 79 8.04 30.06 44.38
C VAL E 79 8.74 31.23 43.70
N ALA E 80 10.02 31.46 44.02
CA ALA E 80 10.74 32.58 43.44
C ALA E 80 11.08 32.32 41.98
N MET E 81 11.43 31.08 41.63
CA MET E 81 11.64 30.75 40.22
C MET E 81 10.37 30.99 39.42
N LEU E 82 9.24 30.51 39.93
CA LEU E 82 7.97 30.77 39.26
C LEU E 82 7.69 32.26 39.16
N ALA E 83 7.98 33.00 40.23
CA ALA E 83 7.69 34.44 40.26
C ALA E 83 8.55 35.20 39.27
N VAL E 84 9.83 34.86 39.16
CA VAL E 84 10.71 35.55 38.22
C VAL E 84 10.27 35.26 36.78
N LEU E 85 10.02 33.98 36.48
CA LEU E 85 9.58 33.63 35.13
C LEU E 85 8.28 34.34 34.78
N GLY E 86 7.33 34.36 35.73
CA GLY E 86 6.08 35.05 35.49
C GLY E 86 6.26 36.55 35.32
N TRP E 87 7.12 37.15 36.14
CA TRP E 87 7.40 38.57 36.01
C TRP E 87 7.83 38.91 34.59
N ILE E 88 8.85 38.21 34.09
CA ILE E 88 9.37 38.53 32.76
C ILE E 88 8.32 38.25 31.69
N VAL E 89 7.74 37.04 31.72
CA VAL E 89 6.83 36.64 30.65
C VAL E 89 5.61 37.55 30.62
N GLN E 90 5.03 37.84 31.79
CA GLN E 90 3.94 38.80 31.87
C GLN E 90 4.35 40.14 31.28
N GLU E 91 5.59 40.56 31.54
CA GLU E 91 6.02 41.85 31.01
C GLU E 91 6.00 41.86 29.49
N PHE E 92 6.49 40.80 28.84
CA PHE E 92 6.49 40.81 27.38
C PHE E 92 5.44 39.90 26.76
N TRP E 93 4.53 39.33 27.54
CA TRP E 93 3.44 38.54 26.97
C TRP E 93 2.33 38.37 28.01
N HIS E 94 1.16 38.93 27.75
CA HIS E 94 -0.01 38.73 28.60
C HIS E 94 -1.23 38.43 27.73
N PRO E 95 -1.26 37.25 27.10
CA PRO E 95 -2.38 36.92 26.20
C PRO E 95 -3.73 36.84 26.89
N LEU E 96 -3.76 36.43 28.16
CA LEU E 96 -5.03 36.21 28.84
C LEU E 96 -5.71 37.53 29.17
N TYR E 97 -6.98 37.43 29.55
CA TYR E 97 -7.80 38.59 29.92
C TYR E 97 -7.96 39.58 28.78
N ASP E 98 -7.95 39.07 27.55
CA ASP E 98 -8.12 39.86 26.34
C ASP E 98 -7.20 41.07 26.34
N GLY E 99 -5.90 40.79 26.40
CA GLY E 99 -4.94 41.85 26.63
C GLY E 99 -5.20 42.47 27.98
N LYS E 100 -5.23 43.80 28.03
CA LYS E 100 -5.46 44.57 29.25
C LYS E 100 -4.46 44.07 30.31
N LEU E 101 -4.80 44.21 31.59
CA LEU E 101 -3.99 43.65 32.68
C LEU E 101 -2.54 44.11 32.56
N SER E 102 -2.37 45.42 32.76
CA SER E 102 -1.15 46.14 32.39
C SER E 102 0.11 45.33 32.64
N SER E 103 1.02 45.37 31.66
CA SER E 103 2.17 44.48 31.64
C SER E 103 3.08 44.66 32.85
N ASN E 104 3.00 45.80 33.52
CA ASN E 104 3.82 46.02 34.71
C ASN E 104 3.26 45.18 35.85
N PRO E 105 4.04 44.26 36.43
CA PRO E 105 3.59 43.57 37.63
C PRO E 105 3.46 44.54 38.79
N LEU E 106 2.79 44.07 39.86
CA LEU E 106 2.41 44.88 41.01
C LEU E 106 1.34 45.91 40.62
N LYS E 107 1.01 45.96 39.33
CA LYS E 107 -0.15 46.69 38.84
C LYS E 107 -1.24 45.75 38.34
N ALA E 108 -0.87 44.68 37.64
CA ALA E 108 -1.82 43.62 37.33
C ALA E 108 -2.23 42.85 38.58
N LEU E 109 -1.47 42.97 39.67
CA LEU E 109 -1.87 42.35 40.92
C LEU E 109 -3.20 42.89 41.41
N THR E 110 -3.49 44.16 41.13
CA THR E 110 -4.74 44.80 41.52
C THR E 110 -5.74 44.88 40.38
N GLU E 111 -5.51 44.14 39.29
CA GLU E 111 -6.42 44.14 38.15
C GLU E 111 -7.04 42.79 37.86
N VAL E 112 -6.52 41.70 38.42
CA VAL E 112 -7.14 40.38 38.22
C VAL E 112 -8.54 40.40 38.84
N PRO E 113 -9.54 39.75 38.22
CA PRO E 113 -10.93 39.88 38.67
C PRO E 113 -11.21 39.64 40.15
N LEU E 114 -10.21 39.17 40.91
CA LEU E 114 -10.28 38.97 42.35
C LEU E 114 -11.14 37.75 42.67
N ILE E 115 -11.81 37.20 41.66
CA ILE E 115 -12.39 35.87 41.75
C ILE E 115 -11.46 34.84 41.11
N GLY E 116 -10.56 35.26 40.23
CA GLY E 116 -9.47 34.41 39.82
C GLY E 116 -8.35 34.35 40.85
N TRP E 117 -8.20 35.41 41.66
CA TRP E 117 -7.28 35.34 42.78
C TRP E 117 -7.71 34.28 43.78
N ALA E 118 -9.01 34.20 44.05
CA ALA E 118 -9.51 33.23 45.02
C ALA E 118 -9.23 31.80 44.56
N GLN E 119 -9.40 31.53 43.27
CA GLN E 119 -9.18 30.19 42.76
C GLN E 119 -7.70 29.81 42.82
N ILE E 120 -6.81 30.74 42.50
CA ILE E 120 -5.37 30.49 42.64
C ILE E 120 -5.02 30.22 44.10
N PHE E 121 -5.58 31.02 45.01
CA PHE E 121 -5.34 30.83 46.43
C PHE E 121 -5.82 29.46 46.88
N VAL E 122 -7.01 29.05 46.45
CA VAL E 122 -7.56 27.76 46.85
C VAL E 122 -6.74 26.62 46.27
N ALA E 123 -6.25 26.77 45.03
CA ALA E 123 -5.42 25.72 44.44
C ALA E 123 -4.10 25.58 45.18
N ILE E 124 -3.47 26.71 45.52
CA ILE E 124 -2.23 26.65 46.30
C ILE E 124 -2.49 26.00 47.66
N ASN E 125 -3.64 26.33 48.26
CA ASN E 125 -3.99 25.77 49.55
C ASN E 125 -4.18 24.26 49.48
N VAL E 126 -4.87 23.78 48.44
CA VAL E 126 -5.07 22.34 48.29
C VAL E 126 -3.75 21.65 48.03
N ILE E 127 -2.87 22.28 47.24
CA ILE E 127 -1.55 21.70 46.98
C ILE E 127 -0.76 21.57 48.27
N GLU E 128 -0.81 22.60 49.13
CA GLU E 128 -0.06 22.53 50.37
C GLU E 128 -0.71 21.61 51.39
N TYR E 129 -2.03 21.43 51.33
CA TYR E 129 -2.66 20.38 52.12
C TYR E 129 -2.16 19.00 51.70
N LEU E 130 -2.03 18.78 50.39
CA LEU E 130 -1.48 17.52 49.91
C LEU E 130 -0.03 17.37 50.33
N GLN E 131 0.74 18.45 50.32
CA GLN E 131 2.12 18.40 50.78
C GLN E 131 2.19 18.05 52.27
N ASN E 132 1.29 18.63 53.06
CA ASN E 132 1.23 18.28 54.47
C ASN E 132 0.93 16.80 54.66
N LYS E 133 0.00 16.26 53.87
CA LYS E 133 -0.30 14.83 53.93
C LYS E 133 0.93 14.01 53.53
N ILE E 134 1.69 14.48 52.54
CA ILE E 134 2.91 13.80 52.14
C ILE E 134 3.92 13.77 53.28
N LYS E 135 4.00 14.87 54.03
CA LYS E 135 5.02 15.01 55.07
C LYS E 135 4.95 13.93 56.14
N GLU E 136 3.80 13.27 56.30
CA GLU E 136 3.67 12.20 57.29
C GLU E 136 3.92 10.82 56.69
N LEU E 137 4.21 10.72 55.40
CA LEU E 137 4.54 9.43 54.82
C LEU E 137 5.89 8.96 55.36
N PRO E 138 6.05 7.66 55.61
CA PRO E 138 7.30 7.17 56.18
C PRO E 138 8.49 7.44 55.27
N GLY E 139 9.63 7.76 55.88
CA GLY E 139 10.83 8.06 55.13
C GLY E 139 10.82 9.40 54.44
N TYR E 140 9.97 10.32 54.88
CA TYR E 140 9.86 11.63 54.22
C TYR E 140 11.13 12.43 54.38
N ARG E 141 11.54 13.10 53.30
CA ARG E 141 12.67 14.02 53.27
C ARG E 141 12.17 15.45 53.14
N PRO E 142 12.89 16.44 53.69
CA PRO E 142 12.33 17.78 53.86
C PRO E 142 11.63 18.37 52.64
N GLY E 143 12.35 18.54 51.54
CA GLY E 143 11.76 19.12 50.35
C GLY E 143 11.25 18.14 49.33
N ASP E 144 11.31 16.84 49.62
CA ASP E 144 10.99 15.80 48.65
C ASP E 144 9.49 15.52 48.70
N TYR E 145 8.75 16.10 47.74
CA TYR E 145 7.33 15.81 47.61
C TYR E 145 7.04 14.82 46.50
N LEU E 146 8.05 14.45 45.72
CA LEU E 146 7.92 13.37 44.73
C LEU E 146 8.15 12.00 45.34
N GLY E 147 8.64 11.93 46.58
CA GLY E 147 8.95 10.66 47.20
C GLY E 147 10.12 9.94 46.58
N THR E 148 11.18 10.68 46.20
CA THR E 148 12.34 10.06 45.58
C THR E 148 13.09 9.14 46.54
N TRP E 149 12.83 9.24 47.84
CA TRP E 149 13.45 8.32 48.79
C TRP E 149 13.01 6.88 48.56
N GLU E 150 11.87 6.68 47.90
CA GLU E 150 11.42 5.33 47.58
C GLU E 150 12.38 4.64 46.61
N TRP E 151 12.87 5.37 45.61
CA TRP E 151 13.79 4.81 44.63
C TRP E 151 15.24 5.10 44.95
N VAL E 152 15.54 6.27 45.52
CA VAL E 152 16.92 6.71 45.73
C VAL E 152 17.33 6.30 47.13
N GLU E 153 17.90 5.10 47.24
CA GLU E 153 18.69 4.70 48.39
C GLU E 153 20.14 4.63 47.93
N GLN E 154 21.06 5.12 48.77
CA GLN E 154 22.46 5.30 48.41
C GLN E 154 22.57 6.24 47.20
N SER E 155 22.22 7.51 47.47
CA SER E 155 22.23 8.53 46.43
C SER E 155 23.60 8.63 45.76
N ASP E 156 23.58 9.04 44.49
CA ASP E 156 24.80 9.17 43.69
C ASP E 156 25.33 10.60 43.82
N GLU E 157 26.34 10.93 43.03
CA GLU E 157 26.80 12.30 42.96
C GLU E 157 25.99 13.11 41.95
N GLY E 158 25.42 12.45 40.95
CA GLY E 158 24.55 13.15 40.01
C GLY E 158 23.26 13.62 40.65
N TRP E 159 22.67 12.79 41.51
CA TRP E 159 21.45 13.18 42.21
C TRP E 159 21.71 14.34 43.16
N ASP E 160 22.79 14.27 43.92
CA ASP E 160 23.14 15.38 44.82
C ASP E 160 23.45 16.63 44.03
N SER E 161 24.15 16.49 42.90
CA SER E 161 24.47 17.65 42.07
C SER E 161 23.21 18.29 41.50
N TYR E 162 22.24 17.47 41.09
CA TYR E 162 20.99 18.04 40.55
C TYR E 162 20.18 18.72 41.64
N GLN E 163 20.14 18.13 42.84
CA GLN E 163 19.46 18.79 43.95
C GLN E 163 20.13 20.12 44.28
N THR E 164 21.47 20.16 44.27
CA THR E 164 22.19 21.40 44.50
C THR E 164 21.91 22.41 43.39
N LYS E 165 21.78 21.94 42.15
CA LYS E 165 21.44 22.83 41.04
C LYS E 165 20.08 23.47 41.27
N GLU E 166 19.09 22.67 41.68
CA GLU E 166 17.78 23.21 41.98
C GLU E 166 17.85 24.22 43.11
N LEU E 167 18.59 23.90 44.16
CA LEU E 167 18.70 24.81 45.30
C LEU E 167 19.37 26.12 44.91
N ASN E 168 20.44 26.06 44.13
CA ASN E 168 21.16 27.26 43.74
C ASN E 168 20.33 28.12 42.79
N ASN E 169 19.63 27.48 41.84
CA ASN E 169 18.73 28.25 40.98
C ASN E 169 17.62 28.89 41.79
N GLY E 170 17.10 28.18 42.79
CA GLY E 170 16.09 28.77 43.66
C GLY E 170 16.61 29.97 44.43
N ARG E 171 17.85 29.88 44.93
CA ARG E 171 18.44 31.00 45.67
C ARG E 171 18.64 32.21 44.77
N LEU E 172 19.15 31.97 43.56
CA LEU E 172 19.33 33.05 42.62
C LEU E 172 18.00 33.69 42.25
N ALA E 173 16.96 32.86 42.09
CA ALA E 173 15.64 33.39 41.80
C ALA E 173 15.05 34.15 42.97
N MET E 174 15.33 33.73 44.21
CA MET E 174 14.89 34.51 45.37
C MET E 174 15.51 35.89 45.37
N VAL E 175 16.82 35.96 45.16
CA VAL E 175 17.48 37.26 45.09
C VAL E 175 16.91 38.08 43.93
N ALA E 176 16.71 37.44 42.78
CA ALA E 176 16.23 38.15 41.61
C ALA E 176 14.82 38.70 41.81
N ILE E 177 13.93 37.92 42.43
CA ILE E 177 12.56 38.39 42.62
C ILE E 177 12.50 39.48 43.68
N ALA E 178 13.34 39.38 44.72
CA ALA E 178 13.42 40.46 45.68
C ALA E 178 13.87 41.75 45.00
N GLY E 179 14.90 41.65 44.15
CA GLY E 179 15.35 42.81 43.41
C GLY E 179 14.30 43.36 42.47
N LEU E 180 13.57 42.47 41.80
CA LEU E 180 12.51 42.88 40.88
C LEU E 180 11.45 43.69 41.62
N ILE E 181 10.96 43.15 42.74
CA ILE E 181 9.89 43.83 43.46
C ILE E 181 10.38 45.17 44.00
N VAL E 182 11.60 45.20 44.55
CA VAL E 182 12.11 46.45 45.11
C VAL E 182 12.31 47.49 44.01
N GLN E 183 12.88 47.09 42.87
CA GLN E 183 13.08 48.03 41.77
C GLN E 183 11.76 48.57 41.25
N ASP E 184 10.76 47.69 41.07
CA ASP E 184 9.47 48.14 40.58
C ASP E 184 8.79 49.05 41.59
N LEU E 185 9.03 48.84 42.88
CA LEU E 185 8.44 49.71 43.89
C LEU E 185 9.09 51.09 43.87
N ILE E 186 10.42 51.14 43.84
CA ILE E 186 11.10 52.44 43.98
C ILE E 186 11.04 53.23 42.67
N THR E 187 11.17 52.56 41.53
CA THR E 187 11.22 53.25 40.25
C THR E 187 9.85 53.37 39.59
N GLY E 188 9.03 52.31 39.67
CA GLY E 188 7.74 52.29 39.02
C GLY E 188 7.72 51.61 37.66
N GLN E 189 8.89 51.28 37.12
CA GLN E 189 8.99 50.58 35.84
C GLN E 189 9.28 49.10 36.07
N ALA E 190 8.88 48.30 35.09
CA ALA E 190 9.10 46.85 35.17
C ALA E 190 10.52 46.52 34.72
N ALA E 191 10.83 45.23 34.71
CA ALA E 191 12.19 44.77 34.43
C ALA E 191 12.67 45.16 33.04
N LEU E 192 12.02 44.63 32.00
CA LEU E 192 12.44 44.93 30.63
C LEU E 192 12.13 46.36 30.23
N GLU E 193 11.27 47.06 30.98
CA GLU E 193 11.03 48.47 30.70
C GLU E 193 12.13 49.35 31.28
N GLN E 194 12.53 49.08 32.52
CA GLN E 194 13.63 49.82 33.13
C GLN E 194 14.94 49.57 32.40
N ILE E 195 15.18 48.32 32.00
CA ILE E 195 16.40 47.99 31.27
C ILE E 195 16.40 48.68 29.91
N THR E 196 15.27 48.68 29.21
CA THR E 196 15.21 49.26 27.87
C THR E 196 15.49 50.76 27.91
N ALA E 197 14.86 51.47 28.85
CA ALA E 197 15.10 52.91 28.97
C ALA E 197 16.53 53.20 29.37
N GLY E 198 17.05 52.44 30.33
CA GLY E 198 18.41 52.65 30.81
C GLY E 198 18.45 53.19 32.23
N ASN E 199 17.41 52.92 33.01
CA ASN E 199 17.32 53.38 34.40
C ASN E 199 18.11 52.44 35.31
N THR E 200 19.42 52.39 35.06
CA THR E 200 20.32 51.54 35.84
C THR E 200 21.41 52.37 36.50
N LYS F 6 45.24 -7.18 -4.45
CA LYS F 6 44.95 -7.58 -3.08
C LYS F 6 44.70 -6.36 -2.21
N SER F 7 43.76 -5.52 -2.64
CA SER F 7 43.44 -4.31 -1.90
C SER F 7 42.77 -4.65 -0.57
N THR F 8 42.87 -3.72 0.38
CA THR F 8 42.33 -3.90 1.71
C THR F 8 40.86 -3.49 1.83
N ILE F 9 40.24 -3.04 0.72
CA ILE F 9 38.86 -2.56 0.78
C ILE F 9 37.97 -3.38 -0.13
N VAL F 10 38.55 -3.96 -1.18
CA VAL F 10 37.78 -4.67 -2.20
C VAL F 10 38.35 -6.06 -2.42
N ASP F 11 37.50 -6.94 -2.93
CA ASP F 11 37.89 -8.27 -3.39
C ASP F 11 37.79 -8.30 -4.90
N PHE F 12 38.83 -8.81 -5.55
CA PHE F 12 38.93 -8.76 -7.01
C PHE F 12 38.35 -10.02 -7.63
N ASN F 13 37.53 -9.84 -8.66
CA ASN F 13 36.88 -10.93 -9.38
C ASN F 13 36.18 -11.92 -8.44
N PRO F 14 35.20 -11.45 -7.65
CA PRO F 14 34.51 -12.39 -6.74
C PRO F 14 33.54 -13.29 -7.47
N VAL F 15 32.78 -12.77 -8.42
CA VAL F 15 31.76 -13.54 -9.14
C VAL F 15 32.06 -13.46 -10.62
N GLU F 16 32.02 -14.61 -11.29
CA GLU F 16 32.27 -14.68 -12.72
C GLU F 16 31.06 -14.17 -13.50
N THR F 17 31.32 -13.38 -14.53
CA THR F 17 30.27 -12.86 -15.40
C THR F 17 29.88 -13.97 -16.37
N SER F 18 28.76 -14.65 -16.08
CA SER F 18 28.31 -15.77 -16.89
C SER F 18 26.79 -15.73 -17.02
N PHE F 19 26.31 -16.28 -18.14
CA PHE F 19 24.88 -16.39 -18.38
C PHE F 19 24.30 -17.71 -17.91
N GLU F 20 25.11 -18.57 -17.28
CA GLU F 20 24.64 -19.88 -16.88
C GLU F 20 23.53 -19.78 -15.84
N LYS F 21 23.68 -18.89 -14.86
CA LYS F 21 22.67 -18.76 -13.83
C LYS F 21 21.43 -18.02 -14.30
N TRP F 22 21.51 -17.32 -15.44
CA TRP F 22 20.31 -16.70 -16.02
C TRP F 22 19.33 -17.75 -16.50
N ALA F 23 19.82 -18.93 -16.89
CA ALA F 23 19.00 -20.01 -17.38
C ALA F 23 18.52 -20.96 -16.29
N LYS F 24 18.82 -20.65 -15.02
CA LYS F 24 18.42 -21.46 -13.87
C LYS F 24 17.63 -20.55 -12.93
N PRO F 25 16.35 -20.34 -13.19
CA PRO F 25 15.56 -19.47 -12.32
C PRO F 25 15.51 -20.01 -10.90
N GLY F 26 15.55 -19.10 -9.93
CA GLY F 26 15.52 -19.48 -8.53
C GLY F 26 16.82 -20.01 -7.99
N GLN F 27 17.93 -19.78 -8.70
CA GLN F 27 19.22 -20.29 -8.24
C GLN F 27 19.65 -19.66 -6.93
N PHE F 28 19.16 -18.45 -6.64
CA PHE F 28 19.58 -17.75 -5.43
C PHE F 28 19.05 -18.42 -4.17
N SER F 29 17.84 -18.98 -4.24
CA SER F 29 17.20 -19.57 -3.07
C SER F 29 17.55 -21.04 -2.95
N ARG F 30 17.79 -21.47 -1.71
CA ARG F 30 18.04 -22.89 -1.46
C ARG F 30 16.81 -23.73 -1.73
N THR F 31 15.62 -23.18 -1.48
CA THR F 31 14.39 -23.94 -1.65
C THR F 31 13.90 -23.92 -3.10
N LEU F 32 14.05 -22.78 -3.78
CA LEU F 32 13.56 -22.64 -5.15
C LEU F 32 14.52 -23.21 -6.18
N ALA F 33 15.75 -23.55 -5.80
CA ALA F 33 16.73 -24.00 -6.79
C ALA F 33 16.38 -25.37 -7.35
N LYS F 34 15.63 -26.18 -6.60
CA LYS F 34 15.30 -27.53 -7.05
C LYS F 34 14.35 -27.52 -8.25
N GLY F 35 13.66 -26.41 -8.50
CA GLY F 35 12.76 -26.33 -9.62
C GLY F 35 11.31 -26.31 -9.20
N PRO F 36 10.44 -25.79 -10.06
CA PRO F 36 9.02 -25.68 -9.71
C PRO F 36 8.33 -27.03 -9.71
N LYS F 37 7.48 -27.25 -8.71
CA LYS F 37 6.55 -28.37 -8.69
C LYS F 37 5.10 -27.92 -8.69
N THR F 38 4.80 -26.75 -8.13
CA THR F 38 3.48 -26.13 -8.18
C THR F 38 3.65 -24.69 -8.63
N THR F 39 2.52 -24.05 -8.96
CA THR F 39 2.55 -22.65 -9.38
C THR F 39 2.96 -21.72 -8.24
N THR F 40 2.96 -22.20 -6.99
CA THR F 40 3.45 -21.38 -5.89
C THR F 40 4.93 -21.04 -6.06
N TRP F 41 5.69 -21.92 -6.73
CA TRP F 41 7.10 -21.65 -6.95
C TRP F 41 7.31 -20.38 -7.76
N ILE F 42 6.45 -20.15 -8.76
CA ILE F 42 6.59 -18.97 -9.60
C ILE F 42 6.45 -17.70 -8.77
N TRP F 43 5.43 -17.66 -7.91
CA TRP F 43 5.21 -16.48 -7.08
C TRP F 43 6.31 -16.34 -6.03
N ASN F 44 6.78 -17.46 -5.47
CA ASN F 44 7.86 -17.39 -4.51
C ASN F 44 9.15 -16.91 -5.15
N LEU F 45 9.31 -17.13 -6.46
CA LEU F 45 10.51 -16.69 -7.16
C LEU F 45 10.65 -15.17 -7.13
N HIS F 46 9.54 -14.46 -7.35
CA HIS F 46 9.58 -13.00 -7.37
C HIS F 46 9.51 -12.40 -5.97
N ALA F 47 8.90 -13.12 -5.02
CA ALA F 47 8.79 -12.61 -3.66
C ALA F 47 10.11 -12.68 -2.89
N ASP F 48 11.04 -13.52 -3.35
CA ASP F 48 12.34 -13.68 -2.68
C ASP F 48 13.50 -13.17 -3.51
N ALA F 49 13.21 -12.47 -4.62
CA ALA F 49 14.29 -12.07 -5.52
C ALA F 49 15.26 -11.10 -4.85
N HIS F 50 14.74 -10.11 -4.15
CA HIS F 50 15.57 -9.10 -3.50
C HIS F 50 15.75 -9.34 -2.01
N ASP F 51 15.27 -10.47 -1.49
CA ASP F 51 15.49 -10.81 -0.09
C ASP F 51 16.87 -11.45 0.06
N PHE F 52 17.89 -10.60 -0.05
CA PHE F 52 19.27 -11.08 -0.05
C PHE F 52 19.68 -11.67 1.28
N ASP F 53 18.92 -11.40 2.36
CA ASP F 53 19.26 -11.96 3.66
C ASP F 53 19.13 -13.48 3.67
N ILE F 54 18.11 -14.02 3.00
CA ILE F 54 17.90 -15.46 2.98
C ILE F 54 18.66 -16.15 1.85
N GLN F 55 19.29 -15.39 0.95
CA GLN F 55 20.06 -15.98 -0.14
C GLN F 55 21.49 -16.27 0.26
N THR F 56 22.06 -15.50 1.18
CA THR F 56 23.41 -15.72 1.68
C THR F 56 23.42 -15.59 3.19
N ASN F 57 24.37 -16.27 3.83
CA ASN F 57 24.55 -16.20 5.27
C ASN F 57 25.63 -15.22 5.69
N SER F 58 26.18 -14.46 4.74
CA SER F 58 27.26 -13.53 5.00
C SER F 58 26.78 -12.10 4.79
N LEU F 59 27.02 -11.24 5.78
CA LEU F 59 26.65 -9.84 5.66
C LEU F 59 27.41 -9.16 4.52
N GLN F 60 28.63 -9.62 4.23
CA GLN F 60 29.41 -9.04 3.15
C GLN F 60 28.72 -9.24 1.80
N GLU F 61 28.24 -10.44 1.54
CA GLU F 61 27.58 -10.72 0.27
C GLU F 61 26.28 -9.93 0.13
N VAL F 62 25.52 -9.82 1.22
CA VAL F 62 24.30 -9.02 1.20
C VAL F 62 24.62 -7.57 0.91
N SER F 63 25.67 -7.04 1.54
CA SER F 63 26.05 -5.65 1.32
C SER F 63 26.47 -5.42 -0.13
N ARG F 64 27.23 -6.35 -0.71
CA ARG F 64 27.66 -6.20 -2.10
C ARG F 64 26.46 -6.25 -3.05
N LYS F 65 25.52 -7.17 -2.80
CA LYS F 65 24.32 -7.24 -3.61
C LYS F 65 23.53 -5.94 -3.52
N ILE F 66 23.41 -5.40 -2.30
CA ILE F 66 22.68 -4.15 -2.10
C ILE F 66 23.35 -3.01 -2.85
N PHE F 67 24.68 -2.96 -2.81
CA PHE F 67 25.44 -1.90 -3.49
C PHE F 67 25.20 -1.95 -5.00
N SER F 68 25.29 -3.16 -5.58
CA SER F 68 25.05 -3.28 -7.02
C SER F 68 23.60 -3.01 -7.37
N ALA F 69 22.65 -3.38 -6.50
CA ALA F 69 21.24 -3.06 -6.74
C ALA F 69 21.01 -1.56 -6.71
N HIS F 70 21.70 -0.85 -5.81
CA HIS F 70 21.61 0.60 -5.81
C HIS F 70 22.13 1.18 -7.12
N PHE F 71 23.23 0.62 -7.63
CA PHE F 71 23.73 1.09 -8.92
C PHE F 71 22.72 0.86 -10.04
N GLY F 72 22.09 -0.33 -10.05
CA GLY F 72 21.07 -0.59 -11.05
C GLY F 72 19.89 0.35 -10.94
N GLN F 73 19.46 0.65 -9.72
CA GLN F 73 18.36 1.59 -9.51
C GLN F 73 18.71 2.98 -10.00
N LEU F 74 19.94 3.43 -9.72
CA LEU F 74 20.36 4.75 -10.18
C LEU F 74 20.47 4.78 -11.70
N ALA F 75 20.90 3.68 -12.32
CA ALA F 75 20.90 3.61 -13.77
C ALA F 75 19.48 3.72 -14.33
N VAL F 76 18.52 3.05 -13.68
CA VAL F 76 17.13 3.15 -14.12
C VAL F 76 16.63 4.59 -13.99
N ILE F 77 16.96 5.25 -12.87
CA ILE F 77 16.55 6.63 -12.67
C ILE F 77 17.16 7.54 -13.72
N PHE F 78 18.43 7.33 -14.04
CA PHE F 78 19.09 8.13 -15.07
C PHE F 78 18.46 7.90 -16.44
N LEU F 79 18.10 6.66 -16.75
CA LEU F 79 17.40 6.37 -17.99
C LEU F 79 16.05 7.08 -18.05
N TRP F 80 15.33 7.10 -16.93
CA TRP F 80 14.05 7.79 -16.86
C TRP F 80 14.22 9.30 -17.08
N LEU F 81 15.23 9.89 -16.45
CA LEU F 81 15.50 11.31 -16.65
C LEU F 81 15.91 11.61 -18.08
N SER F 82 16.72 10.74 -18.67
CA SER F 82 17.12 10.92 -20.06
C SER F 82 15.90 10.84 -20.98
N GLY F 83 14.98 9.93 -20.69
CA GLY F 83 13.74 9.88 -21.47
C GLY F 83 12.93 11.14 -21.34
N MET F 84 12.84 11.69 -20.12
CA MET F 84 12.09 12.93 -19.94
C MET F 84 12.71 14.07 -20.74
N HIS F 85 14.03 14.19 -20.69
CA HIS F 85 14.69 15.26 -21.43
C HIS F 85 14.58 15.05 -22.92
N PHE F 86 14.65 13.80 -23.38
CA PHE F 86 14.49 13.51 -24.80
C PHE F 86 13.10 13.87 -25.29
N HIS F 87 12.07 13.55 -24.48
CA HIS F 87 10.71 13.93 -24.86
C HIS F 87 10.54 15.45 -24.88
N GLY F 88 11.15 16.14 -23.92
CA GLY F 88 11.13 17.59 -23.96
C GLY F 88 11.81 18.14 -25.20
N ALA F 89 12.88 17.48 -25.65
CA ALA F 89 13.63 17.97 -26.81
C ALA F 89 12.88 17.70 -28.10
N TYR F 90 12.23 16.55 -28.23
CA TYR F 90 11.70 16.09 -29.51
C TYR F 90 10.19 16.13 -29.63
N PHE F 91 9.47 15.79 -28.57
CA PHE F 91 8.01 15.65 -28.64
C PHE F 91 7.32 16.65 -27.71
N SER F 92 7.82 17.88 -27.66
CA SER F 92 7.28 18.87 -26.74
C SER F 92 7.18 20.22 -27.44
N ASN F 93 6.41 21.11 -26.81
CA ASN F 93 6.26 22.50 -27.23
C ASN F 93 6.99 23.44 -26.28
N TYR F 94 8.17 23.02 -25.82
CA TYR F 94 8.89 23.81 -24.82
C TYR F 94 9.30 25.16 -25.38
N SER F 95 9.73 25.20 -26.64
CA SER F 95 10.11 26.48 -27.24
C SER F 95 8.93 27.43 -27.32
N ALA F 96 7.76 26.91 -27.70
CA ALA F 96 6.57 27.75 -27.74
C ALA F 96 6.14 28.17 -26.34
N TRP F 97 6.28 27.27 -25.36
CA TRP F 97 5.91 27.60 -23.99
C TRP F 97 6.83 28.66 -23.39
N LEU F 98 8.09 28.69 -23.83
CA LEU F 98 9.02 29.70 -23.32
C LEU F 98 8.57 31.11 -23.68
N THR F 99 8.08 31.29 -24.91
CA THR F 99 7.64 32.60 -25.36
C THR F 99 6.26 33.00 -24.83
N ASN F 100 5.51 32.05 -24.27
CA ASN F 100 4.16 32.33 -23.75
C ASN F 100 3.88 31.39 -22.59
N PRO F 101 4.57 31.57 -21.46
CA PRO F 101 4.37 30.65 -20.33
C PRO F 101 2.97 30.71 -19.73
N THR F 102 2.31 31.87 -19.79
CA THR F 102 1.03 32.06 -19.13
C THR F 102 -0.17 31.66 -19.99
N SER F 103 0.04 31.38 -21.28
CA SER F 103 -1.06 31.04 -22.17
C SER F 103 -0.88 29.72 -22.91
N THR F 104 0.27 29.05 -22.77
CA THR F 104 0.53 27.77 -23.40
C THR F 104 0.63 26.70 -22.34
N LYS F 105 -0.09 25.60 -22.53
CA LYS F 105 -0.05 24.50 -21.57
C LYS F 105 1.11 23.57 -21.90
N PRO F 106 1.92 23.19 -20.91
CA PRO F 106 3.09 22.34 -21.20
C PRO F 106 2.66 20.95 -21.66
N SER F 107 3.20 20.54 -22.80
CA SER F 107 2.96 19.21 -23.33
C SER F 107 4.27 18.64 -23.84
N ALA F 108 4.54 17.37 -23.48
CA ALA F 108 5.80 16.73 -23.89
C ALA F 108 5.59 15.28 -24.29
N GLN F 109 4.38 14.89 -24.70
CA GLN F 109 4.12 13.53 -25.14
C GLN F 109 3.03 13.58 -26.20
N ILE F 110 3.36 13.21 -27.43
CA ILE F 110 2.38 13.13 -28.50
C ILE F 110 1.96 11.68 -28.65
N VAL F 111 0.74 11.49 -29.12
CA VAL F 111 0.11 10.17 -29.18
C VAL F 111 -0.06 9.79 -30.64
N TRP F 112 0.33 8.56 -30.97
CA TRP F 112 0.23 8.07 -32.34
C TRP F 112 -1.23 7.97 -32.76
N PRO F 113 -1.52 8.18 -34.05
CA PRO F 113 -2.91 8.08 -34.54
C PRO F 113 -3.33 6.64 -34.88
N ILE F 114 -3.71 5.90 -33.84
CA ILE F 114 -4.20 4.54 -33.99
C ILE F 114 -5.52 4.41 -33.24
N VAL F 115 -6.35 3.47 -33.68
CA VAL F 115 -7.65 3.12 -33.10
C VAL F 115 -8.41 4.34 -32.58
N GLY F 116 -8.23 5.48 -33.24
CA GLY F 116 -8.93 6.69 -32.83
C GLY F 116 -8.39 7.37 -31.60
N GLN F 117 -7.22 6.96 -31.11
CA GLN F 117 -6.66 7.52 -29.87
C GLN F 117 -6.04 8.89 -30.07
N GLU F 118 -5.97 9.39 -31.30
CA GLU F 118 -5.37 10.69 -31.57
C GLU F 118 -6.17 11.84 -30.97
N VAL F 119 -7.39 11.58 -30.49
CA VAL F 119 -8.14 12.59 -29.78
C VAL F 119 -7.42 13.01 -28.50
N LEU F 120 -6.54 12.15 -27.98
CA LEU F 120 -5.79 12.49 -26.78
C LEU F 120 -4.82 13.63 -27.00
N ASN F 121 -4.44 13.90 -28.25
CA ASN F 121 -3.57 15.03 -28.57
C ASN F 121 -4.38 16.32 -28.40
N ALA F 122 -4.19 16.98 -27.26
CA ALA F 122 -5.03 18.12 -26.89
C ALA F 122 -4.54 19.41 -27.53
N ASP F 123 -5.35 20.46 -27.40
CA ASP F 123 -4.96 21.78 -27.92
C ASP F 123 -4.19 22.51 -26.83
N VAL F 124 -2.97 22.07 -26.58
CA VAL F 124 -2.13 22.65 -25.53
C VAL F 124 -1.59 24.02 -25.91
N GLY F 125 -1.77 24.45 -27.14
CA GLY F 125 -1.31 25.75 -27.58
C GLY F 125 0.08 25.71 -28.19
N GLY F 126 0.45 26.84 -28.79
CA GLY F 126 1.73 26.93 -29.46
C GLY F 126 1.87 26.05 -30.68
N ASN F 127 0.80 25.95 -31.47
CA ASN F 127 0.82 25.11 -32.67
C ASN F 127 1.33 23.72 -32.33
N PHE F 128 0.74 23.12 -31.30
CA PHE F 128 1.16 21.79 -30.86
C PHE F 128 -0.05 20.98 -30.44
N GLN F 129 0.05 19.67 -30.64
CA GLN F 129 -0.96 18.72 -30.19
C GLN F 129 -0.29 17.64 -29.37
N GLY F 130 -0.83 17.36 -28.19
CA GLY F 130 -0.24 16.35 -27.34
C GLY F 130 -0.94 16.32 -25.99
N ILE F 131 -0.35 15.54 -25.09
CA ILE F 131 -0.90 15.36 -23.75
C ILE F 131 -0.30 16.43 -22.84
N GLN F 132 -1.17 17.15 -22.13
CA GLN F 132 -0.69 18.17 -21.20
C GLN F 132 0.11 17.52 -20.07
N ILE F 133 1.23 18.14 -19.75
CA ILE F 133 2.19 17.59 -18.79
C ILE F 133 2.00 18.29 -17.45
N THR F 134 1.85 17.51 -16.39
CA THR F 134 1.65 18.04 -15.04
C THR F 134 2.83 17.75 -14.12
N SER F 135 3.98 17.37 -14.67
CA SER F 135 5.17 17.11 -13.87
C SER F 135 6.04 18.35 -13.70
N GLY F 136 5.70 19.46 -14.33
CA GLY F 136 6.42 20.70 -14.12
C GLY F 136 7.83 20.73 -14.67
N PHE F 137 8.12 19.90 -15.68
CA PHE F 137 9.47 19.87 -16.24
C PHE F 137 9.77 21.17 -16.97
N PHE F 138 8.77 21.77 -17.63
CA PHE F 138 8.99 23.00 -18.37
C PHE F 138 9.45 24.12 -17.43
N GLN F 139 8.79 24.25 -16.28
CA GLN F 139 9.17 25.26 -15.31
C GLN F 139 10.55 24.98 -14.73
N LEU F 140 10.85 23.72 -14.46
CA LEU F 140 12.18 23.36 -13.96
C LEU F 140 13.26 23.67 -14.98
N TRP F 141 13.01 23.34 -16.25
CA TRP F 141 13.99 23.63 -17.30
C TRP F 141 14.19 25.13 -17.46
N ARG F 142 13.10 25.90 -17.38
CA ARG F 142 13.22 27.35 -17.45
C ARG F 142 14.03 27.89 -16.28
N ALA F 143 13.81 27.34 -15.08
CA ALA F 143 14.60 27.76 -13.92
C ALA F 143 16.06 27.38 -14.07
N GLU F 144 16.34 26.31 -14.82
CA GLU F 144 17.71 25.91 -15.09
C GLU F 144 18.38 26.79 -16.14
N GLY F 145 17.64 27.68 -16.79
CA GLY F 145 18.18 28.49 -17.87
C GLY F 145 18.16 27.82 -19.23
N ILE F 146 17.54 26.65 -19.34
CA ILE F 146 17.47 25.95 -20.62
C ILE F 146 16.49 26.70 -21.52
N THR F 147 17.00 27.30 -22.59
CA THR F 147 16.19 28.09 -23.50
C THR F 147 16.06 27.47 -24.89
N SER F 148 16.63 26.29 -25.11
CA SER F 148 16.56 25.64 -26.41
C SER F 148 16.36 24.15 -26.23
N GLU F 149 15.74 23.52 -27.24
CA GLU F 149 15.55 22.09 -27.22
C GLU F 149 16.83 21.31 -27.50
N VAL F 150 17.85 21.97 -28.06
CA VAL F 150 19.15 21.32 -28.24
C VAL F 150 19.77 21.00 -26.88
N GLU F 151 19.64 21.91 -25.92
CA GLU F 151 20.15 21.66 -24.58
C GLU F 151 19.42 20.49 -23.94
N LEU F 152 18.11 20.37 -24.17
CA LEU F 152 17.37 19.21 -23.67
C LEU F 152 17.88 17.92 -24.31
N TYR F 153 18.18 17.95 -25.61
CA TYR F 153 18.73 16.77 -26.27
C TYR F 153 20.07 16.39 -25.68
N TRP F 154 20.93 17.37 -25.42
CA TRP F 154 22.25 17.07 -24.87
C TRP F 154 22.14 16.57 -23.43
N THR F 155 21.19 17.10 -22.66
CA THR F 155 20.96 16.57 -21.33
C THR F 155 20.45 15.14 -21.38
N ALA F 156 19.61 14.81 -22.37
CA ALA F 156 19.15 13.44 -22.53
C ALA F 156 20.31 12.51 -22.90
N VAL F 157 21.21 12.97 -23.77
CA VAL F 157 22.37 12.17 -24.13
C VAL F 157 23.26 11.94 -22.92
N GLY F 158 23.48 13.00 -22.13
CA GLY F 158 24.25 12.84 -20.90
C GLY F 158 23.58 11.91 -19.92
N GLY F 159 22.24 11.93 -19.86
CA GLY F 159 21.54 10.99 -19.00
C GLY F 159 21.70 9.56 -19.45
N LEU F 160 21.67 9.32 -20.75
CA LEU F 160 21.91 7.97 -21.27
C LEU F 160 23.32 7.51 -20.94
N VAL F 161 24.30 8.39 -21.12
CA VAL F 161 25.69 8.04 -20.79
C VAL F 161 25.82 7.74 -19.31
N ALA F 162 25.19 8.55 -18.46
CA ALA F 162 25.24 8.33 -17.03
C ALA F 162 24.58 7.02 -16.64
N SER F 163 23.45 6.69 -17.27
CA SER F 163 22.78 5.43 -16.98
C SER F 163 23.67 4.24 -17.34
N PHE F 164 24.33 4.30 -18.50
CA PHE F 164 25.27 3.25 -18.85
C PHE F 164 26.40 3.19 -17.84
N LEU F 165 26.88 4.34 -17.39
CA LEU F 165 27.96 4.37 -16.42
C LEU F 165 27.54 3.71 -15.11
N MET F 166 26.31 3.95 -14.65
CA MET F 166 25.87 3.34 -13.41
C MET F 166 25.67 1.84 -13.58
N LEU F 167 25.18 1.40 -14.73
CA LEU F 167 25.10 -0.04 -15.01
C LEU F 167 26.48 -0.66 -14.95
N PHE F 168 27.46 -0.03 -15.60
CA PHE F 168 28.82 -0.55 -15.58
C PHE F 168 29.38 -0.56 -14.17
N ALA F 169 29.07 0.46 -13.37
CA ALA F 169 29.54 0.51 -12.00
C ALA F 169 28.98 -0.63 -11.18
N GLY F 170 27.69 -0.92 -11.34
CA GLY F 170 27.10 -2.05 -10.62
C GLY F 170 27.73 -3.37 -11.02
N TRP F 171 27.90 -3.58 -12.32
CA TRP F 171 28.57 -4.80 -12.77
C TRP F 171 29.99 -4.89 -12.23
N PHE F 172 30.72 -3.78 -12.28
CA PHE F 172 32.10 -3.76 -11.81
C PHE F 172 32.19 -4.08 -10.34
N HIS F 173 31.32 -3.49 -9.54
CA HIS F 173 31.40 -3.65 -8.09
C HIS F 173 30.68 -4.90 -7.59
N TYR F 174 30.04 -5.67 -8.46
CA TYR F 174 29.68 -7.01 -8.05
C TYR F 174 30.60 -8.10 -8.60
N HIS F 175 31.16 -7.93 -9.80
CA HIS F 175 31.86 -9.01 -10.47
C HIS F 175 33.36 -8.81 -10.59
N LYS F 176 33.84 -7.56 -10.57
CA LYS F 176 35.26 -7.27 -10.79
C LYS F 176 35.97 -6.78 -9.54
N ALA F 177 35.35 -5.88 -8.77
CA ALA F 177 35.95 -5.37 -7.53
C ALA F 177 34.81 -5.08 -6.56
N ALA F 178 34.49 -6.06 -5.72
CA ALA F 178 33.42 -5.91 -4.74
C ALA F 178 33.99 -5.45 -3.40
N PRO F 179 33.45 -4.38 -2.82
CA PRO F 179 34.00 -3.89 -1.56
C PRO F 179 33.77 -4.88 -0.42
N LYS F 180 34.62 -4.80 0.58
CA LYS F 180 34.56 -5.69 1.73
C LYS F 180 33.60 -5.12 2.78
N LEU F 181 33.33 -5.94 3.80
CA LEU F 181 32.38 -5.54 4.84
C LEU F 181 32.89 -4.33 5.62
N GLU F 182 34.20 -4.28 5.89
CA GLU F 182 34.76 -3.15 6.63
C GLU F 182 34.58 -1.85 5.88
N TRP F 183 34.66 -1.90 4.55
CA TRP F 183 34.39 -0.70 3.74
C TRP F 183 32.96 -0.25 3.90
N PHE F 184 32.01 -1.18 3.90
CA PHE F 184 30.60 -0.82 4.05
C PHE F 184 30.30 -0.31 5.45
N GLN F 185 31.02 -0.80 6.46
CA GLN F 185 30.74 -0.45 7.85
C GLN F 185 31.42 0.83 8.30
N ASN F 186 32.11 1.54 7.39
CA ASN F 186 32.69 2.84 7.71
C ASN F 186 31.60 3.90 7.65
N VAL F 187 30.70 3.83 8.65
CA VAL F 187 29.57 4.75 8.68
C VAL F 187 30.04 6.18 8.96
N GLU F 188 31.13 6.35 9.70
CA GLU F 188 31.68 7.68 9.93
C GLU F 188 32.17 8.29 8.61
N SER F 189 32.97 7.53 7.86
CA SER F 189 33.45 8.00 6.57
C SER F 189 32.30 8.22 5.60
N MET F 190 31.33 7.31 5.59
CA MET F 190 30.19 7.44 4.69
C MET F 190 29.39 8.69 5.01
N LEU F 191 29.14 8.94 6.30
CA LEU F 191 28.42 10.15 6.69
C LEU F 191 29.20 11.40 6.34
N ASN F 192 30.51 11.40 6.60
CA ASN F 192 31.33 12.55 6.25
C ASN F 192 31.22 12.85 4.76
N HIS F 193 31.32 11.81 3.93
CA HIS F 193 31.30 12.04 2.49
C HIS F 193 29.92 12.44 2.02
N HIS F 194 28.87 11.74 2.46
CA HIS F 194 27.53 12.08 2.02
C HIS F 194 27.12 13.48 2.47
N LEU F 195 27.65 13.95 3.60
CA LEU F 195 27.30 15.28 4.08
C LEU F 195 28.12 16.35 3.39
N ALA F 196 29.44 16.16 3.28
CA ALA F 196 30.26 17.18 2.63
C ALA F 196 30.18 17.03 1.12
N GLY F 197 30.74 15.96 0.57
CA GLY F 197 30.80 15.80 -0.86
C GLY F 197 29.43 15.83 -1.49
N LEU F 198 28.61 14.78 -1.29
CA LEU F 198 27.33 14.70 -1.97
C LEU F 198 26.50 15.95 -1.72
N LEU F 199 26.03 16.14 -0.50
CA LEU F 199 25.10 17.23 -0.23
C LEU F 199 25.75 18.60 -0.40
N GLY F 200 26.83 18.88 0.34
CA GLY F 200 27.40 20.21 0.31
C GLY F 200 27.96 20.58 -1.04
N LEU F 201 28.75 19.69 -1.66
CA LEU F 201 29.32 20.01 -2.96
C LEU F 201 28.28 20.03 -4.06
N GLY F 202 27.19 19.25 -3.93
CA GLY F 202 26.11 19.40 -4.88
C GLY F 202 25.41 20.73 -4.75
N SER F 203 25.18 21.18 -3.52
CA SER F 203 24.62 22.51 -3.32
C SER F 203 25.54 23.59 -3.85
N LEU F 204 26.85 23.42 -3.63
CA LEU F 204 27.83 24.41 -4.12
C LEU F 204 27.87 24.44 -5.64
N SER F 205 27.89 23.27 -6.28
CA SER F 205 27.89 23.21 -7.73
C SER F 205 26.61 23.80 -8.31
N TRP F 206 25.47 23.50 -7.68
CA TRP F 206 24.22 24.06 -8.18
C TRP F 206 24.15 25.56 -7.96
N ALA F 207 24.71 26.05 -6.85
CA ALA F 207 24.78 27.48 -6.65
C ALA F 207 25.64 28.14 -7.71
N GLY F 208 26.76 27.50 -8.06
CA GLY F 208 27.58 28.02 -9.14
C GLY F 208 26.84 28.06 -10.46
N HIS F 209 26.14 26.98 -10.79
CA HIS F 209 25.37 26.95 -12.03
C HIS F 209 24.30 28.03 -12.03
N GLN F 210 23.57 28.17 -10.92
CA GLN F 210 22.53 29.18 -10.84
C GLN F 210 23.11 30.57 -11.06
N ILE F 211 24.18 30.88 -10.33
CA ILE F 211 24.79 32.21 -10.37
C ILE F 211 25.29 32.53 -11.78
N HIS F 212 25.89 31.55 -12.44
CA HIS F 212 26.55 31.85 -13.71
C HIS F 212 25.68 31.59 -14.94
N ILE F 213 24.60 30.84 -14.82
CA ILE F 213 23.78 30.45 -15.95
C ILE F 213 22.33 30.82 -15.70
N ALA F 214 21.78 30.34 -14.57
CA ALA F 214 20.35 30.50 -14.35
C ALA F 214 20.00 31.93 -13.96
N LEU F 215 20.84 32.58 -13.15
CA LEU F 215 20.57 33.96 -12.77
C LEU F 215 20.55 34.91 -13.96
N PRO F 216 21.53 34.91 -14.88
CA PRO F 216 21.45 35.86 -16.00
C PRO F 216 20.40 35.51 -17.02
N ILE F 217 20.29 34.22 -17.38
CA ILE F 217 19.35 33.82 -18.42
C ILE F 217 17.92 34.08 -17.98
N ASN F 218 17.58 33.73 -16.74
CA ASN F 218 16.22 33.97 -16.26
C ASN F 218 15.93 35.45 -16.08
N LYS F 219 16.93 36.24 -15.67
CA LYS F 219 16.72 37.67 -15.58
C LYS F 219 16.44 38.27 -16.95
N LEU F 220 17.17 37.82 -17.97
CA LEU F 220 16.90 38.28 -19.33
C LEU F 220 15.53 37.82 -19.80
N LEU F 221 15.14 36.59 -19.46
CA LEU F 221 13.82 36.09 -19.85
C LEU F 221 12.71 36.93 -19.21
N ASP F 222 12.85 37.26 -17.93
CA ASP F 222 11.85 38.07 -17.26
C ASP F 222 11.82 39.49 -17.78
N LEU F 223 12.96 40.00 -18.28
CA LEU F 223 13.01 41.32 -18.86
C LEU F 223 12.31 41.39 -20.21
N GLY F 224 11.91 40.26 -20.78
CA GLY F 224 11.25 40.22 -22.07
C GLY F 224 12.13 39.84 -23.24
N VAL F 225 13.40 39.56 -23.00
CA VAL F 225 14.29 39.15 -24.08
C VAL F 225 13.89 37.77 -24.57
N SER F 226 13.71 37.63 -25.88
CA SER F 226 13.31 36.35 -26.44
C SER F 226 14.46 35.35 -26.33
N PRO F 227 14.14 34.06 -26.22
CA PRO F 227 15.20 33.06 -26.03
C PRO F 227 16.21 32.98 -27.16
N GLU F 228 15.85 33.43 -28.37
CA GLU F 228 16.77 33.33 -29.49
C GLU F 228 17.90 34.35 -29.41
N GLU F 229 17.62 35.55 -28.89
CA GLU F 229 18.64 36.57 -28.77
C GLU F 229 19.33 36.54 -27.40
N ILE F 230 18.94 35.63 -26.52
CA ILE F 230 19.67 35.45 -25.27
C ILE F 230 21.01 34.76 -25.57
N PRO F 231 22.11 35.22 -25.00
CA PRO F 231 23.41 34.59 -25.30
C PRO F 231 23.44 33.15 -24.82
N LEU F 232 24.27 32.35 -25.49
CA LEU F 232 24.45 30.98 -25.09
C LEU F 232 25.06 30.93 -23.69
N PRO F 233 24.73 29.91 -22.89
CA PRO F 233 25.13 29.92 -21.48
C PRO F 233 26.64 30.02 -21.26
N TYR F 234 27.45 29.43 -22.14
CA TYR F 234 28.89 29.48 -21.96
C TYR F 234 29.42 30.90 -22.13
N GLU F 235 28.72 31.73 -22.90
CA GLU F 235 29.16 33.11 -23.09
C GLU F 235 29.04 33.94 -21.81
N PHE F 236 28.20 33.51 -20.86
CA PHE F 236 28.10 34.22 -19.60
C PHE F 236 29.31 33.96 -18.70
N ILE F 237 30.10 32.94 -19.01
CA ILE F 237 31.31 32.62 -18.27
C ILE F 237 32.55 33.22 -18.92
N LEU F 238 32.67 33.06 -20.24
CA LEU F 238 33.83 33.61 -20.95
C LEU F 238 33.80 35.14 -20.98
N ASN F 239 32.63 35.75 -20.90
CA ASN F 239 32.48 37.19 -20.95
C ASN F 239 31.90 37.67 -19.62
N ARG F 240 32.73 38.35 -18.83
CA ARG F 240 32.31 38.91 -17.55
C ARG F 240 31.49 40.18 -17.72
N ASP F 241 31.14 40.55 -18.95
CA ASP F 241 30.36 41.75 -19.20
C ASP F 241 28.90 41.48 -19.53
N LEU F 242 28.58 40.25 -19.96
CA LEU F 242 27.18 39.89 -20.19
C LEU F 242 26.42 39.67 -18.89
N ILE F 243 27.12 39.35 -17.80
CA ILE F 243 26.49 39.07 -16.52
C ILE F 243 26.65 40.27 -15.60
N ALA F 244 27.69 41.08 -15.84
CA ALA F 244 27.91 42.28 -15.05
C ALA F 244 26.96 43.41 -15.41
N GLN F 245 26.23 43.29 -16.52
CA GLN F 245 25.21 44.28 -16.83
C GLN F 245 23.91 44.00 -16.06
N LEU F 246 23.54 42.73 -15.95
CA LEU F 246 22.36 42.35 -15.19
C LEU F 246 22.62 42.45 -13.69
N TYR F 247 23.79 42.00 -13.25
CA TYR F 247 24.20 42.06 -11.84
C TYR F 247 25.52 42.78 -11.78
N PRO F 248 25.51 44.11 -11.53
CA PRO F 248 26.74 44.92 -11.57
C PRO F 248 27.64 44.74 -10.36
N SER F 249 27.84 43.48 -9.97
CA SER F 249 28.78 43.13 -8.91
C SER F 249 29.84 42.14 -9.36
N PHE F 250 29.69 41.54 -10.54
CA PHE F 250 30.72 40.68 -11.08
C PHE F 250 31.93 41.46 -11.56
N ASN F 251 31.80 42.78 -11.73
CA ASN F 251 32.92 43.61 -12.15
C ASN F 251 34.05 43.58 -11.13
N LYS F 252 33.75 43.29 -9.87
CA LYS F 252 34.77 43.18 -8.83
C LYS F 252 35.40 41.80 -8.76
N GLY F 253 34.91 40.84 -9.53
CA GLY F 253 35.49 39.51 -9.53
C GLY F 253 35.30 38.80 -8.20
N LEU F 254 36.24 37.90 -7.90
CA LEU F 254 36.22 37.14 -6.66
C LEU F 254 36.98 37.83 -5.54
N THR F 255 37.50 39.03 -5.76
CA THR F 255 38.17 39.76 -4.71
C THR F 255 37.29 40.01 -3.48
N PRO F 256 36.03 40.44 -3.61
CA PRO F 256 35.20 40.59 -2.40
C PRO F 256 35.03 39.30 -1.64
N PHE F 257 35.02 38.14 -2.31
CA PHE F 257 34.89 36.87 -1.61
C PHE F 257 36.12 36.58 -0.75
N PHE F 258 37.31 36.73 -1.32
CA PHE F 258 38.54 36.40 -0.59
C PHE F 258 38.95 37.49 0.38
N THR F 259 38.41 38.69 0.26
CA THR F 259 38.68 39.78 1.19
C THR F 259 37.58 39.93 2.24
N LEU F 260 36.69 38.94 2.35
CA LEU F 260 35.60 38.90 3.32
C LEU F 260 34.62 40.05 3.15
N ASN F 261 34.67 40.76 2.02
CA ASN F 261 33.71 41.83 1.72
C ASN F 261 32.50 41.26 0.97
N TRP F 262 31.84 40.31 1.65
CA TRP F 262 30.72 39.59 1.05
C TRP F 262 29.50 40.47 0.82
N GLY F 263 29.48 41.68 1.38
CA GLY F 263 28.38 42.59 1.12
C GLY F 263 28.29 43.06 -0.31
N GLU F 264 29.40 43.01 -1.05
CA GLU F 264 29.39 43.43 -2.45
C GLU F 264 28.53 42.53 -3.31
N TYR F 265 28.40 41.25 -2.92
CA TYR F 265 27.65 40.27 -3.70
C TYR F 265 26.16 40.31 -3.40
N SER F 266 25.67 41.37 -2.76
CA SER F 266 24.24 41.48 -2.49
C SER F 266 23.41 41.66 -3.76
N ASP F 267 24.05 41.92 -4.89
CA ASP F 267 23.31 42.05 -6.15
C ASP F 267 22.65 40.74 -6.55
N PHE F 268 23.36 39.63 -6.44
CA PHE F 268 22.84 38.34 -6.86
C PHE F 268 22.71 37.33 -5.72
N LEU F 269 23.14 37.68 -4.51
CA LEU F 269 22.89 36.86 -3.32
C LEU F 269 22.01 37.69 -2.39
N THR F 270 20.71 37.64 -2.63
CA THR F 270 19.76 38.44 -1.88
C THR F 270 19.07 37.61 -0.81
N PHE F 271 18.32 38.31 0.05
CA PHE F 271 17.42 37.66 1.02
C PHE F 271 16.14 38.49 0.99
N LYS F 272 15.23 38.12 0.09
CA LYS F 272 14.03 38.90 -0.17
C LYS F 272 12.76 38.25 0.35
N GLY F 273 12.62 36.94 0.19
CA GLY F 273 11.37 36.31 0.52
C GLY F 273 10.32 36.61 -0.53
N GLY F 274 9.11 36.12 -0.26
CA GLY F 274 8.02 36.37 -1.18
C GLY F 274 8.24 35.65 -2.51
N LEU F 275 7.70 36.24 -3.57
CA LEU F 275 7.76 35.66 -4.90
C LEU F 275 8.14 36.73 -5.91
N ASN F 276 8.70 36.29 -7.02
CA ASN F 276 8.99 37.18 -8.14
C ASN F 276 7.69 37.66 -8.74
N PRO F 277 7.43 38.97 -8.80
CA PRO F 277 6.16 39.44 -9.36
C PRO F 277 5.98 39.13 -10.83
N VAL F 278 7.06 38.88 -11.57
CA VAL F 278 6.95 38.60 -12.99
C VAL F 278 6.56 37.14 -13.23
N THR F 279 7.24 36.21 -12.55
CA THR F 279 7.05 34.80 -12.79
C THR F 279 6.20 34.11 -11.73
N GLY F 280 6.06 34.71 -10.54
CA GLY F 280 5.32 34.08 -9.47
C GLY F 280 6.09 33.05 -8.67
N GLY F 281 7.34 32.79 -9.03
CA GLY F 281 8.18 31.88 -8.29
C GLY F 281 9.13 32.60 -7.33
N LEU F 282 9.91 31.80 -6.62
CA LEU F 282 10.90 32.36 -5.70
C LEU F 282 11.97 33.11 -6.48
N TRP F 283 12.50 34.16 -5.87
CA TRP F 283 13.60 34.90 -6.46
C TRP F 283 14.80 33.98 -6.62
N LEU F 284 15.30 33.86 -7.85
CA LEU F 284 16.41 32.96 -8.09
C LEU F 284 17.70 33.43 -7.44
N THR F 285 17.83 34.74 -7.18
CA THR F 285 18.93 35.20 -6.34
C THR F 285 18.82 34.64 -4.93
N ASP F 286 17.61 34.63 -4.38
CA ASP F 286 17.38 34.00 -3.08
C ASP F 286 17.71 32.51 -3.14
N THR F 287 17.34 31.85 -4.24
CA THR F 287 17.62 30.42 -4.38
C THR F 287 19.12 30.15 -4.43
N ALA F 288 19.87 30.98 -5.17
CA ALA F 288 21.31 30.80 -5.24
C ALA F 288 21.97 31.05 -3.89
N HIS F 289 21.54 32.10 -3.19
CA HIS F 289 22.07 32.35 -1.85
C HIS F 289 21.73 31.20 -0.91
N HIS F 290 20.52 30.66 -1.02
CA HIS F 290 20.12 29.52 -0.21
C HIS F 290 21.01 28.32 -0.46
N HIS F 291 21.26 28.01 -1.72
CA HIS F 291 22.09 26.84 -2.03
C HIS F 291 23.52 27.06 -1.58
N LEU F 292 24.03 28.28 -1.68
CA LEU F 292 25.36 28.58 -1.18
C LEU F 292 25.44 28.34 0.33
N ALA F 293 24.47 28.87 1.08
CA ALA F 293 24.47 28.69 2.53
C ALA F 293 24.34 27.22 2.89
N ILE F 294 23.48 26.49 2.17
CA ILE F 294 23.30 25.06 2.40
C ILE F 294 24.60 24.32 2.13
N ALA F 295 25.31 24.69 1.07
CA ALA F 295 26.58 24.06 0.75
C ALA F 295 27.59 24.27 1.85
N VAL F 296 27.71 25.50 2.34
CA VAL F 296 28.68 25.77 3.41
C VAL F 296 28.30 24.99 4.67
N LEU F 297 27.01 24.99 5.01
CA LEU F 297 26.56 24.30 6.22
C LEU F 297 26.81 22.81 6.13
N PHE F 298 26.55 22.20 4.97
CA PHE F 298 26.72 20.76 4.83
C PHE F 298 28.20 20.38 4.76
N ILE F 299 29.02 21.21 4.11
CA ILE F 299 30.46 20.93 4.11
C ILE F 299 31.00 20.99 5.53
N VAL F 300 30.58 22.00 6.31
CA VAL F 300 31.00 22.07 7.70
C VAL F 300 30.53 20.84 8.46
N ALA F 301 29.27 20.45 8.25
CA ALA F 301 28.71 19.30 8.95
C ALA F 301 29.40 18.00 8.57
N GLY F 302 30.06 17.95 7.41
CA GLY F 302 30.75 16.74 7.01
C GLY F 302 32.04 16.48 7.75
N HIS F 303 32.59 17.48 8.43
CA HIS F 303 33.80 17.31 9.24
C HIS F 303 33.46 17.02 10.70
N MET F 304 32.64 16.02 10.95
CA MET F 304 32.18 15.73 12.31
C MET F 304 32.66 14.40 12.84
N TYR F 305 32.67 13.35 12.03
CA TYR F 305 32.92 12.00 12.50
C TYR F 305 34.35 11.59 12.19
N LYS F 306 34.96 10.87 13.14
CA LYS F 306 36.34 10.44 13.01
C LYS F 306 36.43 9.30 12.00
N THR F 307 37.25 9.49 10.95
CA THR F 307 37.37 8.50 9.90
C THR F 307 38.76 7.88 9.83
N ASN F 308 39.80 8.68 9.63
CA ASN F 308 41.14 8.14 9.43
C ASN F 308 42.23 8.90 10.16
N TRP F 309 41.92 10.00 10.83
CA TRP F 309 42.88 10.77 11.60
C TRP F 309 42.42 10.84 13.05
N PHE F 310 43.27 11.40 13.90
CA PHE F 310 42.88 11.68 15.29
C PHE F 310 42.13 13.01 15.30
N LEU F 311 40.91 12.96 14.77
CA LEU F 311 40.08 14.14 14.60
C LEU F 311 38.67 13.69 14.28
N GLY F 312 37.69 14.31 14.92
CA GLY F 312 36.29 13.99 14.70
C GLY F 312 35.71 13.16 15.83
N HIS F 313 34.45 12.78 15.62
CA HIS F 313 33.69 12.03 16.60
C HIS F 313 33.60 10.56 16.25
N SER F 314 33.43 9.73 17.26
CA SER F 314 33.06 8.34 17.10
C SER F 314 31.59 8.21 17.50
N ILE F 315 30.76 7.74 16.57
CA ILE F 315 29.33 7.62 16.84
C ILE F 315 29.07 6.66 17.98
N LYS F 316 29.94 5.66 18.15
CA LYS F 316 29.80 4.73 19.28
C LYS F 316 29.95 5.45 20.60
N THR F 317 30.95 6.34 20.71
CA THR F 317 31.16 7.05 21.97
C THR F 317 30.06 8.06 22.24
N ILE F 318 29.51 8.68 21.20
CA ILE F 318 28.41 9.64 21.39
C ILE F 318 27.18 8.91 21.91
N LEU F 319 26.81 7.81 21.28
CA LEU F 319 25.59 7.09 21.67
C LEU F 319 25.72 6.52 23.07
N GLU F 320 26.87 5.92 23.39
CA GLU F 320 27.04 5.25 24.68
C GLU F 320 27.04 6.22 25.85
N ALA F 321 27.30 7.50 25.60
CA ALA F 321 27.31 8.50 26.66
C ALA F 321 25.93 9.08 26.93
N HIS F 322 24.93 8.76 26.11
CA HIS F 322 23.59 9.32 26.26
C HIS F 322 22.70 8.33 26.99
N LYS F 323 23.00 8.14 28.27
CA LYS F 323 22.16 7.36 29.17
C LYS F 323 21.31 8.31 30.00
N GLY F 324 20.50 7.75 30.89
CA GLY F 324 19.67 8.56 31.74
C GLY F 324 18.99 7.75 32.83
N PRO F 325 18.46 8.44 33.84
CA PRO F 325 17.74 7.74 34.91
C PRO F 325 16.54 6.96 34.42
N PHE F 326 15.84 7.46 33.40
CA PHE F 326 14.63 6.83 32.90
C PHE F 326 14.89 5.82 31.80
N THR F 327 16.11 5.77 31.24
CA THR F 327 16.37 4.98 30.05
C THR F 327 17.47 3.94 30.23
N GLY F 328 17.89 3.66 31.45
CA GLY F 328 18.81 2.56 31.70
C GLY F 328 20.13 2.76 30.96
N GLU F 329 20.49 1.79 30.12
CA GLU F 329 21.74 1.85 29.38
C GLU F 329 21.70 2.87 28.25
N GLY F 330 20.54 3.43 27.93
CA GLY F 330 20.48 4.44 26.90
C GLY F 330 20.74 3.87 25.51
N HIS F 331 21.57 4.56 24.74
CA HIS F 331 21.83 4.22 23.36
C HIS F 331 22.97 3.23 23.19
N LYS F 332 23.35 2.51 24.25
CA LYS F 332 24.41 1.52 24.13
C LYS F 332 23.92 0.35 23.28
N GLY F 333 24.71 -0.01 22.27
CA GLY F 333 24.34 -1.07 21.36
C GLY F 333 23.65 -0.62 20.11
N LEU F 334 23.19 0.63 20.04
CA LEU F 334 22.53 1.13 18.83
C LEU F 334 23.51 1.22 17.67
N TYR F 335 24.77 1.54 17.94
CA TYR F 335 25.77 1.57 16.88
C TYR F 335 25.97 0.20 16.28
N GLU F 336 26.01 -0.84 17.12
CA GLU F 336 26.13 -2.21 16.61
C GLU F 336 24.87 -2.61 15.84
N VAL F 337 23.71 -2.13 16.25
CA VAL F 337 22.48 -2.44 15.54
C VAL F 337 22.49 -1.85 14.14
N LEU F 338 22.91 -0.59 14.03
CA LEU F 338 22.83 0.13 12.76
C LEU F 338 24.03 -0.11 11.85
N THR F 339 25.05 -0.82 12.33
CA THR F 339 26.19 -1.19 11.50
C THR F 339 26.21 -2.68 11.15
N THR F 340 25.25 -3.46 11.66
CA THR F 340 25.17 -4.88 11.34
C THR F 340 23.82 -5.29 10.78
N SER F 341 22.87 -4.36 10.64
CA SER F 341 21.55 -4.66 10.12
C SER F 341 21.19 -3.66 9.04
N TRP F 342 21.03 -4.15 7.80
CA TRP F 342 20.58 -3.29 6.72
C TRP F 342 19.13 -2.89 6.91
N HIS F 343 18.33 -3.73 7.57
CA HIS F 343 16.91 -3.45 7.71
C HIS F 343 16.66 -2.26 8.64
N ALA F 344 17.46 -2.12 9.70
CA ALA F 344 17.32 -0.96 10.58
C ALA F 344 17.65 0.33 9.86
N GLN F 345 18.74 0.33 9.09
CA GLN F 345 19.09 1.50 8.28
C GLN F 345 18.00 1.80 7.28
N LEU F 346 17.44 0.77 6.64
CA LEU F 346 16.36 0.99 5.70
C LEU F 346 15.13 1.58 6.39
N ALA F 347 14.82 1.09 7.59
CA ALA F 347 13.68 1.63 8.32
C ALA F 347 13.85 3.12 8.60
N ILE F 348 14.99 3.50 9.17
CA ILE F 348 15.22 4.90 9.49
C ILE F 348 15.21 5.75 8.23
N ASN F 349 15.95 5.31 7.21
CA ASN F 349 16.10 6.10 5.99
C ASN F 349 14.76 6.24 5.27
N LEU F 350 13.97 5.16 5.19
CA LEU F 350 12.70 5.23 4.50
C LEU F 350 11.70 6.10 5.26
N ALA F 351 11.65 5.99 6.59
CA ALA F 351 10.73 6.83 7.35
C ALA F 351 11.07 8.30 7.18
N LEU F 352 12.35 8.65 7.38
CA LEU F 352 12.74 10.04 7.24
C LEU F 352 12.64 10.51 5.79
N PHE F 353 12.80 9.60 4.85
CA PHE F 353 12.72 9.95 3.43
C PHE F 353 11.29 10.24 3.02
N GLY F 354 10.33 9.45 3.50
CA GLY F 354 8.93 9.76 3.25
C GLY F 354 8.49 11.04 3.93
N SER F 355 8.93 11.25 5.17
CA SER F 355 8.63 12.50 5.85
C SER F 355 9.21 13.69 5.10
N LEU F 356 10.43 13.54 4.58
CA LEU F 356 11.05 14.59 3.78
C LEU F 356 10.27 14.83 2.50
N SER F 357 9.76 13.77 1.87
CA SER F 357 8.97 13.94 0.66
C SER F 357 7.70 14.73 0.95
N ILE F 358 7.04 14.44 2.08
CA ILE F 358 5.83 15.18 2.44
C ILE F 358 6.17 16.65 2.73
N ILE F 359 7.28 16.89 3.44
CA ILE F 359 7.72 18.25 3.71
C ILE F 359 8.02 19.00 2.41
N VAL F 360 8.65 18.31 1.46
CA VAL F 360 8.92 18.88 0.15
C VAL F 360 7.61 19.25 -0.53
N ALA F 361 6.64 18.34 -0.49
CA ALA F 361 5.35 18.62 -1.10
C ALA F 361 4.71 19.86 -0.51
N HIS F 362 4.78 20.02 0.82
CA HIS F 362 4.21 21.20 1.45
C HIS F 362 4.93 22.47 0.99
N HIS F 363 6.27 22.48 1.12
CA HIS F 363 7.03 23.67 0.79
C HIS F 363 6.98 24.02 -0.69
N MET F 364 6.64 23.07 -1.55
CA MET F 364 6.53 23.33 -2.98
C MET F 364 5.43 24.34 -3.28
N TYR F 365 4.18 23.97 -3.01
CA TYR F 365 3.08 24.90 -3.27
C TYR F 365 3.14 26.09 -2.34
N ALA F 366 3.62 25.89 -1.10
CA ALA F 366 3.65 27.00 -0.16
C ALA F 366 4.52 28.14 -0.68
N MET F 367 5.69 27.81 -1.23
CA MET F 367 6.62 28.77 -1.78
C MET F 367 7.05 28.26 -3.15
N PRO F 368 6.31 28.59 -4.20
CA PRO F 368 6.62 28.07 -5.53
C PRO F 368 8.03 28.43 -5.95
N PRO F 369 8.89 27.44 -6.18
CA PRO F 369 10.30 27.71 -6.47
C PRO F 369 10.64 27.82 -7.95
N TYR F 370 9.68 27.66 -8.85
CA TYR F 370 9.96 27.70 -10.27
C TYR F 370 9.16 28.81 -10.94
N PRO F 371 9.70 29.40 -12.01
CA PRO F 371 8.96 30.44 -12.72
C PRO F 371 7.73 29.86 -13.42
N TYR F 372 6.60 30.56 -13.26
CA TYR F 372 5.34 30.21 -13.92
C TYR F 372 4.87 28.80 -13.56
N ILE F 373 5.17 28.35 -12.34
CA ILE F 373 4.66 27.09 -11.85
C ILE F 373 3.49 27.27 -10.88
N ALA F 374 3.40 28.42 -10.20
CA ALA F 374 2.29 28.66 -9.30
C ALA F 374 0.98 28.85 -10.05
N ILE F 375 1.04 29.44 -11.26
CA ILE F 375 -0.17 29.63 -12.06
C ILE F 375 -0.51 28.41 -12.90
N ASP F 376 0.35 27.40 -12.92
CA ASP F 376 0.01 26.12 -13.56
C ASP F 376 -0.57 25.21 -12.48
N TYR F 377 -1.87 25.38 -12.25
CA TYR F 377 -2.55 24.62 -11.20
C TYR F 377 -2.44 23.11 -11.37
N PRO F 378 -2.58 22.53 -12.58
CA PRO F 378 -2.37 21.08 -12.69
C PRO F 378 -1.01 20.63 -12.20
N THR F 379 0.05 21.39 -12.51
CA THR F 379 1.37 21.02 -12.06
C THR F 379 1.48 21.05 -10.54
N GLN F 380 0.96 22.10 -9.91
CA GLN F 380 1.02 22.20 -8.46
C GLN F 380 0.26 21.06 -7.79
N LEU F 381 -0.97 20.81 -8.24
CA LEU F 381 -1.76 19.75 -7.64
C LEU F 381 -1.09 18.40 -7.82
N SER F 382 -0.60 18.12 -9.03
CA SER F 382 0.03 16.84 -9.29
C SER F 382 1.29 16.66 -8.47
N LEU F 383 2.12 17.71 -8.38
CA LEU F 383 3.36 17.60 -7.61
C LEU F 383 3.06 17.35 -6.14
N PHE F 384 2.13 18.11 -5.57
CA PHE F 384 1.79 17.89 -4.16
C PHE F 384 1.29 16.47 -3.93
N THR F 385 0.30 16.05 -4.72
CA THR F 385 -0.30 14.75 -4.49
C THR F 385 0.71 13.63 -4.67
N HIS F 386 1.53 13.71 -5.72
CA HIS F 386 2.52 12.68 -5.99
C HIS F 386 3.53 12.59 -4.85
N HIS F 387 4.03 13.74 -4.38
CA HIS F 387 5.05 13.71 -3.34
C HIS F 387 4.47 13.22 -2.02
N VAL F 388 3.23 13.59 -1.71
CA VAL F 388 2.62 13.10 -0.47
C VAL F 388 2.39 11.59 -0.56
N TRP F 389 1.98 11.09 -1.73
CA TRP F 389 1.80 9.66 -1.89
C TRP F 389 3.12 8.91 -1.72
N ILE F 390 4.19 9.44 -2.34
CA ILE F 390 5.49 8.80 -2.21
C ILE F 390 5.93 8.82 -0.74
N GLY F 391 5.68 9.93 -0.05
CA GLY F 391 6.05 10.01 1.35
C GLY F 391 5.33 9.00 2.21
N GLY F 392 4.01 8.85 2.00
CA GLY F 392 3.26 7.87 2.76
C GLY F 392 3.73 6.45 2.50
N PHE F 393 3.97 6.12 1.23
CA PHE F 393 4.46 4.79 0.91
C PHE F 393 5.81 4.54 1.56
N CYS F 394 6.72 5.52 1.50
CA CYS F 394 8.05 5.33 2.08
C CYS F 394 7.99 5.20 3.59
N ILE F 395 7.07 5.92 4.23
CA ILE F 395 6.92 5.80 5.68
C ILE F 395 6.43 4.40 6.05
N VAL F 396 5.44 3.89 5.32
CA VAL F 396 4.97 2.53 5.58
C VAL F 396 6.09 1.53 5.36
N GLY F 397 6.93 1.78 4.34
CA GLY F 397 8.06 0.90 4.12
C GLY F 397 9.09 0.94 5.24
N GLY F 398 9.33 2.13 5.79
CA GLY F 398 10.22 2.23 6.93
C GLY F 398 9.70 1.45 8.13
N ALA F 399 8.39 1.55 8.38
CA ALA F 399 7.80 0.76 9.46
C ALA F 399 7.95 -0.74 9.18
N ALA F 400 7.72 -1.15 7.92
CA ALA F 400 7.84 -2.55 7.56
C ALA F 400 9.24 -3.06 7.80
N HIS F 401 10.25 -2.28 7.44
CA HIS F 401 11.62 -2.75 7.60
C HIS F 401 12.10 -2.66 9.04
N GLY F 402 11.53 -1.76 9.84
CA GLY F 402 11.75 -1.84 11.27
C GLY F 402 11.23 -3.13 11.85
N ALA F 403 10.03 -3.54 11.44
CA ALA F 403 9.50 -4.83 11.88
C ALA F 403 10.36 -5.99 11.40
N ILE F 404 10.86 -5.91 10.16
CA ILE F 404 11.73 -6.95 9.63
C ILE F 404 13.01 -7.05 10.44
N PHE F 405 13.60 -5.90 10.80
CA PHE F 405 14.78 -5.93 11.65
C PHE F 405 14.48 -6.57 12.99
N PHE F 406 13.34 -6.22 13.59
CA PHE F 406 13.00 -6.79 14.88
C PHE F 406 12.85 -8.31 14.79
N VAL F 407 12.23 -8.80 13.72
CA VAL F 407 12.04 -10.24 13.57
C VAL F 407 13.37 -10.95 13.33
N ARG F 408 14.18 -10.42 12.41
CA ARG F 408 15.34 -11.13 11.89
C ARG F 408 16.64 -10.74 12.57
N ASP F 409 17.00 -9.46 12.52
CA ASP F 409 18.34 -9.01 12.89
C ASP F 409 18.43 -8.54 14.34
N TYR F 410 17.37 -8.66 15.12
CA TYR F 410 17.40 -8.22 16.51
C TYR F 410 18.00 -9.30 17.39
N ASN F 411 19.05 -8.94 18.13
CA ASN F 411 19.70 -9.84 19.07
C ASN F 411 19.38 -9.37 20.48
N ALA F 412 18.73 -10.23 21.25
CA ALA F 412 18.34 -9.87 22.61
C ALA F 412 19.55 -9.68 23.51
N ALA F 413 20.57 -10.53 23.35
CA ALA F 413 21.76 -10.44 24.20
C ALA F 413 22.50 -9.13 24.00
N ASN F 414 22.64 -8.69 22.74
CA ASN F 414 23.37 -7.47 22.44
C ASN F 414 22.61 -6.21 22.82
N ASN F 415 21.34 -6.32 23.19
CA ASN F 415 20.54 -5.15 23.50
C ASN F 415 19.95 -5.25 24.91
N TYR F 416 20.80 -5.58 25.88
CA TYR F 416 20.34 -5.74 27.26
C TYR F 416 20.15 -4.37 27.90
N ASN F 417 18.90 -4.06 28.28
CA ASN F 417 18.54 -2.85 29.02
C ASN F 417 18.85 -1.57 28.26
N ASN F 418 18.94 -1.62 26.94
CA ASN F 418 19.13 -0.42 26.15
C ASN F 418 17.75 0.12 25.75
N LEU F 419 17.73 1.11 24.85
CA LEU F 419 16.46 1.74 24.48
C LEU F 419 15.52 0.75 23.82
N ILE F 420 16.04 -0.07 22.91
CA ILE F 420 15.18 -1.03 22.21
C ILE F 420 14.57 -2.01 23.20
N ASP F 421 15.38 -2.52 24.13
CA ASP F 421 14.88 -3.46 25.14
C ASP F 421 13.79 -2.82 25.99
N ARG F 422 14.05 -1.59 26.46
CA ARG F 422 13.10 -0.94 27.35
C ARG F 422 11.80 -0.59 26.62
N VAL F 423 11.87 -0.33 25.32
CA VAL F 423 10.64 -0.08 24.56
C VAL F 423 9.80 -1.34 24.47
N ILE F 424 10.43 -2.48 24.19
CA ILE F 424 9.70 -3.74 24.13
C ILE F 424 9.13 -4.10 25.50
N ARG F 425 9.84 -3.76 26.57
CA ARG F 425 9.42 -4.15 27.90
C ARG F 425 8.12 -3.45 28.34
N HIS F 426 7.79 -2.31 27.77
CA HIS F 426 6.55 -1.61 28.09
C HIS F 426 5.73 -1.32 26.84
N ARG F 427 5.81 -2.23 25.85
CA ARG F 427 5.04 -2.05 24.62
C ARG F 427 3.55 -1.97 24.88
N ASP F 428 3.08 -2.66 25.92
CA ASP F 428 1.66 -2.63 26.25
C ASP F 428 1.23 -1.21 26.53
N ALA F 429 1.95 -0.53 27.41
CA ALA F 429 1.58 0.83 27.78
C ALA F 429 1.53 1.75 26.56
N ILE F 430 2.56 1.66 25.71
CA ILE F 430 2.61 2.49 24.50
C ILE F 430 1.39 2.22 23.63
N ILE F 431 1.12 0.94 23.36
CA ILE F 431 0.05 0.59 22.43
C ILE F 431 -1.32 0.93 23.01
N SER F 432 -1.50 0.71 24.32
CA SER F 432 -2.79 1.03 24.93
C SER F 432 -3.05 2.53 24.93
N HIS F 433 -2.03 3.34 25.25
CA HIS F 433 -2.25 4.77 25.25
C HIS F 433 -2.42 5.31 23.83
N LEU F 434 -1.71 4.74 22.86
CA LEU F 434 -1.91 5.11 21.47
C LEU F 434 -3.30 4.73 20.99
N ASN F 435 -3.81 3.58 21.46
CA ASN F 435 -5.18 3.18 21.18
C ASN F 435 -6.17 4.20 21.75
N TRP F 436 -5.95 4.62 22.99
CA TRP F 436 -6.86 5.60 23.59
C TRP F 436 -6.80 6.92 22.83
N VAL F 437 -5.61 7.36 22.43
CA VAL F 437 -5.47 8.59 21.69
C VAL F 437 -6.17 8.49 20.34
N CYS F 438 -6.02 7.35 19.67
CA CYS F 438 -6.68 7.16 18.38
C CYS F 438 -8.19 7.20 18.53
N ILE F 439 -8.72 6.55 19.56
CA ILE F 439 -10.17 6.57 19.78
C ILE F 439 -10.64 7.99 20.10
N PHE F 440 -9.89 8.70 20.95
CA PHE F 440 -10.25 10.08 21.29
C PHE F 440 -10.28 10.96 20.04
N LEU F 441 -9.20 10.90 19.25
CA LEU F 441 -9.10 11.76 18.06
C LEU F 441 -10.17 11.40 17.04
N GLY F 442 -10.40 10.11 16.81
CA GLY F 442 -11.41 9.72 15.84
C GLY F 442 -12.81 10.09 16.28
N CYS F 443 -13.18 9.68 17.50
CA CYS F 443 -14.43 10.13 18.09
C CYS F 443 -14.62 11.61 17.87
N HIS F 444 -13.66 12.43 18.30
CA HIS F 444 -13.85 13.87 18.23
C HIS F 444 -13.91 14.35 16.79
N SER F 445 -12.85 14.20 16.02
CA SER F 445 -12.89 14.75 14.67
C SER F 445 -14.10 14.26 13.89
N PHE F 446 -14.21 12.94 13.73
CA PHE F 446 -15.24 12.41 12.84
C PHE F 446 -16.62 12.63 13.43
N GLY F 447 -16.78 12.58 14.76
CA GLY F 447 -18.10 12.74 15.33
C GLY F 447 -18.57 14.17 15.34
N LEU F 448 -17.60 15.08 15.21
CA LEU F 448 -17.95 16.46 15.07
C LEU F 448 -18.44 16.58 13.64
N TYR F 449 -17.75 15.91 12.70
CA TYR F 449 -18.26 15.91 11.33
C TYR F 449 -19.68 15.36 11.26
N VAL F 450 -19.93 14.23 11.93
CA VAL F 450 -21.24 13.59 11.89
C VAL F 450 -22.29 14.43 12.63
N HIS F 451 -21.89 15.08 13.71
CA HIS F 451 -22.79 15.99 14.41
C HIS F 451 -23.18 17.15 13.52
N ASN F 452 -22.23 17.71 12.79
CA ASN F 452 -22.57 18.76 11.84
C ASN F 452 -23.55 18.23 10.80
N ASP F 453 -23.30 17.01 10.29
CA ASP F 453 -24.16 16.45 9.26
C ASP F 453 -25.59 16.23 9.78
N THR F 454 -25.73 15.69 10.99
CA THR F 454 -27.05 15.40 11.52
C THR F 454 -27.76 16.67 11.99
N MET F 455 -27.02 17.70 12.44
CA MET F 455 -27.66 18.97 12.74
C MET F 455 -28.17 19.65 11.48
N ARG F 456 -27.40 19.58 10.39
CA ARG F 456 -27.87 20.13 9.13
C ARG F 456 -29.06 19.36 8.59
N ALA F 457 -29.03 18.04 8.74
CA ALA F 457 -30.15 17.22 8.24
C ALA F 457 -31.41 17.45 9.06
N LEU F 458 -31.27 17.85 10.32
CA LEU F 458 -32.42 18.10 11.19
C LEU F 458 -32.88 19.56 11.15
N GLY F 459 -32.29 20.38 10.29
CA GLY F 459 -32.72 21.76 10.18
C GLY F 459 -32.29 22.63 11.34
N ARG F 460 -31.24 22.25 12.05
CA ARG F 460 -30.70 23.03 13.16
C ARG F 460 -29.32 23.56 12.73
N SER F 461 -29.33 24.69 12.02
CA SER F 461 -28.09 25.24 11.48
C SER F 461 -27.24 25.94 12.53
N GLN F 462 -27.83 26.34 13.65
CA GLN F 462 -27.11 27.03 14.71
C GLN F 462 -26.44 26.08 15.69
N ASP F 463 -26.64 24.77 15.54
CA ASP F 463 -26.05 23.77 16.41
C ASP F 463 -24.83 23.10 15.79
N LEU F 464 -24.37 23.57 14.64
CA LEU F 464 -23.23 22.96 13.97
C LEU F 464 -21.92 23.42 14.60
N PHE F 465 -20.84 22.76 14.21
CA PHE F 465 -19.49 23.21 14.57
C PHE F 465 -18.92 24.05 13.42
N SER F 466 -19.58 25.17 13.17
CA SER F 466 -19.27 26.05 12.05
C SER F 466 -18.80 27.41 12.57
N ASP F 467 -18.47 28.30 11.64
CA ASP F 467 -18.03 29.64 12.00
C ASP F 467 -19.20 30.49 12.48
N ASN F 468 -20.37 30.35 11.85
CA ASN F 468 -21.58 31.04 12.25
C ASN F 468 -22.35 30.28 13.31
N ALA F 469 -21.67 29.39 14.04
CA ALA F 469 -22.26 28.49 15.03
C ALA F 469 -21.19 28.26 16.08
N ILE F 470 -21.32 27.16 16.84
CA ILE F 470 -20.25 26.76 17.74
C ILE F 470 -18.96 26.73 16.94
N ALA F 471 -18.01 27.60 17.29
CA ALA F 471 -16.83 27.85 16.47
C ALA F 471 -15.60 27.30 17.18
N LEU F 472 -14.77 26.58 16.41
CA LEU F 472 -13.51 26.02 16.92
C LEU F 472 -12.40 26.70 16.11
N LYS F 473 -11.98 27.86 16.58
CA LYS F 473 -10.98 28.63 15.86
C LYS F 473 -9.59 28.05 16.12
N PRO F 474 -8.82 27.71 15.08
CA PRO F 474 -7.44 27.27 15.29
C PRO F 474 -6.54 28.42 15.70
N ILE F 475 -6.65 28.85 16.96
CA ILE F 475 -5.96 30.05 17.41
C ILE F 475 -4.45 29.86 17.38
N PHE F 476 -3.96 28.65 17.69
CA PHE F 476 -2.52 28.42 17.71
C PHE F 476 -1.91 28.59 16.33
N ALA F 477 -2.59 28.09 15.29
CA ALA F 477 -2.06 28.21 13.93
C ALA F 477 -2.16 29.65 13.43
N GLN F 478 -3.23 30.35 13.80
CA GLN F 478 -3.37 31.75 13.41
C GLN F 478 -2.31 32.61 14.09
N PHE F 479 -1.95 32.29 15.32
CA PHE F 479 -0.87 32.99 16.00
C PHE F 479 0.45 32.82 15.25
N ILE F 480 0.73 31.59 14.79
CA ILE F 480 1.94 31.35 14.02
C ILE F 480 1.90 32.09 12.69
N GLN F 481 0.73 32.10 12.04
CA GLN F 481 0.59 32.85 10.80
C GLN F 481 0.88 34.33 11.00
N ASN F 482 0.37 34.91 12.10
CA ASN F 482 0.65 36.30 12.40
C ASN F 482 2.14 36.51 12.67
N LEU F 483 2.78 35.57 13.35
CA LEU F 483 4.19 35.73 13.66
C LEU F 483 5.04 35.75 12.40
N HIS F 484 4.68 34.96 11.39
CA HIS F 484 5.48 34.91 10.17
C HIS F 484 5.28 36.16 9.32
N THR F 485 4.05 36.65 9.21
CA THR F 485 3.81 37.85 8.41
C THR F 485 4.42 39.09 9.05
N LEU F 486 4.72 39.04 10.35
CA LEU F 486 5.43 40.13 11.01
C LEU F 486 6.93 39.91 11.09
N ALA F 487 7.42 38.74 10.67
CA ALA F 487 8.84 38.44 10.77
C ALA F 487 9.73 39.42 10.00
N PRO F 488 9.44 39.76 8.74
CA PRO F 488 10.33 40.71 8.03
C PRO F 488 10.36 42.06 8.70
N GLY F 489 11.53 42.44 9.21
CA GLY F 489 11.74 43.70 9.87
C GLY F 489 11.68 43.64 11.39
N SER F 490 11.11 42.57 11.96
CA SER F 490 11.02 42.42 13.40
C SER F 490 11.88 41.27 13.92
N THR F 491 11.65 40.06 13.43
CA THR F 491 12.50 38.92 13.78
C THR F 491 13.42 38.51 12.65
N ALA F 492 13.05 38.76 11.41
CA ALA F 492 13.98 38.61 10.30
C ALA F 492 14.24 39.99 9.72
N PRO F 493 15.03 40.82 10.41
CA PRO F 493 15.14 42.23 10.01
C PRO F 493 15.74 42.43 8.62
N ASN F 494 16.49 41.47 8.10
CA ASN F 494 17.08 41.58 6.77
C ASN F 494 16.20 40.99 5.69
N ALA F 495 14.99 40.56 6.03
CA ALA F 495 14.02 40.11 5.04
C ALA F 495 13.21 41.29 4.54
N LEU F 496 12.85 41.24 3.25
CA LEU F 496 11.97 42.24 2.67
C LEU F 496 10.52 41.79 2.60
N THR F 497 10.27 40.50 2.61
CA THR F 497 8.92 39.96 2.50
C THR F 497 8.87 38.64 3.25
N THR F 498 7.66 38.26 3.65
CA THR F 498 7.47 36.97 4.34
C THR F 498 7.94 35.83 3.46
N VAL F 499 8.24 34.70 4.10
CA VAL F 499 8.71 33.53 3.37
C VAL F 499 7.67 33.05 2.38
N SER F 500 6.41 33.00 2.81
CA SER F 500 5.31 32.59 1.96
C SER F 500 4.13 33.51 2.21
N TYR F 501 3.43 33.87 1.13
CA TYR F 501 2.22 34.66 1.27
C TYR F 501 1.06 33.85 1.87
N ALA F 502 1.23 32.54 2.01
CA ALA F 502 0.22 31.74 2.68
C ALA F 502 0.01 32.18 4.12
N PHE F 503 1.08 32.63 4.79
CA PHE F 503 0.96 33.11 6.16
C PHE F 503 0.28 34.47 6.24
N GLY F 504 0.19 35.18 5.13
CA GLY F 504 -0.39 36.51 5.12
C GLY F 504 0.33 37.45 4.19
N GLY F 505 -0.30 38.59 3.87
CA GLY F 505 0.29 39.53 2.96
C GLY F 505 -0.62 39.89 1.81
N ASP F 506 -0.04 40.12 0.63
CA ASP F 506 -0.81 40.52 -0.54
C ASP F 506 -1.10 39.32 -1.43
N VAL F 507 -2.10 39.50 -2.30
CA VAL F 507 -2.44 38.49 -3.30
C VAL F 507 -1.47 38.64 -4.47
N ILE F 508 -0.73 37.58 -4.77
CA ILE F 508 0.25 37.57 -5.85
C ILE F 508 -0.37 36.91 -7.06
N SER F 509 -0.55 37.68 -8.13
CA SER F 509 -1.16 37.20 -9.36
C SER F 509 -0.22 37.40 -10.52
N VAL F 510 -0.15 36.41 -11.40
CA VAL F 510 0.66 36.47 -12.62
C VAL F 510 -0.27 36.23 -13.79
N GLY F 511 -0.43 37.25 -14.63
CA GLY F 511 -1.33 37.12 -15.77
C GLY F 511 -2.77 36.89 -15.37
N SER F 512 -3.26 37.62 -14.37
CA SER F 512 -4.61 37.54 -13.84
C SER F 512 -4.92 36.21 -13.15
N LYS F 513 -3.92 35.37 -12.93
CA LYS F 513 -4.09 34.11 -12.22
C LYS F 513 -3.35 34.17 -10.89
N ILE F 514 -4.03 33.73 -9.83
CA ILE F 514 -3.45 33.83 -8.50
C ILE F 514 -2.31 32.83 -8.35
N ALA F 515 -1.13 33.33 -7.94
CA ALA F 515 0.01 32.47 -7.64
C ALA F 515 -0.02 32.01 -6.19
N MET F 516 -0.09 32.96 -5.26
CA MET F 516 -0.19 32.65 -3.84
C MET F 516 -1.04 33.71 -3.17
N MET F 517 -1.63 33.34 -2.04
CA MET F 517 -2.52 34.24 -1.32
C MET F 517 -2.66 33.74 0.10
N PRO F 518 -2.84 34.64 1.09
CA PRO F 518 -3.05 34.20 2.47
C PRO F 518 -4.11 33.12 2.62
N ILE F 519 -3.71 31.97 3.18
CA ILE F 519 -4.61 30.84 3.38
C ILE F 519 -5.26 31.01 4.75
N SER F 520 -6.51 31.46 4.75
CA SER F 520 -7.22 31.66 6.01
C SER F 520 -7.56 30.33 6.66
N LEU F 521 -7.41 30.27 7.97
CA LEU F 521 -7.71 29.08 8.75
C LEU F 521 -8.92 29.35 9.63
N GLY F 522 -9.97 28.56 9.45
CA GLY F 522 -11.17 28.70 10.26
C GLY F 522 -11.58 27.40 10.92
N THR F 523 -12.85 27.28 11.29
CA THR F 523 -13.30 26.03 11.93
C THR F 523 -13.25 24.85 10.96
N ALA F 524 -13.34 25.11 9.66
CA ALA F 524 -13.26 24.02 8.69
C ALA F 524 -11.86 23.42 8.66
N ASP F 525 -10.83 24.27 8.80
CA ASP F 525 -9.47 23.77 8.82
C ASP F 525 -9.13 23.08 10.13
N PHE F 526 -9.74 23.51 11.23
CA PHE F 526 -9.58 22.82 12.51
C PHE F 526 -10.00 21.36 12.40
N LEU F 527 -11.19 21.12 11.88
CA LEU F 527 -11.72 19.77 11.79
C LEU F 527 -10.87 18.89 10.89
N VAL F 528 -10.48 19.41 9.73
CA VAL F 528 -9.72 18.59 8.79
C VAL F 528 -8.31 18.35 9.31
N HIS F 529 -7.72 19.32 10.02
CA HIS F 529 -6.41 19.09 10.61
C HIS F 529 -6.47 18.03 11.70
N HIS F 530 -7.53 18.03 12.50
CA HIS F 530 -7.66 16.98 13.50
C HIS F 530 -7.97 15.63 12.87
N ILE F 531 -8.65 15.63 11.72
CA ILE F 531 -8.82 14.40 10.95
C ILE F 531 -7.46 13.87 10.50
N HIS F 532 -6.60 14.77 10.02
CA HIS F 532 -5.25 14.38 9.62
C HIS F 532 -4.50 13.77 10.80
N ALA F 533 -4.57 14.44 11.95
CA ALA F 533 -3.88 13.93 13.15
C ALA F 533 -4.40 12.56 13.53
N PHE F 534 -5.73 12.37 13.48
CA PHE F 534 -6.32 11.10 13.87
C PHE F 534 -5.90 9.98 12.91
N THR F 535 -5.94 10.23 11.61
CA THR F 535 -5.55 9.20 10.65
C THR F 535 -4.08 8.85 10.79
N ILE F 536 -3.23 9.87 10.96
CA ILE F 536 -1.81 9.62 11.16
C ILE F 536 -1.58 8.80 12.42
N HIS F 537 -2.31 9.11 13.48
CA HIS F 537 -2.15 8.38 14.74
C HIS F 537 -2.57 6.92 14.58
N VAL F 538 -3.65 6.65 13.84
CA VAL F 538 -4.07 5.27 13.66
C VAL F 538 -3.08 4.50 12.80
N THR F 539 -2.54 5.13 11.76
CA THR F 539 -1.50 4.47 10.97
C THR F 539 -0.28 4.16 11.82
N VAL F 540 0.13 5.12 12.66
CA VAL F 540 1.24 4.89 13.57
C VAL F 540 0.91 3.77 14.54
N LEU F 541 -0.34 3.68 14.98
CA LEU F 541 -0.74 2.62 15.90
C LEU F 541 -0.57 1.26 15.26
N ILE F 542 -1.07 1.10 14.04
CA ILE F 542 -0.96 -0.19 13.36
C ILE F 542 0.50 -0.56 13.15
N LEU F 543 1.29 0.40 12.65
CA LEU F 543 2.69 0.08 12.33
C LEU F 543 3.52 -0.18 13.59
N LEU F 544 3.29 0.60 14.65
CA LEU F 544 4.04 0.40 15.89
C LEU F 544 3.62 -0.88 16.59
N LYS F 545 2.34 -1.24 16.52
CA LYS F 545 1.91 -2.53 17.05
C LYS F 545 2.56 -3.66 16.27
N GLY F 546 2.72 -3.49 14.95
CA GLY F 546 3.42 -4.50 14.18
C GLY F 546 4.88 -4.62 14.56
N VAL F 547 5.55 -3.49 14.77
CA VAL F 547 6.97 -3.52 15.07
C VAL F 547 7.22 -4.09 16.47
N LEU F 548 6.44 -3.63 17.45
CA LEU F 548 6.70 -4.01 18.84
C LEU F 548 6.30 -5.45 19.11
N TYR F 549 5.19 -5.91 18.55
CA TYR F 549 4.71 -7.27 18.74
C TYR F 549 5.15 -8.20 17.62
N SER F 550 6.26 -7.88 16.96
CA SER F 550 6.77 -8.72 15.88
C SER F 550 7.49 -9.97 16.37
N ARG F 551 8.02 -9.94 17.60
CA ARG F 551 8.79 -11.04 18.13
C ARG F 551 7.98 -11.97 19.02
N ASN F 552 7.12 -11.42 19.87
CA ASN F 552 6.31 -12.24 20.78
C ASN F 552 5.11 -11.42 21.21
N SER F 553 4.20 -12.10 21.90
CA SER F 553 2.98 -11.49 22.43
C SER F 553 2.41 -12.42 23.49
N ARG F 554 1.27 -12.02 24.06
CA ARG F 554 0.57 -12.92 24.96
C ARG F 554 -0.13 -14.04 24.19
N LEU F 555 -0.54 -13.77 22.95
CA LEU F 555 -1.12 -14.82 22.11
C LEU F 555 -0.05 -15.83 21.71
N ILE F 556 0.96 -15.38 20.97
CA ILE F 556 1.99 -16.26 20.45
C ILE F 556 3.32 -15.86 21.09
N PRO F 557 3.76 -16.57 22.12
CA PRO F 557 5.02 -16.19 22.79
C PRO F 557 6.26 -16.41 21.96
N ASP F 558 6.15 -17.12 20.83
CA ASP F 558 7.28 -17.39 19.95
C ASP F 558 6.96 -16.95 18.52
N LYS F 559 6.41 -15.74 18.39
CA LYS F 559 6.07 -15.21 17.07
C LYS F 559 7.31 -14.95 16.22
N ALA F 560 8.46 -14.73 16.84
CA ALA F 560 9.68 -14.50 16.07
C ALA F 560 10.14 -15.77 15.36
N ASN F 561 9.81 -16.94 15.91
CA ASN F 561 10.16 -18.20 15.25
C ASN F 561 9.32 -18.48 14.02
N LEU F 562 8.20 -17.78 13.84
CA LEU F 562 7.38 -17.92 12.65
C LEU F 562 7.81 -16.99 11.53
N GLY F 563 8.76 -16.10 11.78
CA GLY F 563 9.26 -15.20 10.76
C GLY F 563 8.50 -13.89 10.67
N PHE F 564 8.97 -13.03 9.78
CA PHE F 564 8.30 -11.75 9.56
C PHE F 564 7.02 -11.92 8.75
N ARG F 565 7.04 -12.81 7.76
CA ARG F 565 5.94 -12.98 6.83
C ARG F 565 5.35 -14.38 7.00
N PHE F 566 4.21 -14.45 7.69
CA PHE F 566 3.47 -15.70 7.80
C PHE F 566 1.99 -15.34 7.93
N PRO F 567 1.09 -16.21 7.46
CA PRO F 567 -0.33 -15.82 7.48
C PRO F 567 -0.94 -15.80 8.86
N CYS F 568 -0.57 -16.73 9.73
CA CYS F 568 -1.26 -16.91 11.00
C CYS F 568 -0.45 -17.89 11.84
N ASP F 569 -1.02 -18.25 12.99
CA ASP F 569 -0.58 -19.42 13.74
C ASP F 569 -1.64 -20.52 13.78
N GLY F 570 -2.87 -20.24 13.32
CA GLY F 570 -3.91 -21.23 13.28
C GLY F 570 -5.26 -20.69 13.72
N PRO F 571 -6.31 -21.50 13.56
CA PRO F 571 -7.64 -21.06 14.01
C PRO F 571 -7.80 -21.09 15.52
N GLY F 572 -6.82 -21.59 16.26
CA GLY F 572 -6.92 -21.65 17.69
C GLY F 572 -6.75 -20.30 18.36
N ARG F 573 -6.85 -20.32 19.68
CA ARG F 573 -6.85 -19.09 20.49
C ARG F 573 -7.99 -18.18 20.08
N GLY F 574 -9.08 -18.77 19.59
CA GLY F 574 -10.17 -18.02 19.01
C GLY F 574 -9.93 -17.58 17.60
N GLY F 575 -8.74 -17.80 17.05
CA GLY F 575 -8.38 -17.31 15.73
C GLY F 575 -7.16 -16.40 15.78
N THR F 576 -6.10 -16.79 15.08
CA THR F 576 -4.85 -16.04 15.09
C THR F 576 -4.48 -15.56 13.69
N CYS F 577 -5.47 -15.02 12.97
CA CYS F 577 -5.19 -14.41 11.68
C CYS F 577 -4.22 -13.26 11.84
N GLN F 578 -3.51 -12.93 10.76
CA GLN F 578 -2.85 -11.63 10.60
C GLN F 578 -2.06 -11.20 11.83
N VAL F 579 -1.47 -12.11 12.55
CA VAL F 579 -0.74 -11.69 13.70
C VAL F 579 0.67 -11.32 13.33
N SER F 580 1.05 -11.42 12.08
CA SER F 580 2.41 -11.20 11.72
C SER F 580 2.71 -9.81 11.92
N ALA F 581 3.77 -9.39 11.29
CA ALA F 581 4.15 -8.06 11.38
C ALA F 581 3.98 -7.59 10.02
N TRP F 582 3.83 -8.48 9.09
CA TRP F 582 3.61 -8.13 7.74
C TRP F 582 2.20 -7.79 7.57
N ASP F 583 1.36 -8.47 8.32
CA ASP F 583 -0.07 -8.25 8.21
C ASP F 583 -0.40 -6.92 8.87
N HIS F 584 0.64 -6.25 9.38
CA HIS F 584 0.43 -5.00 10.02
C HIS F 584 0.90 -3.96 9.07
N VAL F 585 1.77 -4.34 8.16
CA VAL F 585 2.20 -3.41 7.18
C VAL F 585 1.17 -3.46 6.11
N PHE F 586 0.35 -4.49 6.06
CA PHE F 586 -0.75 -4.55 5.10
C PHE F 586 -1.91 -3.62 5.54
N LEU F 587 -2.33 -3.76 6.81
CA LEU F 587 -3.36 -2.88 7.34
C LEU F 587 -2.89 -1.43 7.40
N GLY F 588 -1.60 -1.22 7.74
CA GLY F 588 -1.07 0.13 7.74
C GLY F 588 -1.01 0.76 6.37
N LEU F 589 -0.79 -0.06 5.33
CA LEU F 589 -0.90 0.44 3.97
C LEU F 589 -2.31 0.92 3.68
N PHE F 590 -3.30 0.14 4.10
CA PHE F 590 -4.68 0.60 3.94
C PHE F 590 -4.92 1.94 4.63
N TRP F 591 -4.46 2.06 5.88
CA TRP F 591 -4.74 3.28 6.63
C TRP F 591 -3.91 4.46 6.12
N MET F 592 -2.71 4.19 5.60
CA MET F 592 -1.95 5.25 4.93
C MET F 592 -2.68 5.74 3.70
N TYR F 593 -3.27 4.82 2.92
CA TYR F 593 -4.08 5.24 1.79
C TYR F 593 -5.20 6.15 2.25
N ASN F 594 -5.90 5.76 3.32
CA ASN F 594 -6.98 6.60 3.84
C ASN F 594 -6.47 7.99 4.22
N SER F 595 -5.39 8.04 4.99
CA SER F 595 -4.88 9.31 5.49
C SER F 595 -4.42 10.21 4.35
N ILE F 596 -3.66 9.65 3.41
CA ILE F 596 -3.14 10.46 2.31
C ILE F 596 -4.26 10.91 1.39
N SER F 597 -5.28 10.05 1.19
CA SER F 597 -6.43 10.47 0.40
C SER F 597 -7.13 11.65 1.03
N ILE F 598 -7.32 11.62 2.35
CA ILE F 598 -7.95 12.75 3.02
C ILE F 598 -7.06 13.99 2.91
N VAL F 599 -5.75 13.82 3.03
CA VAL F 599 -4.84 14.96 2.96
C VAL F 599 -4.92 15.63 1.59
N ILE F 600 -4.86 14.82 0.52
CA ILE F 600 -4.89 15.39 -0.81
C ILE F 600 -6.26 15.97 -1.15
N PHE F 601 -7.34 15.36 -0.62
CA PHE F 601 -8.66 15.96 -0.80
C PHE F 601 -8.74 17.33 -0.13
N HIS F 602 -8.23 17.42 1.11
CA HIS F 602 -8.20 18.70 1.80
C HIS F 602 -7.41 19.73 1.00
N PHE F 603 -6.24 19.33 0.51
CA PHE F 603 -5.42 20.27 -0.27
C PHE F 603 -6.16 20.74 -1.51
N SER F 604 -6.69 19.79 -2.30
CA SER F 604 -7.36 20.15 -3.54
C SER F 604 -8.53 21.09 -3.29
N TRP F 605 -9.42 20.72 -2.37
CA TRP F 605 -10.60 21.55 -2.13
C TRP F 605 -10.22 22.91 -1.56
N LYS F 606 -9.32 22.94 -0.57
CA LYS F 606 -8.96 24.21 0.05
C LYS F 606 -8.28 25.13 -0.94
N MET F 607 -7.37 24.61 -1.75
CA MET F 607 -6.70 25.46 -2.74
C MET F 607 -7.69 25.98 -3.77
N GLN F 608 -8.51 25.09 -4.34
CA GLN F 608 -9.46 25.51 -5.36
C GLN F 608 -10.48 26.51 -4.81
N SER F 609 -10.83 26.40 -3.53
CA SER F 609 -11.89 27.21 -2.96
C SER F 609 -11.41 28.51 -2.34
N ASP F 610 -10.17 28.55 -1.86
CA ASP F 610 -9.72 29.69 -1.07
C ASP F 610 -8.32 30.17 -1.41
N VAL F 611 -7.68 29.65 -2.46
CA VAL F 611 -6.41 30.22 -2.90
C VAL F 611 -6.45 30.50 -4.39
N TRP F 612 -6.68 29.46 -5.19
CA TRP F 612 -6.59 29.57 -6.63
C TRP F 612 -7.79 30.32 -7.21
N GLY F 613 -7.59 30.89 -8.38
CA GLY F 613 -8.64 31.61 -9.05
C GLY F 613 -8.04 32.70 -9.92
N THR F 614 -8.87 33.71 -10.20
CA THR F 614 -8.48 34.86 -11.02
C THR F 614 -8.69 36.14 -10.23
N VAL F 615 -7.93 37.17 -10.59
CA VAL F 615 -8.02 38.48 -9.96
C VAL F 615 -8.47 39.48 -11.01
N SER F 616 -9.56 40.20 -10.71
CA SER F 616 -10.06 41.21 -11.60
C SER F 616 -9.11 42.40 -11.64
N PRO F 617 -9.17 43.23 -12.70
CA PRO F 617 -8.26 44.39 -12.77
C PRO F 617 -8.41 45.35 -11.61
N THR F 618 -9.59 45.43 -10.99
CA THR F 618 -9.80 46.30 -9.83
C THR F 618 -9.39 45.63 -8.52
N GLY F 619 -8.98 44.37 -8.55
CA GLY F 619 -8.52 43.69 -7.35
C GLY F 619 -9.50 42.75 -6.71
N ALA F 620 -10.59 42.39 -7.39
CA ALA F 620 -11.57 41.45 -6.85
C ALA F 620 -11.12 40.02 -7.13
N VAL F 621 -11.12 39.19 -6.10
CA VAL F 621 -10.63 37.82 -6.19
C VAL F 621 -11.83 36.89 -6.35
N SER F 622 -11.84 36.11 -7.42
CA SER F 622 -12.84 35.08 -7.66
C SER F 622 -12.13 33.74 -7.78
N HIS F 623 -12.57 32.77 -6.99
CA HIS F 623 -11.88 31.49 -6.90
C HIS F 623 -12.51 30.47 -7.85
N ILE F 624 -11.87 29.30 -7.92
CA ILE F 624 -12.33 28.26 -8.83
C ILE F 624 -13.72 27.77 -8.44
N THR F 625 -13.93 27.51 -7.15
CA THR F 625 -15.22 27.04 -6.68
C THR F 625 -16.06 28.13 -6.03
N GLY F 626 -15.44 29.08 -5.34
CA GLY F 626 -16.17 30.22 -4.80
C GLY F 626 -16.28 30.25 -3.30
N GLY F 627 -15.29 29.72 -2.60
CA GLY F 627 -15.28 29.78 -1.15
C GLY F 627 -16.24 28.85 -0.45
N ASN F 628 -16.66 27.77 -1.10
CA ASN F 628 -17.57 26.82 -0.48
C ASN F 628 -16.90 25.94 0.55
N PHE F 629 -15.56 25.97 0.66
CA PHE F 629 -14.87 25.14 1.63
C PHE F 629 -15.22 25.54 3.05
N ALA F 630 -15.36 26.83 3.31
CA ALA F 630 -15.54 27.30 4.68
C ALA F 630 -16.82 26.78 5.31
N GLN F 631 -17.90 26.69 4.52
CA GLN F 631 -19.20 26.34 5.06
C GLN F 631 -19.69 24.95 4.70
N SER F 632 -19.13 24.32 3.66
CA SER F 632 -19.62 23.04 3.19
C SER F 632 -18.62 21.90 3.33
N SER F 633 -17.41 22.17 3.84
CA SER F 633 -16.45 21.10 4.11
C SER F 633 -16.54 20.61 5.55
N ILE F 634 -17.54 21.04 6.30
CA ILE F 634 -17.71 20.66 7.70
C ILE F 634 -18.67 19.51 7.89
N THR F 635 -19.29 19.02 6.82
CA THR F 635 -20.18 17.87 6.87
C THR F 635 -19.76 16.85 5.83
N ILE F 636 -20.03 15.57 6.12
CA ILE F 636 -19.69 14.52 5.17
C ILE F 636 -20.53 14.64 3.91
N ASN F 637 -21.79 15.06 4.05
CA ASN F 637 -22.62 15.34 2.88
C ASN F 637 -22.03 16.46 2.05
N GLY F 638 -21.43 17.45 2.71
CA GLY F 638 -20.76 18.52 1.97
C GLY F 638 -19.60 18.00 1.16
N TRP F 639 -18.76 17.15 1.76
CA TRP F 639 -17.65 16.55 1.02
C TRP F 639 -18.16 15.71 -0.14
N LEU F 640 -19.24 14.95 0.09
CA LEU F 640 -19.78 14.10 -0.96
C LEU F 640 -20.34 14.92 -2.13
N ARG F 641 -21.01 16.02 -1.84
CA ARG F 641 -21.74 16.77 -2.86
C ARG F 641 -20.90 17.90 -3.46
N ASP F 642 -20.48 18.85 -2.64
CA ASP F 642 -19.81 20.04 -3.14
C ASP F 642 -18.38 19.79 -3.56
N PHE F 643 -17.78 18.66 -3.19
CA PHE F 643 -16.45 18.32 -3.65
C PHE F 643 -16.44 17.12 -4.59
N LEU F 644 -16.86 15.94 -4.11
CA LEU F 644 -16.75 14.75 -4.95
C LEU F 644 -17.70 14.82 -6.13
N TRP F 645 -19.00 14.98 -5.86
CA TRP F 645 -19.99 15.05 -6.94
C TRP F 645 -19.75 16.25 -7.84
N SER F 646 -19.44 17.40 -7.24
CA SER F 646 -19.32 18.63 -8.02
C SER F 646 -18.09 18.62 -8.93
N GLN F 647 -16.92 18.25 -8.38
CA GLN F 647 -15.70 18.27 -9.15
C GLN F 647 -15.48 17.01 -9.96
N ALA F 648 -16.33 15.99 -9.79
CA ALA F 648 -16.28 14.83 -10.66
C ALA F 648 -17.04 15.06 -11.96
N ALA F 649 -17.63 16.24 -12.14
CA ALA F 649 -18.36 16.53 -13.37
C ALA F 649 -17.43 16.52 -14.58
N GLN F 650 -16.22 17.04 -14.42
CA GLN F 650 -15.29 17.10 -15.54
C GLN F 650 -14.82 15.72 -15.96
N VAL F 651 -14.69 14.79 -15.02
CA VAL F 651 -14.23 13.45 -15.35
C VAL F 651 -15.31 12.69 -16.12
N VAL F 652 -16.56 12.77 -15.66
CA VAL F 652 -17.63 12.00 -16.28
C VAL F 652 -18.05 12.60 -17.62
N GLN F 653 -17.82 13.89 -17.83
CA GLN F 653 -18.16 14.55 -19.08
C GLN F 653 -16.96 14.71 -20.01
N SER F 654 -15.92 13.90 -19.81
CA SER F 654 -14.70 13.98 -20.60
C SER F 654 -14.75 13.14 -21.87
N TYR F 655 -15.80 12.32 -22.04
CA TYR F 655 -15.86 11.46 -23.21
C TYR F 655 -16.03 12.29 -24.49
N GLY F 656 -15.31 11.91 -25.53
CA GLY F 656 -15.29 12.66 -26.77
C GLY F 656 -14.34 13.82 -26.81
N SER F 657 -13.77 14.22 -25.67
CA SER F 657 -12.82 15.31 -25.59
C SER F 657 -11.41 14.76 -25.47
N SER F 658 -10.44 15.67 -25.36
CA SER F 658 -9.04 15.27 -25.22
C SER F 658 -8.73 14.74 -23.83
N LEU F 659 -9.65 14.87 -22.87
CA LEU F 659 -9.49 14.34 -21.53
C LEU F 659 -10.19 12.99 -21.36
N SER F 660 -10.63 12.38 -22.44
CA SER F 660 -11.36 11.11 -22.34
C SER F 660 -10.52 10.02 -21.72
N ALA F 661 -9.19 10.06 -21.91
CA ALA F 661 -8.33 9.09 -21.27
C ALA F 661 -8.47 9.15 -19.76
N TYR F 662 -8.71 10.33 -19.20
CA TYR F 662 -8.90 10.45 -17.77
C TYR F 662 -10.19 9.76 -17.32
N GLY F 663 -11.26 9.87 -18.11
CA GLY F 663 -12.47 9.13 -17.79
C GLY F 663 -12.29 7.64 -17.90
N LEU F 664 -11.56 7.19 -18.93
CA LEU F 664 -11.28 5.76 -19.07
C LEU F 664 -10.48 5.24 -17.89
N ILE F 665 -9.46 5.98 -17.47
CA ILE F 665 -8.65 5.56 -16.32
C ILE F 665 -9.46 5.65 -15.03
N PHE F 666 -10.37 6.62 -14.93
CA PHE F 666 -11.31 6.68 -13.81
C PHE F 666 -12.10 5.38 -13.69
N LEU F 667 -12.71 4.96 -14.80
CA LEU F 667 -13.49 3.72 -14.80
C LEU F 667 -12.61 2.50 -14.53
N GLY F 668 -11.44 2.44 -15.15
CA GLY F 668 -10.56 1.29 -14.95
C GLY F 668 -10.04 1.20 -13.54
N ALA F 669 -9.76 2.34 -12.91
CA ALA F 669 -9.32 2.34 -11.52
C ALA F 669 -10.44 1.93 -10.59
N HIS F 670 -11.68 2.35 -10.89
CA HIS F 670 -12.82 1.83 -10.15
C HIS F 670 -12.89 0.31 -10.27
N PHE F 671 -12.70 -0.19 -11.49
CA PHE F 671 -12.75 -1.63 -11.72
C PHE F 671 -11.67 -2.36 -10.94
N ILE F 672 -10.45 -1.81 -10.93
CA ILE F 672 -9.35 -2.47 -10.23
C ILE F 672 -9.57 -2.43 -8.71
N TRP F 673 -10.06 -1.30 -8.20
CA TRP F 673 -10.34 -1.20 -6.78
C TRP F 673 -11.40 -2.21 -6.35
N ALA F 674 -12.46 -2.35 -7.15
CA ALA F 674 -13.47 -3.37 -6.84
C ALA F 674 -12.91 -4.78 -7.02
N PHE F 675 -12.00 -4.97 -7.98
CA PHE F 675 -11.37 -6.26 -8.19
C PHE F 675 -10.57 -6.68 -6.96
N SER F 676 -9.94 -5.71 -6.29
CA SER F 676 -9.15 -6.00 -5.09
C SER F 676 -9.98 -6.69 -4.02
N LEU F 677 -11.26 -6.32 -3.92
CA LEU F 677 -12.10 -6.84 -2.84
C LEU F 677 -12.35 -8.34 -2.96
N MET F 678 -12.20 -8.90 -4.17
CA MET F 678 -12.26 -10.35 -4.30
C MET F 678 -11.14 -11.02 -3.50
N PHE F 679 -9.92 -10.49 -3.59
CA PHE F 679 -8.82 -11.05 -2.83
C PHE F 679 -8.88 -10.67 -1.36
N LEU F 680 -9.37 -9.47 -1.06
CA LEU F 680 -9.39 -9.01 0.33
C LEU F 680 -10.46 -9.70 1.15
N PHE F 681 -11.60 -10.03 0.54
CA PHE F 681 -12.73 -10.56 1.30
C PHE F 681 -12.77 -12.08 1.33
N SER F 682 -12.17 -12.75 0.35
CA SER F 682 -12.28 -14.19 0.21
C SER F 682 -11.11 -14.90 0.88
N GLY F 683 -11.07 -16.22 0.73
CA GLY F 683 -10.04 -17.02 1.34
C GLY F 683 -9.51 -18.07 0.39
N ARG F 684 -8.51 -18.88 0.72
CA ARG F 684 -7.94 -19.82 -0.25
C ARG F 684 -8.69 -21.09 -0.41
N GLY F 685 -9.24 -21.62 0.64
CA GLY F 685 -9.89 -22.90 0.57
C GLY F 685 -10.84 -22.89 -0.57
N TYR F 686 -11.53 -21.80 -0.75
CA TYR F 686 -12.53 -21.79 -1.81
C TYR F 686 -11.88 -21.83 -3.17
N TRP F 687 -10.85 -21.01 -3.37
CA TRP F 687 -10.20 -20.94 -4.67
C TRP F 687 -9.43 -22.22 -4.97
N GLN F 688 -8.82 -22.83 -3.96
CA GLN F 688 -8.16 -24.11 -4.17
C GLN F 688 -9.16 -25.19 -4.57
N GLU F 689 -10.33 -25.21 -3.92
CA GLU F 689 -11.31 -26.24 -4.26
C GLU F 689 -11.96 -25.98 -5.61
N LEU F 690 -12.05 -24.72 -6.05
CA LEU F 690 -12.52 -24.44 -7.40
C LEU F 690 -11.48 -24.84 -8.45
N ILE F 691 -10.20 -24.56 -8.16
CA ILE F 691 -9.12 -25.01 -9.02
C ILE F 691 -9.10 -26.53 -9.09
N GLU F 692 -9.58 -27.21 -8.04
CA GLU F 692 -9.68 -28.66 -8.09
C GLU F 692 -10.60 -29.12 -9.22
N SER F 693 -11.78 -28.50 -9.34
CA SER F 693 -12.71 -28.88 -10.40
C SER F 693 -12.19 -28.45 -11.77
N ILE F 694 -11.55 -27.30 -11.85
CA ILE F 694 -10.95 -26.86 -13.12
C ILE F 694 -9.87 -27.85 -13.56
N VAL F 695 -9.06 -28.31 -12.60
CA VAL F 695 -8.03 -29.30 -12.88
C VAL F 695 -8.67 -30.62 -13.29
N TRP F 696 -9.82 -30.97 -12.69
CA TRP F 696 -10.52 -32.16 -13.13
C TRP F 696 -10.90 -32.05 -14.60
N ALA F 697 -11.41 -30.90 -15.01
CA ALA F 697 -11.77 -30.72 -16.41
C ALA F 697 -10.53 -30.84 -17.30
N HIS F 698 -9.42 -30.22 -16.89
CA HIS F 698 -8.20 -30.29 -17.67
C HIS F 698 -7.69 -31.72 -17.80
N ASN F 699 -7.73 -32.47 -16.70
CA ASN F 699 -7.32 -33.88 -16.74
C ASN F 699 -8.25 -34.68 -17.63
N LYS F 700 -9.55 -34.38 -17.60
CA LYS F 700 -10.49 -35.04 -18.50
C LYS F 700 -10.14 -34.77 -19.95
N LEU F 701 -9.61 -33.59 -20.25
CA LEU F 701 -9.16 -33.28 -21.60
C LEU F 701 -7.65 -33.45 -21.78
N LYS F 702 -6.98 -34.10 -20.83
CA LYS F 702 -5.55 -34.42 -20.94
C LYS F 702 -4.69 -33.18 -21.12
N VAL F 703 -5.06 -32.07 -20.49
CA VAL F 703 -4.35 -30.82 -20.68
C VAL F 703 -3.98 -30.22 -19.33
N ALA F 704 -3.93 -31.06 -18.30
CA ALA F 704 -3.51 -30.60 -16.99
C ALA F 704 -2.01 -30.29 -17.02
N PRO F 705 -1.59 -29.10 -16.62
CA PRO F 705 -0.15 -28.79 -16.64
C PRO F 705 0.62 -29.61 -15.62
N SER F 706 1.89 -29.86 -15.96
CA SER F 706 2.77 -30.58 -15.02
C SER F 706 3.02 -29.76 -13.78
N ILE F 707 3.20 -28.44 -13.92
CA ILE F 707 3.29 -27.56 -12.77
C ILE F 707 1.90 -27.43 -12.17
N GLN F 708 1.70 -28.05 -11.02
CA GLN F 708 0.35 -28.14 -10.45
C GLN F 708 -0.15 -26.75 -10.09
N PRO F 709 -1.31 -26.34 -10.59
CA PRO F 709 -1.85 -25.01 -10.28
C PRO F 709 -2.40 -24.96 -8.87
N ARG F 710 -1.89 -24.02 -8.08
CA ARG F 710 -2.33 -23.82 -6.70
C ARG F 710 -2.81 -22.39 -6.53
N ALA F 711 -3.82 -22.22 -5.68
CA ALA F 711 -4.31 -20.89 -5.37
C ALA F 711 -3.22 -20.09 -4.66
N LEU F 712 -3.27 -18.77 -4.83
CA LEU F 712 -2.27 -17.91 -4.22
C LEU F 712 -2.26 -18.08 -2.71
N SER F 713 -1.06 -18.12 -2.13
CA SER F 713 -0.94 -18.27 -0.69
C SER F 713 -1.67 -17.14 0.03
N ILE F 714 -1.97 -17.38 1.31
CA ILE F 714 -2.74 -16.43 2.11
C ILE F 714 -2.05 -15.07 2.11
N THR F 715 -0.75 -15.05 2.39
CA THR F 715 -0.01 -13.80 2.38
C THR F 715 0.00 -13.17 1.00
N GLN F 716 0.17 -13.97 -0.05
CA GLN F 716 0.13 -13.41 -1.40
C GLN F 716 -1.27 -12.94 -1.77
N GLY F 717 -2.31 -13.63 -1.29
CA GLY F 717 -3.65 -13.12 -1.52
C GLY F 717 -3.86 -11.76 -0.89
N ARG F 718 -3.38 -11.58 0.33
CA ARG F 718 -3.45 -10.28 0.98
C ARG F 718 -2.64 -9.24 0.23
N ALA F 719 -1.45 -9.62 -0.23
CA ALA F 719 -0.60 -8.67 -0.96
C ALA F 719 -1.25 -8.24 -2.27
N VAL F 720 -1.83 -9.18 -3.01
CA VAL F 720 -2.52 -8.85 -4.24
C VAL F 720 -3.71 -7.95 -3.96
N GLY F 721 -4.47 -8.26 -2.90
CA GLY F 721 -5.60 -7.44 -2.56
C GLY F 721 -5.21 -6.00 -2.23
N VAL F 722 -4.18 -5.84 -1.40
CA VAL F 722 -3.77 -4.48 -1.02
C VAL F 722 -3.16 -3.74 -2.19
N ALA F 723 -2.40 -4.43 -3.04
CA ALA F 723 -1.81 -3.78 -4.20
C ALA F 723 -2.89 -3.29 -5.16
N HIS F 724 -3.88 -4.14 -5.43
CA HIS F 724 -4.97 -3.74 -6.30
C HIS F 724 -5.80 -2.63 -5.68
N TYR F 725 -6.04 -2.69 -4.36
CA TYR F 725 -6.79 -1.65 -3.69
C TYR F 725 -6.10 -0.31 -3.81
N LEU F 726 -4.79 -0.28 -3.51
CA LEU F 726 -4.03 0.95 -3.61
C LEU F 726 -4.00 1.46 -5.04
N LEU F 727 -3.76 0.57 -6.00
CA LEU F 727 -3.71 1.00 -7.39
C LEU F 727 -5.04 1.59 -7.83
N GLY F 728 -6.15 0.92 -7.52
CA GLY F 728 -7.45 1.40 -7.94
C GLY F 728 -7.81 2.73 -7.30
N GLY F 729 -7.62 2.84 -5.97
CA GLY F 729 -7.96 4.09 -5.31
C GLY F 729 -7.10 5.25 -5.76
N ILE F 730 -5.78 5.02 -5.82
CA ILE F 730 -4.87 6.09 -6.22
C ILE F 730 -5.10 6.47 -7.67
N GLY F 731 -5.39 5.51 -8.54
CA GLY F 731 -5.68 5.82 -9.92
C GLY F 731 -6.98 6.58 -10.09
N THR F 732 -8.00 6.23 -9.31
CA THR F 732 -9.26 6.97 -9.36
C THR F 732 -9.04 8.41 -8.94
N THR F 733 -8.34 8.62 -7.83
CA THR F 733 -8.04 9.98 -7.40
C THR F 733 -7.15 10.70 -8.41
N TRP F 734 -6.22 9.97 -9.04
CA TRP F 734 -5.34 10.53 -10.05
C TRP F 734 -6.12 11.07 -11.23
N ALA F 735 -6.99 10.23 -11.80
CA ALA F 735 -7.80 10.65 -12.94
C ALA F 735 -8.73 11.79 -12.55
N PHE F 736 -9.38 11.69 -11.38
CA PHE F 736 -10.29 12.74 -10.94
C PHE F 736 -9.56 14.07 -10.81
N PHE F 737 -8.44 14.09 -10.08
CA PHE F 737 -7.68 15.31 -9.88
C PHE F 737 -7.21 15.89 -11.20
N LEU F 738 -6.63 15.04 -12.07
CA LEU F 738 -6.04 15.55 -13.29
C LEU F 738 -7.09 16.13 -14.23
N ALA F 739 -8.19 15.38 -14.43
CA ALA F 739 -9.24 15.90 -15.32
C ALA F 739 -9.84 17.17 -14.76
N ARG F 740 -10.12 17.20 -13.45
CA ARG F 740 -10.74 18.39 -12.86
C ARG F 740 -9.84 19.60 -12.98
N ILE F 741 -8.55 19.44 -12.64
CA ILE F 741 -7.66 20.60 -12.58
C ILE F 741 -7.13 20.98 -13.96
N ILE F 742 -7.25 20.11 -14.96
CA ILE F 742 -6.89 20.50 -16.31
C ILE F 742 -8.07 21.19 -17.00
N SER F 743 -9.29 20.72 -16.75
CA SER F 743 -10.45 21.36 -17.34
C SER F 743 -10.63 22.79 -16.82
N VAL F 744 -10.44 23.00 -15.52
CA VAL F 744 -10.65 24.32 -14.94
C VAL F 744 -9.35 24.84 -14.31
N VAL G 2 -23.68 -16.70 34.46
CA VAL G 2 -23.05 -17.29 33.34
C VAL G 2 -23.34 -18.75 33.43
N TYR G 3 -24.60 -19.12 33.48
CA TYR G 3 -24.98 -20.50 33.63
C TYR G 3 -26.41 -20.70 33.32
N LYS G 4 -27.02 -19.83 32.55
CA LYS G 4 -28.39 -20.07 32.16
C LYS G 4 -28.92 -19.23 31.03
N PHE G 5 -28.10 -18.76 30.10
CA PHE G 5 -28.67 -18.06 28.96
C PHE G 5 -28.86 -19.05 27.82
N PRO G 6 -27.80 -19.71 27.30
CA PRO G 6 -28.11 -20.72 26.27
C PRO G 6 -28.61 -22.00 26.94
N LYS G 7 -29.87 -21.94 27.37
CA LYS G 7 -30.50 -23.08 28.02
C LYS G 7 -30.48 -24.31 27.13
N PHE G 8 -30.51 -24.12 25.81
CA PHE G 8 -30.53 -25.21 24.86
C PHE G 8 -29.17 -25.82 24.59
N SER G 9 -28.09 -25.21 25.09
CA SER G 9 -26.74 -25.68 24.80
C SER G 9 -25.89 -25.55 26.06
N LYS G 10 -25.48 -26.69 26.62
CA LYS G 10 -24.59 -26.67 27.77
C LYS G 10 -23.17 -26.32 27.38
N ALA G 11 -22.76 -26.66 26.16
CA ALA G 11 -21.41 -26.35 25.70
C ALA G 11 -21.19 -24.84 25.65
N LEU G 12 -22.21 -24.09 25.21
CA LEU G 12 -22.08 -22.64 25.18
C LEU G 12 -22.19 -22.05 26.58
N ALA G 13 -23.07 -22.61 27.41
CA ALA G 13 -23.28 -22.06 28.75
C ALA G 13 -22.04 -22.16 29.62
N GLU G 14 -21.09 -23.02 29.27
CA GLU G 14 -19.84 -23.13 30.00
C GLU G 14 -18.74 -22.25 29.42
N ASP G 15 -19.03 -21.49 28.37
CA ASP G 15 -18.05 -20.58 27.79
C ASP G 15 -17.85 -19.40 28.73
N PRO G 16 -16.62 -19.12 29.18
CA PRO G 16 -16.38 -18.00 30.09
C PRO G 16 -16.30 -16.65 29.39
N SER G 17 -16.42 -16.61 28.07
CA SER G 17 -16.21 -15.39 27.29
C SER G 17 -17.54 -14.84 26.80
N THR G 18 -17.47 -13.68 26.15
CA THR G 18 -18.64 -13.07 25.53
C THR G 18 -19.12 -13.83 24.30
N ARG G 19 -18.33 -14.80 23.82
CA ARG G 19 -18.75 -15.62 22.69
C ARG G 19 -20.02 -16.41 23.02
N ARG G 20 -20.23 -16.73 24.29
CA ARG G 20 -21.44 -17.45 24.68
C ARG G 20 -22.69 -16.65 24.37
N ILE G 21 -22.67 -15.35 24.67
CA ILE G 21 -23.82 -14.50 24.38
C ILE G 21 -24.05 -14.39 22.89
N TRP G 22 -22.97 -14.18 22.12
CA TRP G 22 -23.10 -14.03 20.68
C TRP G 22 -23.64 -15.31 20.04
N TYR G 23 -23.09 -16.46 20.44
CA TYR G 23 -23.52 -17.73 19.87
C TYR G 23 -24.88 -18.16 20.41
N GLY G 24 -25.28 -17.67 21.59
CA GLY G 24 -26.61 -17.98 22.08
C GLY G 24 -27.71 -17.40 21.21
N ILE G 25 -27.48 -16.21 20.66
CA ILE G 25 -28.45 -15.60 19.75
C ILE G 25 -28.51 -16.38 18.45
N ALA G 26 -27.35 -16.69 17.88
CA ALA G 26 -27.26 -17.21 16.53
C ALA G 26 -27.56 -18.70 16.42
N THR G 27 -27.74 -19.39 17.54
CA THR G 27 -28.07 -20.81 17.54
C THR G 27 -29.43 -21.09 18.19
N ALA G 28 -30.22 -20.06 18.46
CA ALA G 28 -31.48 -20.24 19.18
C ALA G 28 -32.50 -20.98 18.34
N HIS G 29 -32.49 -20.80 17.03
CA HIS G 29 -33.47 -21.40 16.15
C HIS G 29 -32.98 -22.68 15.48
N ASP G 30 -31.72 -23.07 15.69
CA ASP G 30 -31.23 -24.35 15.19
C ASP G 30 -31.61 -25.42 16.20
N PHE G 31 -32.89 -25.81 16.17
CA PHE G 31 -33.42 -26.71 17.17
C PHE G 31 -32.78 -28.09 17.11
N GLU G 32 -32.36 -28.53 15.92
CA GLU G 32 -31.79 -29.86 15.77
C GLU G 32 -30.46 -30.01 16.51
N SER G 33 -29.78 -28.90 16.81
CA SER G 33 -28.49 -28.94 17.48
C SER G 33 -28.61 -28.70 18.98
N HIS G 34 -29.82 -28.58 19.52
CA HIS G 34 -29.99 -28.26 20.92
C HIS G 34 -29.78 -29.50 21.80
N ASP G 35 -29.43 -29.25 23.06
CA ASP G 35 -29.20 -30.34 24.00
C ASP G 35 -30.51 -31.03 24.36
N ALA G 36 -30.41 -32.34 24.59
CA ALA G 36 -31.55 -33.20 24.95
C ALA G 36 -32.68 -33.02 23.94
N MET G 37 -32.38 -33.42 22.71
CA MET G 37 -33.23 -33.11 21.56
C MET G 37 -33.78 -34.40 20.97
N THR G 38 -35.08 -34.43 20.72
CA THR G 38 -35.72 -35.53 20.02
C THR G 38 -36.46 -34.99 18.80
N GLU G 39 -36.90 -35.90 17.93
CA GLU G 39 -37.59 -35.48 16.71
C GLU G 39 -39.00 -34.96 17.02
N SER G 40 -39.69 -35.62 17.96
CA SER G 40 -41.05 -35.18 18.30
C SER G 40 -41.05 -33.76 18.84
N LYS G 41 -40.13 -33.47 19.77
CA LYS G 41 -40.01 -32.12 20.30
C LYS G 41 -39.64 -31.14 19.19
N LEU G 42 -38.82 -31.57 18.24
CA LEU G 42 -38.43 -30.71 17.13
C LEU G 42 -39.64 -30.29 16.32
N TYR G 43 -40.44 -31.26 15.89
CA TYR G 43 -41.60 -30.94 15.07
C TYR G 43 -42.63 -30.13 15.84
N GLN G 44 -42.83 -30.45 17.13
CA GLN G 44 -43.79 -29.70 17.93
C GLN G 44 -43.35 -28.25 18.12
N LYS G 45 -42.07 -28.02 18.40
CA LYS G 45 -41.57 -26.66 18.55
C LYS G 45 -41.65 -25.89 17.24
N ILE G 46 -41.35 -26.55 16.12
CA ILE G 46 -41.46 -25.89 14.83
C ILE G 46 -42.91 -25.52 14.54
N PHE G 47 -43.85 -26.40 14.92
CA PHE G 47 -45.27 -26.14 14.73
C PHE G 47 -45.71 -24.91 15.53
N ALA G 48 -45.32 -24.86 16.81
CA ALA G 48 -45.67 -23.70 17.63
C ALA G 48 -45.03 -22.42 17.12
N SER G 49 -43.78 -22.51 16.65
CA SER G 49 -43.11 -21.35 16.09
C SER G 49 -43.81 -20.87 14.83
N HIS G 50 -44.31 -21.80 14.02
CA HIS G 50 -45.09 -21.42 12.85
C HIS G 50 -46.33 -20.65 13.27
N PHE G 51 -47.02 -21.12 14.31
CA PHE G 51 -48.21 -20.41 14.78
C PHE G 51 -47.87 -19.00 15.23
N GLY G 52 -46.81 -18.86 16.02
CA GLY G 52 -46.39 -17.54 16.45
C GLY G 52 -46.00 -16.64 15.30
N HIS G 53 -45.38 -17.22 14.27
CA HIS G 53 -44.98 -16.45 13.10
C HIS G 53 -46.19 -15.93 12.32
N ILE G 54 -47.19 -16.79 12.11
CA ILE G 54 -48.40 -16.34 11.42
C ILE G 54 -49.10 -15.27 12.23
N ALA G 55 -49.09 -15.42 13.56
CA ALA G 55 -49.65 -14.37 14.41
C ALA G 55 -48.91 -13.06 14.24
N ILE G 56 -47.58 -13.12 14.13
CA ILE G 56 -46.79 -11.89 13.91
C ILE G 56 -47.16 -11.25 12.58
N ILE G 57 -47.31 -12.06 11.53
CA ILE G 57 -47.67 -11.53 10.21
C ILE G 57 -49.02 -10.83 10.27
N PHE G 58 -50.00 -11.48 10.91
CA PHE G 58 -51.33 -10.89 10.99
C PHE G 58 -51.33 -9.62 11.83
N LEU G 59 -50.54 -9.59 12.91
CA LEU G 59 -50.44 -8.38 13.71
C LEU G 59 -49.81 -7.25 12.92
N TRP G 60 -48.81 -7.56 12.10
CA TRP G 60 -48.19 -6.54 11.24
C TRP G 60 -49.20 -5.97 10.25
N THR G 61 -49.98 -6.83 9.61
CA THR G 61 -51.01 -6.35 8.69
C THR G 61 -52.06 -5.52 9.41
N ALA G 62 -52.46 -5.96 10.61
CA ALA G 62 -53.42 -5.20 11.39
C ALA G 62 -52.88 -3.83 11.76
N GLY G 63 -51.59 -3.76 12.09
CA GLY G 63 -50.99 -2.47 12.40
C GLY G 63 -50.98 -1.55 11.20
N ASN G 64 -50.67 -2.08 10.02
CA ASN G 64 -50.73 -1.27 8.80
C ASN G 64 -52.14 -0.74 8.58
N LEU G 65 -53.13 -1.61 8.72
CA LEU G 65 -54.53 -1.19 8.54
C LEU G 65 -54.91 -0.10 9.54
N PHE G 66 -54.56 -0.30 10.81
CA PHE G 66 -54.94 0.66 11.85
C PHE G 66 -54.27 2.00 11.61
N HIS G 67 -53.00 2.00 11.22
CA HIS G 67 -52.30 3.27 11.05
C HIS G 67 -52.76 4.00 9.79
N VAL G 68 -53.17 3.26 8.76
CA VAL G 68 -53.79 3.94 7.62
C VAL G 68 -55.15 4.51 8.01
N ALA G 69 -55.91 3.78 8.83
CA ALA G 69 -57.23 4.25 9.24
C ALA G 69 -57.16 5.46 10.16
N TRP G 70 -56.12 5.54 11.00
CA TRP G 70 -56.04 6.55 12.04
C TRP G 70 -55.31 7.80 11.59
N GLN G 71 -54.13 7.64 10.99
CA GLN G 71 -53.28 8.77 10.62
C GLN G 71 -53.14 8.95 9.12
N GLY G 72 -53.75 8.09 8.32
CA GLY G 72 -53.67 8.22 6.88
C GLY G 72 -54.72 9.17 6.32
N ASN G 73 -54.74 9.25 5.00
CA ASN G 73 -55.72 10.05 4.26
C ASN G 73 -56.44 9.17 3.25
N PHE G 74 -56.85 7.98 3.69
CA PHE G 74 -57.48 7.03 2.78
C PHE G 74 -58.77 7.59 2.19
N GLU G 75 -59.61 8.18 3.03
CA GLU G 75 -60.90 8.69 2.54
C GLU G 75 -60.70 9.83 1.54
N ALA G 76 -59.75 10.73 1.81
CA ALA G 76 -59.46 11.80 0.86
C ALA G 76 -58.85 11.24 -0.42
N TRP G 77 -58.02 10.20 -0.30
CA TRP G 77 -57.41 9.60 -1.47
C TRP G 77 -58.43 8.91 -2.36
N ILE G 78 -59.56 8.48 -1.79
CA ILE G 78 -60.59 7.82 -2.59
C ILE G 78 -61.16 8.79 -3.62
N LEU G 79 -61.40 10.04 -3.22
CA LEU G 79 -62.03 11.01 -4.10
C LEU G 79 -61.10 11.57 -5.15
N ASN G 80 -59.78 11.43 -4.97
CA ASN G 80 -58.80 11.95 -5.92
C ASN G 80 -57.54 11.10 -5.84
N PRO G 81 -57.58 9.90 -6.42
CA PRO G 81 -56.44 8.98 -6.28
C PRO G 81 -55.22 9.39 -7.08
N LEU G 82 -55.36 10.23 -8.10
CA LEU G 82 -54.25 10.59 -8.97
C LEU G 82 -53.50 11.83 -8.51
N LYS G 83 -54.05 12.59 -7.56
CA LYS G 83 -53.41 13.80 -7.06
C LYS G 83 -53.05 13.71 -5.59
N VAL G 84 -53.86 13.05 -4.79
CA VAL G 84 -53.59 12.91 -3.35
C VAL G 84 -52.54 11.82 -3.15
N ARG G 85 -51.53 12.13 -2.37
CA ARG G 85 -50.47 11.17 -2.07
C ARG G 85 -50.83 10.39 -0.81
N PRO G 86 -50.87 9.07 -0.86
CA PRO G 86 -51.23 8.29 0.33
C PRO G 86 -50.25 8.51 1.48
N ILE G 87 -50.79 8.48 2.70
CA ILE G 87 -50.00 8.68 3.92
C ILE G 87 -49.93 7.37 4.67
N ALA G 88 -48.72 6.96 5.06
CA ALA G 88 -48.54 5.71 5.78
C ALA G 88 -48.91 5.86 7.26
N HIS G 89 -48.21 6.74 7.97
CA HIS G 89 -48.49 6.96 9.38
C HIS G 89 -47.90 8.31 9.78
N ALA G 90 -48.35 8.82 10.92
CA ALA G 90 -47.88 10.10 11.40
C ALA G 90 -46.49 9.95 12.04
N ILE G 91 -45.84 11.08 12.24
CA ILE G 91 -44.50 11.14 12.80
C ILE G 91 -44.53 11.95 14.08
N TRP G 92 -43.92 11.42 15.14
CA TRP G 92 -43.67 12.16 16.36
C TRP G 92 -42.23 11.87 16.78
N ASP G 93 -41.32 12.78 16.43
CA ASP G 93 -39.90 12.63 16.73
C ASP G 93 -39.44 13.90 17.45
N PRO G 94 -39.00 13.80 18.71
CA PRO G 94 -38.60 15.01 19.44
C PRO G 94 -37.41 15.73 18.86
N HIS G 95 -36.61 15.07 18.01
CA HIS G 95 -35.41 15.68 17.46
C HIS G 95 -35.69 16.61 16.30
N PHE G 96 -36.93 16.67 15.82
CA PHE G 96 -37.26 17.52 14.68
C PHE G 96 -37.08 18.99 15.06
N GLY G 97 -36.54 19.76 14.12
CA GLY G 97 -36.60 21.21 14.20
C GLY G 97 -37.92 21.69 13.62
N GLN G 98 -38.10 23.01 13.65
CA GLN G 98 -39.30 23.58 13.04
C GLN G 98 -39.32 23.34 11.53
N ALA G 99 -38.15 23.41 10.89
CA ALA G 99 -38.07 23.19 9.46
C ALA G 99 -38.46 21.75 9.09
N ALA G 100 -37.98 20.78 9.86
CA ALA G 100 -38.34 19.39 9.58
C ALA G 100 -39.83 19.14 9.80
N TYR G 101 -40.40 19.73 10.86
CA TYR G 101 -41.84 19.61 11.08
C TYR G 101 -42.60 20.20 9.91
N LYS G 102 -42.20 21.38 9.44
CA LYS G 102 -42.90 22.02 8.34
C LYS G 102 -42.79 21.21 7.06
N ALA G 103 -41.61 20.65 6.78
CA ALA G 103 -41.42 19.91 5.54
C ALA G 103 -42.16 18.59 5.54
N PHE G 104 -42.15 17.89 6.68
CA PHE G 104 -42.87 16.62 6.75
C PHE G 104 -44.35 16.80 7.05
N LEU G 105 -44.80 18.03 7.29
CA LEU G 105 -46.19 18.28 7.64
C LEU G 105 -47.11 17.90 6.49
N LYS G 106 -48.07 17.03 6.76
CA LYS G 106 -49.08 16.62 5.80
C LYS G 106 -50.43 16.65 6.51
N THR G 107 -51.31 17.55 6.06
CA THR G 107 -52.59 17.81 6.69
C THR G 107 -52.43 18.32 8.11
N SER G 108 -52.57 17.44 9.10
CA SER G 108 -52.62 17.86 10.50
C SER G 108 -51.34 17.58 11.27
N SER G 109 -50.50 16.66 10.81
CA SER G 109 -49.31 16.27 11.56
C SER G 109 -48.25 15.81 10.56
N PRO G 110 -46.97 15.88 10.91
CA PRO G 110 -45.95 15.28 10.06
C PRO G 110 -46.23 13.80 9.85
N ALA G 111 -46.05 13.36 8.61
CA ALA G 111 -46.43 11.99 8.25
C ALA G 111 -45.55 11.50 7.12
N ASN G 112 -45.54 10.19 6.93
CA ASN G 112 -44.76 9.55 5.88
C ASN G 112 -45.68 9.11 4.76
N LEU G 113 -45.28 9.41 3.53
CA LEU G 113 -46.00 8.88 2.37
C LEU G 113 -45.92 7.37 2.36
N ALA G 114 -46.99 6.72 1.92
CA ALA G 114 -47.05 5.27 1.90
C ALA G 114 -46.58 4.76 0.54
N LEU G 115 -45.48 4.00 0.54
CA LEU G 115 -44.91 3.43 -0.67
C LEU G 115 -45.22 1.95 -0.80
N SER G 116 -46.04 1.40 0.10
CA SER G 116 -46.37 -0.02 0.05
C SER G 116 -47.53 -0.32 -0.90
N GLY G 117 -48.18 0.70 -1.44
CA GLY G 117 -49.30 0.47 -2.33
C GLY G 117 -50.51 -0.14 -1.66
N VAL G 118 -50.61 -0.05 -0.34
CA VAL G 118 -51.75 -0.63 0.37
C VAL G 118 -53.03 0.13 0.06
N TYR G 119 -52.93 1.44 -0.18
CA TYR G 119 -54.11 2.23 -0.50
C TYR G 119 -54.80 1.70 -1.75
N GLU G 120 -54.03 1.48 -2.81
CA GLU G 120 -54.61 0.98 -4.06
C GLU G 120 -55.13 -0.44 -3.89
N TRP G 121 -54.40 -1.29 -3.16
CA TRP G 121 -54.82 -2.67 -2.96
C TRP G 121 -56.14 -2.72 -2.19
N TRP G 122 -56.24 -1.96 -1.10
CA TRP G 122 -57.45 -1.97 -0.30
C TRP G 122 -58.61 -1.29 -1.03
N TYR G 123 -58.33 -0.26 -1.81
CA TYR G 123 -59.37 0.38 -2.60
C TYR G 123 -59.91 -0.57 -3.66
N THR G 124 -59.03 -1.37 -4.28
CA THR G 124 -59.47 -2.29 -5.32
C THR G 124 -60.39 -3.37 -4.76
N ILE G 125 -60.09 -3.87 -3.57
CA ILE G 125 -60.83 -4.99 -2.99
C ILE G 125 -62.10 -4.47 -2.30
N GLY G 126 -62.36 -3.17 -2.43
CA GLY G 126 -63.64 -2.62 -1.98
C GLY G 126 -63.63 -2.05 -0.59
N MET G 127 -62.68 -1.16 -0.29
CA MET G 127 -62.68 -0.42 0.96
C MET G 127 -62.79 1.07 0.66
N ARG G 128 -63.77 1.74 1.30
CA ARG G 128 -64.04 3.14 1.03
C ARG G 128 -64.07 4.00 2.27
N THR G 129 -63.85 3.45 3.46
CA THR G 129 -64.02 4.19 4.69
C THR G 129 -62.89 3.84 5.66
N ASN G 130 -62.53 4.81 6.50
CA ASN G 130 -61.58 4.57 7.58
C ASN G 130 -62.17 3.66 8.66
N ASN G 131 -63.47 3.36 8.60
CA ASN G 131 -64.07 2.37 9.47
C ASN G 131 -63.99 0.96 8.87
N ASP G 132 -63.84 0.84 7.55
CA ASP G 132 -63.60 -0.47 6.96
C ASP G 132 -62.20 -0.97 7.31
N LEU G 133 -61.21 -0.06 7.31
CA LEU G 133 -59.85 -0.44 7.71
C LEU G 133 -59.80 -0.83 9.18
N TYR G 134 -60.53 -0.10 10.02
CA TYR G 134 -60.53 -0.42 11.45
C TYR G 134 -61.14 -1.79 11.71
N GLN G 135 -62.20 -2.15 10.97
CA GLN G 135 -62.76 -3.48 11.08
C GLN G 135 -61.74 -4.55 10.69
N GLY G 136 -60.99 -4.29 9.63
CA GLY G 136 -59.95 -5.24 9.22
C GLY G 136 -58.87 -5.40 10.29
N SER G 137 -58.45 -4.29 10.90
CA SER G 137 -57.46 -4.36 11.96
C SER G 137 -57.98 -5.14 13.15
N PHE G 138 -59.23 -4.89 13.55
CA PHE G 138 -59.84 -5.63 14.65
C PHE G 138 -59.89 -7.12 14.35
N PHE G 139 -60.34 -7.48 13.15
CA PHE G 139 -60.44 -8.88 12.77
C PHE G 139 -59.07 -9.55 12.73
N LEU G 140 -58.06 -8.83 12.23
CA LEU G 140 -56.73 -9.42 12.15
C LEU G 140 -56.10 -9.60 13.52
N ILE G 141 -56.37 -8.69 14.46
CA ILE G 141 -55.88 -8.91 15.82
C ILE G 141 -56.60 -10.10 16.44
N LEU G 142 -57.89 -10.27 16.15
CA LEU G 142 -58.59 -11.47 16.61
C LEU G 142 -57.97 -12.74 16.04
N LEU G 143 -57.61 -12.71 14.74
CA LEU G 143 -56.97 -13.88 14.12
C LEU G 143 -55.61 -14.15 14.74
N SER G 144 -54.86 -13.10 15.05
CA SER G 144 -53.57 -13.26 15.72
C SER G 144 -53.76 -13.90 17.09
N SER G 145 -54.79 -13.49 17.82
CA SER G 145 -55.10 -14.13 19.10
C SER G 145 -55.43 -15.60 18.91
N LEU G 146 -56.21 -15.92 17.88
CA LEU G 146 -56.52 -17.31 17.55
C LEU G 146 -55.24 -18.11 17.33
N LEU G 147 -54.32 -17.58 16.53
CA LEU G 147 -53.10 -18.31 16.20
C LEU G 147 -52.20 -18.48 17.41
N LEU G 148 -52.10 -17.45 18.26
CA LEU G 148 -51.32 -17.57 19.48
C LEU G 148 -51.93 -18.63 20.40
N PHE G 149 -53.26 -18.65 20.53
CA PHE G 149 -53.89 -19.66 21.34
C PHE G 149 -53.63 -21.06 20.79
N ALA G 150 -53.70 -21.21 19.47
CA ALA G 150 -53.42 -22.51 18.86
C ALA G 150 -51.98 -22.95 19.10
N GLY G 151 -51.04 -22.01 18.98
CA GLY G 151 -49.64 -22.32 19.24
C GLY G 151 -49.41 -22.76 20.66
N TRP G 152 -50.04 -22.07 21.62
CA TRP G 152 -49.94 -22.53 23.01
C TRP G 152 -50.59 -23.89 23.18
N LEU G 153 -51.75 -24.11 22.56
CA LEU G 153 -52.51 -25.33 22.76
C LEU G 153 -51.75 -26.54 22.26
N HIS G 154 -51.09 -26.43 21.11
CA HIS G 154 -50.43 -27.58 20.53
C HIS G 154 -49.06 -27.86 21.14
N LEU G 155 -48.72 -27.20 22.24
CA LEU G 155 -47.63 -27.61 23.09
C LEU G 155 -48.12 -28.27 24.38
N GLN G 156 -49.44 -28.32 24.57
CA GLN G 156 -49.99 -28.97 25.75
C GLN G 156 -49.88 -30.49 25.61
N PRO G 157 -49.85 -31.22 26.73
CA PRO G 157 -49.56 -32.66 26.65
C PRO G 157 -50.50 -33.45 25.75
N SER G 158 -51.81 -33.29 25.90
CA SER G 158 -52.75 -34.10 25.14
C SER G 158 -52.99 -33.59 23.73
N PHE G 159 -52.39 -32.46 23.35
CA PHE G 159 -52.63 -31.86 22.04
C PHE G 159 -51.35 -31.72 21.22
N ARG G 160 -50.26 -32.37 21.63
CA ARG G 160 -49.03 -32.32 20.88
C ARG G 160 -49.03 -33.40 19.81
N PRO G 161 -48.95 -33.05 18.53
CA PRO G 161 -49.00 -34.07 17.48
C PRO G 161 -47.75 -34.94 17.48
N SER G 162 -47.91 -36.16 16.99
CA SER G 162 -46.81 -37.12 16.92
C SER G 162 -46.08 -37.00 15.60
N LEU G 163 -45.01 -37.78 15.44
CA LEU G 163 -44.22 -37.74 14.22
C LEU G 163 -45.02 -38.26 13.03
N ASP G 164 -45.87 -39.27 13.25
CA ASP G 164 -46.68 -39.81 12.16
C ASP G 164 -47.60 -38.75 11.58
N TRP G 165 -48.23 -37.96 12.44
CA TRP G 165 -49.10 -36.89 11.96
C TRP G 165 -48.29 -35.83 11.20
N PHE G 166 -47.11 -35.50 11.71
CA PHE G 166 -46.28 -34.49 11.04
C PHE G 166 -45.76 -34.99 9.69
N LYS G 167 -45.47 -36.28 9.59
CA LYS G 167 -44.93 -36.87 8.37
C LYS G 167 -46.00 -37.48 7.48
N ALA G 168 -47.28 -37.26 7.79
CA ALA G 168 -48.38 -37.73 6.96
C ALA G 168 -48.43 -36.83 5.73
N ASN G 169 -47.71 -37.24 4.68
CA ASN G 169 -47.58 -36.39 3.50
C ASN G 169 -48.90 -36.29 2.73
N GLU G 170 -49.58 -37.43 2.52
CA GLU G 170 -50.76 -37.43 1.66
C GLU G 170 -51.87 -36.58 2.24
N TYR G 171 -52.13 -36.72 3.54
CA TYR G 171 -53.18 -35.92 4.18
C TYR G 171 -52.87 -34.44 4.08
N ARG G 172 -51.63 -34.05 4.39
CA ARG G 172 -51.27 -32.65 4.37
C ARG G 172 -51.34 -32.08 2.97
N LEU G 173 -50.92 -32.84 1.96
CA LEU G 173 -51.01 -32.37 0.59
C LEU G 173 -52.46 -32.20 0.15
N ASN G 174 -53.29 -33.23 0.39
CA ASN G 174 -54.70 -33.11 0.03
C ASN G 174 -55.30 -31.86 0.64
N HIS G 175 -55.09 -31.68 1.94
CA HIS G 175 -55.73 -30.56 2.63
C HIS G 175 -55.12 -29.23 2.19
N HIS G 176 -53.80 -29.11 2.17
CA HIS G 176 -53.15 -27.88 1.73
C HIS G 176 -53.66 -27.48 0.36
N LEU G 177 -53.48 -28.34 -0.64
CA LEU G 177 -53.92 -28.02 -1.99
C LEU G 177 -55.40 -27.66 -1.99
N SER G 178 -56.27 -28.64 -1.74
CA SER G 178 -57.71 -28.40 -1.88
C SER G 178 -58.16 -27.30 -0.94
N GLY G 179 -58.15 -27.57 0.37
CA GLY G 179 -58.60 -26.59 1.34
C GLY G 179 -57.89 -25.27 1.18
N LEU G 180 -56.60 -25.19 1.50
CA LEU G 180 -55.92 -23.91 1.52
C LEU G 180 -56.08 -23.22 0.18
N PHE G 181 -55.46 -23.76 -0.89
CA PHE G 181 -55.43 -23.01 -2.13
C PHE G 181 -56.83 -22.86 -2.73
N GLY G 182 -57.50 -23.99 -3.01
CA GLY G 182 -58.77 -23.91 -3.71
C GLY G 182 -59.85 -23.21 -2.92
N VAL G 183 -60.01 -23.57 -1.64
CA VAL G 183 -61.08 -22.96 -0.85
C VAL G 183 -60.78 -21.50 -0.54
N SER G 184 -59.50 -21.14 -0.32
CA SER G 184 -59.20 -19.73 -0.13
C SER G 184 -59.43 -18.94 -1.41
N SER G 185 -59.15 -19.53 -2.56
CA SER G 185 -59.49 -18.89 -3.83
C SER G 185 -60.99 -18.78 -4.02
N LEU G 186 -61.74 -19.80 -3.59
CA LEU G 186 -63.19 -19.76 -3.70
C LEU G 186 -63.78 -18.67 -2.80
N ALA G 187 -63.28 -18.58 -1.57
CA ALA G 187 -63.72 -17.52 -0.67
C ALA G 187 -63.29 -16.15 -1.19
N TRP G 188 -62.11 -16.06 -1.79
CA TRP G 188 -61.69 -14.78 -2.35
C TRP G 188 -62.53 -14.39 -3.55
N THR G 189 -62.94 -15.38 -4.36
CA THR G 189 -63.87 -15.08 -5.44
C THR G 189 -65.22 -14.61 -4.88
N GLY G 190 -65.68 -15.26 -3.81
CA GLY G 190 -66.90 -14.82 -3.16
C GLY G 190 -66.83 -13.38 -2.69
N HIS G 191 -65.72 -13.03 -2.02
CA HIS G 191 -65.55 -11.64 -1.59
C HIS G 191 -65.43 -10.72 -2.79
N LEU G 192 -64.56 -11.05 -3.75
CA LEU G 192 -64.38 -10.25 -4.94
C LEU G 192 -65.72 -9.89 -5.54
N VAL G 193 -66.52 -10.91 -5.91
CA VAL G 193 -67.82 -10.66 -6.49
C VAL G 193 -68.63 -9.81 -5.52
N HIS G 194 -69.00 -10.41 -4.38
CA HIS G 194 -70.02 -9.84 -3.49
C HIS G 194 -69.71 -8.40 -3.10
N VAL G 195 -68.51 -8.14 -2.61
CA VAL G 195 -68.15 -6.83 -2.11
C VAL G 195 -67.50 -6.01 -3.23
N ALA G 196 -66.38 -6.51 -3.76
CA ALA G 196 -65.55 -5.68 -4.62
C ALA G 196 -66.28 -5.28 -5.90
N ILE G 197 -67.02 -6.20 -6.52
CA ILE G 197 -67.60 -5.88 -7.82
C ILE G 197 -68.63 -4.75 -7.68
N PRO G 198 -69.60 -4.83 -6.76
CA PRO G 198 -70.53 -3.69 -6.62
C PRO G 198 -69.86 -2.43 -6.10
N GLU G 199 -68.86 -2.56 -5.23
CA GLU G 199 -68.21 -1.36 -4.69
C GLU G 199 -67.48 -0.58 -5.78
N SER G 200 -66.94 -1.28 -6.79
CA SER G 200 -66.39 -0.60 -7.95
C SER G 200 -67.47 0.02 -8.81
N ARG G 201 -68.73 -0.37 -8.60
CA ARG G 201 -69.86 0.16 -9.35
C ARG G 201 -70.74 1.06 -8.48
N GLY G 202 -70.24 1.49 -7.33
CA GLY G 202 -70.94 2.44 -6.49
C GLY G 202 -71.89 1.84 -5.48
N ILE G 203 -72.15 0.54 -5.54
CA ILE G 203 -73.07 -0.11 -4.61
C ILE G 203 -72.26 -0.61 -3.43
N HIS G 204 -72.66 -0.20 -2.23
CA HIS G 204 -71.96 -0.58 -1.01
C HIS G 204 -72.50 -1.92 -0.52
N VAL G 205 -71.60 -2.90 -0.37
CA VAL G 205 -71.95 -4.22 0.15
C VAL G 205 -71.10 -4.43 1.40
N GLY G 206 -71.67 -4.14 2.56
CA GLY G 206 -70.99 -4.30 3.83
C GLY G 206 -71.46 -5.50 4.60
N TRP G 207 -71.03 -5.58 5.87
CA TRP G 207 -71.45 -6.67 6.73
C TRP G 207 -72.89 -6.54 7.20
N ASP G 208 -73.70 -5.65 6.64
CA ASP G 208 -75.12 -5.57 6.94
C ASP G 208 -75.98 -6.00 5.77
N ASN G 209 -75.84 -5.34 4.62
CA ASN G 209 -76.63 -5.67 3.44
C ASN G 209 -75.85 -6.54 2.46
N PHE G 210 -75.40 -7.70 2.93
CA PHE G 210 -74.78 -8.68 2.05
C PHE G 210 -75.62 -9.94 1.88
N LEU G 211 -76.51 -10.22 2.81
CA LEU G 211 -77.46 -11.32 2.67
C LEU G 211 -78.68 -10.91 1.85
N THR G 212 -78.79 -9.64 1.47
CA THR G 212 -79.93 -9.15 0.72
C THR G 212 -79.57 -8.43 -0.57
N VAL G 213 -78.30 -8.19 -0.84
CA VAL G 213 -77.86 -7.54 -2.07
C VAL G 213 -77.31 -8.61 -2.99
N LEU G 214 -78.01 -8.85 -4.09
CA LEU G 214 -77.61 -9.91 -5.02
C LEU G 214 -76.36 -9.50 -5.79
N PRO G 215 -75.29 -10.31 -5.76
CA PRO G 215 -74.12 -9.98 -6.58
C PRO G 215 -74.43 -9.95 -8.07
N HIS G 216 -75.39 -10.75 -8.53
CA HIS G 216 -75.85 -10.71 -9.90
C HIS G 216 -77.37 -10.60 -9.91
N PRO G 217 -77.95 -9.88 -10.87
CA PRO G 217 -79.41 -9.73 -10.88
C PRO G 217 -80.16 -11.05 -10.96
N GLU G 218 -79.62 -12.03 -11.68
CA GLU G 218 -80.29 -13.33 -11.79
C GLU G 218 -80.11 -14.16 -10.52
N GLY G 219 -79.00 -13.98 -9.81
CA GLY G 219 -78.89 -14.51 -8.46
C GLY G 219 -78.82 -16.01 -8.32
N LEU G 220 -77.70 -16.61 -8.74
CA LEU G 220 -77.40 -18.02 -8.52
C LEU G 220 -78.26 -18.94 -9.38
N THR G 221 -79.27 -18.36 -10.06
CA THR G 221 -80.06 -19.17 -10.99
C THR G 221 -79.23 -19.67 -12.17
N PRO G 222 -78.43 -18.84 -12.86
CA PRO G 222 -77.63 -19.37 -13.97
C PRO G 222 -76.63 -20.43 -13.55
N PHE G 223 -76.07 -20.34 -12.35
CA PHE G 223 -75.07 -21.30 -11.91
C PHE G 223 -75.67 -22.71 -11.82
N PHE G 224 -76.79 -22.83 -11.13
CA PHE G 224 -77.43 -24.14 -11.01
C PHE G 224 -78.07 -24.56 -12.33
N SER G 225 -78.60 -23.61 -13.09
CA SER G 225 -79.21 -23.92 -14.38
C SER G 225 -78.18 -24.24 -15.44
N GLY G 226 -76.91 -23.96 -15.20
CA GLY G 226 -75.87 -24.18 -16.19
C GLY G 226 -75.70 -23.07 -17.20
N ASN G 227 -76.54 -22.03 -17.16
CA ASN G 227 -76.42 -20.90 -18.07
C ASN G 227 -75.34 -19.93 -17.57
N TRP G 228 -74.11 -20.46 -17.47
CA TRP G 228 -73.01 -19.72 -16.89
C TRP G 228 -72.61 -18.50 -17.71
N LYS G 229 -73.05 -18.41 -18.96
CA LYS G 229 -72.78 -17.23 -19.77
C LYS G 229 -73.46 -16.00 -19.22
N ALA G 230 -74.54 -16.17 -18.45
CA ALA G 230 -75.28 -15.02 -17.94
C ALA G 230 -74.42 -14.17 -17.00
N TYR G 231 -73.46 -14.79 -16.31
CA TYR G 231 -72.57 -14.04 -15.43
C TYR G 231 -71.55 -13.20 -16.19
N ALA G 232 -71.42 -13.43 -17.51
CA ALA G 232 -70.49 -12.67 -18.33
C ALA G 232 -71.18 -11.61 -19.18
N GLN G 233 -72.51 -11.63 -19.27
CA GLN G 233 -73.22 -10.67 -20.08
C GLN G 233 -73.16 -9.28 -19.45
N ASN G 234 -73.09 -8.26 -20.31
CA ASN G 234 -73.08 -6.86 -19.90
C ASN G 234 -71.92 -6.56 -18.97
N PRO G 235 -70.68 -6.59 -19.45
CA PRO G 235 -69.53 -6.24 -18.61
C PRO G 235 -69.44 -4.73 -18.44
N ASP G 236 -68.44 -4.30 -17.67
CA ASP G 236 -68.20 -2.88 -17.48
C ASP G 236 -67.78 -2.25 -18.82
N THR G 237 -68.37 -1.11 -19.13
CA THR G 237 -68.09 -0.44 -20.39
C THR G 237 -66.72 0.22 -20.36
N ALA G 238 -66.35 0.85 -21.48
CA ALA G 238 -65.08 1.54 -21.59
C ALA G 238 -65.12 2.95 -20.99
N SER G 239 -66.28 3.40 -20.54
CA SER G 239 -66.42 4.70 -19.89
C SER G 239 -66.79 4.56 -18.42
N HIS G 240 -66.45 3.44 -17.79
CA HIS G 240 -66.82 3.21 -16.40
C HIS G 240 -65.84 3.94 -15.48
N ILE G 241 -66.39 4.70 -14.54
CA ILE G 241 -65.60 5.37 -13.52
C ILE G 241 -65.55 4.46 -12.30
N PHE G 242 -64.34 4.09 -11.90
CA PHE G 242 -64.18 3.14 -10.79
C PHE G 242 -64.76 3.71 -9.51
N GLY G 243 -65.47 2.87 -8.77
CA GLY G 243 -66.13 3.30 -7.55
C GLY G 243 -67.43 4.03 -7.75
N SER G 244 -67.89 4.16 -8.98
CA SER G 244 -69.13 4.86 -9.30
C SER G 244 -69.94 4.04 -10.29
N GLY G 245 -71.26 4.25 -10.27
CA GLY G 245 -72.15 3.51 -11.14
C GLY G 245 -72.23 4.00 -12.57
N GLU G 246 -71.49 5.05 -12.91
CA GLU G 246 -71.53 5.61 -14.25
C GLU G 246 -70.79 4.70 -15.22
N GLY G 247 -71.51 4.18 -16.22
CA GLY G 247 -70.90 3.32 -17.22
C GLY G 247 -70.56 1.94 -16.72
N SER G 248 -71.16 1.50 -15.63
CA SER G 248 -70.87 0.19 -15.06
C SER G 248 -71.66 -0.90 -15.79
N GLY G 249 -71.46 -2.13 -15.34
CA GLY G 249 -72.20 -3.26 -15.88
C GLY G 249 -72.77 -4.15 -14.79
N THR G 250 -73.27 -5.32 -15.17
CA THR G 250 -73.80 -6.27 -14.20
C THR G 250 -73.05 -7.59 -14.17
N ALA G 251 -72.10 -7.81 -15.07
CA ALA G 251 -71.37 -9.07 -15.12
C ALA G 251 -70.45 -9.21 -13.90
N ILE G 252 -70.18 -10.46 -13.54
CA ILE G 252 -69.30 -10.76 -12.41
C ILE G 252 -68.11 -11.62 -12.81
N LEU G 253 -68.21 -12.42 -13.87
CA LEU G 253 -67.11 -13.26 -14.33
C LEU G 253 -67.00 -13.10 -15.84
N THR G 254 -65.91 -12.49 -16.31
CA THR G 254 -65.76 -12.20 -17.73
C THR G 254 -64.33 -12.48 -18.17
N PHE G 255 -64.17 -12.62 -19.50
CA PHE G 255 -62.89 -12.46 -20.14
C PHE G 255 -62.87 -11.10 -20.83
N LEU G 256 -61.98 -10.26 -20.42
CA LEU G 256 -61.80 -9.01 -21.16
C LEU G 256 -60.36 -8.80 -21.58
N GLY G 257 -59.40 -9.22 -20.76
CA GLY G 257 -58.00 -9.03 -21.08
C GLY G 257 -57.61 -7.57 -20.99
N GLY G 258 -56.30 -7.29 -20.94
CA GLY G 258 -55.89 -5.91 -20.88
C GLY G 258 -56.26 -5.27 -19.55
N PHE G 259 -56.46 -3.96 -19.59
CA PHE G 259 -56.62 -3.16 -18.39
C PHE G 259 -57.92 -2.36 -18.45
N HIS G 260 -58.35 -1.92 -17.27
CA HIS G 260 -59.45 -0.98 -17.18
C HIS G 260 -59.06 0.32 -17.87
N PRO G 261 -59.93 0.90 -18.70
CA PRO G 261 -59.55 2.13 -19.40
C PRO G 261 -59.28 3.31 -18.48
N GLN G 262 -59.84 3.31 -17.27
CA GLN G 262 -59.69 4.42 -16.34
C GLN G 262 -58.59 4.18 -15.31
N THR G 263 -58.63 3.05 -14.61
CA THR G 263 -57.64 2.76 -13.59
C THR G 263 -56.36 2.17 -14.15
N LYS G 264 -56.34 1.78 -15.42
CA LYS G 264 -55.17 1.16 -16.04
C LYS G 264 -54.71 -0.07 -15.26
N SER G 265 -55.68 -0.90 -14.87
CA SER G 265 -55.43 -2.09 -14.10
C SER G 265 -56.37 -3.19 -14.57
N LEU G 266 -56.10 -4.42 -14.11
CA LEU G 266 -56.89 -5.56 -14.54
C LEU G 266 -58.35 -5.40 -14.10
N TRP G 267 -59.25 -5.94 -14.93
CA TRP G 267 -60.67 -5.89 -14.60
C TRP G 267 -60.96 -6.72 -13.36
N LEU G 268 -61.79 -6.19 -12.48
CA LEU G 268 -62.18 -6.93 -11.28
C LEU G 268 -62.94 -8.20 -11.65
N THR G 269 -63.76 -8.15 -12.70
CA THR G 269 -64.44 -9.35 -13.16
C THR G 269 -63.46 -10.36 -13.74
N ASP G 270 -62.35 -9.89 -14.33
CA ASP G 270 -61.32 -10.80 -14.80
C ASP G 270 -60.69 -11.55 -13.63
N MET G 271 -60.38 -10.84 -12.55
CA MET G 271 -59.69 -11.46 -11.42
C MET G 271 -60.61 -12.40 -10.64
N ALA G 272 -61.89 -12.06 -10.53
CA ALA G 272 -62.85 -12.97 -9.90
C ALA G 272 -62.95 -14.27 -10.69
N HIS G 273 -63.05 -14.17 -12.01
CA HIS G 273 -63.08 -15.38 -12.84
C HIS G 273 -61.78 -16.17 -12.70
N HIS G 274 -60.65 -15.46 -12.65
CA HIS G 274 -59.36 -16.12 -12.47
C HIS G 274 -59.33 -16.92 -11.18
N HIS G 275 -59.77 -16.31 -10.08
CA HIS G 275 -59.72 -16.99 -8.80
C HIS G 275 -60.73 -18.12 -8.72
N LEU G 276 -61.88 -17.98 -9.40
CA LEU G 276 -62.83 -19.09 -9.45
C LEU G 276 -62.25 -20.28 -10.20
N ALA G 277 -61.59 -20.03 -11.33
CA ALA G 277 -60.97 -21.11 -12.08
C ALA G 277 -59.86 -21.76 -11.27
N ILE G 278 -59.03 -20.94 -10.60
CA ILE G 278 -57.95 -21.48 -9.78
C ILE G 278 -58.52 -22.30 -8.63
N ALA G 279 -59.62 -21.84 -8.03
CA ALA G 279 -60.24 -22.56 -6.94
C ALA G 279 -60.74 -23.92 -7.40
N VAL G 280 -61.42 -23.96 -8.54
CA VAL G 280 -61.92 -25.24 -9.05
C VAL G 280 -60.76 -26.18 -9.33
N LEU G 281 -59.72 -25.67 -10.00
CA LEU G 281 -58.58 -26.50 -10.35
C LEU G 281 -57.89 -27.06 -9.11
N PHE G 282 -57.68 -26.22 -8.08
CA PHE G 282 -56.95 -26.68 -6.90
C PHE G 282 -57.80 -27.62 -6.05
N ILE G 283 -59.11 -27.36 -5.97
CA ILE G 283 -59.99 -28.28 -5.25
C ILE G 283 -59.98 -29.64 -5.92
N VAL G 284 -60.01 -29.66 -7.26
CA VAL G 284 -59.92 -30.92 -7.98
C VAL G 284 -58.60 -31.60 -7.71
N ALA G 285 -57.50 -30.85 -7.79
CA ALA G 285 -56.17 -31.42 -7.62
C ALA G 285 -55.89 -31.85 -6.20
N GLY G 286 -56.69 -31.40 -5.23
CA GLY G 286 -56.51 -31.79 -3.85
C GLY G 286 -57.02 -33.16 -3.48
N HIS G 287 -57.59 -33.89 -4.42
CA HIS G 287 -58.09 -35.24 -4.20
C HIS G 287 -57.14 -36.30 -4.73
N MET G 288 -55.92 -35.92 -5.09
CA MET G 288 -55.02 -36.83 -5.77
C MET G 288 -54.51 -37.93 -4.84
N TYR G 289 -54.11 -37.57 -3.64
CA TYR G 289 -53.37 -38.49 -2.78
C TYR G 289 -54.30 -39.28 -1.86
N ARG G 290 -53.84 -40.46 -1.47
CA ARG G 290 -54.69 -41.43 -0.78
C ARG G 290 -54.87 -41.07 0.68
N THR G 291 -56.07 -41.29 1.18
CA THR G 291 -56.43 -41.09 2.58
C THR G 291 -57.30 -42.26 3.00
N ASN G 292 -58.03 -42.09 4.11
CA ASN G 292 -58.72 -43.18 4.78
C ASN G 292 -59.83 -43.84 3.95
N TRP G 293 -60.02 -43.44 2.69
CA TRP G 293 -61.13 -43.94 1.89
C TRP G 293 -60.68 -44.67 0.64
N LEU G 294 -59.53 -45.35 0.70
CA LEU G 294 -59.10 -46.41 -0.22
C LEU G 294 -58.80 -45.93 -1.63
N ILE G 295 -59.03 -44.66 -1.96
CA ILE G 295 -58.74 -44.16 -3.30
C ILE G 295 -57.75 -43.00 -3.19
N GLY G 296 -56.94 -42.84 -4.22
CA GLY G 296 -55.92 -41.83 -4.25
C GLY G 296 -54.58 -42.42 -4.60
N HIS G 297 -53.52 -41.68 -4.27
CA HIS G 297 -52.17 -42.07 -4.62
C HIS G 297 -51.31 -42.22 -3.38
N GLN G 298 -50.40 -43.19 -3.41
CA GLN G 298 -49.34 -43.31 -2.43
C GLN G 298 -48.05 -42.85 -3.10
N MET G 299 -47.54 -41.70 -2.67
CA MET G 299 -46.45 -41.06 -3.37
C MET G 299 -45.15 -41.87 -3.32
N LYS G 300 -45.02 -42.73 -2.32
CA LYS G 300 -43.88 -43.64 -2.30
C LYS G 300 -43.88 -44.53 -3.53
N LEU G 301 -45.05 -45.07 -3.90
CA LEU G 301 -45.16 -45.90 -5.09
C LEU G 301 -44.89 -45.09 -6.36
N ILE G 302 -45.41 -43.86 -6.42
CA ILE G 302 -45.18 -43.02 -7.60
C ILE G 302 -43.70 -42.74 -7.78
N LEU G 303 -43.02 -42.39 -6.69
CA LEU G 303 -41.59 -42.11 -6.78
C LEU G 303 -40.80 -43.37 -7.14
N GLU G 304 -41.14 -44.51 -6.55
CA GLU G 304 -40.39 -45.73 -6.81
C GLU G 304 -40.60 -46.24 -8.23
N ALA G 305 -41.78 -46.06 -8.79
CA ALA G 305 -42.08 -46.58 -10.12
C ALA G 305 -41.49 -45.75 -11.24
N HIS G 306 -40.91 -44.59 -10.93
CA HIS G 306 -40.43 -43.67 -11.97
C HIS G 306 -38.93 -43.87 -12.18
N ARG G 307 -38.60 -44.94 -12.88
CA ARG G 307 -37.24 -45.23 -13.33
C ARG G 307 -37.29 -45.43 -14.83
N PRO G 308 -36.58 -44.62 -15.61
CA PRO G 308 -36.58 -44.80 -17.07
C PRO G 308 -36.12 -46.20 -17.44
N PRO G 309 -36.81 -46.85 -18.38
CA PRO G 309 -36.50 -48.27 -18.64
C PRO G 309 -35.12 -48.48 -19.26
N GLY G 310 -34.72 -47.64 -20.20
CA GLY G 310 -33.38 -47.77 -20.75
C GLY G 310 -32.31 -47.58 -19.69
N GLY G 311 -32.51 -46.62 -18.81
CA GLY G 311 -31.65 -46.41 -17.66
C GLY G 311 -30.67 -45.29 -17.88
N ARG G 312 -31.03 -44.09 -17.41
CA ARG G 312 -30.14 -42.94 -17.45
C ARG G 312 -30.19 -42.13 -16.18
N LEU G 313 -31.18 -42.34 -15.31
CA LEU G 313 -31.26 -41.72 -14.01
C LEU G 313 -30.91 -42.69 -12.89
N GLY G 314 -30.22 -43.77 -13.23
CA GLY G 314 -29.87 -44.77 -12.22
C GLY G 314 -31.06 -45.64 -11.92
N ILE G 315 -31.41 -45.74 -10.62
CA ILE G 315 -32.57 -46.50 -10.20
C ILE G 315 -33.82 -45.63 -10.06
N GLY G 316 -33.74 -44.36 -10.42
CA GLY G 316 -34.90 -43.49 -10.36
C GLY G 316 -35.04 -42.73 -9.07
N HIS G 317 -36.27 -42.64 -8.56
CA HIS G 317 -36.59 -41.86 -7.37
C HIS G 317 -37.00 -42.76 -6.20
N ILE G 318 -36.41 -43.96 -6.10
CA ILE G 318 -36.90 -44.95 -5.14
C ILE G 318 -36.70 -44.47 -3.71
N GLY G 319 -35.53 -43.93 -3.41
CA GLY G 319 -35.21 -43.52 -2.06
C GLY G 319 -35.57 -42.10 -1.72
N LEU G 320 -36.26 -41.38 -2.61
CA LEU G 320 -36.55 -39.98 -2.39
C LEU G 320 -37.64 -39.76 -1.35
N TYR G 321 -38.61 -40.67 -1.24
CA TYR G 321 -39.70 -40.47 -0.31
C TYR G 321 -39.20 -40.42 1.13
N GLU G 322 -38.43 -41.43 1.54
CA GLU G 322 -37.89 -41.44 2.90
C GLU G 322 -36.86 -40.34 3.09
N THR G 323 -36.16 -39.95 2.02
CA THR G 323 -35.18 -38.88 2.12
C THR G 323 -35.85 -37.54 2.44
N ILE G 324 -36.90 -37.21 1.68
CA ILE G 324 -37.59 -35.93 1.90
C ILE G 324 -38.38 -35.97 3.20
N THR G 325 -39.08 -37.07 3.49
CA THR G 325 -39.93 -37.13 4.66
C THR G 325 -39.13 -36.95 5.94
N ASN G 326 -37.97 -37.59 6.04
CA ASN G 326 -37.17 -37.57 7.26
C ASN G 326 -36.27 -36.36 7.37
N SER G 327 -36.23 -35.48 6.38
CA SER G 327 -35.39 -34.30 6.40
C SER G 327 -36.25 -33.05 6.32
N LEU G 328 -36.08 -32.15 7.30
CA LEU G 328 -36.77 -30.87 7.28
C LEU G 328 -36.02 -29.81 6.49
N HIS G 329 -34.76 -30.05 6.15
CA HIS G 329 -33.99 -29.11 5.35
C HIS G 329 -34.23 -29.29 3.86
N PHE G 330 -34.49 -30.52 3.40
CA PHE G 330 -34.89 -30.74 2.02
C PHE G 330 -36.22 -30.03 1.73
N GLN G 331 -37.21 -30.24 2.60
CA GLN G 331 -38.51 -29.60 2.42
C GLN G 331 -38.38 -28.09 2.52
N LEU G 332 -37.58 -27.59 3.46
CA LEU G 332 -37.39 -26.15 3.59
C LEU G 332 -36.73 -25.57 2.34
N GLY G 333 -35.73 -26.26 1.79
CA GLY G 333 -35.11 -25.79 0.57
C GLY G 333 -36.08 -25.77 -0.60
N LEU G 334 -36.89 -26.82 -0.74
CA LEU G 334 -37.89 -26.85 -1.80
C LEU G 334 -38.87 -25.70 -1.66
N ALA G 335 -39.38 -25.48 -0.43
CA ALA G 335 -40.34 -24.42 -0.19
C ALA G 335 -39.73 -23.06 -0.46
N LEU G 336 -38.47 -22.86 -0.05
CA LEU G 336 -37.82 -21.57 -0.27
C LEU G 336 -37.58 -21.32 -1.75
N ALA G 337 -37.19 -22.36 -2.51
CA ALA G 337 -37.00 -22.18 -3.94
C ALA G 337 -38.33 -21.83 -4.62
N ALA G 338 -39.39 -22.54 -4.26
CA ALA G 338 -40.70 -22.24 -4.84
C ALA G 338 -41.16 -20.84 -4.48
N LEU G 339 -40.95 -20.42 -3.23
CA LEU G 339 -41.34 -19.08 -2.82
C LEU G 339 -40.52 -18.02 -3.54
N GLY G 340 -39.22 -18.27 -3.74
CA GLY G 340 -38.40 -17.33 -4.47
C GLY G 340 -38.86 -17.15 -5.90
N VAL G 341 -39.16 -18.27 -6.58
CA VAL G 341 -39.68 -18.17 -7.94
C VAL G 341 -41.03 -17.46 -7.93
N ALA G 342 -41.87 -17.74 -6.93
CA ALA G 342 -43.20 -17.13 -6.87
C ALA G 342 -43.11 -15.62 -6.68
N THR G 343 -42.23 -15.16 -5.79
CA THR G 343 -42.12 -13.72 -5.57
C THR G 343 -41.38 -13.02 -6.70
N SER G 344 -40.46 -13.71 -7.38
CA SER G 344 -39.96 -13.17 -8.64
C SER G 344 -41.09 -12.99 -9.64
N LEU G 345 -42.00 -13.96 -9.70
CA LEU G 345 -43.17 -13.85 -10.56
C LEU G 345 -44.04 -12.67 -10.17
N THR G 346 -44.26 -12.48 -8.87
CA THR G 346 -45.04 -11.34 -8.41
C THR G 346 -44.40 -10.03 -8.85
N ALA G 347 -43.08 -9.90 -8.66
CA ALA G 347 -42.40 -8.69 -9.07
C ALA G 347 -42.51 -8.46 -10.58
N GLN G 348 -42.32 -9.53 -11.37
CA GLN G 348 -42.32 -9.38 -12.82
C GLN G 348 -43.71 -9.18 -13.40
N HIS G 349 -44.76 -9.54 -12.67
CA HIS G 349 -46.11 -9.42 -13.22
C HIS G 349 -46.89 -8.24 -12.66
N MET G 350 -46.58 -7.77 -11.46
CA MET G 350 -47.32 -6.65 -10.88
C MET G 350 -46.91 -5.31 -11.46
N TYR G 351 -45.83 -5.26 -12.26
CA TYR G 351 -45.50 -4.05 -13.00
C TYR G 351 -45.96 -4.11 -14.45
N ALA G 352 -45.88 -5.28 -15.08
CA ALA G 352 -46.37 -5.43 -16.45
C ALA G 352 -47.89 -5.49 -16.49
N LEU G 353 -48.49 -6.13 -15.50
CA LEU G 353 -49.94 -6.29 -15.41
C LEU G 353 -50.39 -5.77 -14.05
N PRO G 354 -50.46 -4.46 -13.88
CA PRO G 354 -50.86 -3.88 -12.60
C PRO G 354 -52.27 -4.33 -12.23
N PRO G 355 -52.44 -4.95 -11.05
CA PRO G 355 -53.75 -5.47 -10.67
C PRO G 355 -54.61 -4.55 -9.84
N TYR G 356 -54.07 -3.43 -9.36
CA TYR G 356 -54.77 -2.54 -8.44
C TYR G 356 -55.04 -1.19 -9.10
N ALA G 357 -56.19 -0.61 -8.76
CA ALA G 357 -56.63 0.63 -9.38
C ALA G 357 -55.65 1.76 -9.05
N PHE G 358 -55.28 2.51 -10.10
CA PHE G 358 -54.43 3.70 -9.98
C PHE G 358 -53.04 3.38 -9.44
N LEU G 359 -52.64 2.12 -9.44
CA LEU G 359 -51.29 1.77 -9.02
C LEU G 359 -50.26 2.01 -10.12
N ALA G 360 -50.70 2.04 -11.39
CA ALA G 360 -49.76 2.26 -12.48
C ALA G 360 -49.18 3.67 -12.45
N SER G 361 -49.96 4.65 -11.99
CA SER G 361 -49.52 6.03 -11.92
C SER G 361 -48.79 6.36 -10.63
N ASN G 362 -48.64 5.40 -9.72
CA ASN G 362 -47.92 5.61 -8.46
C ASN G 362 -46.49 5.08 -8.67
N PHE G 363 -45.68 5.90 -9.35
CA PHE G 363 -44.34 5.48 -9.72
C PHE G 363 -43.46 5.13 -8.53
N PRO G 364 -43.38 5.93 -7.46
CA PRO G 364 -42.55 5.53 -6.32
C PRO G 364 -42.94 4.19 -5.72
N THR G 365 -44.25 3.93 -5.58
CA THR G 365 -44.68 2.65 -5.04
C THR G 365 -44.42 1.51 -6.01
N GLN G 366 -44.54 1.76 -7.31
CA GLN G 366 -44.16 0.73 -8.29
C GLN G 366 -42.71 0.33 -8.13
N ALA G 367 -41.82 1.31 -8.09
CA ALA G 367 -40.39 1.02 -7.95
C ALA G 367 -40.11 0.32 -6.61
N ALA G 368 -40.73 0.80 -5.54
CA ALA G 368 -40.50 0.19 -4.23
C ALA G 368 -40.98 -1.25 -4.19
N LEU G 369 -42.16 -1.52 -4.76
CA LEU G 369 -42.70 -2.87 -4.76
C LEU G 369 -41.82 -3.81 -5.56
N TYR G 370 -41.41 -3.39 -6.77
CA TYR G 370 -40.57 -4.26 -7.59
C TYR G 370 -39.24 -4.55 -6.90
N THR G 371 -38.60 -3.51 -6.36
CA THR G 371 -37.33 -3.70 -5.68
C THR G 371 -37.47 -4.60 -4.47
N HIS G 372 -38.50 -4.37 -3.66
CA HIS G 372 -38.73 -5.18 -2.46
C HIS G 372 -38.91 -6.64 -2.82
N HIS G 373 -39.76 -6.92 -3.81
CA HIS G 373 -40.04 -8.31 -4.14
C HIS G 373 -38.84 -8.99 -4.79
N GLN G 374 -38.06 -8.27 -5.59
CA GLN G 374 -36.87 -8.89 -6.18
C GLN G 374 -35.81 -9.19 -5.13
N TYR G 375 -35.64 -8.29 -4.16
CA TYR G 375 -34.69 -8.57 -3.08
C TYR G 375 -35.15 -9.76 -2.24
N ILE G 376 -36.44 -9.82 -1.94
CA ILE G 376 -36.97 -10.96 -1.20
C ILE G 376 -36.78 -12.25 -2.01
N ALA G 377 -36.93 -12.16 -3.33
CA ALA G 377 -36.72 -13.33 -4.18
C ALA G 377 -35.29 -13.83 -4.11
N GLY G 378 -34.33 -12.91 -4.22
CA GLY G 378 -32.94 -13.32 -4.10
C GLY G 378 -32.64 -13.94 -2.75
N PHE G 379 -33.16 -13.35 -1.68
CA PHE G 379 -32.96 -13.91 -0.35
C PHE G 379 -33.52 -15.32 -0.27
N LEU G 380 -34.74 -15.53 -0.78
CA LEU G 380 -35.37 -16.85 -0.71
C LEU G 380 -34.59 -17.87 -1.51
N MET G 381 -34.08 -17.49 -2.69
CA MET G 381 -33.32 -18.44 -3.50
C MET G 381 -32.03 -18.84 -2.79
N VAL G 382 -31.31 -17.86 -2.23
CA VAL G 382 -30.08 -18.17 -1.51
C VAL G 382 -30.39 -19.06 -0.30
N GLY G 383 -31.51 -18.81 0.37
CA GLY G 383 -31.90 -19.65 1.49
C GLY G 383 -32.22 -21.08 1.08
N ALA G 384 -32.89 -21.22 -0.07
CA ALA G 384 -33.17 -22.56 -0.59
C ALA G 384 -31.89 -23.34 -0.84
N PHE G 385 -30.91 -22.68 -1.48
CA PHE G 385 -29.67 -23.39 -1.75
C PHE G 385 -28.88 -23.66 -0.47
N ALA G 386 -28.91 -22.73 0.48
CA ALA G 386 -28.23 -22.96 1.75
C ALA G 386 -28.83 -24.14 2.50
N HIS G 387 -30.15 -24.26 2.47
CA HIS G 387 -30.79 -25.38 3.16
C HIS G 387 -30.59 -26.69 2.40
N GLY G 388 -30.45 -26.63 1.08
CA GLY G 388 -30.01 -27.83 0.36
C GLY G 388 -28.63 -28.28 0.80
N ALA G 389 -27.72 -27.34 0.97
CA ALA G 389 -26.39 -27.67 1.48
C ALA G 389 -26.46 -28.25 2.89
N ILE G 390 -27.31 -27.67 3.73
CA ILE G 390 -27.48 -28.18 5.09
C ILE G 390 -28.02 -29.60 5.07
N PHE G 391 -28.98 -29.87 4.18
CA PHE G 391 -29.50 -31.23 4.01
C PHE G 391 -28.38 -32.19 3.61
N PHE G 392 -27.53 -31.77 2.67
CA PHE G 392 -26.39 -32.61 2.29
C PHE G 392 -25.50 -32.90 3.49
N VAL G 393 -25.23 -31.89 4.30
CA VAL G 393 -24.30 -32.06 5.42
C VAL G 393 -24.87 -33.00 6.47
N ARG G 394 -26.12 -32.75 6.90
CA ARG G 394 -26.62 -33.35 8.14
C ARG G 394 -27.80 -34.29 7.98
N ASP G 395 -28.48 -34.30 6.82
CA ASP G 395 -29.64 -35.16 6.64
C ASP G 395 -29.49 -36.19 5.55
N TYR G 396 -28.56 -36.02 4.62
CA TYR G 396 -28.43 -36.95 3.49
C TYR G 396 -27.82 -38.27 3.95
N ASP G 397 -28.43 -39.36 3.55
CA ASP G 397 -27.93 -40.71 3.85
C ASP G 397 -27.68 -41.45 2.55
N PRO G 398 -26.42 -41.72 2.21
CA PRO G 398 -26.15 -42.42 0.94
C PRO G 398 -26.77 -43.80 0.86
N ALA G 399 -26.93 -44.48 2.00
CA ALA G 399 -27.49 -45.84 1.97
C ALA G 399 -28.94 -45.84 1.51
N VAL G 400 -29.72 -44.86 1.94
CA VAL G 400 -31.13 -44.80 1.55
C VAL G 400 -31.26 -44.53 0.05
N ASN G 401 -30.38 -43.69 -0.49
CA ASN G 401 -30.42 -43.29 -1.89
C ASN G 401 -29.62 -44.23 -2.79
N THR G 402 -29.30 -45.43 -2.31
CA THR G 402 -28.53 -46.40 -3.08
C THR G 402 -29.16 -47.77 -2.93
N ARG G 403 -29.31 -48.48 -4.06
CA ARG G 403 -29.86 -49.84 -4.05
C ARG G 403 -28.90 -50.74 -4.81
N ASN G 404 -28.20 -51.60 -4.07
CA ASN G 404 -27.28 -52.60 -4.64
C ASN G 404 -26.21 -51.93 -5.51
N GLY G 405 -25.56 -50.92 -4.94
CA GLY G 405 -24.47 -50.25 -5.65
C GLY G 405 -24.94 -49.12 -6.53
N GLU G 406 -26.03 -49.33 -7.27
CA GLU G 406 -26.58 -48.28 -8.12
C GLU G 406 -27.18 -47.18 -7.26
N LYS G 407 -27.05 -45.95 -7.74
CA LYS G 407 -27.48 -44.77 -6.99
C LYS G 407 -28.72 -44.17 -7.63
N ASN G 408 -29.56 -43.56 -6.78
CA ASN G 408 -30.83 -43.01 -7.24
C ASN G 408 -30.59 -41.65 -7.88
N VAL G 409 -31.68 -40.94 -8.18
CA VAL G 409 -31.59 -39.71 -8.94
C VAL G 409 -30.86 -38.63 -8.15
N LEU G 410 -30.99 -38.62 -6.82
CA LEU G 410 -30.32 -37.60 -6.02
C LEU G 410 -28.87 -37.96 -5.75
N ALA G 411 -28.59 -39.22 -5.43
CA ALA G 411 -27.21 -39.64 -5.17
C ALA G 411 -26.32 -39.51 -6.40
N ARG G 412 -26.91 -39.59 -7.60
CA ARG G 412 -26.13 -39.42 -8.82
C ARG G 412 -25.70 -37.98 -9.06
N MET G 413 -26.31 -37.02 -8.37
CA MET G 413 -25.88 -35.63 -8.48
C MET G 413 -24.52 -35.41 -7.85
N LEU G 414 -24.10 -36.29 -6.95
CA LEU G 414 -22.78 -36.22 -6.35
C LEU G 414 -21.73 -37.00 -7.12
N GLU G 415 -22.13 -37.72 -8.17
CA GLU G 415 -21.17 -38.43 -8.99
C GLU G 415 -20.61 -37.56 -10.11
N HIS G 416 -21.48 -36.86 -10.84
CA HIS G 416 -21.06 -35.87 -11.82
C HIS G 416 -21.07 -34.46 -11.24
N LYS G 417 -20.81 -34.32 -9.94
CA LYS G 417 -20.73 -33.01 -9.33
C LYS G 417 -19.63 -32.17 -9.96
N GLU G 418 -18.50 -32.81 -10.29
CA GLU G 418 -17.43 -32.09 -10.95
C GLU G 418 -17.87 -31.59 -12.32
N ALA G 419 -18.61 -32.41 -13.07
CA ALA G 419 -19.13 -31.97 -14.35
C ALA G 419 -20.07 -30.78 -14.19
N ILE G 420 -20.97 -30.84 -13.21
CA ILE G 420 -21.92 -29.76 -12.98
C ILE G 420 -21.18 -28.47 -12.64
N ILE G 421 -20.22 -28.56 -11.71
CA ILE G 421 -19.50 -27.36 -11.27
C ILE G 421 -18.64 -26.81 -12.40
N SER G 422 -17.98 -27.69 -13.16
CA SER G 422 -17.15 -27.25 -14.27
C SER G 422 -17.98 -26.54 -15.33
N HIS G 423 -19.17 -27.05 -15.64
CA HIS G 423 -19.97 -26.41 -16.66
C HIS G 423 -20.63 -25.13 -16.17
N LEU G 424 -21.00 -25.07 -14.88
CA LEU G 424 -21.44 -23.79 -14.32
C LEU G 424 -20.32 -22.76 -14.39
N SER G 425 -19.10 -23.18 -14.07
CA SER G 425 -17.96 -22.27 -14.16
C SER G 425 -17.74 -21.82 -15.60
N TRP G 426 -17.86 -22.74 -16.56
CA TRP G 426 -17.68 -22.37 -17.97
C TRP G 426 -18.74 -21.37 -18.41
N VAL G 427 -19.99 -21.59 -18.05
CA VAL G 427 -21.05 -20.66 -18.44
C VAL G 427 -20.81 -19.30 -17.80
N SER G 428 -20.44 -19.28 -16.51
CA SER G 428 -20.20 -18.02 -15.83
C SER G 428 -19.04 -17.27 -16.48
N LEU G 429 -17.95 -17.97 -16.78
CA LEU G 429 -16.81 -17.31 -17.41
C LEU G 429 -17.17 -16.82 -18.81
N PHE G 430 -17.89 -17.63 -19.58
CA PHE G 430 -18.32 -17.25 -20.91
C PHE G 430 -19.13 -15.96 -20.88
N LEU G 431 -20.19 -15.95 -20.07
CA LEU G 431 -21.06 -14.79 -19.98
C LEU G 431 -20.32 -13.56 -19.46
N GLY G 432 -19.52 -13.74 -18.41
CA GLY G 432 -18.81 -12.60 -17.85
C GLY G 432 -17.81 -12.01 -18.83
N PHE G 433 -16.95 -12.87 -19.40
CA PHE G 433 -15.98 -12.42 -20.38
C PHE G 433 -16.65 -11.62 -21.48
N HIS G 434 -17.73 -12.16 -22.05
CA HIS G 434 -18.23 -11.54 -23.27
C HIS G 434 -19.16 -10.36 -22.99
N THR G 435 -19.95 -10.42 -21.93
CA THR G 435 -20.75 -9.25 -21.54
C THR G 435 -19.85 -8.09 -21.17
N LEU G 436 -18.80 -8.35 -20.36
CA LEU G 436 -17.88 -7.28 -20.02
C LEU G 436 -17.11 -6.81 -21.24
N GLY G 437 -16.77 -7.72 -22.15
CA GLY G 437 -16.07 -7.32 -23.36
C GLY G 437 -16.88 -6.39 -24.23
N ILE G 438 -18.16 -6.73 -24.44
CA ILE G 438 -19.02 -5.86 -25.25
C ILE G 438 -19.27 -4.54 -24.55
N TYR G 439 -19.48 -4.56 -23.23
CA TYR G 439 -19.71 -3.32 -22.50
C TYR G 439 -18.48 -2.41 -22.55
N VAL G 440 -17.29 -2.98 -22.35
CA VAL G 440 -16.08 -2.16 -22.39
C VAL G 440 -15.77 -1.72 -23.81
N HIS G 441 -16.09 -2.54 -24.82
CA HIS G 441 -15.94 -2.10 -26.20
C HIS G 441 -16.81 -0.89 -26.48
N ASN G 442 -18.06 -0.93 -26.03
CA ASN G 442 -18.94 0.23 -26.19
C ASN G 442 -18.41 1.43 -25.41
N ASP G 443 -17.92 1.20 -24.19
CA ASP G 443 -17.33 2.28 -23.40
C ASP G 443 -16.21 2.98 -24.16
N VAL G 444 -15.24 2.20 -24.64
CA VAL G 444 -14.07 2.78 -25.30
C VAL G 444 -14.47 3.45 -26.60
N VAL G 445 -15.33 2.79 -27.38
CA VAL G 445 -15.72 3.31 -28.69
C VAL G 445 -16.50 4.61 -28.55
N VAL G 446 -17.44 4.67 -27.61
CA VAL G 446 -18.20 5.91 -27.39
C VAL G 446 -17.29 6.99 -26.84
N ALA G 447 -16.41 6.64 -25.91
CA ALA G 447 -15.50 7.62 -25.32
C ALA G 447 -14.64 8.28 -26.39
N PHE G 448 -14.16 7.49 -27.35
CA PHE G 448 -13.35 8.04 -28.43
C PHE G 448 -14.18 8.83 -29.45
N GLY G 449 -15.46 9.08 -29.17
CA GLY G 449 -16.27 9.95 -29.99
C GLY G 449 -16.82 9.33 -31.25
N GLN G 450 -16.86 8.00 -31.35
CA GLN G 450 -17.32 7.31 -32.55
C GLN G 450 -18.36 6.27 -32.16
N PRO G 451 -19.54 6.71 -31.70
CA PRO G 451 -20.54 5.74 -31.22
C PRO G 451 -21.03 4.78 -32.28
N GLU G 452 -20.83 5.07 -33.56
CA GLU G 452 -21.31 4.20 -34.63
C GLU G 452 -20.60 2.85 -34.65
N LYS G 453 -19.42 2.74 -34.04
CA LYS G 453 -18.68 1.50 -34.00
C LYS G 453 -19.09 0.62 -32.82
N GLN G 454 -20.17 0.95 -32.14
CA GLN G 454 -20.66 0.14 -31.03
C GLN G 454 -21.16 -1.21 -31.53
N ILE G 455 -21.03 -2.21 -30.66
CA ILE G 455 -21.60 -3.52 -30.92
C ILE G 455 -22.97 -3.56 -30.23
N LEU G 456 -24.03 -3.47 -31.03
CA LEU G 456 -25.40 -3.44 -30.53
C LEU G 456 -26.15 -4.60 -31.14
N VAL G 457 -26.50 -5.59 -30.33
CA VAL G 457 -27.20 -6.79 -30.79
C VAL G 457 -28.68 -6.62 -30.49
N GLU G 458 -29.49 -6.69 -31.54
CA GLU G 458 -30.93 -6.57 -31.36
C GLU G 458 -31.47 -7.85 -30.71
N PRO G 459 -32.18 -7.75 -29.60
CA PRO G 459 -32.72 -8.95 -28.95
C PRO G 459 -33.86 -9.57 -29.75
N LEU G 460 -33.52 -10.21 -30.88
CA LEU G 460 -34.54 -10.72 -31.77
C LEU G 460 -35.32 -11.86 -31.13
N PHE G 461 -34.65 -12.70 -30.32
CA PHE G 461 -35.35 -13.82 -29.69
C PHE G 461 -36.43 -13.32 -28.74
N ALA G 462 -36.13 -12.29 -27.95
CA ALA G 462 -37.13 -11.76 -27.02
C ALA G 462 -38.19 -10.94 -27.75
N GLU G 463 -37.78 -10.19 -28.78
CA GLU G 463 -38.76 -9.47 -29.59
C GLU G 463 -39.66 -10.43 -30.35
N TRP G 464 -39.13 -11.61 -30.70
CA TRP G 464 -39.97 -12.65 -31.30
C TRP G 464 -41.08 -13.08 -30.36
N ILE G 465 -40.76 -13.22 -29.06
CA ILE G 465 -41.77 -13.57 -28.07
C ILE G 465 -42.81 -12.48 -27.94
N GLN G 466 -42.37 -11.21 -27.93
CA GLN G 466 -43.32 -10.09 -27.83
C GLN G 466 -44.28 -10.08 -29.01
N ALA G 467 -43.77 -10.34 -30.22
CA ALA G 467 -44.63 -10.40 -31.39
C ALA G 467 -45.59 -11.58 -31.30
N ALA G 468 -45.13 -12.69 -30.72
CA ALA G 468 -45.99 -13.86 -30.58
C ALA G 468 -47.19 -13.58 -29.70
N SER G 469 -47.05 -12.67 -28.73
CA SER G 469 -48.14 -12.30 -27.85
C SER G 469 -48.99 -11.15 -28.39
N GLY G 470 -48.66 -10.64 -29.58
CA GLY G 470 -49.50 -9.65 -30.24
C GLY G 470 -48.87 -8.29 -30.45
N LYS G 471 -47.62 -8.06 -30.08
CA LYS G 471 -47.02 -6.74 -30.23
C LYS G 471 -46.62 -6.53 -31.69
N THR G 472 -47.30 -5.60 -32.36
CA THR G 472 -46.99 -5.26 -33.74
C THR G 472 -46.06 -4.03 -33.76
N LEU G 473 -44.82 -4.28 -33.33
CA LEU G 473 -43.84 -3.20 -33.22
C LEU G 473 -42.55 -3.59 -33.92
N TYR G 474 -42.29 -4.89 -34.02
CA TYR G 474 -41.06 -5.40 -34.62
C TYR G 474 -41.29 -5.98 -36.01
N ASN G 475 -42.50 -5.86 -36.55
CA ASN G 475 -42.82 -6.31 -37.91
C ASN G 475 -42.47 -7.78 -38.10
N PHE G 476 -42.95 -8.62 -37.18
CA PHE G 476 -42.71 -10.06 -37.28
C PHE G 476 -43.90 -10.82 -37.84
N ASP G 477 -45.13 -10.36 -37.59
CA ASP G 477 -46.33 -10.98 -38.16
C ASP G 477 -46.39 -12.46 -37.83
N LEU G 478 -46.17 -12.79 -36.56
CA LEU G 478 -45.86 -14.17 -36.22
C LEU G 478 -47.06 -15.02 -35.80
N LEU G 479 -47.63 -14.75 -34.62
CA LEU G 479 -48.76 -15.56 -34.17
C LEU G 479 -49.98 -14.71 -33.83
N LEU G 480 -49.82 -13.76 -32.92
CA LEU G 480 -50.89 -12.85 -32.57
C LEU G 480 -50.71 -11.47 -33.19
N ALA G 481 -49.53 -11.19 -33.74
CA ALA G 481 -49.36 -10.04 -34.62
C ALA G 481 -50.01 -10.28 -35.97
N SER G 482 -50.44 -11.50 -36.26
CA SER G 482 -51.16 -11.85 -37.48
C SER G 482 -52.62 -12.08 -37.15
N SER G 483 -53.51 -11.54 -37.99
CA SER G 483 -54.93 -11.75 -37.81
C SER G 483 -55.44 -13.03 -38.45
N ASN G 484 -54.59 -13.72 -39.23
CA ASN G 484 -54.99 -14.95 -39.91
C ASN G 484 -54.45 -16.21 -39.25
N SER G 485 -53.52 -16.07 -38.30
CA SER G 485 -52.97 -17.24 -37.64
C SER G 485 -54.04 -17.92 -36.78
N PRO G 486 -53.98 -19.24 -36.65
CA PRO G 486 -54.98 -19.94 -35.82
C PRO G 486 -54.98 -19.49 -34.37
N ALA G 487 -53.85 -19.00 -33.86
CA ALA G 487 -53.80 -18.50 -32.49
C ALA G 487 -54.67 -17.26 -32.32
N SER G 488 -54.78 -16.42 -33.35
CA SER G 488 -55.58 -15.22 -33.26
C SER G 488 -57.07 -15.49 -33.51
N VAL G 489 -57.38 -16.30 -34.52
CA VAL G 489 -58.79 -16.58 -34.80
C VAL G 489 -59.44 -17.29 -33.62
N ALA G 490 -58.67 -18.07 -32.88
CA ALA G 490 -59.23 -18.86 -31.78
C ALA G 490 -59.77 -17.97 -30.66
N SER G 491 -59.05 -16.90 -30.31
CA SER G 491 -59.45 -16.03 -29.20
C SER G 491 -59.89 -14.65 -29.68
N SER G 492 -60.21 -14.51 -30.97
CA SER G 492 -60.63 -13.22 -31.49
C SER G 492 -61.91 -12.72 -30.84
N GLN G 493 -62.68 -13.60 -30.20
CA GLN G 493 -63.94 -13.24 -29.59
C GLN G 493 -63.92 -13.32 -28.07
N LEU G 494 -62.78 -13.66 -27.46
CA LEU G 494 -62.73 -13.88 -26.01
C LEU G 494 -61.88 -12.83 -25.29
N TRP G 495 -60.58 -12.74 -25.61
CA TRP G 495 -59.73 -11.82 -24.87
C TRP G 495 -58.67 -11.11 -25.71
N LEU G 496 -58.61 -11.33 -27.02
CA LEU G 496 -57.66 -10.58 -27.83
C LEU G 496 -57.95 -9.08 -27.88
N PRO G 497 -59.18 -8.62 -28.11
CA PRO G 497 -59.38 -7.17 -28.21
C PRO G 497 -58.91 -6.41 -26.98
N GLY G 498 -59.12 -6.97 -25.79
CA GLY G 498 -58.56 -6.36 -24.59
C GLY G 498 -57.05 -6.51 -24.52
N TRP G 499 -56.54 -7.69 -24.84
CA TRP G 499 -55.11 -7.93 -24.72
C TRP G 499 -54.32 -7.14 -25.76
N LEU G 500 -54.79 -7.12 -27.01
CA LEU G 500 -54.07 -6.39 -28.05
C LEU G 500 -54.07 -4.89 -27.77
N SER G 501 -55.20 -4.36 -27.28
CA SER G 501 -55.28 -2.94 -26.97
C SER G 501 -54.32 -2.54 -25.85
N ALA G 502 -53.94 -3.47 -24.98
CA ALA G 502 -53.03 -3.17 -23.89
C ALA G 502 -51.57 -3.42 -24.27
N ILE G 503 -51.28 -4.51 -24.97
CA ILE G 503 -49.90 -4.80 -25.36
C ILE G 503 -49.40 -3.77 -26.38
N ASN G 504 -50.27 -3.30 -27.26
CA ASN G 504 -49.90 -2.30 -28.25
C ASN G 504 -50.25 -0.89 -27.77
N ASP G 505 -49.63 -0.50 -26.67
CA ASP G 505 -49.84 0.81 -26.07
C ASP G 505 -48.52 1.28 -25.48
N GLY G 506 -48.11 2.50 -25.84
CA GLY G 506 -46.83 3.00 -25.39
C GLY G 506 -46.77 3.46 -23.95
N LYS G 507 -47.92 3.65 -23.31
CA LYS G 507 -47.97 4.14 -21.94
C LYS G 507 -47.96 3.02 -20.91
N ASN G 508 -48.10 1.77 -21.33
CA ASN G 508 -48.10 0.65 -20.41
C ASN G 508 -46.66 0.20 -20.11
N SER G 509 -46.53 -0.65 -19.11
CA SER G 509 -45.33 -1.45 -18.89
C SER G 509 -45.49 -2.88 -19.40
N LEU G 510 -46.65 -3.20 -19.97
CA LEU G 510 -46.90 -4.52 -20.54
C LEU G 510 -46.00 -4.73 -21.74
N PHE G 511 -44.99 -5.60 -21.61
CA PHE G 511 -44.07 -5.93 -22.69
C PHE G 511 -43.39 -4.67 -23.22
N LEU G 512 -42.56 -4.09 -22.34
CA LEU G 512 -41.87 -2.85 -22.68
C LEU G 512 -41.01 -3.07 -23.93
N PRO G 513 -40.98 -2.11 -24.85
CA PRO G 513 -40.10 -2.23 -26.02
C PRO G 513 -38.65 -2.36 -25.60
N ILE G 514 -37.92 -3.22 -26.31
CA ILE G 514 -36.57 -3.57 -25.92
C ILE G 514 -35.61 -3.30 -27.08
N GLY G 515 -34.35 -3.08 -26.72
CA GLY G 515 -33.31 -2.85 -27.69
C GLY G 515 -32.01 -3.49 -27.28
N PRO G 516 -30.90 -3.06 -27.90
CA PRO G 516 -29.59 -3.64 -27.55
C PRO G 516 -29.21 -3.49 -26.08
N GLY G 517 -29.59 -2.39 -25.44
CA GLY G 517 -29.33 -2.24 -24.02
C GLY G 517 -30.02 -3.32 -23.20
N ASP G 518 -31.27 -3.64 -23.56
CA ASP G 518 -31.98 -4.72 -22.90
C ASP G 518 -31.26 -6.05 -23.11
N PHE G 519 -30.75 -6.28 -24.32
CA PHE G 519 -29.99 -7.49 -24.61
C PHE G 519 -28.79 -7.60 -23.68
N LEU G 520 -27.97 -6.55 -23.62
CA LEU G 520 -26.76 -6.59 -22.82
C LEU G 520 -27.07 -6.75 -21.34
N VAL G 521 -28.08 -6.04 -20.84
CA VAL G 521 -28.38 -6.13 -19.42
C VAL G 521 -29.00 -7.49 -19.08
N HIS G 522 -29.73 -8.09 -20.01
CA HIS G 522 -30.25 -9.44 -19.77
C HIS G 522 -29.11 -10.44 -19.73
N HIS G 523 -28.09 -10.25 -20.55
CA HIS G 523 -26.93 -11.13 -20.46
C HIS G 523 -26.17 -10.93 -19.15
N ALA G 524 -26.10 -9.69 -18.67
CA ALA G 524 -25.52 -9.44 -17.35
C ALA G 524 -26.31 -10.15 -16.26
N ILE G 525 -27.64 -10.10 -16.36
CA ILE G 525 -28.50 -10.78 -15.39
C ILE G 525 -28.28 -12.28 -15.45
N ALA G 526 -28.16 -12.84 -16.66
CA ALA G 526 -27.89 -14.27 -16.80
C ALA G 526 -26.55 -14.64 -16.17
N LEU G 527 -25.54 -13.80 -16.38
CA LEU G 527 -24.24 -14.03 -15.74
C LEU G 527 -24.36 -14.03 -14.23
N GLY G 528 -25.09 -13.06 -13.67
CA GLY G 528 -25.26 -13.02 -12.24
C GLY G 528 -25.97 -14.24 -11.70
N LEU G 529 -27.05 -14.65 -12.37
CA LEU G 529 -27.78 -15.84 -11.95
C LEU G 529 -26.89 -17.07 -12.01
N HIS G 530 -26.13 -17.22 -13.10
CA HIS G 530 -25.28 -18.39 -13.26
C HIS G 530 -24.17 -18.42 -12.22
N THR G 531 -23.58 -17.26 -11.90
CA THR G 531 -22.50 -17.26 -10.92
C THR G 531 -23.03 -17.52 -9.51
N THR G 532 -24.16 -16.92 -9.15
CA THR G 532 -24.76 -17.22 -7.84
C THR G 532 -25.12 -18.70 -7.74
N THR G 533 -25.69 -19.26 -8.81
CA THR G 533 -26.00 -20.68 -8.84
C THR G 533 -24.73 -21.51 -8.74
N LEU G 534 -23.65 -21.09 -9.40
CA LEU G 534 -22.40 -21.83 -9.32
C LEU G 534 -21.89 -21.88 -7.89
N ILE G 535 -21.87 -20.73 -7.21
CA ILE G 535 -21.38 -20.71 -5.83
C ILE G 535 -22.24 -21.60 -4.95
N LEU G 536 -23.57 -21.46 -5.07
CA LEU G 536 -24.47 -22.20 -4.18
C LEU G 536 -24.43 -23.70 -4.46
N VAL G 537 -24.44 -24.09 -5.74
CA VAL G 537 -24.39 -25.50 -6.10
C VAL G 537 -23.06 -26.12 -5.70
N LYS G 538 -21.96 -25.39 -5.90
CA LYS G 538 -20.66 -25.88 -5.49
C LYS G 538 -20.62 -26.09 -3.98
N GLY G 539 -21.17 -25.14 -3.21
CA GLY G 539 -21.20 -25.32 -1.78
C GLY G 539 -22.08 -26.47 -1.34
N ALA G 540 -23.20 -26.68 -2.03
CA ALA G 540 -24.11 -27.76 -1.68
C ALA G 540 -23.50 -29.12 -1.98
N LEU G 541 -22.95 -29.29 -3.19
CA LEU G 541 -22.40 -30.58 -3.59
C LEU G 541 -21.11 -30.88 -2.86
N ASP G 542 -20.24 -29.89 -2.70
CA ASP G 542 -18.98 -30.04 -1.98
C ASP G 542 -19.16 -29.96 -0.48
N ALA G 543 -20.39 -29.91 0.01
CA ALA G 543 -20.64 -29.80 1.44
C ALA G 543 -20.14 -31.03 2.20
N ARG G 544 -20.34 -32.22 1.62
CA ARG G 544 -19.97 -33.45 2.29
C ARG G 544 -18.49 -33.79 2.19
N GLY G 545 -17.74 -33.07 1.39
CA GLY G 545 -16.31 -33.30 1.28
C GLY G 545 -15.77 -32.93 -0.10
N SER G 546 -14.46 -32.78 -0.16
CA SER G 546 -13.76 -32.47 -1.40
C SER G 546 -12.37 -33.08 -1.33
N LYS G 547 -11.48 -32.68 -2.24
CA LYS G 547 -10.11 -33.17 -2.16
C LYS G 547 -9.34 -32.48 -1.04
N LEU G 548 -9.62 -31.19 -0.83
CA LEU G 548 -8.96 -30.47 0.25
C LEU G 548 -9.47 -30.89 1.62
N MET G 549 -10.67 -31.45 1.70
CA MET G 549 -11.26 -31.84 2.98
C MET G 549 -12.23 -32.98 2.73
N PRO G 550 -11.72 -34.22 2.59
CA PRO G 550 -12.61 -35.35 2.29
C PRO G 550 -13.46 -35.83 3.45
N ASP G 551 -13.43 -35.10 4.57
CA ASP G 551 -14.30 -35.41 5.71
C ASP G 551 -15.05 -34.18 6.17
N LYS G 552 -15.42 -33.30 5.24
CA LYS G 552 -16.08 -32.04 5.60
C LYS G 552 -17.42 -32.27 6.29
N LYS G 553 -18.06 -33.42 6.02
CA LYS G 553 -19.35 -33.69 6.66
C LYS G 553 -19.19 -33.91 8.15
N ASP G 554 -18.01 -34.35 8.60
CA ASP G 554 -17.77 -34.57 10.02
C ASP G 554 -17.60 -33.27 10.80
N PHE G 555 -17.45 -32.14 10.11
CA PHE G 555 -17.27 -30.85 10.76
C PHE G 555 -18.52 -30.00 10.75
N GLY G 556 -19.59 -30.47 10.11
CA GLY G 556 -20.85 -29.75 10.11
C GLY G 556 -20.98 -28.78 8.95
N TYR G 557 -22.14 -28.13 8.92
CA TYR G 557 -22.43 -27.17 7.85
C TYR G 557 -21.58 -25.91 7.98
N SER G 558 -21.44 -25.39 9.20
CA SER G 558 -20.75 -24.13 9.45
C SER G 558 -19.61 -24.36 10.43
N PHE G 559 -18.39 -24.23 9.94
CA PHE G 559 -17.18 -24.23 10.76
C PHE G 559 -16.21 -23.22 10.15
N PRO G 560 -15.30 -22.68 10.97
CA PRO G 560 -14.42 -21.62 10.44
C PRO G 560 -13.56 -22.07 9.27
N CYS G 561 -12.81 -23.15 9.45
CA CYS G 561 -11.82 -23.58 8.47
C CYS G 561 -11.37 -24.98 8.85
N ASP G 562 -10.30 -25.45 8.19
CA ASP G 562 -9.58 -26.64 8.61
C ASP G 562 -8.12 -26.34 8.96
N GLY G 563 -7.71 -25.12 9.15
CA GLY G 563 -6.32 -24.95 9.56
C GLY G 563 -5.35 -24.23 8.71
N PRO G 564 -4.10 -24.26 9.07
CA PRO G 564 -3.17 -23.46 8.31
C PRO G 564 -2.24 -24.23 7.46
N GLY G 565 -2.34 -25.54 7.41
CA GLY G 565 -1.37 -26.32 6.68
C GLY G 565 -1.87 -26.82 5.37
N ARG G 566 -1.32 -27.91 4.89
CA ARG G 566 -1.80 -28.49 3.67
C ARG G 566 -2.13 -27.46 2.65
N GLY G 567 -1.52 -26.30 2.71
CA GLY G 567 -1.89 -25.24 1.80
C GLY G 567 -2.52 -24.07 2.52
N GLY G 568 -3.73 -24.24 3.01
CA GLY G 568 -4.42 -23.20 3.73
C GLY G 568 -5.76 -23.81 3.85
N THR G 569 -6.72 -23.07 4.34
CA THR G 569 -8.04 -23.61 4.37
C THR G 569 -9.08 -22.55 4.73
N CYS G 570 -9.09 -21.42 4.06
CA CYS G 570 -10.02 -20.36 4.38
C CYS G 570 -11.33 -20.57 3.64
N ASP G 571 -12.44 -20.31 4.33
CA ASP G 571 -13.77 -20.31 3.72
C ASP G 571 -14.07 -21.64 3.01
N ILE G 572 -13.71 -22.75 3.67
CA ILE G 572 -13.87 -24.07 3.05
C ILE G 572 -15.21 -24.72 3.38
N SER G 573 -15.94 -24.21 4.36
CA SER G 573 -17.20 -24.83 4.75
C SER G 573 -18.32 -24.47 3.76
N ALA G 574 -19.41 -25.22 3.85
CA ALA G 574 -20.57 -24.93 3.01
C ALA G 574 -21.24 -23.63 3.40
N TRP G 575 -21.19 -23.27 4.68
CA TRP G 575 -21.72 -21.97 5.11
C TRP G 575 -20.99 -20.83 4.43
N ASP G 576 -19.67 -20.98 4.23
CA ASP G 576 -18.90 -19.97 3.54
C ASP G 576 -19.32 -19.82 2.09
N ALA G 577 -19.80 -20.90 1.47
CA ALA G 577 -20.33 -20.79 0.11
C ALA G 577 -21.59 -19.92 0.08
N PHE G 578 -22.50 -20.13 1.03
CA PHE G 578 -23.63 -19.22 1.19
C PHE G 578 -23.14 -17.79 1.41
N TYR G 579 -22.12 -17.64 2.25
CA TYR G 579 -21.64 -16.30 2.59
C TYR G 579 -21.10 -15.59 1.36
N LEU G 580 -20.38 -16.31 0.51
CA LEU G 580 -19.85 -15.74 -0.71
C LEU G 580 -20.95 -15.48 -1.74
N ALA G 581 -21.94 -16.38 -1.80
CA ALA G 581 -23.02 -16.23 -2.77
C ALA G 581 -23.99 -15.13 -2.39
N MET G 582 -24.01 -14.71 -1.13
CA MET G 582 -24.85 -13.57 -0.76
C MET G 582 -24.41 -12.30 -1.48
N PHE G 583 -23.09 -12.10 -1.61
CA PHE G 583 -22.60 -10.94 -2.36
C PHE G 583 -23.05 -11.01 -3.81
N TRP G 584 -22.98 -12.19 -4.42
CA TRP G 584 -23.38 -12.31 -5.82
C TRP G 584 -24.89 -12.18 -5.99
N MET G 585 -25.68 -12.66 -5.03
CA MET G 585 -27.11 -12.41 -5.07
C MET G 585 -27.42 -10.93 -4.97
N LEU G 586 -26.75 -10.23 -4.06
CA LEU G 586 -26.95 -8.80 -3.93
C LEU G 586 -26.58 -8.07 -5.21
N ASN G 587 -25.47 -8.48 -5.83
CA ASN G 587 -25.04 -7.86 -7.08
C ASN G 587 -26.03 -8.13 -8.21
N THR G 588 -26.52 -9.36 -8.31
CA THR G 588 -27.47 -9.69 -9.37
C THR G 588 -28.79 -8.96 -9.18
N ILE G 589 -29.30 -8.92 -7.95
CA ILE G 589 -30.53 -8.17 -7.69
C ILE G 589 -30.30 -6.68 -7.92
N GLY G 590 -29.11 -6.18 -7.61
CA GLY G 590 -28.80 -4.80 -7.92
C GLY G 590 -28.83 -4.52 -9.41
N TRP G 591 -28.27 -5.43 -10.20
CA TRP G 591 -28.33 -5.26 -11.66
C TRP G 591 -29.77 -5.28 -12.15
N VAL G 592 -30.56 -6.24 -11.66
CA VAL G 592 -31.95 -6.36 -12.10
C VAL G 592 -32.74 -5.09 -11.74
N THR G 593 -32.57 -4.62 -10.51
CA THR G 593 -33.34 -3.47 -10.05
C THR G 593 -32.84 -2.18 -10.71
N PHE G 594 -31.54 -2.06 -10.95
CA PHE G 594 -31.01 -0.94 -11.70
C PHE G 594 -31.62 -0.89 -13.09
N TYR G 595 -31.64 -2.03 -13.77
CA TYR G 595 -32.22 -2.09 -15.12
C TYR G 595 -33.70 -1.71 -15.09
N TRP G 596 -34.46 -2.31 -14.18
CA TRP G 596 -35.88 -2.01 -14.10
C TRP G 596 -36.12 -0.54 -13.80
N HIS G 597 -35.41 0.01 -12.80
CA HIS G 597 -35.66 1.38 -12.38
C HIS G 597 -35.25 2.37 -13.47
N TRP G 598 -34.11 2.15 -14.13
CA TRP G 598 -33.72 3.08 -15.18
C TRP G 598 -34.69 3.01 -16.37
N LYS G 599 -35.08 1.79 -16.77
CA LYS G 599 -36.04 1.66 -17.86
C LYS G 599 -37.33 2.38 -17.54
N HIS G 600 -37.84 2.22 -16.31
CA HIS G 600 -39.11 2.84 -15.97
C HIS G 600 -38.98 4.34 -15.71
N LEU G 601 -37.83 4.81 -15.22
CA LEU G 601 -37.61 6.25 -15.11
C LEU G 601 -37.61 6.91 -16.47
N THR G 602 -36.96 6.27 -17.46
CA THR G 602 -36.98 6.82 -18.81
C THR G 602 -38.37 6.74 -19.41
N LEU G 603 -39.10 5.65 -19.14
CA LEU G 603 -40.46 5.52 -19.66
C LEU G 603 -41.39 6.58 -19.08
N TRP G 604 -41.30 6.82 -17.76
CA TRP G 604 -42.20 7.77 -17.12
C TRP G 604 -41.84 9.20 -17.49
N GLN G 605 -40.56 9.53 -17.51
CA GLN G 605 -40.12 10.87 -17.89
C GLN G 605 -40.33 11.14 -19.37
N GLY G 606 -40.38 10.10 -20.20
CA GLY G 606 -40.58 10.23 -21.62
C GLY G 606 -39.32 10.13 -22.46
N ASN G 607 -38.15 10.25 -21.85
CA ASN G 607 -36.89 10.20 -22.58
C ASN G 607 -36.37 8.76 -22.69
N GLN G 608 -37.21 7.90 -23.25
CA GLN G 608 -36.81 6.52 -23.49
C GLN G 608 -35.64 6.42 -24.45
N VAL G 609 -35.38 7.46 -25.25
CA VAL G 609 -34.20 7.50 -26.09
C VAL G 609 -32.93 7.61 -25.26
N GLN G 610 -33.02 8.17 -24.04
CA GLN G 610 -31.85 8.24 -23.18
C GLN G 610 -31.39 6.86 -22.76
N PHE G 611 -32.32 5.98 -22.41
CA PHE G 611 -31.93 4.61 -22.05
C PHE G 611 -31.45 3.84 -23.27
N ASN G 612 -32.19 3.94 -24.38
CA ASN G 612 -31.88 3.13 -25.55
C ASN G 612 -30.50 3.44 -26.12
N GLU G 613 -29.98 4.64 -25.88
CA GLU G 613 -28.67 5.04 -26.38
C GLU G 613 -27.56 4.86 -25.34
N SER G 614 -27.80 5.27 -24.10
CA SER G 614 -26.77 5.26 -23.07
C SER G 614 -26.68 3.96 -22.29
N SER G 615 -27.61 3.03 -22.47
CA SER G 615 -27.61 1.80 -21.69
C SER G 615 -26.68 0.74 -22.28
N ASN G 616 -26.06 1.01 -23.42
CA ASN G 616 -25.18 0.04 -24.06
C ASN G 616 -23.74 0.10 -23.54
N TYR G 617 -23.40 1.10 -22.74
CA TYR G 617 -22.05 1.24 -22.23
C TYR G 617 -22.11 1.64 -20.76
N ILE G 618 -21.07 1.25 -20.00
CA ILE G 618 -21.11 1.37 -18.55
C ILE G 618 -21.18 2.82 -18.11
N MET G 619 -20.38 3.69 -18.72
CA MET G 619 -20.42 5.10 -18.37
C MET G 619 -21.80 5.70 -18.60
N GLY G 620 -22.53 5.17 -19.58
CA GLY G 620 -23.91 5.60 -19.75
C GLY G 620 -24.73 5.34 -18.50
N TRP G 621 -24.62 4.13 -17.95
CA TRP G 621 -25.29 3.83 -16.69
C TRP G 621 -24.83 4.77 -15.59
N LEU G 622 -23.51 4.86 -15.38
CA LEU G 622 -22.99 5.63 -14.25
C LEU G 622 -23.39 7.09 -14.32
N ARG G 623 -23.43 7.66 -15.53
CA ARG G 623 -23.70 9.09 -15.67
C ARG G 623 -25.20 9.39 -15.70
N ASP G 624 -25.98 8.59 -16.43
CA ASP G 624 -27.37 8.95 -16.68
C ASP G 624 -28.34 8.32 -15.69
N TYR G 625 -27.98 7.23 -15.02
CA TYR G 625 -28.85 6.70 -13.99
C TYR G 625 -28.42 7.22 -12.63
N LEU G 626 -27.23 6.82 -12.18
CA LEU G 626 -26.81 7.11 -10.82
C LEU G 626 -26.52 8.59 -10.63
N TRP G 627 -25.55 9.13 -11.38
CA TRP G 627 -25.16 10.52 -11.20
C TRP G 627 -26.31 11.47 -11.52
N LEU G 628 -27.10 11.14 -12.53
CA LEU G 628 -28.18 12.04 -12.92
C LEU G 628 -29.31 12.04 -11.90
N ASN G 629 -29.81 10.87 -11.52
CA ASN G 629 -30.97 10.82 -10.64
C ASN G 629 -30.62 10.93 -9.16
N SER G 630 -29.33 10.96 -8.81
CA SER G 630 -28.95 11.15 -7.42
C SER G 630 -29.00 12.62 -6.99
N SER G 631 -29.20 13.54 -7.93
CA SER G 631 -29.23 14.96 -7.58
C SER G 631 -30.39 15.32 -6.65
N PRO G 632 -31.64 14.92 -6.91
CA PRO G 632 -32.71 15.24 -5.94
C PRO G 632 -32.48 14.63 -4.57
N LEU G 633 -31.89 13.43 -4.51
CA LEU G 633 -31.73 12.75 -3.24
C LEU G 633 -30.71 13.45 -2.35
N ILE G 634 -29.54 13.78 -2.90
CA ILE G 634 -28.49 14.37 -2.08
C ILE G 634 -28.87 15.78 -1.63
N ASN G 635 -29.72 16.46 -2.39
CA ASN G 635 -30.25 17.75 -1.96
C ASN G 635 -31.55 17.58 -1.19
N GLY G 636 -31.54 16.66 -0.22
CA GLY G 636 -32.66 16.51 0.69
C GLY G 636 -32.47 17.46 1.86
N TYR G 637 -31.21 17.81 2.10
CA TYR G 637 -30.85 18.86 3.03
C TYR G 637 -29.50 19.41 2.61
N ASN G 638 -29.41 20.72 2.50
CA ASN G 638 -28.21 21.44 2.10
C ASN G 638 -27.95 22.54 3.11
N PRO G 639 -26.81 23.23 3.01
CA PRO G 639 -26.55 24.35 3.94
C PRO G 639 -27.57 25.48 3.84
N PHE G 640 -28.56 25.34 2.97
CA PHE G 640 -29.61 26.34 2.80
C PHE G 640 -30.97 25.91 3.31
N GLY G 641 -31.25 24.62 3.36
CA GLY G 641 -32.54 24.16 3.83
C GLY G 641 -32.66 22.66 3.75
N MET G 642 -33.90 22.18 3.70
CA MET G 642 -34.16 20.75 3.61
C MET G 642 -35.56 20.54 3.02
N ASN G 643 -35.80 19.30 2.59
CA ASN G 643 -37.07 18.91 1.99
C ASN G 643 -37.59 17.66 2.72
N SER G 644 -38.77 17.20 2.31
CA SER G 644 -39.29 15.94 2.82
C SER G 644 -38.43 14.75 2.42
N LEU G 645 -37.52 14.94 1.45
CA LEU G 645 -36.56 13.94 1.05
C LEU G 645 -35.32 13.91 1.93
N SER G 646 -35.30 14.72 3.00
CA SER G 646 -34.13 14.77 3.87
C SER G 646 -33.89 13.42 4.53
N VAL G 647 -34.95 12.73 4.93
CA VAL G 647 -34.79 11.42 5.56
C VAL G 647 -34.16 10.43 4.59
N TRP G 648 -34.45 10.57 3.30
CA TRP G 648 -33.88 9.65 2.33
C TRP G 648 -32.39 9.90 2.12
N ALA G 649 -31.95 11.15 2.17
CA ALA G 649 -30.52 11.44 2.09
C ALA G 649 -29.80 10.92 3.32
N TRP G 650 -30.41 11.08 4.50
CA TRP G 650 -29.83 10.52 5.72
C TRP G 650 -29.72 9.01 5.63
N MET G 651 -30.76 8.34 5.11
CA MET G 651 -30.70 6.90 4.93
C MET G 651 -29.67 6.50 3.90
N PHE G 652 -29.47 7.32 2.86
CA PHE G 652 -28.42 7.09 1.88
C PHE G 652 -27.05 7.04 2.55
N LEU G 653 -26.75 8.08 3.33
CA LEU G 653 -25.47 8.12 4.03
C LEU G 653 -25.35 7.00 5.05
N PHE G 654 -26.46 6.68 5.72
CA PHE G 654 -26.47 5.58 6.69
C PHE G 654 -26.14 4.26 6.03
N GLY G 655 -26.73 4.01 4.85
CA GLY G 655 -26.43 2.80 4.11
C GLY G 655 -24.97 2.72 3.68
N HIS G 656 -24.42 3.85 3.23
CA HIS G 656 -23.00 3.86 2.90
C HIS G 656 -22.14 3.53 4.12
N LEU G 657 -22.48 4.10 5.27
CA LEU G 657 -21.72 3.85 6.49
C LEU G 657 -21.78 2.39 6.91
N VAL G 658 -22.98 1.79 6.87
CA VAL G 658 -23.12 0.39 7.24
C VAL G 658 -22.39 -0.51 6.25
N TRP G 659 -22.43 -0.16 4.97
CA TRP G 659 -21.69 -0.89 3.95
C TRP G 659 -20.19 -0.89 4.26
N ALA G 660 -19.64 0.27 4.61
CA ALA G 660 -18.21 0.32 4.88
C ALA G 660 -17.84 -0.33 6.21
N THR G 661 -18.74 -0.33 7.19
CA THR G 661 -18.49 -1.09 8.40
C THR G 661 -18.47 -2.59 8.10
N GLY G 662 -19.34 -3.03 7.19
CA GLY G 662 -19.22 -4.39 6.69
C GLY G 662 -17.88 -4.64 6.06
N PHE G 663 -17.39 -3.66 5.30
CA PHE G 663 -16.04 -3.77 4.73
C PHE G 663 -15.01 -3.98 5.83
N MET G 664 -15.10 -3.21 6.93
CA MET G 664 -14.29 -3.47 8.13
C MET G 664 -14.32 -4.95 8.51
N PHE G 665 -15.52 -5.47 8.73
CA PHE G 665 -15.65 -6.81 9.30
C PHE G 665 -15.24 -7.90 8.32
N LEU G 666 -15.21 -7.59 7.03
CA LEU G 666 -14.86 -8.56 6.01
C LEU G 666 -13.37 -8.55 5.70
N ILE G 667 -12.75 -7.37 5.58
CA ILE G 667 -11.34 -7.31 5.20
C ILE G 667 -10.44 -7.68 6.38
N SER G 668 -10.62 -6.99 7.51
CA SER G 668 -9.85 -7.29 8.72
C SER G 668 -10.43 -8.52 9.40
N TRP G 669 -9.58 -9.51 9.64
CA TRP G 669 -10.00 -10.76 10.25
C TRP G 669 -9.59 -10.78 11.72
N ARG G 670 -9.79 -11.92 12.37
CA ARG G 670 -9.55 -12.05 13.80
C ARG G 670 -8.05 -12.05 14.07
N GLY G 671 -7.69 -12.22 15.29
CA GLY G 671 -6.29 -12.31 15.51
C GLY G 671 -5.67 -10.98 15.59
N TYR G 672 -6.24 -10.05 14.85
CA TYR G 672 -5.74 -8.71 14.94
C TYR G 672 -6.59 -8.01 15.93
N TRP G 673 -7.75 -8.58 16.24
CA TRP G 673 -8.65 -7.95 17.11
C TRP G 673 -8.61 -8.59 18.43
N GLN G 674 -8.04 -9.76 18.54
CA GLN G 674 -7.87 -10.40 19.84
C GLN G 674 -6.74 -9.76 20.63
N GLU G 675 -5.62 -9.45 19.97
CA GLU G 675 -4.51 -8.80 20.68
C GLU G 675 -4.88 -7.39 21.12
N LEU G 676 -5.60 -6.66 20.29
CA LEU G 676 -6.06 -5.33 20.68
C LEU G 676 -7.00 -5.43 21.88
N ILE G 677 -7.89 -6.42 21.88
CA ILE G 677 -8.79 -6.62 23.01
C ILE G 677 -8.01 -6.98 24.27
N GLU G 678 -6.94 -7.76 24.12
CA GLU G 678 -6.08 -8.07 25.26
C GLU G 678 -5.42 -6.81 25.82
N THR G 679 -4.98 -5.91 24.94
CA THR G 679 -4.42 -4.64 25.41
C THR G 679 -5.46 -3.83 26.16
N ILE G 680 -6.70 -3.79 25.64
CA ILE G 680 -7.78 -3.07 26.32
C ILE G 680 -8.07 -3.70 27.68
N VAL G 681 -8.03 -5.04 27.74
CA VAL G 681 -8.26 -5.75 28.99
C VAL G 681 -7.20 -5.38 30.02
N TRP G 682 -5.93 -5.36 29.60
CA TRP G 682 -4.87 -4.94 30.50
C TRP G 682 -5.09 -3.52 30.98
N ALA G 683 -5.47 -2.62 30.06
CA ALA G 683 -5.69 -1.22 30.44
C ALA G 683 -6.79 -1.10 31.48
N HIS G 684 -7.89 -1.83 31.29
CA HIS G 684 -8.97 -1.78 32.27
C HIS G 684 -8.54 -2.38 33.61
N GLU G 685 -7.80 -3.50 33.57
CA GLU G 685 -7.40 -4.15 34.81
C GLU G 685 -6.37 -3.36 35.60
N ARG G 686 -5.59 -2.49 34.94
CA ARG G 686 -4.50 -1.80 35.59
C ARG G 686 -4.77 -0.31 35.81
N THR G 687 -6.04 0.10 35.82
CA THR G 687 -6.36 1.50 36.02
C THR G 687 -7.20 1.68 37.28
N PRO G 688 -6.87 2.64 38.13
CA PRO G 688 -7.68 2.88 39.34
C PRO G 688 -9.03 3.50 38.98
N LEU G 689 -9.97 3.37 39.92
CA LEU G 689 -11.32 3.92 39.83
C LEU G 689 -12.17 3.16 38.83
N ALA G 690 -11.54 2.25 38.08
CA ALA G 690 -12.25 1.36 37.19
C ALA G 690 -11.96 -0.11 37.49
N ASN G 691 -10.98 -0.40 38.34
CA ASN G 691 -10.79 -1.75 38.83
C ASN G 691 -11.97 -2.23 39.65
N LEU G 692 -12.74 -1.32 40.24
CA LEU G 692 -13.92 -1.69 41.01
C LEU G 692 -14.97 -2.38 40.15
N VAL G 693 -14.94 -2.16 38.84
CA VAL G 693 -15.89 -2.76 37.91
C VAL G 693 -15.14 -3.76 37.05
N ARG G 694 -15.61 -5.00 37.05
CA ARG G 694 -14.99 -6.07 36.26
C ARG G 694 -16.06 -6.84 35.53
N TRP G 695 -15.70 -7.34 34.35
CA TRP G 695 -16.63 -8.09 33.52
C TRP G 695 -16.87 -9.48 34.12
N LYS G 696 -18.05 -10.03 33.82
CA LYS G 696 -18.34 -11.41 34.18
C LYS G 696 -17.96 -12.37 33.05
N ASP G 697 -18.15 -11.96 31.81
CA ASP G 697 -17.71 -12.71 30.64
C ASP G 697 -16.43 -12.09 30.10
N LYS G 698 -15.43 -12.93 29.88
CA LYS G 698 -14.15 -12.42 29.39
C LYS G 698 -14.33 -11.85 27.99
N PRO G 699 -14.02 -10.59 27.76
CA PRO G 699 -14.19 -10.01 26.41
C PRO G 699 -13.19 -10.62 25.44
N VAL G 700 -13.70 -11.20 24.36
CA VAL G 700 -12.89 -11.80 23.31
C VAL G 700 -13.38 -11.29 21.96
N ALA G 701 -12.51 -11.41 20.97
CA ALA G 701 -12.87 -11.01 19.61
C ALA G 701 -13.93 -11.95 19.04
N LEU G 702 -14.72 -11.43 18.09
CA LEU G 702 -15.74 -12.23 17.46
C LEU G 702 -15.11 -13.38 16.69
N SER G 703 -15.78 -14.54 16.69
CA SER G 703 -15.26 -15.70 16.00
C SER G 703 -15.23 -15.46 14.50
N ILE G 704 -14.49 -16.32 13.80
CA ILE G 704 -14.30 -16.15 12.35
C ILE G 704 -15.64 -16.21 11.63
N VAL G 705 -16.44 -17.22 11.94
CA VAL G 705 -17.76 -17.35 11.31
C VAL G 705 -18.66 -16.20 11.73
N GLN G 706 -18.63 -15.84 13.02
CA GLN G 706 -19.44 -14.71 13.48
C GLN G 706 -19.00 -13.42 12.80
N ALA G 707 -17.70 -13.22 12.62
CA ALA G 707 -17.23 -12.03 11.94
C ALA G 707 -17.69 -12.00 10.49
N ARG G 708 -17.63 -13.14 9.81
CA ARG G 708 -18.16 -13.20 8.44
C ARG G 708 -19.64 -12.86 8.40
N LEU G 709 -20.41 -13.40 9.35
CA LEU G 709 -21.85 -13.11 9.41
C LEU G 709 -22.09 -11.63 9.66
N VAL G 710 -21.35 -11.02 10.57
CA VAL G 710 -21.56 -9.62 10.92
C VAL G 710 -21.19 -8.72 9.75
N GLY G 711 -20.07 -9.02 9.08
CA GLY G 711 -19.72 -8.26 7.90
C GLY G 711 -20.74 -8.41 6.78
N LEU G 712 -21.25 -9.62 6.58
CA LEU G 712 -22.29 -9.83 5.58
C LEU G 712 -23.57 -9.09 5.94
N ALA G 713 -23.94 -9.07 7.23
CA ALA G 713 -25.13 -8.37 7.65
C ALA G 713 -24.99 -6.87 7.43
N HIS G 714 -23.83 -6.31 7.78
CA HIS G 714 -23.60 -4.89 7.53
C HIS G 714 -23.64 -4.59 6.03
N PHE G 715 -22.96 -5.41 5.23
CA PHE G 715 -22.95 -5.23 3.79
C PHE G 715 -24.36 -5.23 3.24
N THR G 716 -25.17 -6.22 3.63
CA THR G 716 -26.51 -6.37 3.09
C THR G 716 -27.43 -5.24 3.55
N ILE G 717 -27.38 -4.89 4.84
CA ILE G 717 -28.25 -3.84 5.36
C ILE G 717 -27.91 -2.51 4.72
N GLY G 718 -26.61 -2.18 4.63
CA GLY G 718 -26.22 -0.96 3.95
C GLY G 718 -26.63 -0.95 2.49
N TYR G 719 -26.43 -2.07 1.79
CA TYR G 719 -26.85 -2.21 0.40
C TYR G 719 -28.34 -1.89 0.24
N VAL G 720 -29.17 -2.57 1.04
CA VAL G 720 -30.62 -2.43 0.92
C VAL G 720 -31.04 -1.02 1.26
N LEU G 721 -30.51 -0.46 2.35
CA LEU G 721 -30.92 0.87 2.78
C LEU G 721 -30.52 1.93 1.76
N THR G 722 -29.28 1.89 1.28
CA THR G 722 -28.85 2.91 0.32
C THR G 722 -29.62 2.80 -0.98
N TYR G 723 -29.90 1.58 -1.45
CA TYR G 723 -30.64 1.50 -2.71
C TYR G 723 -32.10 1.88 -2.54
N ALA G 724 -32.72 1.52 -1.42
CA ALA G 724 -34.09 1.93 -1.19
C ALA G 724 -34.21 3.45 -1.14
N ALA G 725 -33.29 4.08 -0.40
CA ALA G 725 -33.27 5.54 -0.33
C ALA G 725 -33.09 6.13 -1.72
N PHE G 726 -32.14 5.61 -2.49
CA PHE G 726 -31.89 6.17 -3.82
C PHE G 726 -33.10 6.03 -4.72
N VAL G 727 -33.66 4.82 -4.83
CA VAL G 727 -34.75 4.61 -5.78
C VAL G 727 -35.95 5.46 -5.41
N ILE G 728 -36.32 5.46 -4.12
CA ILE G 728 -37.50 6.21 -3.70
C ILE G 728 -37.29 7.71 -3.90
N ALA G 729 -36.17 8.23 -3.41
CA ALA G 729 -35.94 9.67 -3.49
C ALA G 729 -35.79 10.12 -4.94
N SER G 730 -35.11 9.33 -5.76
CA SER G 730 -34.94 9.71 -7.17
C SER G 730 -36.27 9.74 -7.88
N THR G 731 -37.10 8.71 -7.68
CA THR G 731 -38.41 8.71 -8.33
C THR G 731 -39.24 9.90 -7.87
N ILE G 732 -39.27 10.16 -6.57
CA ILE G 732 -40.10 11.25 -6.04
C ILE G 732 -39.60 12.60 -6.54
N GLY G 733 -38.29 12.84 -6.49
CA GLY G 733 -37.74 14.13 -6.86
C GLY G 733 -37.66 14.37 -8.35
N LYS G 734 -37.67 13.32 -9.16
CA LYS G 734 -37.64 13.51 -10.60
C LYS G 734 -39.04 13.59 -11.18
N LEU G 735 -39.92 12.67 -10.81
CA LEU G 735 -41.30 12.66 -11.32
C LEU G 735 -42.25 13.38 -10.36
N GLY G 736 -41.92 14.62 -10.00
CA GLY G 736 -42.77 15.41 -9.14
C GLY G 736 -42.96 14.83 -7.75
N LYS H 4 16.59 -7.02 46.34
CA LYS H 4 16.19 -6.63 45.00
C LYS H 4 14.99 -7.43 44.53
N LEU H 5 15.04 -8.75 44.71
CA LEU H 5 13.99 -9.65 44.29
C LEU H 5 13.51 -10.48 45.47
N LYS H 6 12.30 -11.01 45.35
CA LYS H 6 11.68 -11.74 46.46
C LYS H 6 12.48 -12.98 46.82
N GLN H 7 12.94 -13.73 45.84
CA GLN H 7 13.68 -14.96 46.06
C GLN H 7 15.02 -14.89 45.34
N SER H 8 16.02 -15.56 45.94
CA SER H 8 17.37 -15.52 45.38
C SER H 8 17.50 -16.36 44.11
N ASP H 9 16.59 -17.30 43.89
CA ASP H 9 16.66 -18.16 42.72
C ASP H 9 15.94 -17.59 41.51
N PHE H 10 15.28 -16.44 41.64
CA PHE H 10 14.63 -15.83 40.50
C PHE H 10 15.69 -15.41 39.48
N PRO H 11 15.41 -15.53 38.18
CA PRO H 11 16.34 -14.98 37.18
C PRO H 11 16.43 -13.47 37.33
N LYS H 12 17.60 -12.94 36.97
CA LYS H 12 17.82 -11.50 37.14
C LYS H 12 17.02 -10.73 36.10
N PHE H 13 15.70 -10.69 36.28
CA PHE H 13 14.78 -10.01 35.39
C PHE H 13 14.31 -8.72 36.03
N GLU H 14 14.23 -7.66 35.24
CA GLU H 14 13.83 -6.35 35.73
C GLU H 14 12.33 -6.15 35.78
N GLY H 15 11.54 -7.18 35.46
CA GLY H 15 10.10 -7.06 35.51
C GLY H 15 9.54 -6.45 34.25
N SER H 16 8.47 -7.04 33.74
CA SER H 16 7.83 -6.57 32.51
C SER H 16 6.32 -6.51 32.73
N THR H 17 5.68 -5.56 32.03
CA THR H 17 4.23 -5.49 32.07
C THR H 17 3.65 -6.48 31.07
N GLY H 18 4.11 -7.73 31.13
CA GLY H 18 3.62 -8.79 30.29
C GLY H 18 3.54 -10.08 31.08
N GLY H 19 3.79 -9.98 32.38
CA GLY H 19 3.73 -11.12 33.27
C GLY H 19 2.30 -11.51 33.55
N TRP H 20 2.11 -12.25 34.65
CA TRP H 20 0.78 -12.74 34.95
C TRP H 20 -0.09 -11.62 35.52
N LEU H 21 -1.40 -11.89 35.55
CA LEU H 21 -2.40 -10.92 35.95
C LEU H 21 -3.23 -11.49 37.08
N SER H 22 -4.38 -10.88 37.38
CA SER H 22 -5.22 -11.35 38.47
C SER H 22 -5.66 -12.80 38.27
N ALA H 23 -5.63 -13.30 37.04
CA ALA H 23 -6.00 -14.69 36.81
C ALA H 23 -5.05 -15.64 37.51
N ALA H 24 -3.75 -15.39 37.45
CA ALA H 24 -2.80 -16.25 38.15
C ALA H 24 -2.61 -15.81 39.59
N LYS H 25 -3.74 -15.55 40.23
CA LYS H 25 -3.84 -15.40 41.68
C LYS H 25 -5.10 -16.05 42.24
N ASN H 26 -6.07 -16.39 41.40
CA ASN H 26 -7.32 -17.00 41.84
C ASN H 26 -7.74 -18.18 40.99
N GLU H 27 -7.09 -18.44 39.86
CA GLU H 27 -7.41 -19.59 39.02
C GLU H 27 -6.28 -20.60 38.96
N GLU H 28 -5.10 -20.19 38.48
CA GLU H 28 -3.94 -21.07 38.41
C GLU H 28 -2.71 -20.30 37.94
N LYS H 29 -1.53 -20.72 38.40
CA LYS H 29 -0.26 -20.17 37.93
C LYS H 29 0.70 -21.32 37.68
N TYR H 30 1.65 -21.08 36.78
CA TYR H 30 2.60 -22.10 36.37
C TYR H 30 4.01 -21.66 36.72
N VAL H 31 4.79 -22.58 37.28
CA VAL H 31 6.17 -22.32 37.69
C VAL H 31 7.07 -23.30 36.95
N ILE H 32 8.16 -22.79 36.39
CA ILE H 32 9.18 -23.60 35.73
C ILE H 32 10.48 -23.47 36.51
N ILE H 33 11.08 -24.60 36.84
CA ILE H 33 12.33 -24.62 37.58
C ILE H 33 13.39 -25.31 36.72
N TRP H 34 14.63 -24.85 36.86
CA TRP H 34 15.75 -25.46 36.15
C TRP H 34 17.04 -25.03 36.82
N THR H 35 18.09 -25.81 36.59
CA THR H 35 19.42 -25.52 37.09
C THR H 35 20.34 -25.26 35.89
N SER H 36 21.06 -24.15 35.94
CA SER H 36 21.96 -23.76 34.86
C SER H 36 23.39 -23.69 35.37
N LYS H 37 24.33 -24.10 34.51
CA LYS H 37 25.74 -24.00 34.85
C LYS H 37 26.26 -22.59 34.75
N ASP H 38 25.69 -21.78 33.86
CA ASP H 38 26.18 -20.43 33.60
C ASP H 38 25.03 -19.44 33.72
N ALA H 39 25.39 -18.19 34.06
CA ALA H 39 24.41 -17.10 34.14
C ALA H 39 24.11 -16.55 32.75
N SER H 40 23.58 -17.43 31.90
CA SER H 40 23.31 -17.07 30.52
C SER H 40 22.18 -16.05 30.44
N LEU H 41 22.23 -15.22 29.40
CA LEU H 41 21.21 -14.21 29.14
C LEU H 41 20.20 -14.79 28.17
N PHE H 42 18.94 -14.86 28.59
CA PHE H 42 17.88 -15.46 27.80
C PHE H 42 16.72 -14.50 27.69
N GLU H 43 15.84 -14.76 26.72
CA GLU H 43 14.69 -13.91 26.44
C GLU H 43 13.46 -14.48 27.14
N MET H 44 12.78 -13.63 27.90
CA MET H 44 11.56 -14.06 28.58
C MET H 44 10.45 -14.33 27.57
N PRO H 45 9.61 -15.34 27.82
CA PRO H 45 8.43 -15.53 26.96
C PRO H 45 7.46 -14.37 27.01
N THR H 46 7.49 -13.57 28.07
CA THR H 46 6.56 -12.46 28.25
C THR H 46 7.14 -11.15 27.73
N GLY H 47 8.28 -10.74 28.28
CA GLY H 47 8.85 -9.44 27.94
C GLY H 47 10.18 -9.51 27.22
N GLY H 48 11.24 -9.11 27.90
CA GLY H 48 12.55 -9.00 27.26
C GLY H 48 13.59 -9.95 27.80
N THR H 49 14.81 -9.43 27.99
CA THR H 49 15.96 -10.26 28.34
C THR H 49 16.09 -10.37 29.85
N ALA H 50 16.32 -11.60 30.33
CA ALA H 50 16.62 -11.88 31.72
C ALA H 50 17.92 -12.65 31.81
N LYS H 51 18.51 -12.66 33.00
CA LYS H 51 19.77 -13.35 33.23
C LYS H 51 19.56 -14.54 34.16
N MET H 52 20.03 -15.70 33.73
CA MET H 52 19.93 -16.89 34.54
C MET H 52 20.83 -16.79 35.77
N ASN H 53 20.57 -17.65 36.74
CA ASN H 53 21.45 -17.82 37.89
C ASN H 53 22.33 -19.04 37.67
N ALA H 54 23.59 -18.94 38.09
CA ALA H 54 24.49 -20.08 38.00
C ALA H 54 24.12 -21.10 39.07
N GLY H 55 22.96 -21.72 38.90
CA GLY H 55 22.42 -22.64 39.89
C GLY H 55 20.93 -22.81 39.73
N ASN H 56 20.20 -22.80 40.85
CA ASN H 56 18.75 -22.98 40.80
C ASN H 56 18.09 -21.74 40.21
N ASN H 57 17.17 -21.96 39.26
CA ASN H 57 16.39 -20.90 38.65
C ASN H 57 14.91 -21.26 38.73
N VAL H 58 14.09 -20.29 39.12
CA VAL H 58 12.65 -20.49 39.26
C VAL H 58 11.93 -19.31 38.64
N ALA H 59 10.98 -19.59 37.75
CA ALA H 59 10.21 -18.56 37.07
C ALA H 59 8.73 -18.91 37.11
N TYR H 60 7.89 -17.90 37.27
CA TYR H 60 6.44 -18.06 37.33
C TYR H 60 5.79 -17.43 36.11
N PHE H 61 4.78 -18.11 35.56
CA PHE H 61 4.09 -17.63 34.38
C PHE H 61 2.59 -17.90 34.54
N ALA H 62 1.81 -17.28 33.64
CA ALA H 62 0.36 -17.41 33.68
C ALA H 62 -0.18 -18.54 32.84
N ARG H 63 0.62 -19.08 31.92
CA ARG H 63 0.16 -20.13 31.01
C ARG H 63 1.17 -21.26 30.97
N LYS H 64 0.67 -22.46 30.71
CA LYS H 64 1.55 -23.61 30.47
C LYS H 64 2.36 -23.41 29.20
N GLU H 65 1.77 -22.76 28.18
CA GLU H 65 2.48 -22.53 26.93
C GLU H 65 3.68 -21.62 27.12
N GLN H 66 3.56 -20.61 27.99
CA GLN H 66 4.69 -19.73 28.25
C GLN H 66 5.85 -20.48 28.90
N CYS H 67 5.54 -21.32 29.88
CA CYS H 67 6.58 -22.11 30.52
C CYS H 67 7.21 -23.08 29.54
N LEU H 68 6.42 -23.69 28.67
CA LEU H 68 6.96 -24.63 27.70
C LEU H 68 7.78 -23.92 26.63
N ALA H 69 7.41 -22.70 26.24
CA ALA H 69 8.23 -21.93 25.32
C ALA H 69 9.56 -21.58 25.96
N LEU H 70 9.55 -21.19 27.25
CA LEU H 70 10.80 -20.95 27.95
C LEU H 70 11.65 -22.21 28.00
N GLY H 71 11.03 -23.35 28.27
CA GLY H 71 11.78 -24.60 28.30
C GLY H 71 12.37 -24.97 26.96
N SER H 72 11.61 -24.75 25.89
CA SER H 72 12.14 -25.00 24.55
C SER H 72 13.32 -24.09 24.25
N GLN H 73 13.26 -22.84 24.73
CA GLN H 73 14.41 -21.96 24.61
C GLN H 73 15.60 -22.48 25.42
N LEU H 74 15.32 -23.05 26.60
CA LEU H 74 16.39 -23.58 27.44
C LEU H 74 17.16 -24.70 26.77
N ARG H 75 16.49 -25.48 25.92
CA ARG H 75 17.16 -26.58 25.23
C ARG H 75 18.29 -26.07 24.35
N GLY H 76 18.18 -24.84 23.85
CA GLY H 76 19.26 -24.25 23.09
C GLY H 76 20.48 -23.93 23.93
N PHE H 77 20.32 -23.81 25.25
CA PHE H 77 21.42 -23.62 26.17
C PHE H 77 21.94 -24.93 26.74
N LYS H 78 21.57 -26.06 26.12
CA LYS H 78 21.92 -27.39 26.60
C LYS H 78 21.37 -27.65 28.00
N ILE H 79 20.24 -27.03 28.31
CA ILE H 79 19.54 -27.21 29.58
C ILE H 79 18.38 -28.16 29.34
N THR H 80 18.30 -29.23 30.13
CA THR H 80 17.35 -30.30 29.87
C THR H 80 16.52 -30.62 31.11
N ASN H 81 17.07 -30.32 32.29
CA ASN H 81 16.44 -30.69 33.55
C ASN H 81 15.31 -29.75 33.96
N TYR H 82 14.83 -28.90 33.05
CA TYR H 82 13.75 -27.98 33.40
C TYR H 82 12.45 -28.74 33.63
N LYS H 83 11.70 -28.32 34.65
CA LYS H 83 10.46 -28.98 35.02
C LYS H 83 9.39 -27.92 35.29
N ILE H 84 8.17 -28.18 34.81
CA ILE H 84 7.08 -27.22 34.86
C ILE H 84 5.99 -27.77 35.78
N PHE H 85 5.49 -26.91 36.67
CA PHE H 85 4.45 -27.28 37.62
C PHE H 85 3.25 -26.34 37.47
N ARG H 86 2.09 -26.85 37.86
CA ARG H 86 0.86 -26.05 37.91
C ARG H 86 0.50 -25.81 39.37
N ILE H 87 0.26 -24.55 39.72
CA ILE H 87 -0.10 -24.16 41.07
C ILE H 87 -1.50 -23.58 41.04
N TYR H 88 -2.41 -24.18 41.80
CA TYR H 88 -3.78 -23.71 41.92
C TYR H 88 -3.78 -22.50 42.86
N PRO H 89 -4.94 -21.91 43.14
CA PRO H 89 -4.96 -20.69 43.97
C PRO H 89 -4.21 -20.86 45.29
N PRO H 90 -4.37 -21.99 46.01
CA PRO H 90 -3.44 -22.25 47.13
C PRO H 90 -2.24 -23.05 46.65
N LEU H 91 -1.33 -23.40 47.56
CA LEU H 91 -0.13 -24.14 47.17
C LEU H 91 -0.51 -25.58 46.84
N ASP H 92 -1.08 -25.74 45.65
CA ASP H 92 -1.45 -27.05 45.10
C ASP H 92 -0.54 -27.29 43.90
N ILE H 93 0.63 -27.87 44.15
CA ILE H 93 1.65 -28.05 43.13
C ILE H 93 1.43 -29.38 42.42
N THR H 94 1.46 -29.36 41.10
CA THR H 94 1.30 -30.56 40.29
C THR H 94 2.35 -30.54 39.18
N LEU H 95 3.21 -31.54 39.16
CA LEU H 95 4.20 -31.65 38.10
C LEU H 95 3.51 -31.93 36.76
N LEU H 96 3.87 -31.16 35.74
CA LEU H 96 3.18 -31.24 34.45
C LEU H 96 4.06 -31.78 33.33
N HIS H 97 5.17 -31.12 33.02
CA HIS H 97 5.81 -31.39 31.73
C HIS H 97 6.60 -32.70 31.75
N PRO H 98 7.62 -32.87 32.62
CA PRO H 98 8.23 -34.21 32.66
C PRO H 98 7.39 -35.15 33.51
N PHE H 99 6.24 -35.55 32.95
CA PHE H 99 5.21 -36.20 33.74
C PHE H 99 5.71 -37.50 34.36
N ASP H 100 6.41 -38.32 33.57
CA ASP H 100 7.03 -39.54 34.07
C ASP H 100 8.54 -39.45 34.14
N GLY H 101 9.08 -38.23 34.16
CA GLY H 101 10.52 -38.03 34.18
C GLY H 101 11.18 -38.13 32.84
N VAL H 102 10.46 -38.57 31.81
CA VAL H 102 10.97 -38.67 30.44
C VAL H 102 10.16 -37.73 29.57
N PHE H 103 10.85 -37.01 28.69
CA PHE H 103 10.18 -36.07 27.81
C PHE H 103 9.18 -36.81 26.92
N PRO H 104 8.06 -36.17 26.57
CA PRO H 104 7.02 -36.88 25.81
C PRO H 104 7.48 -37.37 24.45
N GLU H 105 8.54 -36.81 23.89
CA GLU H 105 9.03 -37.23 22.59
C GLU H 105 9.75 -38.57 22.64
N LYS H 106 10.20 -39.00 23.81
CA LYS H 106 10.90 -40.27 23.97
C LYS H 106 9.94 -41.28 24.58
N VAL H 107 9.89 -42.48 23.99
CA VAL H 107 8.98 -43.51 24.46
C VAL H 107 9.44 -44.03 25.82
N ASN H 108 8.50 -44.09 26.77
CA ASN H 108 8.76 -44.62 28.09
C ASN H 108 7.75 -45.71 28.38
N GLN H 109 8.22 -46.80 28.97
CA GLN H 109 7.31 -47.86 29.40
C GLN H 109 6.42 -47.35 30.53
N GLY H 110 5.21 -47.89 30.61
CA GLY H 110 4.24 -47.45 31.57
C GLY H 110 3.26 -46.42 31.07
N ARG H 111 3.29 -46.08 29.79
CA ARG H 111 2.36 -45.14 29.18
C ARG H 111 1.33 -45.92 28.38
N SER H 112 0.05 -45.59 28.58
CA SER H 112 -1.00 -46.23 27.81
C SER H 112 -1.53 -45.28 26.74
N PRO H 113 -1.92 -45.80 25.58
CA PRO H 113 -2.43 -44.93 24.51
C PRO H 113 -3.78 -44.32 24.91
N VAL H 114 -3.87 -42.99 24.76
CA VAL H 114 -5.10 -42.26 25.05
C VAL H 114 -5.57 -41.60 23.78
N GLY H 115 -6.83 -41.82 23.42
CA GLY H 115 -7.37 -41.26 22.21
C GLY H 115 -6.94 -41.95 20.94
N LYS H 116 -6.68 -43.26 21.00
CA LYS H 116 -6.26 -44.02 19.83
C LYS H 116 -7.45 -44.74 19.23
N ARG H 117 -7.63 -44.59 17.91
CA ARG H 117 -8.66 -45.29 17.17
C ARG H 117 -8.00 -46.34 16.29
N ASP H 118 -8.54 -47.55 16.30
CA ASP H 118 -7.95 -48.66 15.56
C ASP H 118 -8.46 -48.70 14.12
N ALA H 119 -8.37 -47.56 13.43
CA ALA H 119 -8.76 -47.42 12.04
C ALA H 119 -8.23 -46.09 11.54
N SER H 120 -8.25 -45.92 10.23
CA SER H 120 -7.80 -44.66 9.62
C SER H 120 -8.95 -43.64 9.68
N ILE H 121 -8.75 -42.50 9.01
CA ILE H 121 -9.78 -41.47 9.01
C ILE H 121 -11.04 -41.96 8.29
N GLY H 122 -10.86 -42.75 7.23
CA GLY H 122 -11.99 -43.18 6.43
C GLY H 122 -12.97 -44.07 7.16
N GLY H 123 -12.58 -44.62 8.30
CA GLY H 123 -13.45 -45.47 9.08
C GLY H 123 -14.36 -44.74 10.05
N ASN H 124 -14.36 -43.41 10.04
CA ASN H 124 -15.20 -42.67 10.97
C ASN H 124 -16.67 -42.84 10.60
N PRO H 125 -17.56 -42.90 11.59
CA PRO H 125 -18.98 -43.08 11.30
C PRO H 125 -19.60 -41.86 10.64
N ASN H 126 -20.65 -42.11 9.87
CA ASN H 126 -21.35 -41.02 9.19
C ASN H 126 -22.10 -40.16 10.20
N PRO H 127 -22.02 -38.83 10.08
CA PRO H 127 -22.68 -37.97 11.07
C PRO H 127 -24.19 -38.18 11.18
N ALA H 128 -24.85 -38.56 10.09
CA ALA H 128 -26.30 -38.75 10.14
C ALA H 128 -26.68 -39.88 11.09
N SER H 129 -25.78 -40.83 11.31
CA SER H 129 -26.00 -41.91 12.27
C SER H 129 -25.63 -41.50 13.69
N LEU H 130 -25.13 -40.29 13.88
CA LEU H 130 -24.77 -39.76 15.19
C LEU H 130 -25.65 -38.57 15.56
N LYS H 131 -26.96 -38.78 15.28
CA LYS H 131 -27.94 -37.74 15.53
C LYS H 131 -29.11 -38.19 16.34
N PHE H 132 -29.89 -37.24 16.86
CA PHE H 132 -31.01 -37.57 17.75
C PHE H 132 -30.70 -38.87 18.41
N GLN H 133 -29.58 -38.93 19.11
CA GLN H 133 -29.16 -40.14 19.80
C GLN H 133 -27.82 -39.85 20.47
N ILE I 2 2.42 -58.40 -5.66
CA ILE I 2 3.12 -57.15 -5.89
C ILE I 2 4.53 -57.22 -5.29
N GLN I 3 5.44 -56.42 -5.84
CA GLN I 3 6.82 -56.42 -5.39
C GLN I 3 7.43 -55.06 -5.72
N LYS I 4 8.73 -54.92 -5.43
CA LYS I 4 9.43 -53.68 -5.72
C LYS I 4 9.41 -53.40 -7.22
N GLY I 5 9.06 -52.16 -7.58
CA GLY I 5 8.98 -51.76 -8.96
C GLY I 5 7.65 -52.03 -9.64
N SER I 6 6.74 -52.74 -8.98
CA SER I 6 5.44 -53.02 -9.56
C SER I 6 4.59 -51.76 -9.60
N THR I 7 3.65 -51.73 -10.55
CA THR I 7 2.72 -50.61 -10.71
C THR I 7 1.36 -51.01 -10.14
N VAL I 8 0.83 -50.19 -9.24
CA VAL I 8 -0.41 -50.50 -8.55
C VAL I 8 -1.35 -49.29 -8.64
N ARG I 9 -2.65 -49.58 -8.54
CA ARG I 9 -3.67 -48.55 -8.46
C ARG I 9 -4.14 -48.41 -7.02
N ILE I 10 -4.22 -47.17 -6.54
CA ILE I 10 -4.60 -46.92 -5.17
C ILE I 10 -6.12 -47.05 -5.03
N LEU I 11 -6.55 -47.88 -4.08
CA LEU I 11 -7.97 -48.08 -3.82
C LEU I 11 -8.43 -47.38 -2.55
N ARG I 12 -7.54 -46.70 -1.83
CA ARG I 12 -7.93 -45.95 -0.65
C ARG I 12 -8.65 -44.68 -1.07
N LYS I 13 -9.87 -44.48 -0.56
CA LYS I 13 -10.67 -43.35 -1.00
C LYS I 13 -10.14 -42.03 -0.47
N GLU I 14 -9.66 -42.01 0.77
CA GLU I 14 -9.16 -40.77 1.36
C GLU I 14 -7.69 -40.53 0.99
N SER I 15 -7.40 -40.65 -0.30
CA SER I 15 -6.03 -40.58 -0.79
C SER I 15 -5.92 -39.55 -1.89
N TYR I 16 -4.84 -38.76 -1.86
CA TYR I 16 -4.56 -37.85 -2.95
C TYR I 16 -4.23 -38.57 -4.25
N TRP I 17 -3.98 -39.88 -4.19
CA TRP I 17 -3.67 -40.65 -5.38
C TRP I 17 -4.71 -41.75 -5.63
N TYR I 18 -5.92 -41.57 -5.12
CA TYR I 18 -6.98 -42.54 -5.37
C TYR I 18 -7.26 -42.62 -6.86
N ASN I 19 -7.48 -43.85 -7.33
CA ASN I 19 -7.69 -44.20 -8.74
C ASN I 19 -6.46 -43.94 -9.60
N GLU I 20 -5.35 -43.49 -9.02
CA GLU I 20 -4.13 -43.23 -9.77
C GLU I 20 -3.17 -44.41 -9.62
N SER I 21 -2.14 -44.41 -10.46
CA SER I 21 -1.14 -45.46 -10.48
C SER I 21 0.17 -44.98 -9.88
N GLY I 22 0.78 -45.82 -9.04
CA GLY I 22 2.06 -45.52 -8.44
C GLY I 22 3.00 -46.71 -8.57
N THR I 23 4.24 -46.48 -8.15
CA THR I 23 5.29 -47.48 -8.21
C THR I 23 5.61 -47.96 -6.81
N VAL I 24 5.58 -49.28 -6.61
CA VAL I 24 5.83 -49.86 -5.30
C VAL I 24 7.33 -49.78 -5.00
N VAL I 25 7.67 -49.17 -3.88
CA VAL I 25 9.07 -49.05 -3.49
C VAL I 25 9.53 -50.29 -2.75
N VAL I 26 8.73 -50.77 -1.80
CA VAL I 26 9.06 -51.97 -1.04
C VAL I 26 7.80 -52.47 -0.37
N VAL I 27 7.62 -53.79 -0.35
CA VAL I 27 6.54 -54.44 0.37
C VAL I 27 7.14 -55.10 1.60
N ASP I 28 6.80 -54.59 2.78
CA ASP I 28 7.35 -55.14 4.01
C ASP I 28 6.81 -56.53 4.27
N GLN I 29 7.68 -57.43 4.72
CA GLN I 29 7.31 -58.80 5.01
C GLN I 29 6.98 -59.03 6.48
N SER I 30 7.04 -57.99 7.31
CA SER I 30 6.74 -58.11 8.73
C SER I 30 5.23 -58.05 8.92
N LYS I 31 4.79 -57.93 10.18
CA LYS I 31 3.38 -57.93 10.53
C LYS I 31 2.81 -56.52 10.65
N VAL I 32 3.34 -55.57 9.86
CA VAL I 32 2.83 -54.21 9.90
C VAL I 32 1.48 -54.14 9.18
N ARG I 33 0.71 -53.10 9.53
CA ARG I 33 -0.64 -52.98 9.01
C ARG I 33 -0.66 -52.50 7.57
N TYR I 34 0.27 -51.61 7.20
CA TYR I 34 0.33 -51.03 5.86
C TYR I 34 1.73 -51.23 5.31
N PRO I 35 2.01 -52.41 4.76
CA PRO I 35 3.39 -52.73 4.34
C PRO I 35 3.79 -52.14 3.01
N VAL I 36 2.84 -51.96 2.09
CA VAL I 36 3.17 -51.55 0.73
C VAL I 36 3.52 -50.07 0.73
N LEU I 37 4.72 -49.75 0.25
CA LEU I 37 5.19 -48.38 0.12
C LEU I 37 5.19 -48.02 -1.37
N VAL I 38 4.43 -46.99 -1.74
CA VAL I 38 4.20 -46.62 -3.13
C VAL I 38 4.72 -45.21 -3.34
N ARG I 39 5.44 -44.99 -4.43
CA ARG I 39 5.95 -43.68 -4.82
C ARG I 39 5.19 -43.17 -6.03
N PHE I 40 4.80 -41.90 -5.99
CA PHE I 40 4.01 -41.29 -7.04
C PHE I 40 4.78 -40.14 -7.67
N THR I 41 4.39 -39.78 -8.89
CA THR I 41 5.00 -38.66 -9.58
C THR I 41 4.39 -37.32 -9.17
N LYS I 42 3.13 -37.32 -8.75
CA LYS I 42 2.43 -36.10 -8.36
C LYS I 42 2.50 -35.95 -6.85
N VAL I 43 3.05 -34.82 -6.39
CA VAL I 43 3.06 -34.54 -4.96
C VAL I 43 1.65 -34.21 -4.50
N ASN I 44 1.34 -34.57 -3.26
CA ASN I 44 0.03 -34.29 -2.69
C ASN I 44 -0.02 -32.83 -2.22
N TYR I 45 -1.07 -32.47 -1.51
CA TYR I 45 -1.20 -31.09 -1.04
C TYR I 45 -0.18 -30.74 0.02
N ALA I 46 0.36 -31.73 0.72
CA ALA I 46 1.39 -31.50 1.73
C ALA I 46 2.80 -31.52 1.16
N GLY I 47 2.96 -31.87 -0.11
CA GLY I 47 4.25 -31.90 -0.76
C GLY I 47 4.88 -33.28 -0.85
N THR I 48 4.38 -34.25 -0.09
CA THR I 48 4.93 -35.59 -0.14
C THR I 48 4.52 -36.30 -1.43
N ASN I 49 5.33 -37.28 -1.84
CA ASN I 49 5.07 -38.05 -3.05
C ASN I 49 5.12 -39.56 -2.78
N THR I 50 5.02 -39.97 -1.53
CA THR I 50 5.07 -41.38 -1.18
C THR I 50 4.17 -41.63 0.02
N ASN I 51 3.70 -42.87 0.13
CA ASN I 51 2.80 -43.23 1.23
C ASN I 51 2.77 -44.75 1.38
N ASN I 52 2.47 -45.20 2.59
CA ASN I 52 2.35 -46.62 2.90
C ASN I 52 0.89 -47.04 2.76
N PHE I 53 0.65 -48.13 2.03
CA PHE I 53 -0.70 -48.61 1.78
C PHE I 53 -0.81 -50.07 2.21
N GLY I 54 -2.04 -50.47 2.52
CA GLY I 54 -2.30 -51.86 2.86
C GLY I 54 -2.32 -52.74 1.64
N LEU I 55 -2.40 -54.05 1.89
CA LEU I 55 -2.39 -55.01 0.79
C LEU I 55 -3.71 -54.99 0.02
N ASN I 56 -4.81 -54.65 0.68
CA ASN I 56 -6.11 -54.59 0.04
C ASN I 56 -6.45 -53.21 -0.50
N GLU I 57 -5.57 -52.23 -0.32
CA GLU I 57 -5.77 -50.87 -0.83
C GLU I 57 -4.99 -50.59 -2.09
N VAL I 58 -4.28 -51.58 -2.64
CA VAL I 58 -3.53 -51.43 -3.87
C VAL I 58 -3.92 -52.55 -4.82
N GLU I 59 -4.06 -52.22 -6.10
CA GLU I 59 -4.41 -53.18 -7.14
C GLU I 59 -3.37 -53.09 -8.24
N GLU I 60 -2.68 -54.19 -8.51
CA GLU I 60 -1.61 -54.20 -9.48
C GLU I 60 -2.14 -53.97 -10.89
N VAL I 61 -1.44 -53.14 -11.65
CA VAL I 61 -1.79 -52.90 -13.05
C VAL I 61 -1.17 -54.01 -13.89
N VAL I 62 -1.92 -54.46 -14.89
CA VAL I 62 -1.48 -55.56 -15.77
C VAL I 62 -0.15 -55.23 -16.45
N ASP J 25 -36.83 -3.48 -41.96
CA ASP J 25 -36.69 -4.88 -42.37
C ASP J 25 -36.71 -5.82 -41.17
N ILE J 26 -35.58 -6.49 -40.94
CA ILE J 26 -35.49 -7.46 -39.86
C ILE J 26 -35.51 -6.71 -38.52
N GLY J 27 -36.50 -7.02 -37.69
CA GLY J 27 -36.61 -6.39 -36.39
C GLY J 27 -36.97 -4.92 -36.43
N GLY J 28 -37.59 -4.45 -37.51
CA GLY J 28 -37.95 -3.06 -37.65
C GLY J 28 -36.81 -2.14 -38.05
N LEU J 29 -35.62 -2.68 -38.27
CA LEU J 29 -34.48 -1.87 -38.66
C LEU J 29 -34.57 -1.51 -40.14
N ASN J 30 -33.76 -0.53 -40.54
CA ASN J 30 -33.70 -0.08 -41.92
C ASN J 30 -32.24 -0.03 -42.36
N PRO J 31 -31.98 -0.18 -43.67
CA PRO J 31 -30.61 -0.10 -44.14
C PRO J 31 -29.99 1.26 -43.83
N CYS J 32 -28.70 1.26 -43.50
CA CYS J 32 -28.01 2.50 -43.16
C CYS J 32 -27.82 3.41 -44.36
N LYS J 33 -27.91 2.87 -45.59
CA LYS J 33 -27.81 3.71 -46.77
C LYS J 33 -29.00 4.65 -46.92
N ASP J 34 -30.13 4.34 -46.28
CA ASP J 34 -31.33 5.16 -46.35
C ASP J 34 -31.72 5.71 -44.98
N SER J 35 -30.80 5.69 -44.02
CA SER J 35 -31.07 6.17 -42.67
C SER J 35 -30.61 7.62 -42.58
N GLU J 36 -31.56 8.53 -42.39
CA GLU J 36 -31.24 9.95 -42.32
C GLU J 36 -30.36 10.26 -41.11
N VAL J 37 -30.64 9.62 -39.98
CA VAL J 37 -29.85 9.88 -38.77
C VAL J 37 -28.41 9.44 -38.95
N PHE J 38 -28.17 8.40 -39.76
CA PHE J 38 -26.79 8.00 -40.06
C PHE J 38 -26.04 9.11 -40.78
N GLN J 39 -26.68 9.71 -41.81
CA GLN J 39 -26.05 10.82 -42.51
C GLN J 39 -25.89 12.04 -41.62
N LYS J 40 -26.85 12.26 -40.71
CA LYS J 40 -26.70 13.35 -39.75
C LYS J 40 -25.49 13.13 -38.85
N ARG J 41 -25.28 11.90 -38.40
CA ARG J 41 -24.11 11.58 -37.60
C ARG J 41 -22.82 11.85 -38.39
N LEU J 42 -22.79 11.41 -39.64
CA LEU J 42 -21.61 11.64 -40.47
C LEU J 42 -21.35 13.12 -40.65
N ALA J 43 -22.41 13.90 -40.93
CA ALA J 43 -22.25 15.33 -41.13
C ALA J 43 -21.77 16.03 -39.87
N LYS J 44 -22.32 15.64 -38.71
CA LYS J 44 -21.90 16.27 -37.46
C LYS J 44 -20.45 15.96 -37.15
N THR J 45 -20.03 14.70 -37.33
CA THR J 45 -18.63 14.36 -37.08
C THR J 45 -17.70 15.12 -38.01
N VAL J 46 -18.05 15.20 -39.30
CA VAL J 46 -17.22 15.91 -40.25
C VAL J 46 -17.17 17.40 -39.90
N LYS J 47 -18.30 17.97 -39.49
CA LYS J 47 -18.32 19.38 -39.12
C LYS J 47 -17.46 19.66 -37.90
N LYS J 48 -17.52 18.79 -36.90
CA LYS J 48 -16.65 18.95 -35.72
C LYS J 48 -15.18 18.86 -36.12
N LEU J 49 -14.84 17.89 -36.98
CA LEU J 49 -13.45 17.74 -37.39
C LEU J 49 -12.98 18.96 -38.19
N GLU J 50 -13.84 19.50 -39.05
CA GLU J 50 -13.46 20.69 -39.82
C GLU J 50 -13.31 21.92 -38.93
N ASN J 51 -14.20 22.06 -37.94
CA ASN J 51 -14.06 23.16 -36.99
C ASN J 51 -12.76 23.06 -36.22
N ARG J 52 -12.37 21.84 -35.84
CA ARG J 52 -11.06 21.64 -35.23
C ARG J 52 -9.94 21.99 -36.22
N LEU J 53 -10.13 21.64 -37.49
CA LEU J 53 -9.14 21.92 -38.52
C LEU J 53 -8.95 23.42 -38.74
N LYS J 54 -9.98 24.22 -38.46
CA LYS J 54 -9.91 25.65 -38.75
C LYS J 54 -8.89 26.36 -37.87
N LYS J 55 -8.59 25.83 -36.69
CA LYS J 55 -7.75 26.53 -35.72
C LYS J 55 -6.26 26.25 -35.90
N TYR J 56 -5.88 25.52 -36.94
CA TYR J 56 -4.48 25.30 -37.28
C TYR J 56 -4.14 26.03 -38.58
N GLU J 57 -2.87 25.99 -38.97
CA GLU J 57 -2.35 26.83 -40.03
C GLU J 57 -1.75 26.00 -41.15
N GLU J 58 -2.10 26.34 -42.38
CA GLU J 58 -1.46 25.89 -43.62
C GLU J 58 -1.33 24.37 -43.66
N GLY J 59 -0.33 23.86 -44.37
CA GLY J 59 -0.13 22.44 -44.50
C GLY J 59 0.71 21.85 -43.38
N THR J 60 0.44 22.29 -42.15
CA THR J 60 1.19 21.83 -41.01
C THR J 60 0.71 20.47 -40.57
N PRO J 61 1.57 19.67 -39.97
CA PRO J 61 1.21 18.28 -39.65
C PRO J 61 -0.11 18.16 -38.90
N PRO J 62 -0.46 19.08 -37.99
CA PRO J 62 -1.80 18.98 -37.38
C PRO J 62 -2.93 19.01 -38.39
N GLN J 63 -2.85 19.90 -39.39
CA GLN J 63 -3.90 19.96 -40.40
C GLN J 63 -3.92 18.69 -41.24
N ILE J 64 -2.75 18.14 -41.54
CA ILE J 64 -2.69 16.88 -42.30
C ILE J 64 -3.34 15.76 -41.50
N ALA J 65 -3.07 15.70 -40.20
CA ALA J 65 -3.67 14.66 -39.37
C ALA J 65 -5.18 14.81 -39.28
N ILE J 66 -5.67 16.05 -39.13
CA ILE J 66 -7.12 16.24 -39.06
C ILE J 66 -7.78 15.91 -40.40
N GLN J 67 -7.11 16.26 -41.51
CA GLN J 67 -7.64 15.92 -42.82
C GLN J 67 -7.69 14.40 -43.01
N GLN J 68 -6.66 13.69 -42.55
CA GLN J 68 -6.68 12.24 -42.60
C GLN J 68 -7.81 11.69 -41.75
N GLN J 69 -8.07 12.29 -40.60
CA GLN J 69 -9.20 11.89 -39.77
C GLN J 69 -10.52 12.06 -40.51
N ILE J 70 -10.68 13.19 -41.20
CA ILE J 70 -11.90 13.45 -41.95
C ILE J 70 -12.06 12.42 -43.07
N THR J 71 -10.98 12.16 -43.80
CA THR J 71 -11.03 11.19 -44.89
C THR J 71 -11.39 9.79 -44.38
N GLN J 72 -10.77 9.38 -43.27
CA GLN J 72 -11.07 8.06 -42.72
C GLN J 72 -12.50 7.98 -42.21
N THR J 73 -13.01 9.05 -41.60
CA THR J 73 -14.39 9.06 -41.15
C THR J 73 -15.35 8.90 -42.33
N LYS J 74 -15.10 9.65 -43.41
CA LYS J 74 -15.96 9.55 -44.59
C LYS J 74 -15.88 8.15 -45.19
N GLN J 75 -14.68 7.57 -45.27
CA GLN J 75 -14.54 6.24 -45.83
C GLN J 75 -15.26 5.21 -44.98
N ARG J 76 -15.13 5.31 -43.65
CA ARG J 76 -15.79 4.35 -42.77
C ARG J 76 -17.30 4.45 -42.88
N PHE J 77 -17.84 5.68 -42.91
CA PHE J 77 -19.28 5.84 -43.05
C PHE J 77 -19.78 5.31 -44.40
N THR J 78 -19.03 5.59 -45.48
CA THR J 78 -19.42 5.08 -46.78
C THR J 78 -19.39 3.56 -46.83
N ARG J 79 -18.36 2.95 -46.23
CA ARG J 79 -18.28 1.49 -46.22
C ARG J 79 -19.40 0.88 -45.40
N TYR J 80 -19.74 1.49 -44.26
CA TYR J 80 -20.84 0.97 -43.46
C TYR J 80 -22.17 1.11 -44.18
N ALA J 81 -22.34 2.20 -44.94
CA ALA J 81 -23.57 2.37 -45.71
C ALA J 81 -23.72 1.29 -46.76
N ASP J 82 -22.65 0.99 -47.49
CA ASP J 82 -22.67 -0.02 -48.55
C ASP J 82 -22.18 -1.37 -48.04
N SER J 83 -22.82 -1.87 -46.98
CA SER J 83 -22.35 -3.09 -46.35
C SER J 83 -23.48 -4.03 -45.92
N ASN J 84 -24.70 -3.82 -46.41
CA ASN J 84 -25.87 -4.59 -45.97
C ASN J 84 -26.02 -4.52 -44.46
N LEU J 85 -25.83 -3.32 -43.91
CA LEU J 85 -25.91 -3.08 -42.48
C LEU J 85 -27.23 -2.42 -42.14
N LEU J 86 -27.89 -2.91 -41.12
CA LEU J 86 -29.18 -2.38 -40.68
C LEU J 86 -28.96 -1.42 -39.54
N CYS J 87 -29.55 -0.24 -39.64
CA CYS J 87 -29.42 0.82 -38.65
C CYS J 87 -30.74 1.02 -37.93
N GLY J 88 -30.67 1.28 -36.63
CA GLY J 88 -31.86 1.52 -35.83
C GLY J 88 -32.29 2.96 -35.91
N ASN J 89 -33.03 3.39 -34.88
CA ASN J 89 -33.49 4.77 -34.80
C ASN J 89 -32.40 5.72 -34.32
N ASP J 90 -31.25 5.20 -33.89
CA ASP J 90 -30.13 6.01 -33.46
C ASP J 90 -29.07 6.20 -34.53
N GLY J 91 -29.28 5.63 -35.72
CA GLY J 91 -28.29 5.75 -36.78
C GLY J 91 -26.99 5.05 -36.51
N LEU J 92 -27.04 3.86 -35.92
CA LEU J 92 -25.86 3.06 -35.67
C LEU J 92 -26.07 1.65 -36.20
N PRO J 93 -25.04 1.03 -36.78
CA PRO J 93 -25.21 -0.30 -37.37
C PRO J 93 -25.54 -1.34 -36.32
N HIS J 94 -26.64 -2.04 -36.52
CA HIS J 94 -27.07 -3.12 -35.65
C HIS J 94 -26.70 -4.45 -36.29
N LEU J 95 -26.29 -5.41 -35.47
CA LEU J 95 -25.84 -6.71 -35.94
C LEU J 95 -26.98 -7.70 -35.89
N ILE J 96 -27.19 -8.41 -37.00
CA ILE J 96 -28.25 -9.41 -37.13
C ILE J 96 -27.56 -10.76 -36.96
N THR J 97 -27.64 -11.34 -35.76
CA THR J 97 -26.95 -12.57 -35.42
C THR J 97 -27.90 -13.72 -35.13
N ASP J 98 -29.08 -13.70 -35.75
CA ASP J 98 -30.01 -14.81 -35.58
C ASP J 98 -29.55 -16.06 -36.32
N GLY J 99 -28.67 -15.90 -37.31
CA GLY J 99 -28.15 -17.05 -38.02
C GLY J 99 -28.34 -16.99 -39.52
N ARG J 100 -29.10 -16.01 -39.99
CA ARG J 100 -29.37 -15.91 -41.43
C ARG J 100 -28.10 -15.56 -42.18
N TRP J 101 -27.92 -16.20 -43.34
CA TRP J 101 -26.71 -15.98 -44.13
C TRP J 101 -26.71 -14.63 -44.83
N SER J 102 -27.87 -13.96 -44.91
CA SER J 102 -27.91 -12.64 -45.53
C SER J 102 -26.99 -11.67 -44.79
N HIS J 103 -27.13 -11.59 -43.48
CA HIS J 103 -26.17 -10.87 -42.63
C HIS J 103 -25.13 -11.84 -42.06
N GLY J 104 -24.52 -12.64 -42.93
CA GLY J 104 -23.57 -13.64 -42.47
C GLY J 104 -22.19 -13.11 -42.20
N SER J 105 -21.84 -11.95 -42.75
CA SER J 105 -20.53 -11.36 -42.54
C SER J 105 -20.43 -10.61 -41.22
N GLU J 106 -21.53 -10.46 -40.49
CA GLU J 106 -21.50 -9.74 -39.23
C GLU J 106 -21.06 -10.64 -38.08
N PHE J 107 -21.66 -11.83 -37.98
CA PHE J 107 -21.33 -12.76 -36.91
C PHE J 107 -20.81 -14.10 -37.41
N LEU J 108 -21.47 -14.69 -38.42
CA LEU J 108 -21.20 -16.09 -38.77
C LEU J 108 -19.79 -16.29 -39.30
N LEU J 109 -19.38 -15.47 -40.27
CA LEU J 109 -18.02 -15.59 -40.81
C LEU J 109 -16.96 -15.26 -39.76
N PRO J 110 -17.06 -14.17 -38.99
CA PRO J 110 -16.11 -13.99 -37.89
C PRO J 110 -16.17 -15.11 -36.87
N SER J 111 -17.36 -15.70 -36.65
CA SER J 111 -17.45 -16.84 -35.75
C SER J 111 -16.63 -18.01 -36.26
N ILE J 112 -16.74 -18.32 -37.55
CA ILE J 112 -15.95 -19.41 -38.13
C ILE J 112 -14.46 -19.10 -38.04
N LEU J 113 -14.09 -17.85 -38.33
CA LEU J 113 -12.68 -17.48 -38.27
C LEU J 113 -12.13 -17.66 -36.85
N PHE J 114 -12.87 -17.17 -35.85
CA PHE J 114 -12.39 -17.33 -34.47
C PHE J 114 -12.36 -18.79 -34.08
N LEU J 115 -13.37 -19.56 -34.46
CA LEU J 115 -13.37 -20.98 -34.10
C LEU J 115 -12.14 -21.66 -34.67
N TYR J 116 -11.79 -21.35 -35.91
CA TYR J 116 -10.58 -21.93 -36.50
C TYR J 116 -9.34 -21.52 -35.71
N ILE J 117 -9.19 -20.23 -35.42
CA ILE J 117 -7.97 -19.75 -34.77
C ILE J 117 -7.85 -20.31 -33.36
N SER J 118 -8.96 -20.28 -32.61
CA SER J 118 -8.94 -20.75 -31.22
C SER J 118 -8.76 -22.26 -31.14
N GLY J 119 -9.37 -23.00 -32.07
CA GLY J 119 -9.11 -24.42 -32.13
C GLY J 119 -7.67 -24.72 -32.46
N TRP J 120 -7.07 -23.92 -33.34
CA TRP J 120 -5.64 -24.03 -33.61
C TRP J 120 -4.82 -23.86 -32.33
N ILE J 121 -5.12 -22.80 -31.57
CA ILE J 121 -4.36 -22.52 -30.36
C ILE J 121 -4.52 -23.66 -29.35
N GLY J 122 -5.77 -24.07 -29.11
CA GLY J 122 -6.01 -25.14 -28.16
C GLY J 122 -5.38 -26.44 -28.58
N TRP J 123 -5.45 -26.76 -29.88
CA TRP J 123 -4.87 -28.01 -30.37
C TRP J 123 -3.36 -28.01 -30.22
N VAL J 124 -2.69 -26.92 -30.57
CA VAL J 124 -1.24 -26.91 -30.44
C VAL J 124 -0.83 -26.94 -28.98
N GLY J 125 -1.57 -26.26 -28.10
CA GLY J 125 -1.27 -26.34 -26.69
C GLY J 125 -1.43 -27.74 -26.13
N ARG J 126 -2.54 -28.40 -26.49
CA ARG J 126 -2.78 -29.77 -26.02
C ARG J 126 -1.73 -30.73 -26.56
N LYS J 127 -1.37 -30.58 -27.84
CA LYS J 127 -0.36 -31.46 -28.43
C LYS J 127 0.99 -31.27 -27.76
N TYR J 128 1.36 -30.02 -27.47
CA TYR J 128 2.62 -29.78 -26.76
C TYR J 128 2.59 -30.36 -25.36
N ILE J 129 1.46 -30.21 -24.66
CA ILE J 129 1.34 -30.75 -23.30
C ILE J 129 1.48 -32.26 -23.33
N ARG J 130 0.81 -32.92 -24.28
CA ARG J 130 0.87 -34.38 -24.34
C ARG J 130 2.23 -34.87 -24.85
N THR J 131 2.94 -34.06 -25.62
CA THR J 131 4.21 -34.50 -26.19
C THR J 131 5.32 -34.43 -25.15
N VAL J 132 5.45 -33.30 -24.46
CA VAL J 132 6.45 -33.18 -23.39
C VAL J 132 5.99 -33.85 -22.10
N GLY J 133 4.77 -34.37 -22.06
CA GLY J 133 4.34 -35.13 -20.91
C GLY J 133 4.88 -36.54 -20.85
N GLN J 134 5.54 -37.00 -21.90
CA GLN J 134 6.14 -38.33 -21.96
C GLN J 134 7.66 -38.27 -21.96
N THR J 135 8.24 -37.19 -21.46
CA THR J 135 9.69 -37.04 -21.36
C THR J 135 10.11 -37.16 -19.89
N SER J 136 11.43 -37.12 -19.66
CA SER J 136 11.95 -37.33 -18.33
C SER J 136 11.54 -36.22 -17.37
N ASN J 137 11.52 -34.97 -17.83
CA ASN J 137 11.23 -33.81 -17.00
C ASN J 137 10.10 -33.01 -17.64
N PRO J 138 8.86 -33.49 -17.51
CA PRO J 138 7.73 -32.76 -18.13
C PRO J 138 7.55 -31.35 -17.60
N THR J 139 7.80 -31.13 -16.31
CA THR J 139 7.57 -29.80 -15.74
C THR J 139 8.63 -28.80 -16.19
N GLU J 140 9.86 -29.26 -16.44
CA GLU J 140 10.90 -28.36 -16.90
C GLU J 140 10.58 -27.79 -18.28
N LYS J 141 10.02 -28.61 -19.15
CA LYS J 141 9.71 -28.20 -20.51
C LYS J 141 8.46 -27.33 -20.60
N GLU J 142 7.90 -26.93 -19.47
CA GLU J 142 6.74 -26.04 -19.46
C GLU J 142 7.10 -24.61 -19.09
N ILE J 143 8.19 -24.39 -18.35
CA ILE J 143 8.66 -23.04 -18.06
C ILE J 143 9.76 -22.69 -19.05
N ILE J 144 10.45 -23.70 -19.56
CA ILE J 144 11.48 -23.54 -20.57
C ILE J 144 11.00 -24.31 -21.80
N ILE J 145 10.36 -23.61 -22.72
CA ILE J 145 9.71 -24.27 -23.85
C ILE J 145 10.76 -24.85 -24.79
N ASP J 146 10.49 -26.06 -25.28
CA ASP J 146 11.30 -26.66 -26.34
C ASP J 146 10.89 -25.98 -27.64
N VAL J 147 11.57 -24.87 -27.96
CA VAL J 147 11.19 -24.06 -29.11
C VAL J 147 11.19 -24.85 -30.41
N PRO J 148 12.14 -25.74 -30.69
CA PRO J 148 12.01 -26.58 -31.90
C PRO J 148 10.72 -27.38 -31.94
N LEU J 149 10.44 -28.12 -30.86
CA LEU J 149 9.21 -28.92 -30.80
C LEU J 149 7.98 -28.02 -30.80
N ALA J 150 8.06 -26.87 -30.12
CA ALA J 150 6.94 -25.94 -30.10
C ALA J 150 6.62 -25.45 -31.50
N ILE J 151 7.64 -25.06 -32.26
CA ILE J 151 7.44 -24.61 -33.63
C ILE J 151 6.90 -25.75 -34.49
N SER J 152 7.41 -26.97 -34.26
CA SER J 152 6.91 -28.11 -35.02
C SER J 152 5.42 -28.34 -34.80
N ILE J 153 4.98 -28.22 -33.54
CA ILE J 153 3.57 -28.47 -33.22
C ILE J 153 2.69 -27.31 -33.69
N MET J 154 3.16 -26.07 -33.51
CA MET J 154 2.33 -24.90 -33.77
C MET J 154 1.92 -24.79 -35.24
N THR J 155 2.85 -25.04 -36.16
CA THR J 155 2.54 -24.97 -37.57
C THR J 155 1.74 -26.17 -38.05
N SER J 156 1.51 -27.17 -37.20
CA SER J 156 0.71 -28.33 -37.53
C SER J 156 -0.74 -28.19 -37.10
N GLY J 157 -1.13 -27.05 -36.54
CA GLY J 157 -2.49 -26.83 -36.09
C GLY J 157 -3.48 -26.46 -37.16
N PHE J 158 -3.03 -26.26 -38.40
CA PHE J 158 -3.96 -25.92 -39.48
C PHE J 158 -4.90 -27.07 -39.80
N LEU J 159 -4.58 -28.28 -39.38
CA LEU J 159 -5.44 -29.44 -39.54
C LEU J 159 -6.18 -29.81 -38.27
N TRP J 160 -6.29 -28.88 -37.32
CA TRP J 160 -6.92 -29.20 -36.05
C TRP J 160 -8.35 -29.73 -36.20
N PRO J 161 -9.22 -29.21 -37.09
CA PRO J 161 -10.53 -29.87 -37.23
C PRO J 161 -10.42 -31.31 -37.69
N PHE J 162 -9.46 -31.61 -38.58
CA PHE J 162 -9.28 -32.97 -39.05
C PHE J 162 -8.57 -33.83 -38.02
N ALA J 163 -7.58 -33.27 -37.34
CA ALA J 163 -6.86 -34.03 -36.31
C ALA J 163 -7.79 -34.37 -35.14
N ALA J 164 -8.65 -33.43 -34.75
CA ALA J 164 -9.60 -33.70 -33.68
C ALA J 164 -10.59 -34.79 -34.06
N TRP J 165 -11.13 -34.73 -35.28
CA TRP J 165 -11.96 -35.83 -35.75
C TRP J 165 -11.13 -36.86 -36.50
N GLN J 166 -9.99 -37.20 -35.93
CA GLN J 166 -9.26 -38.43 -36.19
C GLN J 166 -8.68 -39.02 -34.93
N GLU J 167 -8.61 -38.25 -33.85
CA GLU J 167 -8.20 -38.71 -32.52
C GLU J 167 -9.39 -39.06 -31.66
N PHE J 168 -10.53 -38.38 -31.85
CA PHE J 168 -11.76 -38.77 -31.16
C PHE J 168 -12.24 -40.13 -31.65
N LEU J 169 -12.08 -40.41 -32.95
CA LEU J 169 -12.50 -41.70 -33.49
C LEU J 169 -11.66 -42.83 -32.91
N SER J 170 -10.37 -42.60 -32.70
CA SER J 170 -9.47 -43.61 -32.17
C SER J 170 -9.50 -43.70 -30.66
N GLY J 171 -10.31 -42.88 -29.99
CA GLY J 171 -10.40 -42.92 -28.55
C GLY J 171 -9.24 -42.29 -27.82
N ASP J 172 -8.36 -41.58 -28.53
CA ASP J 172 -7.19 -40.95 -27.94
C ASP J 172 -7.45 -39.54 -27.45
N LEU J 173 -8.68 -39.03 -27.63
CA LEU J 173 -9.00 -37.66 -27.23
C LEU J 173 -9.53 -37.56 -25.81
N ILE J 174 -10.14 -38.63 -25.28
CA ILE J 174 -10.85 -38.57 -24.02
C ILE J 174 -10.30 -39.63 -23.07
N ALA J 175 -10.03 -39.24 -21.83
CA ALA J 175 -9.74 -40.20 -20.77
C ALA J 175 -11.04 -40.80 -20.24
N SER J 176 -10.93 -41.97 -19.62
CA SER J 176 -12.12 -42.72 -19.22
C SER J 176 -12.26 -42.84 -17.70
N ASP J 177 -11.32 -43.46 -17.00
CA ASP J 177 -11.44 -43.63 -15.56
C ASP J 177 -10.15 -43.47 -14.79
N GLU J 178 -9.04 -43.14 -15.45
CA GLU J 178 -7.83 -42.77 -14.74
C GLU J 178 -7.93 -41.37 -14.15
N THR J 179 -8.94 -40.61 -14.54
CA THR J 179 -9.16 -39.29 -13.97
C THR J 179 -9.53 -39.41 -12.50
N ILE J 180 -9.03 -38.47 -11.71
CA ILE J 180 -9.21 -38.52 -10.27
C ILE J 180 -10.57 -37.94 -9.90
N THR J 181 -11.13 -38.42 -8.78
CA THR J 181 -12.42 -37.97 -8.29
C THR J 181 -12.31 -37.74 -6.79
N THR J 182 -13.09 -36.78 -6.29
CA THR J 182 -13.11 -36.49 -4.86
C THR J 182 -13.79 -37.62 -4.10
N SER J 183 -13.84 -37.48 -2.78
CA SER J 183 -14.38 -38.54 -1.93
C SER J 183 -15.85 -38.85 -2.22
N PRO J 184 -16.77 -37.88 -2.29
CA PRO J 184 -18.15 -38.29 -2.55
C PRO J 184 -18.45 -38.55 -4.02
N MET K 1 -58.65 14.11 27.69
CA MET K 1 -57.47 13.72 26.93
C MET K 1 -57.84 13.42 25.48
N SER K 2 -57.33 14.22 24.55
CA SER K 2 -57.62 14.04 23.14
C SER K 2 -56.79 12.89 22.57
N LEU K 3 -57.15 12.49 21.35
CA LEU K 3 -56.42 11.43 20.67
C LEU K 3 -55.04 11.87 20.20
N ASP K 4 -54.84 13.19 20.00
CA ASP K 4 -53.56 13.69 19.53
C ASP K 4 -52.51 13.77 20.61
N LEU K 5 -52.89 13.58 21.88
CA LEU K 5 -51.94 13.48 22.97
C LEU K 5 -51.34 12.08 23.11
N LEU K 6 -51.95 11.09 22.47
CA LEU K 6 -51.44 9.72 22.55
C LEU K 6 -50.02 9.57 22.01
N PRO K 7 -49.62 10.19 20.90
CA PRO K 7 -48.20 10.08 20.51
C PRO K 7 -47.24 10.58 21.57
N SER K 8 -47.50 11.76 22.14
CA SER K 8 -46.62 12.29 23.17
C SER K 8 -46.68 11.47 24.45
N PHE K 9 -47.77 10.74 24.69
CA PHE K 9 -47.80 9.87 25.87
C PHE K 9 -47.07 8.56 25.63
N PHE K 10 -47.13 8.01 24.41
CA PHE K 10 -46.67 6.66 24.14
C PHE K 10 -45.25 6.59 23.60
N VAL K 11 -44.88 7.47 22.67
CA VAL K 11 -43.54 7.39 22.06
C VAL K 11 -42.43 7.51 23.10
N PRO K 12 -42.44 8.48 24.02
CA PRO K 12 -41.41 8.45 25.08
C PRO K 12 -41.52 7.19 25.92
N LEU K 13 -42.74 6.84 26.34
CA LEU K 13 -42.97 5.64 27.13
C LEU K 13 -42.31 4.42 26.48
N VAL K 14 -42.76 4.06 25.28
CA VAL K 14 -42.19 2.89 24.60
C VAL K 14 -40.69 3.10 24.45
N GLY K 15 -40.30 4.08 23.64
CA GLY K 15 -38.96 4.19 23.12
C GLY K 15 -37.89 4.50 24.13
N LEU K 16 -38.25 4.83 25.38
CA LEU K 16 -37.26 5.01 26.42
C LEU K 16 -37.47 4.07 27.59
N VAL K 17 -38.69 3.98 28.13
CA VAL K 17 -38.93 3.14 29.29
C VAL K 17 -38.77 1.66 28.93
N LEU K 18 -39.38 1.24 27.81
CA LEU K 18 -39.28 -0.18 27.44
C LEU K 18 -37.84 -0.61 27.22
N PRO K 19 -36.98 0.16 26.55
CA PRO K 19 -35.55 -0.20 26.55
C PRO K 19 -34.96 -0.34 27.94
N LEU K 20 -35.29 0.55 28.87
CA LEU K 20 -34.65 0.48 30.19
C LEU K 20 -35.02 -0.82 30.91
N PHE K 21 -36.32 -1.11 31.00
CA PHE K 21 -36.75 -2.32 31.70
C PHE K 21 -36.31 -3.57 30.96
N SER K 22 -36.34 -3.54 29.63
CA SER K 22 -35.89 -4.70 28.86
C SER K 22 -34.41 -4.96 29.06
N ILE K 23 -33.60 -3.90 29.08
CA ILE K 23 -32.17 -4.06 29.37
C ILE K 23 -31.95 -4.60 30.77
N ILE K 24 -32.70 -4.09 31.76
CA ILE K 24 -32.56 -4.59 33.11
C ILE K 24 -32.85 -6.09 33.15
N GLY K 25 -33.98 -6.49 32.56
CA GLY K 25 -34.36 -7.90 32.60
C GLY K 25 -33.39 -8.79 31.84
N LEU K 26 -32.97 -8.36 30.65
CA LEU K 26 -32.07 -9.16 29.84
C LEU K 26 -30.69 -9.29 30.49
N PHE K 27 -30.17 -8.18 31.03
CA PHE K 27 -28.89 -8.24 31.73
C PHE K 27 -28.97 -9.16 32.94
N LEU K 28 -30.03 -9.02 33.73
CA LEU K 28 -30.20 -9.89 34.89
C LEU K 28 -30.27 -11.35 34.48
N TYR K 29 -31.01 -11.64 33.40
CA TYR K 29 -31.19 -13.02 32.96
C TYR K 29 -29.88 -13.61 32.45
N ILE K 30 -29.17 -12.88 31.57
CA ILE K 30 -27.95 -13.41 30.99
C ILE K 30 -26.78 -13.40 31.95
N GLU K 31 -26.88 -12.69 33.08
CA GLU K 31 -25.84 -12.72 34.08
C GLU K 31 -26.17 -13.63 35.26
N LYS K 32 -27.22 -14.45 35.15
CA LYS K 32 -27.58 -15.35 36.23
C LYS K 32 -26.55 -16.46 36.39
N GLU K 33 -26.70 -17.21 37.47
CA GLU K 33 -25.84 -18.36 37.74
C GLU K 33 -26.70 -19.60 37.99
N ASN K 34 -26.09 -20.68 38.43
CA ASN K 34 -26.83 -21.91 38.72
C ASN K 34 -26.48 -22.44 40.11
N MET L 1 26.86 -18.67 -26.69
CA MET L 1 25.48 -18.45 -27.11
C MET L 1 24.67 -19.74 -27.02
N LYS L 2 25.05 -20.62 -26.10
CA LYS L 2 24.29 -21.84 -25.86
C LYS L 2 23.30 -21.66 -24.71
N ASP L 3 23.71 -20.96 -23.66
CA ASP L 3 22.83 -20.68 -22.54
C ASP L 3 22.02 -19.40 -22.75
N PHE L 4 22.52 -18.47 -23.54
CA PHE L 4 21.73 -17.29 -23.89
C PHE L 4 20.50 -17.69 -24.71
N LEU L 5 20.68 -18.59 -25.68
CA LEU L 5 19.54 -19.09 -26.43
C LEU L 5 18.60 -19.91 -25.56
N LYS L 6 19.14 -20.58 -24.54
CA LYS L 6 18.27 -21.26 -23.59
C LYS L 6 17.54 -20.26 -22.71
N TYR L 7 18.19 -19.14 -22.37
CA TYR L 7 17.50 -18.09 -21.63
C TYR L 7 16.37 -17.48 -22.45
N LEU L 8 16.61 -17.25 -23.74
CA LEU L 8 15.56 -16.75 -24.61
C LEU L 8 14.43 -17.75 -24.78
N SER L 9 14.66 -19.01 -24.45
CA SER L 9 13.64 -20.05 -24.53
C SER L 9 12.80 -20.14 -23.27
N THR L 10 13.08 -19.31 -22.27
CA THR L 10 12.30 -19.33 -21.04
C THR L 10 10.89 -18.80 -21.30
N ALA L 11 9.98 -19.15 -20.38
CA ALA L 11 8.58 -18.74 -20.53
C ALA L 11 8.38 -17.23 -20.63
N PRO L 12 9.02 -16.37 -19.80
CA PRO L 12 8.71 -14.94 -19.87
C PRO L 12 9.17 -14.30 -21.16
N VAL L 13 10.40 -14.60 -21.58
CA VAL L 13 10.94 -14.02 -22.79
C VAL L 13 10.14 -14.47 -24.01
N LEU L 14 9.82 -15.77 -24.06
CA LEU L 14 9.04 -16.27 -25.18
C LEU L 14 7.63 -15.69 -25.20
N LEU L 15 6.99 -15.58 -24.04
CA LEU L 15 5.67 -14.99 -23.99
C LEU L 15 5.70 -13.52 -24.38
N THR L 16 6.71 -12.79 -23.92
CA THR L 16 6.84 -11.38 -24.29
C THR L 16 7.04 -11.22 -25.79
N ALA L 17 7.92 -12.04 -26.37
CA ALA L 17 8.14 -11.97 -27.81
C ALA L 17 6.90 -12.33 -28.59
N TRP L 18 6.20 -13.39 -28.17
CA TRP L 18 5.01 -13.81 -28.90
C TRP L 18 3.89 -12.79 -28.78
N LEU L 19 3.69 -12.22 -27.59
CA LEU L 19 2.65 -11.21 -27.43
C LEU L 19 3.00 -9.92 -28.14
N THR L 20 4.29 -9.55 -28.16
CA THR L 20 4.71 -8.37 -28.92
C THR L 20 4.46 -8.57 -30.40
N PHE L 21 4.82 -9.74 -30.93
CA PHE L 21 4.55 -10.06 -32.33
C PHE L 21 3.05 -10.07 -32.62
N THR L 22 2.26 -10.62 -31.69
CA THR L 22 0.82 -10.73 -31.89
C THR L 22 0.17 -9.35 -31.92
N ALA L 23 0.46 -8.53 -30.90
CA ALA L 23 -0.02 -7.16 -30.90
C ALA L 23 0.47 -6.41 -32.12
N GLY L 24 1.69 -6.70 -32.57
CA GLY L 24 2.22 -6.03 -33.75
C GLY L 24 1.41 -6.31 -35.00
N PHE L 25 1.14 -7.59 -35.28
CA PHE L 25 0.41 -7.85 -36.52
C PHE L 25 -1.05 -7.45 -36.39
N VAL L 26 -1.62 -7.49 -35.19
CA VAL L 26 -2.98 -7.00 -35.00
C VAL L 26 -3.05 -5.50 -35.27
N ILE L 27 -2.12 -4.74 -34.68
CA ILE L 27 -2.10 -3.29 -34.87
C ILE L 27 -1.86 -2.93 -36.33
N GLU L 28 -1.02 -3.70 -37.01
CA GLU L 28 -0.75 -3.36 -38.40
C GLU L 28 -1.89 -3.74 -39.33
N ILE L 29 -2.59 -4.84 -39.05
CA ILE L 29 -3.83 -5.12 -39.79
C ILE L 29 -4.82 -3.98 -39.59
N ASN L 30 -4.95 -3.51 -38.35
CA ASN L 30 -5.90 -2.42 -38.09
C ASN L 30 -5.42 -1.08 -38.64
N ARG L 31 -4.13 -0.93 -38.91
CA ARG L 31 -3.67 0.27 -39.59
C ARG L 31 -3.96 0.23 -41.08
N PHE L 32 -3.64 -0.91 -41.72
CA PHE L 32 -3.80 -0.99 -43.16
C PHE L 32 -5.26 -1.16 -43.58
N TYR L 33 -6.08 -1.82 -42.76
CA TYR L 33 -7.51 -1.93 -42.99
C TYR L 33 -8.24 -1.51 -41.72
N PRO L 34 -8.36 -0.22 -41.49
CA PRO L 34 -8.98 0.27 -40.24
C PRO L 34 -10.51 0.21 -40.31
N ASP L 35 -11.12 0.32 -39.13
CA ASP L 35 -12.56 0.46 -38.99
C ASP L 35 -13.31 -0.71 -39.62
N ALA L 36 -12.83 -1.93 -39.38
CA ALA L 36 -13.44 -3.13 -39.95
C ALA L 36 -14.45 -3.67 -38.94
N LEU L 37 -15.72 -3.35 -39.16
CA LEU L 37 -16.78 -3.83 -38.27
C LEU L 37 -17.29 -5.21 -38.65
N THR L 38 -17.33 -5.53 -39.94
CA THR L 38 -17.78 -6.83 -40.41
C THR L 38 -16.66 -7.50 -41.20
N PHE L 39 -16.90 -8.75 -41.58
CA PHE L 39 -15.93 -9.47 -42.40
C PHE L 39 -15.78 -8.77 -43.75
N PRO L 40 -14.56 -8.62 -44.26
CA PRO L 40 -14.39 -7.89 -45.53
C PRO L 40 -15.12 -8.54 -46.69
N PHE L 41 -15.21 -9.86 -46.72
CA PHE L 41 -15.92 -10.55 -47.78
C PHE L 41 -17.43 -10.36 -47.64
N VAL M 2 20.87 6.40 39.84
CA VAL M 2 19.56 6.05 40.39
C VAL M 2 18.61 5.61 39.28
N SER M 3 17.63 4.79 39.63
CA SER M 3 16.59 4.35 38.71
C SER M 3 15.24 4.58 39.36
N PHE M 4 14.32 5.21 38.62
CA PHE M 4 13.02 5.57 39.16
C PHE M 4 11.91 4.63 38.68
N ILE M 5 12.25 3.53 38.02
CA ILE M 5 11.30 2.50 37.64
C ILE M 5 11.87 1.16 38.10
N LYS M 6 11.11 0.45 38.93
CA LYS M 6 11.52 -0.82 39.50
C LYS M 6 10.33 -1.76 39.48
N PRO M 7 10.55 -3.07 39.56
CA PRO M 7 9.43 -4.02 39.63
C PRO M 7 8.55 -3.72 40.85
N TYR M 8 7.26 -3.92 40.66
CA TYR M 8 6.29 -3.55 41.70
C TYR M 8 6.37 -4.54 42.86
N ARG M 9 6.66 -4.01 44.05
CA ARG M 9 6.71 -4.80 45.29
C ARG M 9 7.68 -5.97 45.16
N GLN M 10 8.78 -5.74 44.45
CA GLN M 10 9.86 -6.73 44.29
C GLN M 10 9.37 -8.01 43.63
N ASP M 11 8.35 -7.90 42.79
CA ASP M 11 7.84 -9.04 42.01
C ASP M 11 8.03 -8.75 40.54
N PRO M 12 9.04 -9.33 39.89
CA PRO M 12 9.28 -9.03 38.46
C PRO M 12 8.30 -9.71 37.52
N PHE M 13 7.33 -10.46 38.03
CA PHE M 13 6.41 -11.20 37.19
C PHE M 13 5.00 -10.63 37.18
N VAL M 14 4.73 -9.60 37.97
CA VAL M 14 3.43 -8.93 37.89
C VAL M 14 3.36 -8.12 36.61
N GLY M 15 2.15 -7.95 36.10
CA GLY M 15 1.95 -7.07 34.96
C GLY M 15 1.83 -5.63 35.39
N HIS M 16 2.83 -5.14 36.11
CA HIS M 16 2.79 -3.81 36.69
C HIS M 16 4.20 -3.34 36.96
N LEU M 17 4.36 -2.03 37.13
CA LEU M 17 5.66 -1.43 37.39
C LEU M 17 5.51 -0.35 38.44
N ALA M 18 6.60 -0.11 39.18
CA ALA M 18 6.65 0.92 40.20
C ALA M 18 7.30 2.17 39.59
N THR M 19 6.49 2.92 38.85
CA THR M 19 6.92 4.14 38.19
C THR M 19 6.72 5.34 39.10
N PRO M 20 7.27 6.51 38.75
CA PRO M 20 7.05 7.69 39.59
C PRO M 20 5.63 8.21 39.56
N ILE M 21 4.72 7.43 38.99
CA ILE M 21 3.30 7.78 38.94
C ILE M 21 2.44 6.74 39.66
N THR M 22 2.77 5.46 39.51
CA THR M 22 2.00 4.43 40.20
C THR M 22 2.26 4.44 41.70
N THR M 23 3.51 4.60 42.11
CA THR M 23 3.91 4.48 43.51
C THR M 23 4.67 5.71 43.99
N SER M 24 4.21 6.90 43.60
CA SER M 24 4.80 8.13 44.13
C SER M 24 4.02 8.58 45.36
N ALA M 25 4.72 9.29 46.26
CA ALA M 25 4.09 9.76 47.48
C ALA M 25 2.89 10.66 47.18
N PHE M 26 3.00 11.47 46.14
CA PHE M 26 1.86 12.29 45.72
C PHE M 26 0.68 11.41 45.32
N THR M 27 0.93 10.37 44.53
CA THR M 27 -0.13 9.46 44.14
C THR M 27 -0.73 8.78 45.36
N ARG M 28 0.11 8.34 46.29
CA ARG M 28 -0.38 7.68 47.50
C ARG M 28 -1.32 8.59 48.28
N ALA M 29 -0.87 9.80 48.60
CA ALA M 29 -1.70 10.70 49.39
C ALA M 29 -2.97 11.11 48.64
N TYR M 30 -2.83 11.43 47.35
CA TYR M 30 -3.97 11.90 46.58
C TYR M 30 -5.04 10.82 46.46
N LEU M 31 -4.64 9.57 46.24
CA LEU M 31 -5.62 8.51 46.16
C LEU M 31 -6.15 8.13 47.54
N LYS M 32 -5.38 8.36 48.60
CA LYS M 32 -5.87 8.07 49.95
C LYS M 32 -6.78 9.16 50.51
N VAL M 33 -6.80 10.35 49.89
CA VAL M 33 -7.78 11.36 50.31
C VAL M 33 -9.05 11.32 49.47
N LEU M 34 -9.09 10.50 48.42
CA LEU M 34 -10.30 10.39 47.62
C LEU M 34 -11.34 9.57 48.37
N PRO M 35 -12.63 9.84 48.14
CA PRO M 35 -13.68 9.13 48.88
C PRO M 35 -13.64 7.62 48.69
N ALA M 36 -13.22 7.15 47.51
CA ALA M 36 -13.21 5.71 47.26
C ALA M 36 -12.19 4.98 48.14
N TYR M 37 -11.13 5.67 48.56
CA TYR M 37 -10.08 5.06 49.35
C TYR M 37 -9.80 5.77 50.67
N ARG M 38 -10.54 6.82 51.00
CA ARG M 38 -10.27 7.56 52.23
C ARG M 38 -10.59 6.68 53.43
N PRO M 39 -9.69 6.56 54.39
CA PRO M 39 -9.95 5.73 55.57
C PRO M 39 -11.01 6.37 56.47
N GLY M 40 -11.70 5.52 57.22
CA GLY M 40 -12.70 5.98 58.17
C GLY M 40 -14.05 6.32 57.58
N LEU M 41 -14.34 5.89 56.35
CA LEU M 41 -15.60 6.18 55.70
C LEU M 41 -16.41 4.90 55.55
N THR M 42 -17.68 4.96 55.95
CA THR M 42 -18.61 3.89 55.66
C THR M 42 -18.95 3.89 54.17
N PRO M 43 -19.42 2.75 53.62
CA PRO M 43 -19.73 2.73 52.19
C PRO M 43 -20.80 3.74 51.81
N LEU M 44 -21.76 3.98 52.71
CA LEU M 44 -22.76 5.00 52.45
C LEU M 44 -22.13 6.39 52.33
N SER M 45 -21.15 6.69 53.19
CA SER M 45 -20.48 7.98 53.11
C SER M 45 -19.67 8.12 51.82
N ARG M 46 -18.97 7.07 51.43
CA ARG M 46 -18.24 7.09 50.17
C ARG M 46 -19.18 7.33 49.00
N GLY M 47 -20.29 6.60 48.96
CA GLY M 47 -21.26 6.80 47.91
C GLY M 47 -21.84 8.20 47.91
N ALA M 48 -22.13 8.73 49.09
CA ALA M 48 -22.71 10.07 49.18
C ALA M 48 -21.75 11.13 48.66
N GLU M 49 -20.48 11.04 49.05
CA GLU M 49 -19.51 12.02 48.57
C GLU M 49 -19.29 11.89 47.07
N ILE M 50 -19.17 10.67 46.57
CA ILE M 50 -18.97 10.47 45.13
C ILE M 50 -20.16 11.01 44.36
N GLY M 51 -21.37 10.71 44.82
CA GLY M 51 -22.57 11.21 44.15
C GLY M 51 -22.65 12.72 44.18
N PHE M 52 -22.31 13.34 45.31
CA PHE M 52 -22.34 14.79 45.39
C PHE M 52 -21.39 15.41 44.36
N THR M 53 -20.13 14.96 44.35
CA THR M 53 -19.19 15.52 43.39
C THR M 53 -19.63 15.28 41.96
N HIS M 54 -20.15 14.08 41.68
CA HIS M 54 -20.47 13.72 40.31
C HIS M 54 -21.68 14.47 39.79
N GLY M 55 -22.75 14.58 40.59
CA GLY M 55 -23.86 15.42 40.19
C GLY M 55 -23.47 16.87 40.04
N TYR M 56 -22.60 17.35 40.94
CA TYR M 56 -22.16 18.73 40.90
C TYR M 56 -21.47 19.06 39.58
N PHE M 57 -20.57 18.19 39.14
CA PHE M 57 -19.92 18.47 37.86
C PHE M 57 -20.70 17.95 36.66
N LEU M 58 -21.75 17.16 36.88
CA LEU M 58 -22.54 16.64 35.78
C LEU M 58 -23.61 17.62 35.32
N ILE M 59 -24.15 18.44 36.23
CA ILE M 59 -25.14 19.41 35.82
C ILE M 59 -24.55 20.43 34.85
N GLY M 60 -23.23 20.64 34.90
CA GLY M 60 -22.57 21.65 34.10
C GLY M 60 -22.77 21.49 32.61
N PRO M 61 -22.26 20.39 32.03
CA PRO M 61 -22.38 20.22 30.58
C PRO M 61 -23.81 20.18 30.07
N PHE M 62 -24.73 19.61 30.85
CA PHE M 62 -26.13 19.55 30.42
C PHE M 62 -26.75 20.94 30.37
N TYR M 63 -26.49 21.77 31.38
CA TYR M 63 -27.06 23.11 31.40
C TYR M 63 -26.40 24.00 30.35
N THR M 64 -25.08 23.89 30.19
CA THR M 64 -24.36 24.80 29.30
C THR M 64 -24.65 24.50 27.84
N TYR M 65 -24.61 23.22 27.45
CA TYR M 65 -24.65 22.85 26.03
C TYR M 65 -25.90 22.06 25.66
N GLY M 66 -26.92 22.03 26.51
CA GLY M 66 -28.11 21.25 26.25
C GLY M 66 -28.89 21.70 25.03
N PRO M 67 -30.07 21.11 24.83
CA PRO M 67 -30.93 21.56 23.72
C PRO M 67 -31.67 22.85 24.00
N LEU M 68 -31.68 23.32 25.25
CA LEU M 68 -32.39 24.52 25.65
C LEU M 68 -31.44 25.53 26.29
N ARG M 69 -30.28 25.74 25.66
CA ARG M 69 -29.32 26.69 26.18
C ARG M 69 -29.87 28.11 26.15
N SER M 70 -29.12 29.01 26.79
CA SER M 70 -29.45 30.43 26.79
C SER M 70 -28.18 31.19 27.12
N VAL M 71 -27.78 32.13 26.26
CA VAL M 71 -26.59 32.91 26.53
C VAL M 71 -26.79 33.77 27.76
N GLU M 72 -28.03 34.14 28.07
CA GLU M 72 -28.38 34.74 29.34
C GLU M 72 -28.86 33.65 30.30
N PHE M 73 -29.20 34.04 31.51
CA PHE M 73 -29.68 33.06 32.48
C PHE M 73 -31.17 32.80 32.29
N SER M 74 -31.53 31.54 32.15
CA SER M 74 -32.91 31.13 31.99
C SER M 74 -33.23 30.06 33.02
N LEU M 75 -34.37 30.21 33.71
CA LEU M 75 -34.80 29.17 34.64
C LEU M 75 -35.12 27.88 33.93
N THR M 76 -35.65 27.95 32.70
CA THR M 76 -35.95 26.75 31.96
C THR M 76 -34.68 25.98 31.59
N SER M 77 -33.62 26.69 31.20
CA SER M 77 -32.35 26.02 30.91
C SER M 77 -31.79 25.34 32.15
N LEU M 78 -31.84 26.02 33.30
CA LEU M 78 -31.35 25.43 34.54
C LEU M 78 -32.17 24.22 34.92
N ALA M 79 -33.49 24.29 34.78
CA ALA M 79 -34.35 23.15 35.10
C ALA M 79 -34.07 21.98 34.17
N ALA M 80 -33.87 22.26 32.89
CA ALA M 80 -33.57 21.20 31.93
C ALA M 80 -32.25 20.52 32.27
N GLY M 81 -31.22 21.31 32.56
CA GLY M 81 -29.94 20.73 32.93
C GLY M 81 -30.02 19.92 34.22
N LEU M 82 -30.75 20.45 35.20
CA LEU M 82 -30.92 19.73 36.46
C LEU M 82 -31.64 18.40 36.27
N LEU M 83 -32.72 18.41 35.49
CA LEU M 83 -33.46 17.18 35.25
C LEU M 83 -32.61 16.17 34.48
N ALA M 84 -31.86 16.63 33.48
CA ALA M 84 -30.99 15.73 32.73
C ALA M 84 -29.93 15.12 33.63
N ALA M 85 -29.32 15.94 34.50
CA ALA M 85 -28.31 15.44 35.42
C ALA M 85 -28.91 14.42 36.38
N ILE M 86 -30.10 14.70 36.91
CA ILE M 86 -30.74 13.79 37.85
C ILE M 86 -31.08 12.47 37.17
N THR M 87 -31.59 12.52 35.94
CA THR M 87 -31.91 11.28 35.24
C THR M 87 -30.65 10.49 34.90
N LEU M 88 -29.57 11.17 34.54
CA LEU M 88 -28.31 10.47 34.31
C LEU M 88 -27.80 9.81 35.60
N LEU M 89 -27.95 10.50 36.73
CA LEU M 89 -27.60 9.88 38.00
C LEU M 89 -28.47 8.68 38.30
N LEU M 90 -29.76 8.75 37.93
CA LEU M 90 -30.63 7.60 38.09
C LEU M 90 -30.17 6.42 37.25
N ILE M 91 -29.77 6.68 36.01
CA ILE M 91 -29.26 5.61 35.14
C ILE M 91 -27.99 5.00 35.73
N LEU M 92 -27.10 5.85 36.23
CA LEU M 92 -25.87 5.36 36.85
C LEU M 92 -26.17 4.55 38.09
N THR M 93 -27.17 4.96 38.87
CA THR M 93 -27.55 4.22 40.06
C THR M 93 -28.15 2.86 39.70
N VAL M 94 -28.94 2.82 38.62
CA VAL M 94 -29.45 1.54 38.14
C VAL M 94 -28.31 0.61 37.75
N GLY M 95 -27.32 1.15 37.04
CA GLY M 95 -26.16 0.35 36.69
C GLY M 95 -25.42 -0.15 37.91
N LEU M 96 -25.23 0.72 38.90
CA LEU M 96 -24.57 0.31 40.13
C LEU M 96 -25.34 -0.80 40.83
N SER M 97 -26.66 -0.66 40.89
CA SER M 97 -27.49 -1.65 41.57
C SER M 97 -27.39 -3.01 40.90
N ILE M 98 -27.51 -3.04 39.56
CA ILE M 98 -27.46 -4.33 38.88
C ILE M 98 -26.05 -4.93 38.96
N TYR M 99 -25.02 -4.09 38.87
CA TYR M 99 -23.65 -4.57 39.00
C TYR M 99 -23.43 -5.23 40.36
N GLY M 100 -23.85 -4.55 41.43
CA GLY M 100 -23.73 -5.13 42.75
C GLY M 100 -24.57 -6.37 42.94
N GLN M 101 -25.74 -6.41 42.30
CA GLN M 101 -26.58 -7.59 42.39
C GLN M 101 -25.91 -8.80 41.76
N VAL M 102 -25.26 -8.62 40.61
CA VAL M 102 -24.67 -9.75 39.90
C VAL M 102 -23.24 -10.05 40.31
N THR M 103 -22.59 -9.17 41.07
CA THR M 103 -21.17 -9.36 41.37
C THR M 103 -20.92 -10.12 42.67
N TYR M 104 -21.42 -9.59 43.78
CA TYR M 104 -21.07 -10.10 45.11
C TYR M 104 -22.18 -10.98 45.68
N ASP M 105 -21.78 -11.96 46.50
CA ASP M 105 -22.68 -12.61 47.46
C ASP M 105 -22.01 -12.69 48.83
N VAL M 106 -22.01 -11.56 49.55
CA VAL M 106 -21.43 -11.46 50.89
C VAL M 106 -22.18 -10.38 51.64
N TYR M 107 -22.29 -10.54 52.96
CA TYR M 107 -22.82 -9.50 53.82
C TYR M 107 -21.81 -8.96 54.85
N ASP M 108 -20.71 -9.67 55.08
CA ASP M 108 -19.67 -9.20 56.00
C ASP M 108 -18.35 -9.78 55.53
N ASN M 109 -17.47 -8.92 54.99
CA ASN M 109 -16.23 -9.35 54.40
C ASN M 109 -15.09 -9.18 55.42
N ALA M 110 -13.87 -9.52 54.99
CA ALA M 110 -12.65 -9.56 55.78
C ALA M 110 -12.70 -10.63 56.86
N LEU M 111 -13.80 -11.35 56.99
CA LEU M 111 -13.94 -12.47 57.90
C LEU M 111 -14.10 -13.79 57.15
N ILE M 112 -15.07 -13.86 56.24
CA ILE M 112 -15.36 -15.11 55.53
C ILE M 112 -14.10 -15.70 54.91
N VAL M 113 -13.22 -14.83 54.41
CA VAL M 113 -11.95 -15.30 53.85
C VAL M 113 -11.14 -16.03 54.92
N LYS M 114 -11.04 -15.43 56.12
CA LYS M 114 -10.30 -16.07 57.20
C LYS M 114 -10.99 -17.35 57.67
N LEU M 115 -12.32 -17.34 57.72
CA LEU M 115 -13.06 -18.53 58.15
C LEU M 115 -12.80 -19.69 57.20
N VAL M 116 -12.78 -19.43 55.90
CA VAL M 116 -12.54 -20.52 54.96
C VAL M 116 -11.06 -20.85 54.79
N ARG M 117 -10.17 -19.93 55.18
CA ARG M 117 -8.76 -20.26 55.27
C ARG M 117 -8.41 -21.01 56.54
N GLN M 118 -9.31 -21.03 57.53
CA GLN M 118 -9.08 -21.71 58.79
C GLN M 118 -9.99 -22.93 58.97
N MET M 119 -11.30 -22.75 58.85
CA MET M 119 -12.26 -23.80 59.11
C MET M 119 -12.65 -24.59 57.87
N VAL M 120 -11.84 -24.51 56.81
CA VAL M 120 -12.04 -25.25 55.55
C VAL M 120 -13.27 -24.73 54.81
N GLY M 121 -13.25 -24.88 53.49
CA GLY M 121 -14.31 -24.35 52.65
C GLY M 121 -14.87 -25.35 51.66
N SER M 122 -15.04 -26.61 52.09
CA SER M 122 -15.46 -27.66 51.18
C SER M 122 -16.93 -27.50 50.79
N GLU M 123 -17.21 -26.47 49.99
CA GLU M 123 -18.56 -26.17 49.53
C GLU M 123 -18.49 -25.81 48.05
N ARG M 124 -19.58 -25.26 47.53
CA ARG M 124 -19.66 -24.87 46.12
C ARG M 124 -18.70 -23.73 45.77
N THR M 125 -18.01 -23.15 46.75
CA THR M 125 -16.99 -22.13 46.53
C THR M 125 -17.57 -20.85 45.93
N GLN M 126 -16.70 -19.86 45.72
CA GLN M 126 -17.03 -18.57 45.11
C GLN M 126 -17.84 -17.69 46.06
N ASP M 127 -18.30 -18.26 47.17
CA ASP M 127 -18.90 -17.49 48.26
C ASP M 127 -18.16 -17.69 49.57
N LEU M 128 -17.94 -18.94 49.98
CA LEU M 128 -17.06 -19.23 51.10
C LEU M 128 -15.62 -19.00 50.67
N PRO M 129 -15.11 -19.79 49.73
CA PRO M 129 -13.75 -19.54 49.23
C PRO M 129 -13.69 -18.40 48.24
N GLN M 130 -12.53 -18.20 47.61
CA GLN M 130 -12.32 -17.15 46.63
C GLN M 130 -12.48 -15.77 47.28
N ILE M 131 -13.54 -15.05 46.91
CA ILE M 131 -13.84 -13.72 47.43
C ILE M 131 -12.72 -12.75 47.09
N LYS M 132 -12.92 -11.97 46.03
CA LYS M 132 -11.94 -10.98 45.61
C LYS M 132 -12.16 -9.68 46.38
N GLY M 133 -11.09 -9.17 46.98
CA GLY M 133 -11.15 -7.92 47.72
C GLY M 133 -11.71 -8.10 49.12
N THR M 134 -11.15 -7.36 50.09
CA THR M 134 -11.56 -7.43 51.47
C THR M 134 -12.24 -6.15 51.94
N SER M 135 -12.48 -5.19 51.04
CA SER M 135 -13.10 -3.94 51.42
C SER M 135 -14.59 -4.16 51.74
N GLU M 136 -15.13 -3.24 52.54
CA GLU M 136 -16.55 -3.25 52.83
C GLU M 136 -17.40 -2.94 51.61
N LEU M 137 -16.82 -2.32 50.59
CA LEU M 137 -17.53 -2.08 49.34
C LEU M 137 -17.76 -3.35 48.54
N ASP M 138 -17.11 -4.45 48.91
CA ASP M 138 -17.16 -5.70 48.16
C ASP M 138 -18.16 -6.68 48.75
N THR M 139 -19.28 -6.17 49.28
CA THR M 139 -20.35 -7.00 49.82
C THR M 139 -21.67 -6.56 49.21
N VAL M 140 -22.67 -7.45 49.32
CA VAL M 140 -24.00 -7.10 48.84
C VAL M 140 -24.56 -5.92 49.62
N LEU M 141 -24.42 -5.97 50.95
CA LEU M 141 -24.87 -4.85 51.77
C LEU M 141 -24.05 -3.60 51.51
N GLY M 142 -22.73 -3.76 51.40
CA GLY M 142 -21.87 -2.59 51.20
C GLY M 142 -22.15 -1.87 49.89
N TRP M 143 -22.28 -2.64 48.80
CA TRP M 143 -22.53 -2.03 47.51
C TRP M 143 -23.93 -1.43 47.43
N GLN M 144 -24.91 -2.03 48.11
CA GLN M 144 -26.26 -1.45 48.13
C GLN M 144 -26.25 -0.08 48.79
N LYS M 145 -25.60 0.03 49.95
CA LYS M 145 -25.49 1.32 50.62
C LYS M 145 -24.65 2.29 49.80
N PHE M 146 -23.63 1.79 49.10
CA PHE M 146 -22.83 2.64 48.21
C PHE M 146 -23.71 3.25 47.11
N SER M 147 -24.54 2.42 46.48
CA SER M 147 -25.44 2.91 45.44
C SER M 147 -26.46 3.88 46.00
N GLU M 148 -27.01 3.59 47.16
CA GLU M 148 -27.97 4.49 47.80
C GLU M 148 -27.33 5.85 48.08
N GLY M 149 -26.12 5.84 48.63
CA GLY M 149 -25.41 7.09 48.88
C GLY M 149 -25.08 7.83 47.60
N PHE M 150 -24.65 7.11 46.58
CA PHE M 150 -24.37 7.75 45.29
C PHE M 150 -25.61 8.45 44.76
N PHE M 151 -26.76 7.79 44.86
CA PHE M 151 -27.99 8.34 44.31
C PHE M 151 -28.45 9.57 45.09
N SER M 152 -28.48 9.48 46.42
CA SER M 152 -28.90 10.61 47.24
C SER M 152 -27.94 11.78 47.11
N GLY M 153 -26.64 11.51 47.20
CA GLY M 153 -25.65 12.56 47.05
C GLY M 153 -25.66 13.18 45.67
N GLY M 154 -25.95 12.39 44.64
CA GLY M 154 -26.07 12.95 43.31
C GLY M 154 -27.22 13.93 43.22
N LEU M 155 -28.37 13.57 43.77
CA LEU M 155 -29.49 14.52 43.79
C LEU M 155 -29.12 15.80 44.52
N ILE M 156 -28.54 15.65 45.72
CA ILE M 156 -28.22 16.83 46.54
C ILE M 156 -27.18 17.70 45.86
N GLY M 157 -26.14 17.09 45.31
CA GLY M 157 -25.09 17.86 44.65
C GLY M 157 -25.57 18.55 43.38
N SER M 158 -26.44 17.88 42.61
CA SER M 158 -27.02 18.53 41.45
C SER M 158 -27.85 19.74 41.84
N ILE M 159 -28.65 19.61 42.91
CA ILE M 159 -29.45 20.76 43.36
C ILE M 159 -28.54 21.89 43.84
N VAL M 160 -27.49 21.55 44.59
CA VAL M 160 -26.57 22.56 45.10
C VAL M 160 -25.88 23.28 43.95
N ALA M 161 -25.44 22.53 42.94
CA ALA M 161 -24.78 23.13 41.80
C ALA M 161 -25.73 24.00 40.99
N ALA M 162 -27.00 23.59 40.87
CA ALA M 162 -27.98 24.44 40.22
C ALA M 162 -28.17 25.76 40.96
N VAL M 163 -28.24 25.68 42.30
CA VAL M 163 -28.38 26.89 43.10
C VAL M 163 -27.17 27.79 42.91
N GLY M 164 -25.97 27.20 42.93
CA GLY M 164 -24.76 27.99 42.73
C GLY M 164 -24.70 28.64 41.36
N ILE M 165 -25.11 27.90 40.33
CA ILE M 165 -25.13 28.45 38.98
C ILE M 165 -26.10 29.61 38.89
N ALA M 166 -27.29 29.46 39.48
CA ALA M 166 -28.26 30.55 39.48
C ALA M 166 -27.73 31.77 40.21
N LEU M 167 -27.08 31.57 41.36
CA LEU M 167 -26.52 32.70 42.11
C LEU M 167 -25.43 33.39 41.32
N TYR M 168 -24.54 32.62 40.69
CA TYR M 168 -23.46 33.20 39.90
C TYR M 168 -24.00 33.97 38.70
N SER M 169 -25.02 33.43 38.04
CA SER M 169 -25.56 34.11 36.86
C SER M 169 -26.38 35.33 37.23
N THR M 170 -26.98 35.35 38.43
CA THR M 170 -27.82 36.47 38.82
C THR M 170 -27.03 37.60 39.48
N TYR M 171 -26.24 37.29 40.50
CA TYR M 171 -25.61 38.32 41.33
C TYR M 171 -24.21 38.68 40.85
N LEU M 172 -23.76 38.17 39.71
CA LEU M 172 -22.45 38.51 39.18
C LEU M 172 -22.56 39.09 37.78
N MET N 1 -62.71 9.79 10.88
CA MET N 1 -62.08 9.90 12.18
C MET N 1 -62.68 8.90 13.16
N ILE N 2 -61.83 8.08 13.76
CA ILE N 2 -62.28 7.08 14.73
C ILE N 2 -62.35 7.74 16.10
N TYR N 3 -63.22 7.21 16.95
CA TYR N 3 -63.50 7.80 18.24
C TYR N 3 -62.51 7.31 19.31
N ASP N 4 -62.61 7.91 20.50
CA ASP N 4 -61.79 7.45 21.62
C ASP N 4 -62.20 6.05 22.04
N SER N 5 -63.50 5.73 22.00
CA SER N 5 -63.95 4.40 22.36
C SER N 5 -63.39 3.34 21.40
N GLN N 6 -63.35 3.66 20.11
CA GLN N 6 -62.82 2.70 19.13
C GLN N 6 -61.36 2.41 19.39
N VAL N 7 -60.56 3.45 19.62
CA VAL N 7 -59.13 3.25 19.88
C VAL N 7 -58.92 2.58 21.23
N TYR N 8 -59.71 2.97 22.23
CA TYR N 8 -59.52 2.43 23.57
C TYR N 8 -59.77 0.92 23.61
N ILE N 9 -60.87 0.47 23.00
CA ILE N 9 -61.17 -0.96 23.04
C ILE N 9 -60.18 -1.73 22.18
N ALA N 10 -59.69 -1.14 21.10
CA ALA N 10 -58.63 -1.79 20.32
C ALA N 10 -57.36 -1.93 21.14
N LEU N 11 -57.05 -0.92 21.97
CA LEU N 11 -55.91 -1.03 22.88
C LEU N 11 -56.14 -2.11 23.92
N VAL N 12 -57.37 -2.20 24.45
CA VAL N 12 -57.67 -3.23 25.44
C VAL N 12 -57.56 -4.62 24.83
N ILE N 13 -58.09 -4.78 23.62
CA ILE N 13 -57.99 -6.08 22.93
C ILE N 13 -56.53 -6.40 22.63
N ALA N 14 -55.74 -5.37 22.30
CA ALA N 14 -54.31 -5.58 22.07
C ALA N 14 -53.61 -6.06 23.33
N VAL N 15 -54.04 -5.55 24.49
CA VAL N 15 -53.48 -6.02 25.75
C VAL N 15 -53.76 -7.51 25.94
N VAL N 16 -55.00 -7.92 25.65
CA VAL N 16 -55.37 -9.33 25.78
C VAL N 16 -54.51 -10.19 24.87
N ALA N 17 -54.27 -9.73 23.64
CA ALA N 17 -53.37 -10.44 22.74
C ALA N 17 -51.94 -10.46 23.25
N SER N 18 -51.57 -9.48 24.09
CA SER N 18 -50.23 -9.48 24.66
C SER N 18 -50.09 -10.53 25.76
N VAL N 19 -51.10 -10.66 26.61
CA VAL N 19 -51.09 -11.68 27.66
C VAL N 19 -51.08 -13.07 27.04
N LEU N 20 -51.78 -13.24 25.91
CA LEU N 20 -51.72 -14.50 25.20
C LEU N 20 -50.35 -14.74 24.59
N ALA N 21 -49.62 -13.67 24.25
CA ALA N 21 -48.30 -13.83 23.66
C ALA N 21 -47.27 -14.26 24.69
N ILE N 22 -47.29 -13.66 25.88
CA ILE N 22 -46.35 -14.08 26.92
C ILE N 22 -46.64 -15.49 27.37
N ARG N 23 -47.93 -15.88 27.42
CA ARG N 23 -48.25 -17.26 27.77
C ARG N 23 -47.67 -18.24 26.76
N LEU N 24 -47.74 -17.90 25.47
CA LEU N 24 -47.07 -18.70 24.46
C LEU N 24 -45.55 -18.60 24.60
N GLY N 25 -45.05 -17.40 24.91
CA GLY N 25 -43.60 -17.23 25.07
C GLY N 25 -43.07 -18.01 26.25
N ALA N 26 -43.77 -17.94 27.39
CA ALA N 26 -43.32 -18.69 28.56
C ALA N 26 -43.53 -20.19 28.37
N THR N 27 -44.52 -20.60 27.57
CA THR N 27 -44.75 -22.01 27.36
C THR N 27 -43.70 -22.61 26.42
N LEU N 28 -43.14 -21.79 25.52
CA LEU N 28 -41.98 -22.19 24.74
C LEU N 28 -40.70 -22.20 25.56
N TYR N 29 -40.87 -22.01 26.87
CA TYR N 29 -39.84 -22.16 27.88
C TYR N 29 -38.85 -21.01 27.89
N ASN N 30 -38.10 -20.92 28.98
CA ASN N 30 -37.07 -19.90 29.18
C ASN N 30 -36.09 -19.86 28.01
N UNK O 1 -19.56 -11.65 65.38
CA UNK O 1 -18.60 -11.78 64.29
C UNK O 1 -18.92 -13.01 63.44
N UNK O 2 -19.38 -14.08 64.09
CA UNK O 2 -19.72 -15.30 63.39
C UNK O 2 -20.58 -16.21 64.26
N UNK O 3 -20.05 -17.39 64.58
CA UNK O 3 -20.72 -18.36 65.43
C UNK O 3 -19.71 -19.36 65.96
N UNK O 4 -20.16 -20.56 66.28
CA UNK O 4 -19.30 -21.64 66.77
C UNK O 4 -18.47 -21.20 67.98
N UNK O 5 -17.29 -21.80 68.12
CA UNK O 5 -16.39 -21.48 69.23
C UNK O 5 -15.01 -22.10 69.04
N UNK O 6 -14.35 -22.40 70.16
CA UNK O 6 -13.06 -23.08 70.18
C UNK O 6 -11.96 -22.30 69.48
N UNK O 7 -11.87 -22.44 68.16
CA UNK O 7 -10.77 -21.88 67.39
C UNK O 7 -10.95 -20.39 67.08
N UNK O 8 -11.57 -19.66 67.99
CA UNK O 8 -11.74 -18.22 67.84
C UNK O 8 -10.41 -17.51 68.13
N UNK O 9 -9.51 -18.21 68.79
CA UNK O 9 -8.20 -17.66 69.12
C UNK O 9 -7.37 -17.43 67.86
N UNK O 10 -7.34 -18.42 66.98
CA UNK O 10 -6.60 -18.31 65.72
C UNK O 10 -7.34 -17.38 64.76
N UNK O 11 -8.66 -17.29 64.92
CA UNK O 11 -9.47 -16.42 64.07
C UNK O 11 -9.25 -14.96 64.42
N UNK O 12 -9.35 -14.64 65.69
CA UNK O 12 -9.16 -13.26 66.15
C UNK O 12 -7.71 -12.83 65.98
N UNK O 13 -6.80 -13.80 65.93
CA UNK O 13 -5.39 -13.53 65.70
C UNK O 13 -5.18 -13.08 64.26
N UNK O 14 -5.71 -13.86 63.32
CA UNK O 14 -5.61 -13.53 61.90
C UNK O 14 -6.42 -12.29 61.57
N UNK O 15 -7.51 -12.09 62.29
CA UNK O 15 -8.38 -10.94 62.07
C UNK O 15 -7.66 -9.64 62.39
N UNK O 16 -7.10 -9.55 63.59
CA UNK O 16 -6.38 -8.36 64.02
C UNK O 16 -5.12 -8.14 63.18
N UNK O 17 -4.57 -9.23 62.65
CA UNK O 17 -3.38 -9.16 61.82
C UNK O 17 -3.71 -8.69 60.41
N UNK O 18 -4.83 -9.19 59.88
CA UNK O 18 -5.26 -8.81 58.53
C UNK O 18 -5.89 -7.44 58.51
N UNK O 19 -6.64 -7.10 59.56
CA UNK O 19 -7.24 -5.77 59.68
C UNK O 19 -6.16 -4.72 59.81
N UNK O 20 -5.06 -5.09 60.46
CA UNK O 20 -3.91 -4.20 60.58
C UNK O 20 -3.23 -4.07 59.22
N UNK O 21 -2.74 -5.18 58.70
CA UNK O 21 -1.99 -5.20 57.44
C UNK O 21 -2.70 -4.49 56.30
N UNK O 22 -4.02 -4.61 56.25
CA UNK O 22 -4.81 -3.95 55.22
C UNK O 22 -4.84 -2.44 55.44
N UNK O 23 -5.08 -2.02 56.68
CA UNK O 23 -5.22 -0.61 57.01
C UNK O 23 -3.89 0.06 57.28
N UNK O 24 -2.99 -0.62 57.98
CA UNK O 24 -1.71 -0.04 58.36
C UNK O 24 -0.83 0.22 57.13
N UNK O 25 -0.13 -0.82 56.69
CA UNK O 25 0.76 -0.70 55.54
C UNK O 25 -0.02 -0.50 54.25
N UNK O 26 -0.12 -1.56 53.45
CA UNK O 26 -0.72 -1.47 52.12
C UNK O 26 -0.05 -0.35 51.33
N UNK O 27 -0.48 0.89 51.59
CA UNK O 27 0.06 2.08 50.93
C UNK O 27 0.02 1.91 49.42
N UNK O 28 -0.95 1.11 48.97
CA UNK O 28 -1.10 0.73 47.58
C UNK O 28 -2.29 -0.21 47.50
N UNK O 29 -3.29 0.07 48.34
CA UNK O 29 -4.51 -0.73 48.40
C UNK O 29 -5.18 -0.81 47.03
N UNK O 30 -4.94 0.22 46.21
CA UNK O 30 -5.45 0.26 44.85
C UNK O 30 -4.88 -0.88 44.01
N UNK O 31 -3.66 -1.29 44.33
CA UNK O 31 -3.00 -2.37 43.59
C UNK O 31 -2.70 -3.55 44.51
N UNK O 32 -3.74 -4.29 44.87
CA UNK O 32 -3.60 -5.43 45.79
C UNK O 32 -3.54 -6.74 45.02
N UNK O 33 -4.00 -6.72 43.77
CA UNK O 33 -3.96 -7.91 42.93
C UNK O 33 -2.63 -8.02 42.21
N UNK O 34 -1.63 -7.30 42.71
CA UNK O 34 -0.30 -7.31 42.14
C UNK O 34 0.73 -7.78 43.16
N UNK O 35 0.27 -8.56 44.12
CA UNK O 35 1.16 -9.12 45.15
C UNK O 35 0.65 -10.50 45.57
N UNK O 36 1.52 -11.27 46.21
CA UNK O 36 1.15 -12.62 46.64
C UNK O 36 2.01 -13.08 47.82
N UNK O 37 1.59 -14.18 48.43
CA UNK O 37 2.33 -14.79 49.53
C UNK O 37 2.36 -16.31 49.37
N UNK O 38 1.86 -16.77 48.23
CA UNK O 38 1.82 -18.19 47.93
C UNK O 38 2.93 -18.58 46.97
N UNK O 39 4.17 -18.44 47.43
CA UNK O 39 5.34 -18.82 46.63
C UNK O 39 6.00 -20.05 47.27
N UNK O 40 6.43 -20.98 46.42
CA UNK O 40 7.05 -22.21 46.90
C UNK O 40 8.57 -22.15 46.76
N UNK O 41 9.26 -22.93 47.60
CA UNK O 41 10.71 -23.00 47.54
C UNK O 41 11.16 -23.96 46.45
N UNK O 42 12.36 -23.76 45.93
CA UNK O 42 12.90 -24.61 44.88
C UNK O 42 13.13 -26.03 45.40
N UNK O 43 13.43 -26.13 46.70
CA UNK O 43 13.67 -27.42 47.33
C UNK O 43 12.39 -28.26 47.35
N UNK O 44 11.29 -27.65 47.72
CA UNK O 44 10.01 -28.34 47.80
C UNK O 44 9.50 -28.72 46.42
N UNK O 45 9.73 -27.86 45.44
CA UNK O 45 9.28 -28.11 44.07
C UNK O 45 10.11 -29.21 43.43
N UNK O 46 11.43 -29.18 43.64
CA UNK O 46 12.32 -30.17 43.06
C UNK O 46 12.09 -31.55 43.69
N UNK O 47 11.55 -31.57 44.90
CA UNK O 47 11.30 -32.82 45.60
C UNK O 47 10.07 -33.53 45.06
N UNK O 48 8.97 -32.80 44.95
CA UNK O 48 7.71 -33.35 44.44
C UNK O 48 7.87 -33.80 42.99
N UNK O 49 8.78 -33.14 42.28
CA UNK O 49 9.03 -33.42 40.87
C UNK O 49 9.66 -34.78 40.65
N UNK O 50 10.83 -35.00 41.25
CA UNK O 50 11.54 -36.27 41.13
C UNK O 50 10.71 -37.42 41.68
N SER P 2 -13.10 -28.51 26.02
CA SER P 2 -11.79 -28.87 25.51
C SER P 2 -11.90 -29.55 24.16
N HIS P 3 -10.90 -29.35 23.30
CA HIS P 3 -10.92 -29.95 21.97
C HIS P 3 -10.66 -31.45 22.06
N THR P 4 -10.97 -32.15 20.98
CA THR P 4 -10.83 -33.59 20.89
C THR P 4 -9.73 -33.93 19.91
N VAL P 5 -8.80 -34.79 20.31
CA VAL P 5 -7.69 -35.22 19.49
C VAL P 5 -7.73 -36.74 19.39
N LYS P 6 -7.77 -37.26 18.18
CA LYS P 6 -7.81 -38.69 17.93
C LYS P 6 -6.59 -39.11 17.12
N ILE P 7 -6.11 -40.32 17.42
CA ILE P 7 -4.97 -40.91 16.72
C ILE P 7 -5.47 -42.14 15.97
N TYR P 8 -5.00 -42.30 14.74
CA TYR P 8 -5.44 -43.37 13.87
C TYR P 8 -4.27 -44.29 13.55
N ASP P 9 -4.59 -45.57 13.29
CA ASP P 9 -3.55 -46.59 13.14
C ASP P 9 -2.68 -46.38 11.91
N THR P 10 -2.94 -45.36 11.09
CA THR P 10 -2.01 -45.00 10.02
C THR P 10 -0.73 -44.36 10.56
N CYS P 11 -0.69 -44.07 11.86
CA CYS P 11 0.50 -43.59 12.53
C CYS P 11 1.72 -44.42 12.16
N ILE P 12 2.80 -43.73 11.77
CA ILE P 12 4.08 -44.37 11.49
C ILE P 12 5.08 -44.10 12.60
N GLY P 13 4.67 -43.43 13.68
CA GLY P 13 5.54 -43.20 14.80
C GLY P 13 6.76 -42.35 14.51
N CYS P 14 6.59 -41.30 13.69
CA CYS P 14 7.70 -40.43 13.32
C CYS P 14 7.91 -39.31 14.32
N THR P 15 7.08 -39.22 15.35
CA THR P 15 7.20 -38.30 16.50
C THR P 15 7.08 -36.84 16.13
N GLN P 16 6.85 -36.49 14.85
CA GLN P 16 6.83 -35.07 14.49
C GLN P 16 5.64 -34.34 15.11
N CYS P 17 4.54 -35.04 15.38
CA CYS P 17 3.40 -34.41 16.03
C CYS P 17 3.72 -34.04 17.46
N VAL P 18 4.35 -34.96 18.20
CA VAL P 18 4.61 -34.75 19.61
C VAL P 18 5.57 -33.57 19.82
N ARG P 19 6.63 -33.51 19.01
CA ARG P 19 7.62 -32.45 19.16
C ARG P 19 7.16 -31.13 18.53
N ALA P 20 5.94 -31.08 17.98
CA ALA P 20 5.37 -29.84 17.47
C ALA P 20 4.26 -29.29 18.36
N CYS P 21 3.76 -30.07 19.30
CA CYS P 21 2.70 -29.61 20.19
C CYS P 21 3.23 -28.52 21.10
N PRO P 22 2.62 -27.33 21.12
CA PRO P 22 3.12 -26.25 21.99
C PRO P 22 2.66 -26.35 23.43
N THR P 23 1.71 -27.24 23.75
CA THR P 23 1.14 -27.32 25.09
C THR P 23 1.28 -28.69 25.72
N ASP P 24 2.13 -29.55 25.16
CA ASP P 24 2.40 -30.90 25.69
C ASP P 24 1.09 -31.67 25.85
N VAL P 25 0.43 -31.91 24.72
CA VAL P 25 -0.78 -32.71 24.68
C VAL P 25 -0.50 -34.12 24.18
N LEU P 26 0.37 -34.25 23.20
CA LEU P 26 0.67 -35.54 22.60
C LEU P 26 1.94 -36.14 23.18
N GLU P 27 1.99 -37.47 23.19
CA GLU P 27 3.16 -38.21 23.65
C GLU P 27 3.24 -39.52 22.87
N MET P 28 4.44 -40.09 22.85
CA MET P 28 4.70 -41.32 22.12
C MET P 28 4.61 -42.51 23.08
N VAL P 29 3.83 -43.51 22.69
CA VAL P 29 3.59 -44.67 23.54
C VAL P 29 3.92 -45.93 22.74
N PRO P 30 4.27 -47.02 23.43
CA PRO P 30 4.62 -48.25 22.71
C PRO P 30 3.45 -48.79 21.88
N TRP P 31 3.80 -49.43 20.77
CA TRP P 31 2.81 -49.97 19.84
C TRP P 31 3.48 -51.07 19.04
N ASP P 32 2.65 -51.87 18.36
CA ASP P 32 3.14 -52.95 17.51
C ASP P 32 2.51 -52.93 16.13
N GLY P 33 1.96 -51.79 15.71
CA GLY P 33 1.34 -51.66 14.41
C GLY P 33 2.18 -50.99 13.35
N CYS P 34 3.43 -50.66 13.64
CA CYS P 34 4.29 -50.00 12.67
C CYS P 34 5.74 -50.38 12.94
N LYS P 35 6.61 -49.99 12.01
CA LYS P 35 8.02 -50.34 12.11
C LYS P 35 8.66 -49.73 13.35
N ALA P 36 8.36 -48.47 13.63
CA ALA P 36 8.96 -47.77 14.75
C ALA P 36 8.52 -48.34 16.09
N GLY P 37 7.43 -49.11 16.12
CA GLY P 37 6.96 -49.67 17.38
C GLY P 37 6.40 -48.64 18.33
N GLN P 38 5.95 -47.50 17.82
CA GLN P 38 5.45 -46.41 18.65
C GLN P 38 4.25 -45.78 17.96
N ILE P 39 3.33 -45.24 18.76
CA ILE P 39 2.18 -44.53 18.25
C ILE P 39 1.93 -43.30 19.12
N ALA P 40 1.45 -42.24 18.49
CA ALA P 40 1.12 -41.03 19.23
C ALA P 40 -0.11 -41.25 20.10
N SER P 41 -0.14 -40.57 21.24
CA SER P 41 -1.27 -40.59 22.15
C SER P 41 -1.62 -39.18 22.54
N ALA P 42 -2.86 -38.98 22.98
CA ALA P 42 -3.36 -37.67 23.39
C ALA P 42 -3.97 -37.77 24.78
N PRO P 43 -3.13 -37.91 25.82
CA PRO P 43 -3.65 -38.06 27.18
C PRO P 43 -3.90 -36.76 27.91
N ARG P 44 -3.55 -35.62 27.35
CA ARG P 44 -3.66 -34.33 28.01
C ARG P 44 -4.40 -33.34 27.11
N THR P 45 -5.53 -33.77 26.55
CA THR P 45 -6.31 -32.91 25.67
C THR P 45 -6.91 -31.71 26.39
N GLU P 46 -6.93 -31.71 27.73
CA GLU P 46 -7.38 -30.52 28.45
C GLU P 46 -6.48 -29.33 28.21
N ASP P 47 -5.22 -29.56 27.83
CA ASP P 47 -4.30 -28.50 27.46
C ASP P 47 -4.30 -28.22 25.96
N CYS P 48 -5.06 -28.99 25.18
CA CYS P 48 -5.10 -28.76 23.73
C CYS P 48 -5.65 -27.38 23.43
N VAL P 49 -4.93 -26.63 22.61
CA VAL P 49 -5.33 -25.28 22.25
C VAL P 49 -6.00 -25.21 20.89
N GLY P 50 -5.86 -26.24 20.06
CA GLY P 50 -6.44 -26.24 18.74
C GLY P 50 -5.62 -25.59 17.66
N CYS P 51 -4.35 -25.30 17.92
CA CYS P 51 -3.51 -24.64 16.92
C CYS P 51 -3.24 -25.54 15.72
N LYS P 52 -3.44 -26.85 15.86
CA LYS P 52 -3.28 -27.81 14.77
C LYS P 52 -1.87 -27.86 14.21
N ARG P 53 -0.88 -27.46 15.01
CA ARG P 53 0.52 -27.73 14.63
C ARG P 53 0.79 -29.22 14.56
N CYS P 54 0.04 -30.01 15.33
CA CYS P 54 0.27 -31.45 15.37
C CYS P 54 0.06 -32.09 14.01
N GLU P 55 -1.01 -31.70 13.32
CA GLU P 55 -1.33 -32.30 12.03
C GLU P 55 -0.70 -31.55 10.86
N THR P 56 -0.06 -30.42 11.10
CA THR P 56 0.78 -29.82 10.08
C THR P 56 2.10 -30.56 9.92
N ALA P 57 2.54 -31.28 10.94
CA ALA P 57 3.76 -32.06 10.91
C ALA P 57 3.51 -33.53 10.60
N CYS P 58 2.27 -33.91 10.30
CA CYS P 58 1.94 -35.30 10.05
C CYS P 58 2.30 -35.68 8.61
N PRO P 59 3.14 -36.70 8.40
CA PRO P 59 3.52 -37.06 7.02
C PRO P 59 2.58 -38.07 6.37
N THR P 60 1.76 -38.77 7.16
CA THR P 60 0.85 -39.75 6.59
C THR P 60 -0.14 -39.08 5.66
N ASP P 61 -0.79 -39.89 4.81
CA ASP P 61 -1.47 -39.34 3.65
C ASP P 61 -2.59 -38.38 4.04
N PHE P 62 -3.69 -38.89 4.60
CA PHE P 62 -4.61 -37.97 5.23
C PHE P 62 -4.50 -38.05 6.75
N LEU P 63 -3.34 -37.72 7.30
CA LEU P 63 -3.18 -37.50 8.72
C LEU P 63 -3.36 -38.78 9.55
N SER P 64 -2.67 -38.85 10.67
CA SER P 64 -2.95 -39.86 11.69
C SER P 64 -3.37 -39.24 13.01
N VAL P 65 -3.15 -37.94 13.20
CA VAL P 65 -3.67 -37.19 14.32
C VAL P 65 -4.68 -36.19 13.79
N ARG P 66 -5.88 -36.19 14.38
CA ARG P 66 -6.96 -35.32 13.95
C ARG P 66 -7.46 -34.53 15.14
N VAL P 67 -7.59 -33.22 14.97
CA VAL P 67 -8.04 -32.32 16.03
C VAL P 67 -9.45 -31.84 15.69
N TYR P 68 -10.41 -32.16 16.54
CA TYR P 68 -11.79 -31.74 16.39
C TYR P 68 -12.06 -30.66 17.43
N LEU P 69 -12.27 -29.43 16.96
CA LEU P 69 -12.54 -28.33 17.87
C LEU P 69 -13.90 -28.52 18.54
N GLY P 70 -13.95 -28.26 19.85
CA GLY P 70 -15.17 -28.43 20.60
C GLY P 70 -15.41 -27.32 21.60
N GLY P 71 -15.83 -27.68 22.81
CA GLY P 71 -16.08 -26.66 23.81
C GLY P 71 -14.82 -25.91 24.19
N GLU P 72 -14.99 -24.63 24.49
CA GLU P 72 -13.87 -23.75 24.78
C GLU P 72 -13.63 -23.63 26.27
N THR P 73 -12.37 -23.44 26.63
CA THR P 73 -11.94 -23.26 28.01
C THR P 73 -10.84 -22.22 28.03
N THR P 74 -10.61 -21.63 29.20
CA THR P 74 -9.54 -20.64 29.33
C THR P 74 -8.19 -21.22 28.93
N ARG P 75 -8.00 -22.52 29.11
CA ARG P 75 -6.79 -23.17 28.61
C ARG P 75 -6.83 -23.34 27.10
N SER P 76 -7.97 -23.76 26.56
CA SER P 76 -8.09 -23.98 25.13
C SER P 76 -8.18 -22.68 24.34
N LEU P 77 -8.63 -21.60 24.97
CA LEU P 77 -8.69 -20.31 24.30
C LEU P 77 -7.37 -19.56 24.36
N GLY P 78 -6.36 -20.11 25.04
CA GLY P 78 -5.07 -19.44 25.14
C GLY P 78 -5.14 -18.11 25.85
N LEU P 79 -5.91 -18.03 26.93
CA LEU P 79 -6.11 -16.79 27.66
C LEU P 79 -5.09 -16.70 28.78
N ALA P 80 -4.17 -15.74 28.68
CA ALA P 80 -3.26 -15.43 29.78
C ALA P 80 -3.93 -14.58 30.85
N TYR P 81 -5.15 -14.13 30.61
CA TYR P 81 -5.89 -13.32 31.58
C TYR P 81 -7.16 -14.04 32.01
#